data_9G08
#
_entry.id   9G08
#
_cell.length_a   1.00
_cell.length_b   1.00
_cell.length_c   1.00
_cell.angle_alpha   90.00
_cell.angle_beta   90.00
_cell.angle_gamma   90.00
#
_symmetry.space_group_name_H-M   'P 1'
#
loop_
_entity.id
_entity.type
_entity.pdbx_description
1 polymer 'E3 ubiquitin-protein ligase RNF213'
2 polymer 'E3 ubiquitin-protein ligase IpaH1.4'
3 non-polymer "ADENOSINE-5'-TRIPHOSPHATE"
4 non-polymer 'MAGNESIUM ION'
5 non-polymer 'ZINC ION'
#
loop_
_entity_poly.entity_id
_entity_poly.type
_entity_poly.pdbx_seq_one_letter_code
_entity_poly.pdbx_strand_id
1 'polypeptide(L)'
;MASWSHPQFEKGSAGSAAGSGAGWSHPQFEKENLYFQAMSMECPSCQHVSKEETPKFCSQCGERLPPAAPIADSENNNST
MASASEGEMECGQELKEEGGPCLFPGSDSWQENPEEPCSKASWTVQESKKKKRKKKKKGNKSASSELASLPLSPASPCHL
TLLSNPWPQDTALPHSQAQQSGPTGQPSQPPGTATTPLEGDGLSAPTEVGDSPLQAQALGEAGVATGSEAQSSPQFQDHT
EGEDQDASIPSGGRGLSQEGTGPPTSAGEGHSRTEDAAQELLLPESKGGSSEPGTELQTTEQQAGASASMAVDAVAEPAN
AVKGAGKEMKEKTQRMKQPPATTPPFKTHCQEAETKTKDEMAAAEEKVGKNEQGEPEDLKKPEGKNRSAAAVKNEKEQKN
QEADVQEVKASTLSPGGGVTVFFHAIISLHFPFNPDLHKVFIRGGEEFGESKWDSNICELHYTRDLGHDRVLVEGIVCIS
KKHLDKYIPYKYVIYNGESFEYEFIYKHQQKKGEYVNRCLFIKSSLLGSGDWHQYYDIVYMKPHGRLQKVMNHITDGPRK
DLVKGKQIAAALMLDSTFSILQTWDTINLNSFFTQFEQFCFVLQQPMIYEGQAQLWTDLQYREKEVKRYLWQHLKKHVVP
LPDGKSTDFLPVDCPVRSKLKTGLIVLFVVEKIELLLEGSLDWLCHLLTSDASSPDEFHRDLSHILGIPQSWRLYLVNLC
QRCMDTRTYTWLGALPVLHCCMELAPRHKDAWRQPEDTWAALEGLSFSPFREQMLDTSSLLQFMREKQHLLSIDEPLFRS
WFSLLPLSHLVMYMENFIEHLGRFPAHILDCLSGIYYRLPGLEQVLNTQDVQDVQNVQNILEMLLRLLDTYRDKIPEEAL
SPSYLTVCLKLHEAICSSTKLLKFYELPALSAEIVCRMIRLLSLVDSAGQRDETGNNSVQTVFQGTLAATKRWLREVFTK
NMLTSSGASFTYVKEIEVWRRLVEIQFPAEHGWKESLLGDMEWRLTKEEPLSQITAYCNSCWDTKGLEDSVAKTFEKCII
EAVSSACQSQTSILQGFSYSDLRKFGIVLSAVITKSWPRTADNFNDILKHLLTLADVKHVFRLCGTDEKILANVTEDAKR
LIAVADSVLTKVVGDLLSGTILVGQLELIIKHKNQFLDIWQLREKSLSPQDEQCAVEEALDWRREELLLLKKEKRCVDSL
LKMCGNVKHLIQVDFGVLAVRHSQDLSSKRLNDTVTVRLSTSSNSQRATHYHLSSQVQEMAGKIDLLRDSHIFQLFWREA
AEPLSEPKEDQEAAELLSEPEEESERHILELEEVYDYLYQPSYRKFIKLHQDLKSGEVTLAEIDVIFKDFVNKYTDLDSE
LKIMCTVDHQDQRDWIKDRVEQIKEYHHLHQAVHAAKVILQVKESLGLNGDFSVLNTLLNFTDNFDDFRRETLDQINQEL
IQAKKLLQDISEARCKGLQALSLRKEFICWVREALGGINELKVFVDLASISAGENDIDVDRVACFHDAVQGYASLLFKLD
PSVDFSAFMKHLKKLWKALDKDQYLPRKLCDSARNLEWLKTVNESHGSVERSSLTLATAINQRGIYVIQAPKGGQKISPD
TVLHLILPESPGSHEESREYSLEEVKELLNKLMLMSGKKDRNNTEVERFSEVFCSVQRLSQAFIDLHSAGNMLFRTWIAM
AYCSPKQGVSLQMDFGLDLVTELKEGGDVTELLAALCRQMEHFLDSWKRFVTQKRMEHFYLNFYTAEQLVYLSTELRKQP
PSDAALTMLSFIKSNCTLRDVLRASVGCGSEAARYRMRRVMEELPLMLLSEFSLVDKLRIIMEQSMRCLPAFLPDCLDLE
TLGHCLAHLAGMGGSPVERCLPRGLQVGQPNLVVCGHSEVLPAALAVYMQTPSQPLPTYDEVLLCTPATTFEEVALLLRR
CLTLGSLGHKVYSLLFADQLSYEVARQAEELFHNLCTQQHREDYQLVMVCDGDWEHCYLPSAFSQHKVFVTPQAPLEAIQ
AYLAGHYRVPKQTLSAAAVFNDRLCVGIVASERAGVGKSLYVKRLHDKMKMQLNVKNVPLKTIRLIDPQVDESRVLGALL
PFLDAQYQKVPVLFHLDVTSSVQTGIWVFLFKLLILQYLMDINGKMWLRNPCHLYIVEILERRTSVPSRSSSALRTRVPQ
FSFLDIFPKVTCRPPKEVIDMELSALRSDTEPGMDLWEFCSETFQRPYQYLRRFNQNQDLDTFQYQEGSVEGTPEECLQH
FLFHCGVINPSWSELRNFARFLNYQLRDCEASLFCNPSFIGDTLRGFKKFVVTFMIFMARDFATPSLHTSDQSPGKHMVT
MDGVREEDLAPFSLRKRWESEPHPYVFFNDDHTTMTFIGFHLQPNINGSVDAISHLTGKVIKRDVMTRDLYQGLLLQRVP
FNVDFDKLPRHKKLERLCLTLGIPQATDPDKTYELTTDNMLKILAIEMRFRCGIPVIIMGETGCGKTRLIKFLSDLRRGG
TNADTIKLVKVHGGTTADMIYSRVREAENVAFANKDQHQLDTILFFDEANTTEAISCIKEVLCDHMVDGQPLAEDSGLHI
IAACNPYRKHSEEMICRLESAGLGYRVSMEETADRLGSIPLRQLVYRVHALPPSLIPLVWDFGQLSDVAEKLYIQQIVQR
LVESISLDENGTRVITEVLCASQGFMRKTEDECSFVSLRDVERCVKVFRWFHEHSAMLLAQLNAFLSKSSVSKNHTERDP
VLWSLMLAIGVCYHASLEKKDSYRKAIARFFPKPYDDSRLLLDEITRAQDLFLDGVPLRKTIAKNLALKENVFMMVVCIE
LKIPLFLVGKPGSSKSLAKTIVADAMQGPAAYSDLFRSLKQVHLVSFQCSPHSTPQGIISTFRQCARFQQGKDLQQYVSV
VVLDEVGLAEDSPKMPLKTLHPLLEDGCIEDDPAPHKKVGFVGISNWALDPAKMNRGIFVSRGSPNETELIESAKGICSS
DILVQDRVQGYFASFAKAYETVCKRQDKEFFGLRDYYSLIKMVFAAAKASNRKPSPQDIAQAVLRNFSGKDDIQALDIFL
ANLPEAKCSEEVSPMQLIKQNIFGPSQKVPGGEQEDAESRYLLVLTKNYVALQILQQTFFEGDQQPEIIFGSGFPKDQEY
TQLCRNINRVKICMETGKMVLLLNLQNLYESLYDALNQYYVHLGGQKYVDLGLGTHRVKCRVHPNFRLIVIEEKDVVYKH
FPIPLINRLEKHYLDINTVLEKWQKSIVEELCAWVEKFINVKAHHFQKRHKYSPSDVFIGYHSDACASVVLQVIERQGPR
ALTEELHQKVSEEAKSILLNCATPDAVVRLSAYSLGGFAAEWLSQEYFHRQRHNSFADFLQAHLHTADLERHAIFTEITT
FSRLLTSHDCEILESEVTGRAPKPTLLWLQQFDTEYSFLKEVRNCLTNTAKCKILIFQTDFEDGIRSAQLIASAKYSVIN
EINKIRENEDRIFVYFITKLSRVGRGTAYVGFHGGLWQSVHIDDLRRSTLMVSDVTRLQHVTISQLFAPGDLPELGLEHR
AEDGHEEAMETEASTSGEVAEVAEEAMETESSEKVGKETSELGGSDVSILDTTRLLRSCVQSAVGMLRDQNESCTRNMRR
VVLLLGLLNEDDACHASFLRVSKMRLSVFLKKQEESQFHPLEWLAREACNQDALQEAGTFRHTLWKRVQGAVTPLLASMI
SFIDRDGNLELLTRPDTPPWARDLWMFIFSDTMLLNIPLVMNNERHKGEMAYIVVQNHMNLSENASNNVPFSWKIKDYLE
ELWVQAQYITDAEGLPKKFVDIFQQTPLGRFLAQLHGEPQQELLQCYLKDFILLTMRVSTEEELKFLQMALWSCTRKLKA
ASEAPEEEVSLPWVHLAYQRFRSRLQNFSRILTIYPQVLHSLMEARWNHELAGCEMTLDAFAAMACTEMLTRNTLKPSPQ
AWLQLVKNLSMPLELICSDEHMQGSGSLAQAVIREVRAQWSRIFSTALFVEHVLLGTESRVPELQGLVTEHVFLLDKCLR
ENSDVKTHGPFEAVMRTLCECKETASKTLSRFGIQPCSICLGDAKDPVCLPCDHVHCLRCLRAWFASEQMICPYCLTALP
DEFSPAVSQAHREAIEKHARFRQMCNSFFVDLVSTICFKDNAPPEKEVIESLLSLLFVQKGRLRDAAQRHCEHTKSLSPF
NDVVDKTPVIRSVILKLLLKYSFHDVKDYIQEYLTLLKKKAFITEDKTELYMLFINCLEDSILEKTSAYSRNDELNHLEE
EGRFLKAYSPASRGREPANEASVEYLQEVARIRLCLDRAADFLSEPEGGPEMAKEKQCYLQQVKQFCIRVENDWHRVYLV
RKLSSQRGMEFVQGLSKPGRPHQWVFPKDVVKQQGLRQDHPGQMDRYLVYGDEYKALRDAVAKAVLECKPLGIKTALKAC
KTPQSQQSAYFLLTLFREVAILYRSHNASLHPTPEQCEAVSKFIGECKILSPPDISRFATSLVDNSVPLLRAGPSDSNLD
GTVTEMAIHAAAVLLCGQNELLEPLKNLAFSPATMAHAFLPTMPEDLLAQARRWKGLERVHWYTCPNGHPCSVGECGRPM
EQSICIDCHAPIGGIDHKPRDGFHLVKDKADRTQTGHVLGNPQRRDVVTCDRGLPPVVFLLIRLLTHLALLLGASQSSQA
LINIIKPPVRDPKGFLQQHILKDLEQLAKMLGHSADETIGVVHLVLRRLLQEQHQLSSRRLLNFDTELSTKEMRNNWEKE
IAAVISPELEHLDKTLPTMNNLISQDKRISSNPVAKIIYGDPVTFLPHLPRKSVVHCSKIWSCRKRITVEYLQHIVEQKN
GKERVPILWHFLQKEAELRLVKFLPEILALQRDLVKQFQNVQQVEYSSIRGFLSKHSSDGLRQLLHNRITVFLSTWNKLR
RSLETNGEINLPKDYCSTDLDLDTEFEILLPRRRGLGLCATALVSYLIRLHNEIVYAVEKLSKENNSYSVDAAEVTELHV
ISYEVERDLTPLILSNCQYQVEEGRETVQEFDLEKIQRQIVSRFLQGKPRLSLKGIPTLVYRHDWNYEHLFMDIKNKMAQ
DSLPSSVISAISGQLQSYSDACEVLSVVEVTLGFLSTAGGDPNMQLNVYTQDILQMGDQTIHVLKALNRCQLKHTIALWQ
FLSAHKSEQLLRLHKEPFGEISSRYKADLSPENAKLLSTFLNQTGLDAFLLELHEMIILKLKNPQTQTEERFRPQWSLRD
TLVSYMQTKESEILPEMASQFPEEILLASCVSVWKTAAVLKWNREMR
;
A
2 'polypeptide(L)'
;MIKSTNIQAIGSGIMHQINNVYSLTPLSLPMELTPSCNEFYLKTWSEWEKNGTPGEQRNIAFNRLKICLQNQEAELNLSE
LDLKTLPDLPPQITTLEIRKNLLTHLPDLPPMLKVIHAQFNQLESLPALPETLEELNAGDNKIKELPFLPENLTHLRVHN
NRLHILPLLPPELKLLVVSGNRLDSIPPFPDKLEGLALANNFIEQLPELPFSMNRAVLMNNNLTTLPESVLRLAQNAFVN
VAGNPLSGHTMRTLQQITTGPDYSGPQIFFSMGNSATISAPEHSLADAVTAWFPENKQSDVSQIWHAFEHEEHANTFSAF
LDRLSDTVSARNTSGFREQVAAWLEKLSASAELRQQSFAVAADATESCEDRVALTWNNLRKTLLVHQASEGLFDNDTGAL
LSLGREMFRLEILEDIARDKVRTLHFVDEIEVYLAFQTMLAEKLQLSTAVKEMRFYGVSGVTANDLRTAEAMVRSREENE
FTDWFSLWGPWHAVLKRTEADRWAQAEEQKYEMLENEYSQRVADRLKASGLSGDADAEREAGAQVMRETEQQIYRQLTDE
VLALRLSENGSNHIA
;
B
#
loop_
_chem_comp.id
_chem_comp.type
_chem_comp.name
_chem_comp.formula
ATP non-polymer ADENOSINE-5'-TRIPHOSPHATE 'C10 H16 N5 O13 P3'
MG non-polymer 'MAGNESIUM ION' 'Mg 2'
ZN non-polymer 'ZINC ION' 'Zn 2'
#
# COMPACT_ATOMS: atom_id res chain seq x y z
N GLY A 418 60.51 -59.76 20.27
CA GLY A 418 59.92 -59.08 19.13
C GLY A 418 58.63 -59.72 18.68
N VAL A 419 58.62 -60.23 17.44
CA VAL A 419 57.48 -60.92 16.88
C VAL A 419 57.59 -62.39 17.23
N THR A 420 56.50 -62.96 17.74
CA THR A 420 56.44 -64.38 18.10
C THR A 420 55.66 -65.13 17.02
N VAL A 421 56.25 -66.20 16.51
CA VAL A 421 55.62 -67.05 15.50
C VAL A 421 55.43 -68.45 16.07
N PHE A 422 54.19 -68.92 15.97
CA PHE A 422 53.75 -70.26 16.27
C PHE A 422 53.69 -71.05 14.97
N PHE A 423 54.19 -72.27 14.99
CA PHE A 423 54.10 -73.11 13.80
C PHE A 423 53.18 -74.28 14.08
N HIS A 424 52.42 -74.65 13.05
CA HIS A 424 51.51 -75.78 13.11
C HIS A 424 51.58 -76.49 11.77
N ALA A 425 51.98 -77.76 11.78
CA ALA A 425 52.28 -78.48 10.55
C ALA A 425 51.48 -79.77 10.50
N ILE A 426 50.77 -79.97 9.39
CA ILE A 426 49.90 -81.12 9.22
C ILE A 426 50.73 -82.31 8.74
N ILE A 427 50.65 -83.42 9.46
CA ILE A 427 51.22 -84.68 9.03
C ILE A 427 50.07 -85.60 8.67
N SER A 428 50.23 -86.39 7.62
CA SER A 428 49.16 -87.23 7.10
C SER A 428 49.74 -88.59 6.72
N LEU A 429 49.00 -89.36 5.94
CA LEU A 429 49.40 -90.69 5.52
C LEU A 429 50.68 -90.67 4.68
N HIS A 430 51.26 -89.49 4.47
CA HIS A 430 52.61 -89.38 3.94
C HIS A 430 53.49 -90.46 4.57
N PHE A 431 53.26 -90.71 5.85
CA PHE A 431 53.78 -91.89 6.53
C PHE A 431 52.92 -92.20 7.75
N PRO A 432 52.35 -93.42 7.87
CA PRO A 432 51.46 -93.70 9.00
C PRO A 432 52.21 -93.82 10.31
N PHE A 433 52.76 -92.72 10.77
CA PHE A 433 53.78 -92.72 11.80
C PHE A 433 53.18 -92.42 13.18
N ASN A 434 54.05 -92.25 14.15
CA ASN A 434 53.77 -92.11 15.57
C ASN A 434 53.79 -90.63 15.93
N PRO A 435 53.13 -90.22 17.04
CA PRO A 435 53.16 -88.81 17.43
C PRO A 435 54.52 -88.18 17.21
N ASP A 436 55.55 -88.74 17.85
CA ASP A 436 56.92 -88.29 17.63
C ASP A 436 57.85 -89.47 17.49
N LEU A 437 57.47 -90.43 16.64
CA LEU A 437 58.45 -91.33 16.03
C LEU A 437 59.72 -90.54 15.79
N HIS A 438 59.57 -89.41 15.13
CA HIS A 438 60.64 -88.47 14.88
C HIS A 438 60.00 -87.09 14.73
N LYS A 439 60.81 -86.09 14.36
CA LYS A 439 60.53 -84.70 14.69
C LYS A 439 60.52 -83.80 13.48
N VAL A 440 59.87 -82.64 13.62
CA VAL A 440 59.62 -81.74 12.50
C VAL A 440 60.27 -80.39 12.77
N PHE A 441 60.74 -79.73 11.72
CA PHE A 441 61.54 -78.51 11.90
C PHE A 441 61.15 -77.50 10.84
N ILE A 442 61.40 -76.25 11.17
CA ILE A 442 61.37 -75.15 10.21
C ILE A 442 62.80 -74.64 10.02
N ARG A 443 63.15 -74.38 8.77
CA ARG A 443 64.36 -73.71 8.36
C ARG A 443 63.95 -72.47 7.58
N GLY A 444 64.75 -71.43 7.66
CA GLY A 444 64.38 -70.17 7.06
C GLY A 444 65.60 -69.41 6.61
N GLY A 445 65.44 -68.61 5.55
CA GLY A 445 66.54 -67.86 5.01
C GLY A 445 67.00 -66.79 5.98
N GLU A 446 67.82 -65.87 5.46
CA GLU A 446 68.32 -64.77 6.27
C GLU A 446 67.28 -63.68 6.51
N GLU A 447 66.03 -63.95 6.15
CA GLU A 447 64.92 -63.02 6.34
C GLU A 447 64.16 -63.30 7.63
N PHE A 448 63.64 -64.53 7.79
CA PHE A 448 63.15 -65.01 9.07
C PHE A 448 64.13 -64.64 10.16
N GLY A 449 65.40 -64.66 9.79
CA GLY A 449 66.48 -64.18 10.62
C GLY A 449 67.74 -64.51 9.86
N GLU A 450 68.80 -63.75 10.16
CA GLU A 450 69.98 -63.92 9.31
C GLU A 450 70.56 -65.36 9.34
N SER A 451 69.91 -66.26 10.09
CA SER A 451 70.21 -67.69 10.09
C SER A 451 69.65 -68.40 8.85
N LYS A 452 70.19 -68.03 7.70
CA LYS A 452 69.77 -68.67 6.45
C LYS A 452 70.49 -70.00 6.32
N TRP A 453 69.73 -71.10 6.38
CA TRP A 453 70.24 -72.44 6.16
C TRP A 453 71.44 -72.77 7.05
N ASP A 454 71.63 -72.04 8.15
CA ASP A 454 72.73 -72.34 9.05
C ASP A 454 72.40 -73.53 9.94
N SER A 455 71.13 -73.70 10.28
CA SER A 455 70.65 -74.84 11.05
C SER A 455 69.13 -74.79 11.02
N ASN A 456 68.51 -75.83 11.55
CA ASN A 456 67.05 -75.88 11.62
C ASN A 456 66.60 -74.82 12.62
N ILE A 457 66.19 -73.66 12.09
CA ILE A 457 65.94 -72.51 12.95
C ILE A 457 65.00 -72.85 14.09
N CYS A 458 64.10 -73.81 13.89
CA CYS A 458 63.21 -74.16 14.99
C CYS A 458 62.73 -75.59 14.84
N GLU A 459 62.51 -76.24 15.97
CA GLU A 459 62.00 -77.59 16.04
C GLU A 459 60.62 -77.54 16.68
N LEU A 460 59.75 -78.47 16.29
CA LEU A 460 58.36 -78.44 16.70
C LEU A 460 58.10 -79.64 17.61
N HIS A 461 57.45 -79.38 18.74
CA HIS A 461 57.27 -80.38 19.79
C HIS A 461 55.80 -80.77 19.88
N TYR A 462 55.56 -81.95 20.47
CA TYR A 462 54.21 -82.51 20.49
C TYR A 462 53.36 -81.86 21.58
N THR A 463 52.16 -81.44 21.18
CA THR A 463 51.14 -80.93 22.10
C THR A 463 49.77 -81.53 21.85
N ARG A 464 49.55 -82.19 20.72
CA ARG A 464 48.25 -82.75 20.36
C ARG A 464 48.43 -83.65 19.15
N ASP A 465 47.65 -84.74 19.11
CA ASP A 465 47.71 -85.73 18.05
C ASP A 465 46.44 -85.67 17.22
N LEU A 466 46.60 -85.80 15.90
CA LEU A 466 45.46 -85.82 15.00
C LEU A 466 44.79 -87.18 14.99
N GLY A 467 45.57 -88.26 15.08
CA GLY A 467 45.03 -89.58 14.87
C GLY A 467 44.41 -89.69 13.50
N HIS A 468 43.84 -90.85 13.18
CA HIS A 468 43.16 -91.06 11.90
C HIS A 468 44.09 -90.69 10.74
N ASP A 469 45.19 -91.44 10.64
CA ASP A 469 46.19 -91.32 9.57
C ASP A 469 47.20 -90.19 9.78
N ARG A 470 47.35 -89.65 10.99
CA ARG A 470 47.99 -88.34 11.13
C ARG A 470 48.65 -88.17 12.50
N VAL A 471 49.49 -87.13 12.59
CA VAL A 471 50.15 -86.71 13.82
C VAL A 471 50.38 -85.20 13.73
N LEU A 472 50.81 -84.59 14.84
CA LEU A 472 51.01 -83.15 14.89
C LEU A 472 51.99 -82.76 15.99
N VAL A 473 52.97 -81.92 15.64
CA VAL A 473 53.85 -81.27 16.59
C VAL A 473 53.71 -79.77 16.44
N GLU A 474 54.02 -79.05 17.51
CA GLU A 474 53.91 -77.60 17.58
C GLU A 474 55.20 -77.02 18.12
N GLY A 475 55.59 -75.87 17.56
CA GLY A 475 56.82 -75.20 17.97
C GLY A 475 56.58 -73.70 18.03
N ILE A 476 57.43 -73.04 18.81
CA ILE A 476 57.40 -71.58 18.93
C ILE A 476 58.79 -71.01 18.76
N VAL A 477 58.91 -69.94 17.97
CA VAL A 477 60.13 -69.14 17.99
C VAL A 477 59.75 -67.68 17.96
N CYS A 478 60.46 -66.87 18.74
CA CYS A 478 60.31 -65.41 18.70
C CYS A 478 61.55 -64.80 18.08
N ILE A 479 61.34 -64.01 17.02
CA ILE A 479 62.43 -63.32 16.35
C ILE A 479 62.05 -61.86 16.26
N SER A 480 63.06 -60.99 16.22
CA SER A 480 62.83 -59.57 16.39
C SER A 480 61.75 -59.03 15.47
N LYS A 481 61.19 -57.88 15.84
CA LYS A 481 59.99 -57.33 15.19
C LYS A 481 60.16 -57.08 13.69
N LYS A 482 61.38 -57.15 13.15
CA LYS A 482 61.64 -56.64 11.81
C LYS A 482 60.63 -57.14 10.79
N HIS A 483 60.05 -58.33 11.04
CA HIS A 483 59.30 -59.04 10.01
C HIS A 483 57.96 -58.42 9.67
N LEU A 484 57.50 -57.44 10.45
CA LEU A 484 56.25 -56.78 10.12
C LEU A 484 56.30 -56.21 8.71
N ASP A 485 55.24 -56.48 7.94
CA ASP A 485 55.00 -55.82 6.66
C ASP A 485 55.95 -56.29 5.55
N LYS A 486 56.41 -57.54 5.59
CA LYS A 486 57.20 -58.06 4.48
C LYS A 486 57.08 -59.58 4.44
N TYR A 487 57.65 -60.16 3.37
CA TYR A 487 57.56 -61.58 3.09
C TYR A 487 58.78 -62.33 3.63
N ILE A 488 58.53 -63.50 4.21
CA ILE A 488 59.59 -64.34 4.75
C ILE A 488 59.69 -65.63 3.94
N PRO A 489 60.91 -66.11 3.66
CA PRO A 489 61.07 -67.45 3.07
C PRO A 489 61.24 -68.50 4.13
N TYR A 490 60.49 -69.61 4.01
CA TYR A 490 60.50 -70.66 5.02
C TYR A 490 60.31 -72.02 4.35
N LYS A 491 60.88 -73.06 4.98
CA LYS A 491 60.85 -74.43 4.50
C LYS A 491 60.83 -75.42 5.66
N TYR A 492 60.24 -76.58 5.41
CA TYR A 492 60.16 -77.62 6.42
C TYR A 492 61.24 -78.66 6.17
N VAL A 493 61.80 -79.19 7.25
CA VAL A 493 62.73 -80.31 7.19
C VAL A 493 62.37 -81.27 8.31
N ILE A 494 62.49 -82.58 8.07
CA ILE A 494 62.10 -83.52 9.10
C ILE A 494 63.26 -84.42 9.54
N TYR A 495 63.18 -84.77 10.82
CA TYR A 495 63.99 -85.74 11.52
C TYR A 495 63.23 -87.05 11.46
N ASN A 496 63.89 -88.11 10.99
CA ASN A 496 63.23 -89.39 10.79
C ASN A 496 64.08 -90.56 11.25
N GLY A 497 65.29 -90.33 11.76
CA GLY A 497 66.20 -91.40 12.10
C GLY A 497 66.85 -92.06 10.91
N GLU A 498 66.24 -91.95 9.73
CA GLU A 498 66.79 -92.47 8.49
C GLU A 498 67.52 -91.40 7.68
N SER A 499 67.24 -90.12 7.94
CA SER A 499 67.78 -89.01 7.18
C SER A 499 67.23 -87.73 7.78
N PHE A 500 67.80 -86.60 7.36
CA PHE A 500 67.09 -85.34 7.39
C PHE A 500 66.45 -85.17 6.02
N GLU A 501 65.14 -84.93 5.99
CA GLU A 501 64.43 -84.90 4.73
C GLU A 501 63.79 -83.55 4.45
N TYR A 502 63.70 -83.23 3.15
CA TYR A 502 63.12 -81.98 2.68
C TYR A 502 61.70 -82.26 2.18
N GLU A 503 60.74 -81.47 2.64
CA GLU A 503 59.39 -81.55 2.11
C GLU A 503 59.31 -80.89 0.74
N PHE A 504 58.28 -81.26 -0.02
CA PHE A 504 58.09 -80.75 -1.36
C PHE A 504 56.60 -80.63 -1.64
N ILE A 505 56.23 -79.58 -2.36
CA ILE A 505 54.83 -79.29 -2.69
C ILE A 505 54.59 -79.66 -4.14
N TYR A 506 53.49 -80.36 -4.40
CA TYR A 506 53.19 -80.81 -5.75
C TYR A 506 52.78 -79.62 -6.60
N LYS A 507 53.76 -78.81 -6.98
CA LYS A 507 53.55 -77.58 -7.72
C LYS A 507 54.05 -77.78 -9.15
N HIS A 508 53.17 -77.53 -10.12
CA HIS A 508 53.51 -77.69 -11.52
C HIS A 508 54.35 -76.50 -11.97
N GLN A 509 55.64 -76.73 -12.22
CA GLN A 509 56.53 -75.67 -12.66
C GLN A 509 57.73 -76.25 -13.39
N TYR A 515 65.24 -73.36 -7.80
CA TYR A 515 64.81 -73.43 -6.41
C TYR A 515 63.49 -72.69 -6.19
N VAL A 516 62.79 -73.07 -5.12
CA VAL A 516 61.52 -72.45 -4.75
C VAL A 516 61.51 -72.26 -3.23
N ASN A 517 60.57 -71.44 -2.76
CA ASN A 517 60.49 -71.04 -1.36
C ASN A 517 59.12 -71.41 -0.81
N ARG A 518 58.91 -71.21 0.48
CA ARG A 518 57.57 -71.00 0.98
C ARG A 518 57.54 -69.56 1.45
N CYS A 519 56.39 -68.91 1.42
CA CYS A 519 56.27 -67.55 1.95
C CYS A 519 55.33 -67.44 3.14
N LEU A 520 55.89 -67.02 4.26
CA LEU A 520 55.13 -66.68 5.45
C LEU A 520 55.05 -65.16 5.57
N PHE A 521 54.00 -64.66 6.20
CA PHE A 521 53.82 -63.22 6.35
C PHE A 521 53.14 -62.90 7.67
N ILE A 522 53.39 -61.68 8.15
CA ILE A 522 52.88 -61.22 9.45
C ILE A 522 52.33 -59.81 9.32
N LYS A 523 51.01 -59.67 9.34
CA LYS A 523 50.39 -58.36 9.19
C LYS A 523 50.57 -57.53 10.45
N SER A 524 50.99 -56.28 10.27
CA SER A 524 51.16 -55.37 11.41
C SER A 524 49.85 -55.08 12.09
N SER A 525 48.74 -55.06 11.35
CA SER A 525 47.47 -54.60 11.90
C SER A 525 46.82 -55.64 12.80
N LEU A 526 46.88 -56.91 12.42
CA LEU A 526 46.27 -57.96 13.22
C LEU A 526 47.03 -58.19 14.52
N LEU A 527 48.31 -57.84 14.58
CA LEU A 527 49.09 -58.04 15.79
C LEU A 527 48.72 -57.00 16.83
N GLY A 528 47.80 -57.35 17.72
CA GLY A 528 47.51 -56.53 18.88
C GLY A 528 48.25 -57.09 20.08
N SER A 529 48.24 -58.42 20.19
CA SER A 529 49.06 -59.13 21.16
C SER A 529 50.51 -59.26 20.72
N GLY A 530 50.85 -58.80 19.52
CA GLY A 530 52.18 -59.00 18.99
C GLY A 530 52.49 -60.41 18.59
N ASP A 531 51.52 -61.32 18.67
CA ASP A 531 51.71 -62.74 18.45
C ASP A 531 51.06 -63.14 17.14
N TRP A 532 51.84 -63.74 16.24
CA TRP A 532 51.33 -64.29 14.98
C TRP A 532 51.28 -65.80 15.06
N HIS A 533 50.13 -66.38 14.69
CA HIS A 533 49.95 -67.82 14.66
C HIS A 533 49.93 -68.26 13.20
N GLN A 534 50.86 -69.14 12.83
CA GLN A 534 50.98 -69.61 11.45
C GLN A 534 50.29 -70.95 11.30
N TYR A 535 48.98 -70.90 11.10
CA TYR A 535 48.19 -72.09 10.84
C TYR A 535 48.30 -72.50 9.37
N TYR A 536 47.71 -73.64 9.05
CA TYR A 536 47.48 -74.07 7.66
C TYR A 536 48.79 -74.43 6.96
N ASP A 537 49.77 -74.96 7.68
CA ASP A 537 51.01 -75.40 7.07
C ASP A 537 51.01 -76.91 6.95
N ILE A 538 51.44 -77.41 5.80
CA ILE A 538 51.35 -78.83 5.48
C ILE A 538 52.75 -79.42 5.39
N VAL A 539 52.84 -80.71 5.68
CA VAL A 539 54.09 -81.46 5.59
C VAL A 539 54.00 -82.45 4.44
N TYR A 540 54.42 -82.03 3.25
CA TYR A 540 54.38 -82.88 2.05
C TYR A 540 55.78 -83.38 1.77
N MET A 541 55.95 -84.71 1.76
CA MET A 541 57.26 -85.29 1.48
C MET A 541 57.09 -86.55 0.65
N LYS A 542 58.18 -86.95 0.00
CA LYS A 542 58.18 -88.15 -0.82
C LYS A 542 58.22 -89.37 0.08
N PRO A 543 57.20 -90.25 0.05
CA PRO A 543 57.24 -91.42 0.93
C PRO A 543 58.45 -92.32 0.66
N GLY A 557 45.30 -86.57 -6.76
CA GLY A 557 46.28 -86.85 -5.74
C GLY A 557 46.48 -85.72 -4.75
N PRO A 558 46.95 -84.58 -5.23
CA PRO A 558 47.13 -83.42 -4.33
C PRO A 558 45.84 -82.89 -3.77
N ARG A 559 44.74 -82.95 -4.55
CA ARG A 559 43.46 -82.53 -4.01
C ARG A 559 43.14 -83.32 -2.75
N LYS A 560 43.40 -84.64 -2.76
CA LYS A 560 43.06 -85.43 -1.60
C LYS A 560 43.79 -84.93 -0.37
N ASP A 561 45.08 -84.64 -0.54
CA ASP A 561 45.88 -84.07 0.53
C ASP A 561 45.33 -82.74 1.02
N LEU A 562 44.89 -81.88 0.11
CA LEU A 562 44.47 -80.55 0.58
C LEU A 562 43.06 -80.55 1.13
N VAL A 563 42.15 -81.36 0.61
CA VAL A 563 40.83 -81.43 1.22
C VAL A 563 40.92 -82.00 2.64
N LYS A 564 41.59 -83.16 2.79
CA LYS A 564 41.78 -83.69 4.13
C LYS A 564 42.53 -82.70 5.03
N GLY A 565 43.69 -82.22 4.59
CA GLY A 565 44.47 -81.32 5.42
C GLY A 565 43.74 -80.04 5.78
N LYS A 566 42.94 -79.51 4.86
CA LYS A 566 42.24 -78.25 5.11
C LYS A 566 41.09 -78.47 6.08
N GLN A 567 40.37 -79.59 5.95
CA GLN A 567 39.37 -79.90 6.96
C GLN A 567 40.05 -80.01 8.32
N ILE A 568 41.18 -80.71 8.35
CA ILE A 568 41.84 -81.02 9.62
C ILE A 568 42.33 -79.73 10.28
N ALA A 569 42.99 -78.88 9.49
CA ALA A 569 43.54 -77.64 10.01
C ALA A 569 42.43 -76.68 10.43
N ALA A 570 41.37 -76.58 9.63
CA ALA A 570 40.31 -75.64 9.98
C ALA A 570 39.59 -76.10 11.23
N ALA A 571 39.32 -77.40 11.34
CA ALA A 571 38.66 -77.91 12.53
C ALA A 571 39.56 -77.74 13.75
N LEU A 572 40.86 -78.01 13.59
CA LEU A 572 41.79 -77.87 14.70
C LEU A 572 41.95 -76.42 15.12
N MET A 573 41.86 -75.49 14.16
CA MET A 573 41.90 -74.08 14.50
C MET A 573 40.63 -73.68 15.23
N LEU A 574 39.49 -74.21 14.81
CA LEU A 574 38.23 -73.91 15.50
C LEU A 574 38.29 -74.36 16.95
N ASP A 575 38.64 -75.62 17.20
CA ASP A 575 38.70 -76.07 18.59
C ASP A 575 39.76 -75.29 19.37
N SER A 576 40.92 -75.04 18.76
CA SER A 576 41.96 -74.29 19.47
C SER A 576 41.46 -72.92 19.88
N THR A 577 40.85 -72.19 18.95
CA THR A 577 40.41 -70.84 19.26
C THR A 577 39.27 -70.86 20.27
N PHE A 578 38.34 -71.82 20.13
CA PHE A 578 37.29 -71.99 21.11
C PHE A 578 37.87 -72.35 22.47
N SER A 579 39.06 -72.95 22.50
CA SER A 579 39.70 -73.24 23.78
C SER A 579 39.89 -71.96 24.59
N ILE A 580 40.05 -70.82 23.92
CA ILE A 580 40.16 -69.57 24.64
C ILE A 580 38.85 -69.21 25.34
N LEU A 581 37.71 -69.43 24.67
CA LEU A 581 36.44 -69.09 25.30
C LEU A 581 36.22 -69.83 26.61
N GLN A 582 36.97 -70.91 26.87
CA GLN A 582 36.95 -71.51 28.20
C GLN A 582 37.11 -70.42 29.27
N THR A 583 37.82 -69.35 28.92
CA THR A 583 37.99 -68.20 29.79
C THR A 583 37.10 -67.07 29.29
N TRP A 584 36.30 -66.50 30.18
CA TRP A 584 35.13 -65.70 29.80
C TRP A 584 35.26 -64.26 30.31
N ASP A 585 35.79 -63.39 29.46
CA ASP A 585 35.73 -61.93 29.69
C ASP A 585 36.27 -61.23 28.45
N THR A 586 36.37 -59.90 28.52
CA THR A 586 36.69 -59.11 27.33
C THR A 586 38.08 -59.38 26.79
N ILE A 587 39.04 -59.73 27.67
CA ILE A 587 40.39 -59.95 27.19
C ILE A 587 40.45 -61.22 26.37
N ASN A 588 39.82 -62.28 26.87
CA ASN A 588 39.74 -63.53 26.13
C ASN A 588 38.98 -63.34 24.82
N LEU A 589 37.87 -62.60 24.86
CA LEU A 589 37.09 -62.40 23.64
C LEU A 589 37.90 -61.67 22.59
N ASN A 590 38.64 -60.62 22.99
CA ASN A 590 39.40 -59.86 22.02
C ASN A 590 40.58 -60.67 21.49
N SER A 591 41.26 -61.42 22.36
CA SER A 591 42.34 -62.29 21.87
C SER A 591 41.79 -63.33 20.91
N PHE A 592 40.65 -63.91 21.23
CA PHE A 592 40.04 -64.90 20.35
C PHE A 592 39.75 -64.30 18.98
N PHE A 593 39.12 -63.12 18.94
CA PHE A 593 38.77 -62.53 17.66
C PHE A 593 40.04 -62.16 16.88
N THR A 594 41.07 -61.69 17.57
CA THR A 594 42.32 -61.35 16.92
C THR A 594 43.00 -62.59 16.33
N GLN A 595 43.06 -63.67 17.09
CA GLN A 595 43.75 -64.87 16.63
C GLN A 595 42.97 -65.53 15.50
N PHE A 596 41.64 -65.47 15.57
CA PHE A 596 40.83 -66.00 14.49
C PHE A 596 41.05 -65.17 13.24
N GLU A 597 41.19 -63.85 13.41
CA GLU A 597 41.50 -62.98 12.29
C GLU A 597 42.89 -63.26 11.73
N GLN A 598 43.83 -63.68 12.58
CA GLN A 598 45.16 -64.02 12.07
C GLN A 598 45.10 -65.26 11.20
N PHE A 599 44.41 -66.29 11.71
CA PHE A 599 44.26 -67.49 10.91
C PHE A 599 43.54 -67.16 9.60
N CYS A 600 42.44 -66.41 9.69
CA CYS A 600 41.67 -66.07 8.50
C CYS A 600 42.47 -65.20 7.54
N PHE A 601 43.43 -64.42 8.03
CA PHE A 601 44.29 -63.67 7.13
C PHE A 601 45.13 -64.64 6.32
N VAL A 602 45.59 -65.71 6.96
CA VAL A 602 46.36 -66.69 6.21
C VAL A 602 45.46 -67.56 5.33
N LEU A 603 44.24 -67.86 5.79
CA LEU A 603 43.30 -68.68 5.03
C LEU A 603 42.76 -67.98 3.79
N GLN A 604 42.49 -66.68 3.87
CA GLN A 604 42.02 -65.95 2.69
C GLN A 604 43.14 -65.63 1.70
N GLN A 605 44.38 -65.54 2.15
CA GLN A 605 45.51 -65.31 1.25
C GLN A 605 46.73 -66.05 1.76
N PRO A 606 46.70 -67.38 1.74
CA PRO A 606 47.92 -68.18 2.00
C PRO A 606 48.78 -68.19 0.74
N MET A 607 49.55 -67.11 0.59
CA MET A 607 50.14 -66.79 -0.69
C MET A 607 51.12 -67.87 -1.14
N ILE A 608 51.22 -68.03 -2.46
CA ILE A 608 52.20 -68.93 -3.07
C ILE A 608 53.10 -68.02 -3.89
N TYR A 609 54.32 -68.50 -4.15
CA TYR A 609 55.34 -67.68 -4.80
C TYR A 609 55.66 -68.17 -6.22
N GLU A 610 55.68 -67.23 -7.16
CA GLU A 610 56.19 -67.49 -8.51
C GLU A 610 56.72 -66.13 -9.01
N GLY A 611 58.03 -65.92 -8.84
CA GLY A 611 58.60 -64.60 -9.00
C GLY A 611 58.37 -63.78 -7.75
N GLN A 612 57.09 -63.56 -7.42
CA GLN A 612 56.68 -63.05 -6.12
C GLN A 612 55.35 -63.73 -5.79
N ALA A 613 55.01 -63.70 -4.51
CA ALA A 613 53.86 -64.47 -4.01
C ALA A 613 52.59 -63.66 -3.82
N GLN A 614 51.46 -64.30 -4.14
CA GLN A 614 50.15 -63.66 -4.15
C GLN A 614 49.11 -64.76 -3.87
N LEU A 615 47.84 -64.45 -4.09
CA LEU A 615 46.73 -65.30 -3.65
C LEU A 615 46.81 -66.67 -4.32
N TRP A 616 46.08 -67.62 -3.73
CA TRP A 616 46.22 -69.04 -4.06
C TRP A 616 46.06 -69.32 -5.56
N THR A 617 46.94 -70.18 -6.07
CA THR A 617 46.84 -70.75 -7.41
C THR A 617 47.03 -72.26 -7.32
N ASP A 618 47.83 -72.70 -6.35
CA ASP A 618 48.07 -74.13 -6.12
C ASP A 618 46.79 -74.88 -5.79
N LEU A 619 45.71 -74.18 -5.45
CA LEU A 619 44.44 -74.80 -5.08
C LEU A 619 43.27 -74.37 -5.93
N GLN A 620 43.31 -73.19 -6.56
CA GLN A 620 42.14 -72.60 -7.19
C GLN A 620 40.97 -72.63 -6.19
N TYR A 621 41.16 -71.83 -5.14
CA TYR A 621 40.64 -72.15 -3.82
C TYR A 621 39.27 -72.83 -3.89
N ARG A 622 39.22 -74.04 -3.37
CA ARG A 622 38.04 -74.89 -3.31
C ARG A 622 37.76 -75.19 -1.85
N GLU A 623 36.51 -74.97 -1.41
CA GLU A 623 36.22 -74.96 0.01
C GLU A 623 35.01 -75.77 0.41
N LYS A 624 34.05 -76.01 -0.48
CA LYS A 624 32.74 -76.49 -0.05
C LYS A 624 32.86 -77.83 0.65
N GLU A 625 33.77 -78.69 0.18
CA GLU A 625 33.94 -79.99 0.80
C GLU A 625 34.47 -79.81 2.21
N VAL A 626 35.34 -78.82 2.40
CA VAL A 626 35.88 -78.52 3.71
C VAL A 626 34.84 -77.76 4.52
N LYS A 627 34.14 -76.80 3.89
CA LYS A 627 33.20 -75.96 4.61
C LYS A 627 32.01 -76.75 5.14
N ARG A 628 31.55 -77.78 4.41
CA ARG A 628 30.48 -78.61 4.94
C ARG A 628 30.92 -79.30 6.23
N TYR A 629 32.10 -79.92 6.20
CA TYR A 629 32.61 -80.56 7.40
C TYR A 629 32.74 -79.55 8.52
N LEU A 630 33.19 -78.34 8.20
CA LEU A 630 33.41 -77.35 9.23
C LEU A 630 32.09 -76.85 9.81
N TRP A 631 31.06 -76.77 8.98
CA TRP A 631 29.74 -76.41 9.49
C TRP A 631 29.21 -77.48 10.43
N GLN A 632 29.34 -78.75 10.03
CA GLN A 632 28.93 -79.84 10.90
C GLN A 632 29.74 -79.87 12.18
N HIS A 633 31.03 -79.60 12.08
CA HIS A 633 31.90 -79.65 13.26
C HIS A 633 31.59 -78.51 14.22
N LEU A 634 31.42 -77.30 13.69
CA LEU A 634 31.03 -76.18 14.53
C LEU A 634 29.71 -76.47 15.22
N LYS A 635 28.75 -77.00 14.46
CA LYS A 635 27.46 -77.35 15.03
C LYS A 635 27.62 -78.36 16.15
N LYS A 636 28.37 -79.44 15.89
CA LYS A 636 28.56 -80.49 16.89
C LYS A 636 29.23 -79.95 18.15
N HIS A 637 30.25 -79.11 17.97
CA HIS A 637 31.02 -78.65 19.12
C HIS A 637 30.22 -77.66 19.97
N VAL A 638 29.40 -76.82 19.34
CA VAL A 638 28.63 -75.86 20.12
C VAL A 638 27.41 -76.51 20.76
N VAL A 639 26.76 -77.44 20.06
CA VAL A 639 25.55 -78.06 20.60
C VAL A 639 25.93 -78.90 21.81
N PRO A 640 25.08 -78.99 22.84
CA PRO A 640 25.41 -79.76 24.04
C PRO A 640 25.53 -81.26 23.78
N SER A 658 26.59 -69.63 29.09
CA SER A 658 26.01 -68.61 28.21
C SER A 658 25.90 -69.11 26.78
N LYS A 659 24.67 -69.24 26.29
CA LYS A 659 24.48 -69.59 24.89
C LYS A 659 24.64 -68.37 24.00
N LEU A 660 24.00 -67.24 24.34
CA LEU A 660 24.00 -66.09 23.44
C LEU A 660 25.42 -65.76 22.98
N LYS A 661 26.37 -65.77 23.92
CA LYS A 661 27.75 -65.45 23.57
C LYS A 661 28.30 -66.51 22.62
N THR A 662 27.94 -67.78 22.84
CA THR A 662 28.35 -68.83 21.93
C THR A 662 27.81 -68.58 20.53
N GLY A 663 26.53 -68.24 20.43
CA GLY A 663 25.93 -67.98 19.14
C GLY A 663 26.59 -66.81 18.44
N LEU A 664 26.95 -65.78 19.19
CA LEU A 664 27.59 -64.62 18.58
C LEU A 664 28.98 -64.97 18.08
N ILE A 665 29.73 -65.76 18.84
CA ILE A 665 31.05 -66.20 18.39
C ILE A 665 30.92 -67.09 17.16
N VAL A 666 29.95 -68.00 17.17
CA VAL A 666 29.68 -68.84 16.02
C VAL A 666 29.34 -68.01 14.80
N LEU A 667 28.52 -66.98 14.99
CA LEU A 667 28.10 -66.15 13.86
C LEU A 667 29.29 -65.37 13.31
N PHE A 668 30.20 -64.94 14.17
CA PHE A 668 31.40 -64.26 13.71
C PHE A 668 32.26 -65.21 12.87
N VAL A 669 32.50 -66.41 13.40
CA VAL A 669 33.26 -67.41 12.65
C VAL A 669 32.59 -67.69 11.31
N VAL A 670 31.27 -67.87 11.34
CA VAL A 670 30.52 -68.19 10.12
C VAL A 670 30.72 -67.10 9.08
N GLU A 671 30.56 -65.85 9.47
CA GLU A 671 30.61 -64.76 8.50
C GLU A 671 32.03 -64.50 8.03
N LYS A 672 33.03 -64.81 8.87
CA LYS A 672 34.42 -64.53 8.48
C LYS A 672 34.94 -65.55 7.47
N ILE A 673 34.54 -66.81 7.62
CA ILE A 673 34.96 -67.86 6.70
C ILE A 673 34.00 -67.92 5.52
N GLU A 674 33.12 -66.92 5.41
CA GLU A 674 32.09 -66.91 4.38
C GLU A 674 31.23 -68.16 4.45
N LEU A 675 31.02 -68.67 5.66
CA LEU A 675 30.19 -69.85 5.87
C LEU A 675 28.73 -69.48 5.87
N LEU A 676 27.90 -70.47 5.52
CA LEU A 676 26.46 -70.40 5.72
C LEU A 676 26.04 -71.49 6.69
N LEU A 677 25.10 -71.16 7.57
CA LEU A 677 24.48 -72.14 8.46
C LEU A 677 23.55 -72.98 7.58
N GLU A 678 24.18 -73.93 6.87
CA GLU A 678 23.58 -74.58 5.71
C GLU A 678 22.27 -75.27 6.04
N GLY A 679 21.18 -74.73 5.50
CA GLY A 679 19.86 -75.32 5.61
C GLY A 679 19.40 -75.62 7.01
N SER A 680 20.13 -75.12 8.02
CA SER A 680 19.76 -75.34 9.41
C SER A 680 19.98 -74.08 10.23
N LEU A 681 19.77 -72.93 9.61
CA LEU A 681 20.06 -71.65 10.26
C LEU A 681 19.34 -71.54 11.60
N ASP A 682 18.23 -72.26 11.73
CA ASP A 682 17.39 -72.14 12.92
C ASP A 682 18.16 -72.43 14.18
N TRP A 683 19.13 -73.35 14.12
CA TRP A 683 19.84 -73.74 15.32
C TRP A 683 20.58 -72.54 15.90
N LEU A 684 21.21 -71.73 15.06
CA LEU A 684 21.91 -70.58 15.60
C LEU A 684 20.92 -69.60 16.20
N CYS A 685 19.72 -69.51 15.61
CA CYS A 685 18.71 -68.63 16.14
C CYS A 685 18.34 -69.03 17.55
N HIS A 686 18.37 -70.33 17.85
CA HIS A 686 18.12 -70.77 19.22
C HIS A 686 19.19 -70.24 20.16
N LEU A 687 20.45 -70.27 19.74
CA LEU A 687 21.52 -69.81 20.63
C LEU A 687 21.39 -68.32 20.94
N LEU A 688 20.92 -67.53 19.98
CA LEU A 688 20.79 -66.09 20.17
C LEU A 688 19.47 -65.68 20.82
N THR A 689 18.57 -66.62 21.08
CA THR A 689 17.30 -66.31 21.72
C THR A 689 17.48 -66.39 23.24
N SER A 690 17.43 -65.23 23.89
CA SER A 690 17.70 -65.16 25.31
C SER A 690 16.54 -65.72 26.13
N ASP A 691 16.89 -66.31 27.27
CA ASP A 691 15.92 -66.74 28.27
C ASP A 691 15.86 -65.77 29.45
N ALA A 692 16.35 -64.55 29.27
CA ALA A 692 16.45 -63.59 30.35
C ALA A 692 15.07 -63.25 30.92
N SER A 693 15.09 -62.48 32.01
CA SER A 693 13.89 -62.04 32.69
C SER A 693 13.49 -60.62 32.28
N SER A 694 14.42 -59.68 32.35
CA SER A 694 14.13 -58.29 32.04
C SER A 694 15.40 -57.66 31.49
N PRO A 695 15.31 -56.43 30.96
CA PRO A 695 16.43 -55.87 30.19
C PRO A 695 17.79 -55.91 30.88
N ASP A 696 17.85 -55.73 32.20
CA ASP A 696 19.16 -55.63 32.82
C ASP A 696 19.99 -56.89 32.60
N GLU A 697 19.40 -58.06 32.79
CA GLU A 697 20.20 -59.28 32.63
C GLU A 697 20.64 -59.47 31.18
N PHE A 698 19.72 -59.28 30.23
CA PHE A 698 20.03 -59.48 28.82
C PHE A 698 21.15 -58.52 28.39
N HIS A 699 20.98 -57.24 28.71
CA HIS A 699 21.98 -56.26 28.31
C HIS A 699 23.30 -56.52 29.04
N ARG A 700 23.24 -57.06 30.25
CA ARG A 700 24.47 -57.33 30.98
C ARG A 700 25.27 -58.40 30.26
N ASP A 701 24.60 -59.48 29.87
CA ASP A 701 25.30 -60.55 29.15
C ASP A 701 25.84 -60.03 27.82
N LEU A 702 25.00 -59.35 27.04
CA LEU A 702 25.42 -58.89 25.72
C LEU A 702 26.55 -57.87 25.79
N SER A 703 26.56 -57.01 26.81
CA SER A 703 27.45 -55.85 26.80
C SER A 703 28.90 -56.21 26.57
N HIS A 704 29.38 -57.28 27.21
CA HIS A 704 30.80 -57.62 27.10
C HIS A 704 31.18 -57.93 25.66
N ILE A 705 30.38 -58.76 24.99
CA ILE A 705 30.75 -59.21 23.65
C ILE A 705 30.45 -58.13 22.62
N LEU A 706 29.25 -57.56 22.65
CA LEU A 706 28.89 -56.58 21.63
C LEU A 706 29.70 -55.29 21.78
N GLY A 707 30.16 -54.98 22.99
CA GLY A 707 30.98 -53.80 23.18
C GLY A 707 32.30 -53.86 22.43
N ILE A 708 32.68 -55.03 21.96
CA ILE A 708 33.91 -55.19 21.18
C ILE A 708 33.67 -54.63 19.78
N PRO A 709 34.54 -53.77 19.26
CA PRO A 709 34.30 -53.24 17.91
C PRO A 709 34.23 -54.36 16.88
N GLN A 710 33.03 -54.58 16.34
CA GLN A 710 32.80 -55.59 15.33
C GLN A 710 31.53 -55.22 14.57
N SER A 711 31.36 -55.84 13.42
CA SER A 711 30.17 -55.62 12.59
C SER A 711 29.08 -56.62 12.95
N TRP A 712 28.72 -56.65 14.23
CA TRP A 712 27.67 -57.56 14.69
C TRP A 712 26.35 -57.27 13.98
N ARG A 713 26.08 -56.00 13.71
CA ARG A 713 24.80 -55.65 13.11
C ARG A 713 24.68 -56.21 11.70
N LEU A 714 25.74 -56.12 10.89
CA LEU A 714 25.67 -56.67 9.54
C LEU A 714 25.50 -58.18 9.58
N TYR A 715 26.24 -58.85 10.48
CA TYR A 715 26.13 -60.30 10.56
C TYR A 715 24.74 -60.72 10.99
N LEU A 716 24.16 -60.02 11.96
CA LEU A 716 22.83 -60.39 12.44
C LEU A 716 21.74 -60.04 11.45
N VAL A 717 21.88 -58.93 10.71
CA VAL A 717 20.93 -58.63 9.66
C VAL A 717 21.01 -59.71 8.59
N ASN A 718 22.22 -60.15 8.24
CA ASN A 718 22.36 -61.23 7.27
C ASN A 718 21.69 -62.49 7.77
N LEU A 719 21.90 -62.82 9.05
CA LEU A 719 21.29 -64.01 9.63
C LEU A 719 19.77 -63.94 9.51
N CYS A 720 19.18 -62.82 9.92
CA CYS A 720 17.73 -62.71 9.91
C CYS A 720 17.19 -62.67 8.48
N GLN A 721 17.90 -62.00 7.58
CA GLN A 721 17.50 -61.94 6.19
C GLN A 721 17.50 -63.31 5.55
N ARG A 722 18.49 -64.14 5.86
CA ARG A 722 18.51 -65.50 5.32
C ARG A 722 17.43 -66.36 5.95
N CYS A 723 17.22 -66.24 7.26
CA CYS A 723 16.19 -67.03 7.90
C CYS A 723 14.80 -66.65 7.38
N MET A 724 14.65 -65.40 6.93
CA MET A 724 13.41 -65.01 6.24
C MET A 724 13.39 -65.56 4.82
N ASP A 725 14.48 -65.39 4.08
CA ASP A 725 14.51 -65.79 2.68
C ASP A 725 14.35 -67.30 2.52
N THR A 726 14.81 -68.06 3.50
CA THR A 726 14.60 -69.50 3.52
C THR A 726 13.35 -69.88 4.32
N ARG A 727 12.57 -68.88 4.74
CA ARG A 727 11.24 -69.10 5.30
C ARG A 727 11.29 -69.99 6.55
N THR A 728 11.94 -69.45 7.58
CA THR A 728 11.88 -70.01 8.91
C THR A 728 11.52 -68.90 9.89
N TYR A 729 11.11 -69.30 11.10
CA TYR A 729 10.54 -68.37 12.06
C TYR A 729 11.30 -68.33 13.39
N THR A 730 12.34 -69.14 13.57
CA THR A 730 13.09 -69.09 14.81
C THR A 730 13.89 -67.79 14.93
N TRP A 731 14.29 -67.21 13.79
CA TRP A 731 15.04 -65.97 13.81
C TRP A 731 14.35 -64.89 14.63
N LEU A 732 13.03 -64.99 14.79
CA LEU A 732 12.31 -63.96 15.52
C LEU A 732 12.89 -63.78 16.91
N GLY A 733 13.50 -64.82 17.47
CA GLY A 733 14.06 -64.75 18.80
C GLY A 733 15.40 -64.04 18.89
N ALA A 734 16.13 -63.98 17.77
CA ALA A 734 17.41 -63.27 17.75
C ALA A 734 17.25 -61.78 17.65
N LEU A 735 16.07 -61.30 17.25
CA LEU A 735 15.86 -59.88 17.00
C LEU A 735 16.38 -58.97 18.11
N PRO A 736 16.21 -59.30 19.41
CA PRO A 736 16.74 -58.40 20.44
C PRO A 736 18.22 -58.11 20.33
N VAL A 737 19.02 -59.08 19.88
CA VAL A 737 20.45 -58.82 19.70
C VAL A 737 20.68 -57.87 18.53
N LEU A 738 19.92 -58.04 17.45
CA LEU A 738 20.02 -57.10 16.34
C LEU A 738 19.65 -55.70 16.80
N HIS A 739 18.63 -55.57 17.63
CA HIS A 739 18.23 -54.26 18.14
C HIS A 739 19.30 -53.68 19.05
N CYS A 740 19.97 -54.53 19.83
CA CYS A 740 21.04 -54.04 20.69
C CYS A 740 22.22 -53.57 19.87
N CYS A 741 22.47 -54.19 18.73
CA CYS A 741 23.53 -53.74 17.83
C CYS A 741 23.14 -52.51 17.03
N MET A 742 21.85 -52.33 16.76
CA MET A 742 21.44 -51.30 15.81
C MET A 742 21.67 -49.89 16.34
N GLU A 743 21.61 -49.71 17.66
CA GLU A 743 21.75 -48.38 18.26
C GLU A 743 20.65 -47.46 17.74
N LEU A 744 19.41 -47.85 17.99
CA LEU A 744 18.26 -47.17 17.43
C LEU A 744 18.10 -45.79 18.04
N ALA A 745 17.44 -44.91 17.28
CA ALA A 745 17.06 -43.61 17.81
C ALA A 745 15.72 -43.71 18.54
N PRO A 746 15.45 -42.84 19.51
CA PRO A 746 14.19 -42.93 20.25
C PRO A 746 12.99 -42.87 19.33
N ARG A 747 11.85 -43.30 19.85
CA ARG A 747 10.59 -43.30 19.10
C ARG A 747 10.10 -41.86 19.00
N HIS A 748 10.68 -41.13 18.06
CA HIS A 748 10.30 -39.73 17.85
C HIS A 748 8.79 -39.61 17.76
N LYS A 749 8.26 -38.56 18.40
CA LYS A 749 6.82 -38.44 18.57
C LYS A 749 6.10 -38.41 17.23
N ASP A 750 6.68 -37.73 16.24
CA ASP A 750 6.14 -37.73 14.87
C ASP A 750 6.59 -39.01 14.17
N ALA A 751 6.07 -40.14 14.66
CA ALA A 751 6.55 -41.44 14.21
C ALA A 751 6.06 -41.77 12.80
N TRP A 752 4.79 -41.50 12.51
CA TRP A 752 4.22 -41.90 11.23
C TRP A 752 5.04 -41.40 10.05
N ARG A 753 5.82 -40.34 10.23
CA ARG A 753 6.74 -39.91 9.19
C ARG A 753 7.90 -40.89 9.04
N GLN A 754 8.25 -41.59 10.12
CA GLN A 754 9.33 -42.56 10.04
C GLN A 754 8.98 -43.66 9.05
N PRO A 755 9.95 -44.17 8.29
CA PRO A 755 9.71 -45.37 7.49
C PRO A 755 9.48 -46.57 8.38
N GLU A 756 8.80 -47.57 7.83
CA GLU A 756 8.43 -48.73 8.63
C GLU A 756 9.67 -49.48 9.12
N ASP A 757 10.68 -49.61 8.26
CA ASP A 757 11.88 -50.35 8.63
C ASP A 757 12.54 -49.72 9.85
N THR A 758 12.57 -48.39 9.91
CA THR A 758 13.14 -47.70 11.07
C THR A 758 12.19 -47.74 12.26
N TRP A 759 10.88 -47.79 12.01
CA TRP A 759 9.91 -47.92 13.09
C TRP A 759 9.90 -49.33 13.63
N ALA A 760 9.95 -50.33 12.75
CA ALA A 760 9.93 -51.72 13.16
C ALA A 760 11.27 -52.19 13.73
N ALA A 761 12.29 -51.34 13.72
CA ALA A 761 13.62 -51.71 14.21
C ALA A 761 14.21 -52.84 13.38
N LEU A 762 14.05 -52.74 12.06
CA LEU A 762 14.51 -53.74 11.11
C LEU A 762 15.25 -53.07 9.96
N GLU A 763 16.05 -52.05 10.27
CA GLU A 763 16.82 -51.35 9.25
C GLU A 763 17.82 -52.30 8.60
N GLY A 764 17.60 -52.61 7.31
CA GLY A 764 18.44 -53.53 6.57
C GLY A 764 17.77 -54.83 6.24
N LEU A 765 16.55 -55.05 6.68
CA LEU A 765 15.81 -56.29 6.45
C LEU A 765 14.64 -56.01 5.52
N SER A 766 14.46 -56.89 4.53
CA SER A 766 13.29 -56.84 3.65
C SER A 766 12.22 -57.71 4.28
N PHE A 767 11.48 -57.12 5.22
CA PHE A 767 10.49 -57.88 5.96
C PHE A 767 9.21 -58.11 5.15
N SER A 768 8.86 -57.21 4.24
CA SER A 768 7.60 -57.35 3.51
C SER A 768 7.52 -58.65 2.72
N PRO A 769 8.55 -59.05 1.97
CA PRO A 769 8.50 -60.39 1.35
C PRO A 769 8.19 -61.51 2.32
N PHE A 770 8.91 -61.57 3.44
CA PHE A 770 8.67 -62.64 4.41
C PHE A 770 7.25 -62.57 4.94
N ARG A 771 6.77 -61.36 5.22
CA ARG A 771 5.42 -61.16 5.72
C ARG A 771 4.39 -61.73 4.74
N GLU A 772 4.56 -61.43 3.46
CA GLU A 772 3.56 -61.80 2.47
C GLU A 772 3.65 -63.28 2.09
N GLN A 773 4.84 -63.75 1.76
CA GLN A 773 4.97 -65.08 1.16
C GLN A 773 4.77 -66.18 2.20
N MET A 774 5.27 -65.96 3.42
CA MET A 774 5.16 -66.99 4.46
C MET A 774 3.70 -67.23 4.78
N LEU A 775 3.27 -68.49 4.65
CA LEU A 775 1.87 -68.86 4.84
C LEU A 775 1.57 -69.37 6.24
N ASP A 776 2.40 -70.29 6.75
CA ASP A 776 2.12 -70.88 8.06
C ASP A 776 2.37 -69.86 9.16
N THR A 777 1.54 -68.83 9.22
CA THR A 777 1.64 -67.83 10.27
C THR A 777 1.20 -68.36 11.62
N SER A 778 0.38 -69.40 11.65
CA SER A 778 -0.02 -69.99 12.92
C SER A 778 1.20 -70.40 13.72
N SER A 779 2.21 -70.95 13.05
CA SER A 779 3.45 -71.28 13.74
C SER A 779 4.16 -70.01 14.18
N LEU A 780 4.02 -68.93 13.43
CA LEU A 780 4.67 -67.68 13.79
C LEU A 780 4.10 -67.16 15.10
N LEU A 781 2.77 -67.18 15.23
CA LEU A 781 2.14 -66.72 16.46
C LEU A 781 2.38 -67.70 17.60
N GLN A 782 2.45 -69.00 17.32
CA GLN A 782 2.77 -69.95 18.38
C GLN A 782 4.17 -69.71 18.92
N PHE A 783 5.12 -69.44 18.02
CA PHE A 783 6.47 -69.11 18.45
C PHE A 783 6.48 -67.81 19.25
N MET A 784 5.77 -66.80 18.76
CA MET A 784 5.72 -65.52 19.47
C MET A 784 5.16 -65.71 20.87
N ARG A 785 4.12 -66.55 20.99
CA ARG A 785 3.56 -66.85 22.30
C ARG A 785 4.57 -67.58 23.18
N GLU A 786 5.31 -68.51 22.59
CA GLU A 786 6.30 -69.25 23.36
C GLU A 786 7.38 -68.32 23.91
N LYS A 787 7.79 -67.33 23.10
CA LYS A 787 8.83 -66.39 23.47
C LYS A 787 8.26 -65.02 23.86
N GLN A 788 7.10 -65.00 24.51
CA GLN A 788 6.50 -63.73 24.90
C GLN A 788 7.39 -62.96 25.87
N HIS A 789 8.19 -63.66 26.67
CA HIS A 789 9.09 -62.99 27.60
C HIS A 789 10.03 -62.05 26.87
N LEU A 790 10.40 -62.37 25.63
CA LEU A 790 11.28 -61.50 24.87
C LEU A 790 10.68 -60.10 24.73
N LEU A 791 9.35 -60.00 24.64
CA LEU A 791 8.72 -58.70 24.52
C LEU A 791 8.98 -57.83 25.74
N SER A 792 9.19 -58.47 26.90
CA SER A 792 9.47 -57.72 28.12
C SER A 792 10.88 -57.15 28.11
N ILE A 793 11.84 -57.88 27.52
CA ILE A 793 13.23 -57.45 27.53
C ILE A 793 13.59 -56.59 26.32
N ASP A 794 12.63 -56.33 25.43
CA ASP A 794 12.91 -55.57 24.22
C ASP A 794 11.66 -54.80 23.83
N GLU A 795 11.69 -53.48 24.05
CA GLU A 795 10.58 -52.63 23.63
C GLU A 795 10.33 -52.69 22.13
N PRO A 796 11.35 -52.54 21.27
CA PRO A 796 11.08 -52.51 19.83
C PRO A 796 10.52 -53.81 19.27
N LEU A 797 10.79 -54.95 19.90
CA LEU A 797 10.40 -56.24 19.33
C LEU A 797 8.90 -56.31 19.04
N PHE A 798 8.07 -55.63 19.83
CA PHE A 798 6.64 -55.64 19.58
C PHE A 798 6.32 -55.04 18.23
N ARG A 799 7.08 -54.02 17.84
CA ARG A 799 6.89 -53.39 16.56
C ARG A 799 7.39 -54.30 15.43
N SER A 800 8.52 -54.98 15.66
CA SER A 800 9.03 -55.87 14.62
C SER A 800 8.07 -57.03 14.36
N TRP A 801 7.65 -57.70 15.44
CA TRP A 801 6.76 -58.84 15.29
C TRP A 801 5.45 -58.40 14.64
N PHE A 802 4.88 -57.32 15.15
CA PHE A 802 3.68 -56.76 14.56
C PHE A 802 3.91 -56.51 13.07
N SER A 803 5.07 -55.94 12.73
CA SER A 803 5.36 -55.63 11.34
C SER A 803 5.54 -56.89 10.51
N LEU A 804 6.08 -57.95 11.11
CA LEU A 804 6.37 -59.16 10.35
C LEU A 804 5.13 -60.00 10.08
N LEU A 805 4.04 -59.76 10.77
CA LEU A 805 2.84 -60.54 10.55
C LEU A 805 2.05 -60.00 9.37
N PRO A 806 1.27 -60.85 8.71
CA PRO A 806 0.31 -60.33 7.73
C PRO A 806 -0.87 -59.65 8.41
N LEU A 807 -1.76 -59.07 7.61
CA LEU A 807 -2.83 -58.25 8.18
C LEU A 807 -3.80 -59.08 9.02
N SER A 808 -4.17 -60.27 8.54
CA SER A 808 -5.27 -60.99 9.15
C SER A 808 -4.98 -61.36 10.60
N HIS A 809 -3.78 -61.89 10.86
CA HIS A 809 -3.42 -62.33 12.19
C HIS A 809 -3.15 -61.21 13.19
N LEU A 810 -3.06 -59.96 12.74
CA LEU A 810 -2.69 -58.90 13.67
C LEU A 810 -3.62 -58.84 14.87
N VAL A 811 -4.91 -59.12 14.68
CA VAL A 811 -5.82 -59.09 15.82
C VAL A 811 -5.46 -60.20 16.80
N MET A 812 -5.18 -61.39 16.27
CA MET A 812 -4.78 -62.48 17.15
C MET A 812 -3.47 -62.15 17.80
N TYR A 813 -2.64 -61.34 17.15
CA TYR A 813 -1.41 -60.90 17.80
C TYR A 813 -1.75 -59.98 18.98
N MET A 814 -2.58 -58.96 18.73
CA MET A 814 -2.89 -58.02 19.80
C MET A 814 -3.63 -58.68 20.93
N GLU A 815 -4.49 -59.65 20.64
CA GLU A 815 -5.13 -60.39 21.71
C GLU A 815 -4.12 -61.27 22.43
N ASN A 816 -3.29 -62.01 21.68
CA ASN A 816 -2.36 -62.93 22.31
C ASN A 816 -1.40 -62.21 23.24
N PHE A 817 -1.15 -60.93 23.00
CA PHE A 817 -0.20 -60.14 23.76
C PHE A 817 -0.87 -58.92 24.37
N ILE A 818 -2.10 -59.09 24.83
CA ILE A 818 -2.85 -57.99 25.42
C ILE A 818 -2.37 -57.71 26.85
N GLU A 819 -1.90 -58.74 27.56
CA GLU A 819 -1.36 -58.51 28.89
C GLU A 819 -0.09 -57.68 28.83
N HIS A 820 0.77 -57.95 27.85
CA HIS A 820 1.94 -57.12 27.64
C HIS A 820 1.53 -55.68 27.37
N LEU A 821 0.49 -55.50 26.57
CA LEU A 821 0.02 -54.13 26.27
C LEU A 821 -0.50 -53.47 27.52
N GLY A 822 -1.07 -54.24 28.46
CA GLY A 822 -1.49 -53.67 29.71
C GLY A 822 -0.31 -53.29 30.59
N ARG A 823 0.77 -54.07 30.50
CA ARG A 823 1.99 -53.73 31.19
C ARG A 823 2.74 -52.61 30.49
N PHE A 824 2.61 -52.52 29.16
CA PHE A 824 3.30 -51.54 28.34
C PHE A 824 2.28 -50.86 27.43
N PRO A 825 1.41 -50.02 27.99
CA PRO A 825 0.34 -49.43 27.18
C PRO A 825 0.83 -48.55 26.05
N ALA A 826 2.02 -47.97 26.15
CA ALA A 826 2.54 -47.16 25.06
C ALA A 826 2.57 -47.93 23.75
N HIS A 827 2.75 -49.26 23.82
CA HIS A 827 2.79 -50.07 22.62
C HIS A 827 1.47 -50.01 21.87
N ILE A 828 0.37 -49.76 22.57
CA ILE A 828 -0.92 -49.63 21.91
C ILE A 828 -0.84 -48.60 20.79
N LEU A 829 -0.10 -47.52 21.01
CA LEU A 829 0.01 -46.51 19.98
C LEU A 829 0.82 -47.01 18.80
N ASP A 830 1.81 -47.86 19.04
CA ASP A 830 2.55 -48.43 17.93
C ASP A 830 1.64 -49.29 17.07
N CYS A 831 0.61 -49.87 17.68
CA CYS A 831 -0.34 -50.64 16.89
C CYS A 831 -1.02 -49.73 15.87
N LEU A 832 -1.44 -48.54 16.30
CA LEU A 832 -2.00 -47.61 15.34
C LEU A 832 -1.00 -47.33 14.24
N SER A 833 0.26 -47.09 14.63
CA SER A 833 1.29 -46.81 13.64
C SER A 833 1.42 -47.97 12.68
N GLY A 834 1.35 -49.19 13.20
CA GLY A 834 1.48 -50.34 12.33
C GLY A 834 0.35 -50.41 11.34
N ILE A 835 -0.87 -50.13 11.80
CA ILE A 835 -2.00 -50.13 10.88
C ILE A 835 -1.80 -49.08 9.81
N TYR A 836 -1.18 -47.95 10.17
CA TYR A 836 -0.87 -46.95 9.15
C TYR A 836 0.00 -47.54 8.06
N TYR A 837 1.02 -48.31 8.46
CA TYR A 837 1.90 -48.89 7.44
C TYR A 837 1.17 -49.98 6.69
N ARG A 838 0.22 -50.65 7.33
CA ARG A 838 -0.61 -51.63 6.65
C ARG A 838 -1.60 -50.96 5.71
N LEU A 839 -1.89 -49.68 5.93
CA LEU A 839 -3.00 -49.02 5.26
C LEU A 839 -3.08 -49.26 3.77
N PRO A 840 -2.00 -49.25 2.99
CA PRO A 840 -2.12 -49.64 1.58
C PRO A 840 -2.78 -50.99 1.35
N GLY A 841 -2.37 -52.02 2.10
CA GLY A 841 -3.00 -53.32 1.91
C GLY A 841 -4.45 -53.30 2.30
N LEU A 842 -4.79 -52.55 3.34
CA LEU A 842 -6.17 -52.51 3.77
C LEU A 842 -7.02 -51.86 2.70
N GLU A 843 -6.46 -50.87 1.99
CA GLU A 843 -7.19 -50.28 0.88
C GLU A 843 -7.42 -51.32 -0.19
N GLN A 844 -6.37 -52.03 -0.57
CA GLN A 844 -6.55 -53.07 -1.58
C GLN A 844 -7.55 -54.09 -1.08
N VAL A 845 -7.61 -54.27 0.25
CA VAL A 845 -8.55 -55.23 0.81
C VAL A 845 -9.95 -54.65 0.81
N LEU A 846 -10.08 -53.38 1.21
CA LEU A 846 -11.41 -52.77 1.27
C LEU A 846 -12.00 -52.58 -0.11
N ASN A 847 -11.17 -52.36 -1.12
CA ASN A 847 -11.68 -52.15 -2.47
C ASN A 847 -12.40 -53.39 -2.98
N THR A 848 -11.93 -54.57 -2.61
CA THR A 848 -12.65 -55.81 -2.85
C THR A 848 -13.58 -56.05 -1.68
N GLN A 849 -14.89 -56.03 -1.94
CA GLN A 849 -15.89 -56.10 -0.87
C GLN A 849 -16.06 -57.54 -0.39
N ASP A 850 -14.96 -58.09 0.11
CA ASP A 850 -14.96 -59.43 0.67
C ASP A 850 -15.45 -59.35 2.12
N VAL A 851 -16.53 -60.08 2.43
CA VAL A 851 -17.12 -59.99 3.75
C VAL A 851 -16.10 -60.36 4.82
N GLN A 852 -15.24 -61.34 4.53
CA GLN A 852 -14.28 -61.81 5.53
C GLN A 852 -13.26 -60.73 5.86
N ASP A 853 -12.67 -60.11 4.83
CA ASP A 853 -11.63 -59.12 5.09
C ASP A 853 -12.20 -57.81 5.61
N VAL A 854 -13.38 -57.39 5.17
CA VAL A 854 -14.02 -56.23 5.79
C VAL A 854 -14.27 -56.51 7.27
N GLN A 855 -14.73 -57.72 7.60
CA GLN A 855 -14.90 -58.07 9.00
C GLN A 855 -13.57 -58.10 9.75
N ASN A 856 -12.49 -58.51 9.07
CA ASN A 856 -11.18 -58.47 9.70
C ASN A 856 -10.74 -57.04 10.02
N VAL A 857 -10.97 -56.12 9.08
CA VAL A 857 -10.62 -54.72 9.33
C VAL A 857 -11.48 -54.18 10.47
N GLN A 858 -12.75 -54.59 10.50
CA GLN A 858 -13.64 -54.17 11.58
C GLN A 858 -13.14 -54.69 12.92
N ASN A 859 -12.65 -55.93 12.94
CA ASN A 859 -12.12 -56.50 14.18
C ASN A 859 -10.84 -55.79 14.60
N ILE A 860 -10.02 -55.37 13.64
CA ILE A 860 -8.83 -54.60 13.97
C ILE A 860 -9.21 -53.29 14.63
N LEU A 861 -10.19 -52.58 14.07
CA LEU A 861 -10.59 -51.31 14.64
C LEU A 861 -11.25 -51.49 16.00
N GLU A 862 -12.07 -52.54 16.14
CA GLU A 862 -12.68 -52.82 17.43
C GLU A 862 -11.63 -53.14 18.48
N MET A 863 -10.55 -53.82 18.09
CA MET A 863 -9.47 -54.09 19.03
C MET A 863 -8.77 -52.80 19.42
N LEU A 864 -8.53 -51.92 18.45
CA LEU A 864 -7.86 -50.66 18.76
C LEU A 864 -8.71 -49.83 19.71
N LEU A 865 -10.02 -49.79 19.50
CA LEU A 865 -10.90 -49.10 20.44
C LEU A 865 -10.87 -49.74 21.81
N ARG A 866 -10.91 -51.07 21.85
CA ARG A 866 -10.90 -51.76 23.13
C ARG A 866 -9.64 -51.42 23.92
N LEU A 867 -8.50 -51.35 23.22
CA LEU A 867 -7.24 -51.03 23.86
C LEU A 867 -7.23 -49.59 24.34
N LEU A 868 -7.56 -48.64 23.45
CA LEU A 868 -7.53 -47.23 23.82
C LEU A 868 -8.50 -46.92 24.95
N ASP A 869 -9.65 -47.59 25.01
CA ASP A 869 -10.59 -47.35 26.09
C ASP A 869 -10.14 -47.99 27.40
N THR A 870 -9.73 -49.27 27.36
CA THR A 870 -9.39 -49.95 28.60
C THR A 870 -8.12 -49.38 29.21
N TYR A 871 -7.18 -48.93 28.39
CA TYR A 871 -5.90 -48.41 28.85
C TYR A 871 -5.80 -46.90 28.66
N ARG A 872 -6.93 -46.20 28.75
CA ARG A 872 -6.92 -44.75 28.58
C ARG A 872 -6.06 -44.07 29.64
N ASP A 873 -6.14 -44.53 30.89
CA ASP A 873 -5.48 -43.85 31.99
C ASP A 873 -4.03 -44.30 32.19
N LYS A 874 -3.60 -45.38 31.53
CA LYS A 874 -2.25 -45.90 31.71
C LYS A 874 -1.28 -45.42 30.64
N ILE A 875 -1.77 -44.99 29.49
CA ILE A 875 -0.92 -44.50 28.41
C ILE A 875 -0.06 -43.35 28.93
N PRO A 876 1.26 -43.44 28.87
CA PRO A 876 2.09 -42.34 29.37
C PRO A 876 1.85 -41.06 28.59
N GLU A 877 1.92 -39.93 29.28
CA GLU A 877 1.84 -38.64 28.63
C GLU A 877 3.05 -38.38 27.75
N GLU A 878 4.17 -39.07 27.99
CA GLU A 878 5.37 -38.83 27.21
C GLU A 878 5.21 -39.33 25.78
N ALA A 879 4.85 -40.60 25.62
CA ALA A 879 4.73 -41.17 24.28
C ALA A 879 3.58 -40.54 23.51
N LEU A 880 2.56 -40.04 24.21
CA LEU A 880 1.45 -39.41 23.54
C LEU A 880 1.92 -38.21 22.74
N SER A 881 1.24 -37.95 21.63
CA SER A 881 1.61 -36.87 20.74
C SER A 881 0.41 -36.52 19.87
N PRO A 882 0.28 -35.28 19.42
CA PRO A 882 -0.70 -34.98 18.37
C PRO A 882 -0.48 -35.79 17.11
N SER A 883 0.75 -36.21 16.84
CA SER A 883 1.03 -36.96 15.62
C SER A 883 0.17 -38.21 15.51
N TYR A 884 -0.15 -38.86 16.64
CA TYR A 884 -1.01 -40.02 16.57
C TYR A 884 -2.43 -39.68 16.12
N LEU A 885 -2.91 -38.47 16.42
CA LEU A 885 -4.17 -38.06 15.84
C LEU A 885 -4.07 -38.09 14.32
N THR A 886 -2.92 -37.68 13.78
CA THR A 886 -2.78 -37.68 12.34
C THR A 886 -2.84 -39.10 11.83
N VAL A 887 -2.26 -40.04 12.57
CA VAL A 887 -2.30 -41.42 12.12
C VAL A 887 -3.74 -41.86 12.00
N CYS A 888 -4.55 -41.53 13.02
CA CYS A 888 -5.92 -42.01 12.98
C CYS A 888 -6.68 -41.28 11.90
N LEU A 889 -6.34 -40.01 11.67
CA LEU A 889 -6.95 -39.30 10.56
C LEU A 889 -6.68 -40.05 9.28
N LYS A 890 -5.41 -40.35 9.02
CA LYS A 890 -5.10 -41.02 7.77
C LYS A 890 -5.83 -42.34 7.70
N LEU A 891 -5.86 -43.08 8.81
CA LEU A 891 -6.59 -44.33 8.84
C LEU A 891 -8.04 -44.10 8.45
N HIS A 892 -8.68 -43.10 9.07
CA HIS A 892 -10.06 -42.82 8.74
C HIS A 892 -10.19 -42.50 7.26
N GLU A 893 -9.35 -41.59 6.76
CA GLU A 893 -9.36 -41.27 5.35
C GLU A 893 -9.32 -42.53 4.51
N ALA A 894 -8.37 -43.41 4.79
CA ALA A 894 -8.19 -44.55 3.91
C ALA A 894 -9.41 -45.44 3.94
N ILE A 895 -10.04 -45.58 5.10
CA ILE A 895 -11.20 -46.44 5.17
C ILE A 895 -12.36 -45.80 4.42
N CYS A 896 -12.58 -44.50 4.65
CA CYS A 896 -13.70 -43.82 4.02
C CYS A 896 -13.55 -43.75 2.51
N SER A 897 -12.35 -43.38 2.06
CA SER A 897 -12.10 -43.37 0.62
C SER A 897 -12.38 -44.74 0.02
N SER A 898 -11.88 -45.79 0.68
CA SER A 898 -11.98 -47.12 0.09
C SER A 898 -13.36 -47.76 0.30
N THR A 899 -13.99 -47.51 1.44
CA THR A 899 -15.26 -48.15 1.77
C THR A 899 -16.36 -47.48 0.95
N LYS A 900 -16.97 -48.25 0.04
CA LYS A 900 -17.94 -47.71 -0.91
C LYS A 900 -19.38 -48.08 -0.60
N LEU A 901 -19.63 -49.00 0.34
CA LEU A 901 -20.96 -49.50 0.59
C LEU A 901 -21.53 -48.94 1.89
N LEU A 902 -22.86 -48.97 1.99
CA LEU A 902 -23.55 -48.43 3.15
C LEU A 902 -23.48 -49.37 4.34
N LYS A 903 -23.62 -50.68 4.09
CA LYS A 903 -23.61 -51.65 5.18
C LYS A 903 -22.29 -51.63 5.94
N PHE A 904 -21.21 -51.20 5.29
CA PHE A 904 -19.90 -51.11 5.93
C PHE A 904 -19.77 -49.89 6.82
N TYR A 905 -20.86 -49.16 7.08
CA TYR A 905 -20.76 -47.92 7.84
C TYR A 905 -20.01 -48.10 9.15
N GLU A 906 -20.04 -49.30 9.73
CA GLU A 906 -19.40 -49.51 11.02
C GLU A 906 -17.92 -49.20 10.95
N LEU A 907 -17.28 -49.50 9.83
CA LEU A 907 -15.83 -49.27 9.70
C LEU A 907 -15.47 -47.79 9.82
N PRO A 908 -16.02 -46.88 9.01
CA PRO A 908 -15.76 -45.46 9.28
C PRO A 908 -16.08 -45.02 10.69
N ALA A 909 -17.21 -45.45 11.24
CA ALA A 909 -17.62 -44.97 12.55
C ALA A 909 -16.59 -45.34 13.60
N LEU A 910 -16.05 -46.55 13.51
CA LEU A 910 -15.10 -46.96 14.52
C LEU A 910 -13.82 -46.16 14.40
N SER A 911 -13.39 -45.92 13.15
CA SER A 911 -12.21 -45.09 12.98
C SER A 911 -12.48 -43.69 13.50
N ALA A 912 -13.69 -43.19 13.29
CA ALA A 912 -14.00 -41.86 13.81
C ALA A 912 -14.00 -41.89 15.32
N GLU A 913 -14.55 -42.96 15.90
CA GLU A 913 -14.53 -43.06 17.34
C GLU A 913 -13.11 -43.16 17.85
N ILE A 914 -12.23 -43.78 17.07
CA ILE A 914 -10.83 -43.84 17.46
C ILE A 914 -10.27 -42.42 17.57
N VAL A 915 -10.56 -41.59 16.58
CA VAL A 915 -10.10 -40.21 16.64
C VAL A 915 -10.68 -39.55 17.88
N CYS A 916 -11.96 -39.80 18.17
CA CYS A 916 -12.53 -39.23 19.39
C CYS A 916 -11.69 -39.61 20.60
N ARG A 917 -11.37 -40.90 20.74
CA ARG A 917 -10.63 -41.30 21.92
C ARG A 917 -9.26 -40.66 21.94
N MET A 918 -8.64 -40.48 20.77
CA MET A 918 -7.35 -39.82 20.74
C MET A 918 -7.50 -38.40 21.21
N ILE A 919 -8.53 -37.70 20.71
CA ILE A 919 -8.81 -36.36 21.21
C ILE A 919 -9.02 -36.40 22.71
N ARG A 920 -9.90 -37.31 23.17
CA ARG A 920 -10.18 -37.39 24.60
C ARG A 920 -8.93 -37.69 25.41
N LEU A 921 -7.97 -38.41 24.82
CA LEU A 921 -6.69 -38.60 25.49
C LEU A 921 -5.94 -37.28 25.65
N LEU A 922 -6.30 -36.27 24.87
CA LEU A 922 -5.58 -35.00 24.85
C LEU A 922 -6.53 -33.81 25.01
N SER A 938 -3.27 -28.69 15.54
CA SER A 938 -3.66 -29.70 14.56
C SER A 938 -4.82 -30.55 15.06
N VAL A 939 -5.22 -30.33 16.30
CA VAL A 939 -6.32 -31.11 16.87
C VAL A 939 -7.62 -30.81 16.14
N GLN A 940 -7.96 -29.52 16.04
CA GLN A 940 -9.13 -29.13 15.26
C GLN A 940 -8.97 -29.52 13.80
N THR A 941 -7.73 -29.47 13.30
CA THR A 941 -7.47 -29.90 11.93
C THR A 941 -7.81 -31.38 11.75
N VAL A 942 -7.34 -32.22 12.67
CA VAL A 942 -7.63 -33.65 12.58
C VAL A 942 -9.14 -33.88 12.66
N PHE A 943 -9.82 -33.17 13.57
CA PHE A 943 -11.27 -33.27 13.62
C PHE A 943 -11.89 -32.90 12.29
N GLN A 944 -11.44 -31.80 11.70
CA GLN A 944 -12.04 -31.30 10.48
C GLN A 944 -11.84 -32.29 9.33
N GLY A 945 -10.66 -32.89 9.27
CA GLY A 945 -10.43 -33.91 8.25
C GLY A 945 -11.28 -35.14 8.47
N THR A 946 -11.49 -35.52 9.73
CA THR A 946 -12.35 -36.65 10.03
C THR A 946 -13.78 -36.39 9.59
N LEU A 947 -14.34 -35.25 10.02
CA LEU A 947 -15.68 -34.87 9.60
C LEU A 947 -15.78 -34.78 8.08
N ALA A 948 -14.80 -34.15 7.44
CA ALA A 948 -14.77 -34.06 5.99
C ALA A 948 -14.88 -35.44 5.35
N ALA A 949 -14.03 -36.38 5.78
CA ALA A 949 -14.05 -37.71 5.19
C ALA A 949 -15.37 -38.40 5.45
N THR A 950 -15.96 -38.18 6.62
CA THR A 950 -17.24 -38.79 6.93
C THR A 950 -18.32 -38.25 6.00
N LYS A 951 -18.37 -36.93 5.82
CA LYS A 951 -19.34 -36.34 4.91
C LYS A 951 -19.12 -36.82 3.48
N ARG A 952 -17.86 -36.87 3.03
CA ARG A 952 -17.56 -37.44 1.73
C ARG A 952 -18.12 -38.84 1.58
N TRP A 953 -17.90 -39.69 2.58
CA TRP A 953 -18.38 -41.06 2.51
C TRP A 953 -19.89 -41.09 2.41
N LEU A 954 -20.55 -40.29 3.24
CA LEU A 954 -22.01 -40.23 3.20
C LEU A 954 -22.50 -39.79 1.83
N ARG A 955 -21.84 -38.78 1.24
CA ARG A 955 -22.19 -38.32 -0.10
C ARG A 955 -22.09 -39.45 -1.10
N GLU A 956 -20.95 -40.16 -1.11
CA GLU A 956 -20.75 -41.22 -2.08
C GLU A 956 -21.77 -42.33 -1.90
N VAL A 957 -22.08 -42.68 -0.65
CA VAL A 957 -23.01 -43.76 -0.38
C VAL A 957 -24.44 -43.31 -0.64
N PHE A 958 -24.83 -42.17 -0.07
CA PHE A 958 -26.15 -41.60 -0.28
C PHE A 958 -26.15 -40.80 -1.58
N THR A 959 -26.15 -41.54 -2.69
CA THR A 959 -26.02 -40.92 -4.01
C THR A 959 -27.30 -40.21 -4.43
N LYS A 960 -28.45 -40.65 -3.94
CA LYS A 960 -29.74 -40.09 -4.32
C LYS A 960 -30.45 -39.56 -3.09
N ASN A 961 -31.59 -38.90 -3.31
CA ASN A 961 -32.28 -38.20 -2.25
C ASN A 961 -32.70 -39.16 -1.13
N MET A 962 -33.14 -38.57 -0.02
CA MET A 962 -33.33 -39.31 1.21
C MET A 962 -34.35 -40.43 1.05
N LEU A 963 -35.59 -40.05 0.74
CA LEU A 963 -36.72 -40.97 0.73
C LEU A 963 -37.12 -41.31 -0.70
N THR A 964 -37.78 -42.45 -0.84
CA THR A 964 -38.66 -42.66 -1.97
C THR A 964 -39.86 -41.76 -1.73
N SER A 965 -39.86 -40.58 -2.37
CA SER A 965 -40.80 -39.53 -2.00
C SER A 965 -42.25 -39.97 -2.12
N SER A 966 -42.52 -41.15 -2.66
CA SER A 966 -43.84 -41.74 -2.57
C SER A 966 -44.30 -41.94 -1.13
N GLY A 967 -43.41 -41.76 -0.15
CA GLY A 967 -43.75 -41.91 1.25
C GLY A 967 -43.95 -43.32 1.74
N ALA A 968 -43.86 -44.31 0.85
CA ALA A 968 -44.07 -45.69 1.24
C ALA A 968 -42.80 -46.37 1.74
N SER A 969 -41.63 -45.79 1.50
CA SER A 969 -40.38 -46.45 1.81
C SER A 969 -39.28 -45.42 2.00
N PHE A 970 -38.18 -45.87 2.61
CA PHE A 970 -36.94 -45.12 2.64
C PHE A 970 -36.05 -45.62 1.51
N THR A 971 -35.35 -44.70 0.86
CA THR A 971 -34.48 -45.09 -0.26
C THR A 971 -33.47 -46.13 0.18
N TYR A 972 -32.86 -45.94 1.35
CA TYR A 972 -31.97 -46.91 1.95
C TYR A 972 -32.50 -47.27 3.33
N VAL A 973 -32.50 -48.58 3.63
CA VAL A 973 -33.03 -49.04 4.90
C VAL A 973 -32.11 -48.62 6.04
N LYS A 974 -30.82 -48.48 5.77
CA LYS A 974 -29.82 -48.22 6.80
C LYS A 974 -29.48 -46.74 6.96
N GLU A 975 -30.08 -45.85 6.15
CA GLU A 975 -29.66 -44.46 6.15
C GLU A 975 -29.78 -43.83 7.54
N ILE A 976 -30.93 -44.01 8.18
CA ILE A 976 -31.14 -43.38 9.47
C ILE A 976 -30.26 -44.05 10.52
N GLU A 977 -29.99 -45.34 10.35
CA GLU A 977 -29.14 -46.06 11.30
C GLU A 977 -27.70 -45.59 11.18
N VAL A 978 -27.24 -45.35 9.96
CA VAL A 978 -25.90 -44.82 9.79
C VAL A 978 -25.83 -43.41 10.35
N TRP A 979 -26.92 -42.65 10.24
CA TRP A 979 -26.93 -41.29 10.77
C TRP A 979 -26.82 -41.28 12.29
N ARG A 980 -27.65 -42.07 12.97
CA ARG A 980 -27.50 -42.18 14.42
C ARG A 980 -26.13 -42.72 14.81
N ARG A 981 -25.67 -43.79 14.15
CA ARG A 981 -24.37 -44.35 14.50
C ARG A 981 -23.30 -43.28 14.46
N LEU A 982 -23.26 -42.50 13.38
CA LEU A 982 -22.20 -41.52 13.19
C LEU A 982 -22.36 -40.34 14.14
N VAL A 983 -23.60 -39.91 14.36
CA VAL A 983 -23.87 -38.73 15.17
C VAL A 983 -23.48 -38.98 16.63
N GLU A 984 -24.01 -40.04 17.24
CA GLU A 984 -23.86 -40.23 18.67
C GLU A 984 -22.42 -40.50 19.09
N ILE A 985 -21.47 -40.54 18.17
CA ILE A 985 -20.06 -40.62 18.55
C ILE A 985 -19.73 -39.43 19.44
N GLN A 986 -19.17 -39.73 20.62
CA GLN A 986 -18.99 -38.71 21.65
C GLN A 986 -17.76 -37.84 21.39
N PHE A 987 -17.77 -37.21 20.22
CA PHE A 987 -16.80 -36.14 19.97
C PHE A 987 -17.12 -34.95 20.86
N PRO A 988 -16.11 -34.24 21.36
CA PRO A 988 -16.39 -33.04 22.17
C PRO A 988 -17.28 -32.06 21.42
N ALA A 989 -18.13 -31.37 22.18
CA ALA A 989 -19.12 -30.48 21.58
C ALA A 989 -18.47 -29.31 20.86
N GLU A 990 -17.38 -28.79 21.41
CA GLU A 990 -16.70 -27.65 20.79
C GLU A 990 -16.45 -27.84 19.30
N HIS A 991 -16.28 -29.08 18.86
CA HIS A 991 -15.88 -29.32 17.48
C HIS A 991 -17.05 -29.22 16.50
N GLY A 992 -18.24 -29.68 16.89
CA GLY A 992 -19.41 -29.57 16.03
C GLY A 992 -19.59 -30.73 15.07
N TRP A 993 -19.45 -31.95 15.58
CA TRP A 993 -19.67 -33.15 14.79
C TRP A 993 -21.17 -33.43 14.62
N LYS A 994 -21.86 -33.60 15.75
CA LYS A 994 -23.27 -33.95 15.73
C LYS A 994 -24.09 -32.92 14.97
N GLU A 995 -23.92 -31.64 15.30
CA GLU A 995 -24.68 -30.59 14.64
C GLU A 995 -24.50 -30.65 13.13
N SER A 996 -23.28 -30.90 12.67
CA SER A 996 -23.02 -30.89 11.24
C SER A 996 -23.67 -32.07 10.55
N LEU A 997 -23.43 -33.28 11.07
CA LEU A 997 -24.05 -34.47 10.48
C LEU A 997 -25.57 -34.32 10.47
N LEU A 998 -26.15 -33.86 11.57
CA LEU A 998 -27.60 -33.72 11.65
C LEU A 998 -28.11 -32.64 10.71
N GLY A 999 -27.33 -31.59 10.48
CA GLY A 999 -27.72 -30.60 9.50
C GLY A 999 -27.75 -31.16 8.10
N ASP A 1000 -26.77 -32.01 7.77
CA ASP A 1000 -26.78 -32.63 6.44
C ASP A 1000 -27.97 -33.59 6.31
N MET A 1001 -28.30 -34.32 7.37
CA MET A 1001 -29.46 -35.20 7.33
C MET A 1001 -30.74 -34.41 7.17
N GLU A 1002 -30.91 -33.35 7.95
CA GLU A 1002 -32.10 -32.50 7.80
C GLU A 1002 -32.17 -31.93 6.38
N TRP A 1003 -31.03 -31.54 5.82
CA TRP A 1003 -31.01 -31.09 4.44
C TRP A 1003 -31.56 -32.16 3.51
N ARG A 1004 -31.12 -33.40 3.70
CA ARG A 1004 -31.58 -34.47 2.82
C ARG A 1004 -33.08 -34.70 2.99
N LEU A 1005 -33.60 -34.48 4.20
CA LEU A 1005 -35.03 -34.60 4.42
C LEU A 1005 -35.80 -33.50 3.69
N THR A 1006 -35.37 -32.25 3.89
CA THR A 1006 -36.09 -31.11 3.32
C THR A 1006 -36.17 -31.16 1.81
N LYS A 1007 -35.23 -31.86 1.16
CA LYS A 1007 -35.33 -32.05 -0.28
C LYS A 1007 -36.62 -32.76 -0.68
N GLU A 1008 -37.25 -33.47 0.26
CA GLU A 1008 -38.49 -34.18 -0.02
C GLU A 1008 -39.69 -33.24 0.13
N GLU A 1009 -40.83 -33.70 -0.37
CA GLU A 1009 -42.05 -32.92 -0.25
C GLU A 1009 -42.54 -32.94 1.19
N PRO A 1010 -43.01 -31.81 1.73
CA PRO A 1010 -43.47 -31.79 3.12
C PRO A 1010 -44.42 -32.93 3.47
N LEU A 1011 -45.42 -33.16 2.62
CA LEU A 1011 -46.35 -34.25 2.86
C LEU A 1011 -45.63 -35.58 2.71
N SER A 1012 -44.60 -35.65 1.87
CA SER A 1012 -43.81 -36.88 1.76
C SER A 1012 -43.00 -37.11 3.02
N GLN A 1013 -42.44 -36.04 3.60
CA GLN A 1013 -41.75 -36.18 4.87
C GLN A 1013 -42.69 -36.69 5.96
N ILE A 1014 -43.87 -36.10 6.05
CA ILE A 1014 -44.83 -36.50 7.07
C ILE A 1014 -45.27 -37.94 6.84
N THR A 1015 -45.40 -38.33 5.57
CA THR A 1015 -45.79 -39.71 5.26
C THR A 1015 -44.72 -40.69 5.70
N ALA A 1016 -43.46 -40.38 5.42
CA ALA A 1016 -42.39 -41.29 5.82
C ALA A 1016 -42.28 -41.34 7.34
N TYR A 1017 -42.46 -40.20 8.00
CA TYR A 1017 -42.41 -40.15 9.45
C TYR A 1017 -43.47 -41.05 10.06
N CYS A 1018 -44.73 -40.90 9.65
CA CYS A 1018 -45.80 -41.65 10.30
C CYS A 1018 -45.87 -43.11 9.84
N ASN A 1019 -45.77 -43.35 8.53
CA ASN A 1019 -46.04 -44.67 8.00
C ASN A 1019 -44.91 -45.65 8.29
N SER A 1020 -43.68 -45.25 8.00
CA SER A 1020 -42.54 -46.13 8.25
C SER A 1020 -42.23 -46.16 9.74
N CYS A 1021 -41.92 -47.35 10.25
CA CYS A 1021 -41.73 -47.57 11.68
C CYS A 1021 -40.27 -47.48 12.07
N TRP A 1022 -39.52 -46.60 11.40
CA TRP A 1022 -38.11 -46.42 11.66
C TRP A 1022 -37.82 -45.94 13.08
N ASP A 1023 -38.83 -45.42 13.79
CA ASP A 1023 -38.59 -44.66 15.01
C ASP A 1023 -38.20 -45.53 16.19
N THR A 1024 -38.48 -46.84 16.14
CA THR A 1024 -38.32 -47.77 17.26
C THR A 1024 -36.91 -47.72 17.85
N LYS A 1025 -36.04 -46.99 17.15
CA LYS A 1025 -34.62 -46.79 17.42
C LYS A 1025 -34.34 -46.03 18.72
N GLY A 1026 -35.37 -45.51 19.39
CA GLY A 1026 -35.16 -44.61 20.51
C GLY A 1026 -35.71 -43.24 20.17
N LEU A 1027 -36.85 -42.90 20.76
CA LEU A 1027 -37.63 -41.75 20.35
C LEU A 1027 -37.06 -40.41 20.80
N GLU A 1028 -35.96 -40.40 21.57
CA GLU A 1028 -35.42 -39.16 22.12
C GLU A 1028 -34.00 -38.88 21.67
N ASP A 1029 -33.45 -39.67 20.76
CA ASP A 1029 -32.13 -39.36 20.22
C ASP A 1029 -32.18 -38.08 19.42
N SER A 1030 -31.02 -37.66 18.90
CA SER A 1030 -30.93 -36.40 18.20
C SER A 1030 -31.53 -36.47 16.80
N VAL A 1031 -31.43 -37.63 16.16
CA VAL A 1031 -32.04 -37.81 14.84
C VAL A 1031 -33.56 -37.69 14.93
N ALA A 1032 -34.16 -38.28 15.95
CA ALA A 1032 -35.60 -38.20 16.11
C ALA A 1032 -36.03 -36.76 16.30
N LYS A 1033 -35.30 -35.99 17.11
CA LYS A 1033 -35.67 -34.61 17.35
C LYS A 1033 -35.46 -33.74 16.11
N THR A 1034 -34.42 -34.05 15.32
CA THR A 1034 -34.21 -33.32 14.07
C THR A 1034 -35.34 -33.59 13.09
N PHE A 1035 -35.74 -34.85 12.96
CA PHE A 1035 -36.80 -35.19 12.02
C PHE A 1035 -38.14 -34.65 12.50
N GLU A 1036 -38.39 -34.70 13.81
CA GLU A 1036 -39.59 -34.07 14.37
C GLU A 1036 -39.63 -32.58 14.04
N LYS A 1037 -38.51 -31.89 14.23
CA LYS A 1037 -38.41 -30.49 13.83
C LYS A 1037 -38.79 -30.33 12.36
N CYS A 1038 -38.15 -31.09 11.48
CA CYS A 1038 -38.42 -30.97 10.06
C CYS A 1038 -39.90 -31.23 9.76
N ILE A 1039 -40.51 -32.15 10.48
CA ILE A 1039 -41.90 -32.52 10.23
C ILE A 1039 -42.83 -31.42 10.70
N ILE A 1040 -42.51 -30.78 11.82
CA ILE A 1040 -43.31 -29.65 12.27
C ILE A 1040 -43.20 -28.50 11.28
N GLU A 1041 -42.02 -28.29 10.70
CA GLU A 1041 -41.89 -27.28 9.66
C GLU A 1041 -42.71 -27.65 8.43
N ALA A 1042 -42.73 -28.94 8.09
CA ALA A 1042 -43.54 -29.40 6.96
C ALA A 1042 -45.02 -29.14 7.23
N VAL A 1043 -45.47 -29.45 8.44
CA VAL A 1043 -46.87 -29.21 8.81
C VAL A 1043 -47.19 -27.72 8.75
N SER A 1044 -46.24 -26.89 9.17
CA SER A 1044 -46.45 -25.44 9.06
C SER A 1044 -46.62 -25.02 7.61
N SER A 1045 -45.76 -25.54 6.73
CA SER A 1045 -45.88 -25.23 5.30
C SER A 1045 -47.25 -25.67 4.78
N ALA A 1046 -47.69 -26.86 5.17
CA ALA A 1046 -48.96 -27.36 4.67
C ALA A 1046 -50.12 -26.52 5.18
N CYS A 1047 -50.10 -26.14 6.46
CA CYS A 1047 -51.14 -25.28 7.00
C CYS A 1047 -51.17 -23.91 6.32
N GLN A 1048 -49.99 -23.31 6.11
CA GLN A 1048 -49.97 -22.04 5.36
C GLN A 1048 -50.49 -22.23 3.95
N SER A 1049 -50.26 -23.41 3.36
CA SER A 1049 -50.74 -23.72 2.02
C SER A 1049 -52.19 -24.17 2.02
N GLN A 1050 -52.81 -24.34 3.19
CA GLN A 1050 -54.19 -24.78 3.33
C GLN A 1050 -54.40 -26.18 2.74
N THR A 1051 -53.33 -26.93 2.56
CA THR A 1051 -53.44 -28.30 2.05
C THR A 1051 -53.86 -29.22 3.19
N SER A 1052 -55.01 -29.87 3.02
CA SER A 1052 -55.47 -30.85 4.00
C SER A 1052 -54.63 -32.11 3.83
N ILE A 1053 -53.77 -32.38 4.82
CA ILE A 1053 -52.84 -33.50 4.70
C ILE A 1053 -53.43 -34.78 5.24
N LEU A 1054 -54.37 -34.70 6.19
CA LEU A 1054 -54.96 -35.90 6.77
C LEU A 1054 -55.93 -36.59 5.82
N GLN A 1055 -56.35 -35.94 4.75
CA GLN A 1055 -57.24 -36.57 3.77
C GLN A 1055 -56.45 -37.57 2.95
N GLY A 1056 -56.88 -38.82 2.95
CA GLY A 1056 -56.13 -39.87 2.27
C GLY A 1056 -54.83 -40.22 2.95
N PHE A 1057 -54.64 -39.81 4.20
CA PHE A 1057 -53.42 -40.06 4.93
C PHE A 1057 -53.40 -41.48 5.49
N SER A 1058 -52.19 -41.95 5.77
CA SER A 1058 -51.99 -43.26 6.38
C SER A 1058 -50.86 -43.14 7.40
N TYR A 1059 -50.89 -44.01 8.40
CA TYR A 1059 -49.92 -43.93 9.48
C TYR A 1059 -49.79 -45.30 10.14
N SER A 1060 -48.62 -45.54 10.72
CA SER A 1060 -48.33 -46.78 11.42
C SER A 1060 -47.92 -46.56 12.87
N ASP A 1061 -47.13 -45.52 13.15
CA ASP A 1061 -46.72 -45.20 14.51
C ASP A 1061 -47.72 -44.20 15.09
N LEU A 1062 -48.47 -44.64 16.09
CA LEU A 1062 -49.47 -43.76 16.69
C LEU A 1062 -48.84 -42.55 17.36
N ARG A 1063 -47.66 -42.73 17.95
CA ARG A 1063 -46.99 -41.61 18.62
C ARG A 1063 -46.63 -40.53 17.60
N LYS A 1064 -46.03 -40.93 16.49
CA LYS A 1064 -45.58 -39.96 15.50
C LYS A 1064 -46.74 -39.35 14.75
N PHE A 1065 -47.80 -40.13 14.49
CA PHE A 1065 -48.99 -39.56 13.90
C PHE A 1065 -49.65 -38.57 14.84
N GLY A 1066 -49.63 -38.86 16.15
CA GLY A 1066 -50.15 -37.91 17.11
C GLY A 1066 -49.33 -36.64 17.17
N ILE A 1067 -48.01 -36.75 16.98
CA ILE A 1067 -47.18 -35.56 16.94
C ILE A 1067 -47.52 -34.73 15.71
N VAL A 1068 -47.69 -35.39 14.57
CA VAL A 1068 -48.07 -34.68 13.34
C VAL A 1068 -49.43 -34.02 13.52
N LEU A 1069 -50.39 -34.75 14.07
CA LEU A 1069 -51.72 -34.20 14.31
C LEU A 1069 -51.68 -32.99 15.22
N SER A 1070 -50.86 -33.05 16.28
CA SER A 1070 -50.74 -31.91 17.17
C SER A 1070 -50.12 -30.72 16.46
N ALA A 1071 -49.16 -30.97 15.59
CA ALA A 1071 -48.56 -29.89 14.84
C ALA A 1071 -49.57 -29.26 13.89
N VAL A 1072 -50.42 -30.10 13.28
CA VAL A 1072 -51.47 -29.58 12.40
C VAL A 1072 -52.43 -28.71 13.18
N ILE A 1073 -52.87 -29.18 14.34
CA ILE A 1073 -53.81 -28.42 15.15
C ILE A 1073 -53.20 -27.07 15.53
N THR A 1074 -51.97 -27.10 16.04
CA THR A 1074 -51.37 -25.88 16.57
C THR A 1074 -51.02 -24.89 15.46
N LYS A 1075 -50.48 -25.38 14.33
CA LYS A 1075 -50.07 -24.48 13.26
C LYS A 1075 -51.25 -23.94 12.46
N SER A 1076 -52.33 -24.73 12.34
CA SER A 1076 -53.50 -24.24 11.62
C SER A 1076 -54.27 -23.20 12.42
N TRP A 1077 -54.08 -23.17 13.73
CA TRP A 1077 -54.84 -22.26 14.57
C TRP A 1077 -54.61 -20.82 14.14
N PRO A 1078 -55.63 -19.95 14.25
CA PRO A 1078 -55.41 -18.54 13.92
C PRO A 1078 -54.40 -17.89 14.84
N ARG A 1079 -53.79 -16.81 14.35
CA ARG A 1079 -52.88 -16.03 15.18
C ARG A 1079 -53.60 -15.43 16.37
N THR A 1080 -54.83 -14.95 16.15
CA THR A 1080 -55.70 -14.51 17.24
C THR A 1080 -56.40 -15.73 17.83
N ALA A 1081 -55.61 -16.51 18.57
CA ALA A 1081 -56.02 -17.84 19.01
C ALA A 1081 -57.28 -17.83 19.88
N ASP A 1082 -57.70 -16.68 20.39
CA ASP A 1082 -58.85 -16.62 21.29
C ASP A 1082 -60.08 -15.98 20.66
N ASN A 1083 -59.98 -15.45 19.45
CA ASN A 1083 -61.13 -14.81 18.80
C ASN A 1083 -62.19 -15.86 18.53
N PHE A 1084 -63.29 -15.80 19.28
CA PHE A 1084 -64.37 -16.78 19.14
C PHE A 1084 -64.82 -16.90 17.69
N ASN A 1085 -65.02 -15.76 17.03
CA ASN A 1085 -65.50 -15.79 15.64
C ASN A 1085 -64.42 -16.28 14.69
N ASP A 1086 -63.17 -15.91 14.93
CA ASP A 1086 -62.09 -16.40 14.08
C ASP A 1086 -61.82 -17.87 14.35
N ILE A 1087 -62.05 -18.33 15.58
CA ILE A 1087 -61.98 -19.76 15.88
C ILE A 1087 -63.04 -20.50 15.09
N LEU A 1088 -64.28 -20.01 15.13
CA LEU A 1088 -65.36 -20.66 14.38
C LEU A 1088 -65.06 -20.66 12.88
N LYS A 1089 -64.51 -19.55 12.38
CA LYS A 1089 -64.13 -19.49 10.96
C LYS A 1089 -63.06 -20.52 10.64
N HIS A 1090 -62.06 -20.65 11.53
CA HIS A 1090 -61.03 -21.66 11.34
C HIS A 1090 -61.64 -23.06 11.28
N LEU A 1091 -62.53 -23.35 12.21
CA LEU A 1091 -63.12 -24.68 12.29
C LEU A 1091 -63.93 -24.99 11.04
N LEU A 1092 -64.74 -24.04 10.58
CA LEU A 1092 -65.60 -24.28 9.42
C LEU A 1092 -64.80 -24.34 8.12
N THR A 1093 -63.85 -23.42 7.94
CA THR A 1093 -63.17 -23.31 6.65
C THR A 1093 -62.17 -24.43 6.42
N LEU A 1094 -61.43 -24.84 7.45
CA LEU A 1094 -60.35 -25.80 7.29
C LEU A 1094 -60.91 -27.22 7.35
N ALA A 1095 -60.47 -28.05 6.39
CA ALA A 1095 -60.94 -29.42 6.33
C ALA A 1095 -60.23 -30.34 7.30
N ASP A 1096 -58.95 -30.06 7.59
CA ASP A 1096 -58.21 -30.90 8.51
C ASP A 1096 -58.90 -31.02 9.87
N VAL A 1097 -59.68 -30.01 10.24
CA VAL A 1097 -60.42 -30.09 11.50
C VAL A 1097 -61.38 -31.27 11.48
N LYS A 1098 -62.03 -31.50 10.34
CA LYS A 1098 -62.91 -32.66 10.22
C LYS A 1098 -62.14 -33.93 10.49
N HIS A 1099 -60.93 -34.03 9.94
CA HIS A 1099 -60.13 -35.24 10.07
C HIS A 1099 -59.68 -35.42 11.51
N VAL A 1100 -59.30 -34.31 12.16
CA VAL A 1100 -58.88 -34.37 13.56
C VAL A 1100 -60.01 -34.92 14.42
N PHE A 1101 -61.22 -34.37 14.23
CA PHE A 1101 -62.35 -34.82 15.03
C PHE A 1101 -62.67 -36.28 14.70
N ARG A 1102 -62.53 -36.67 13.45
CA ARG A 1102 -62.83 -38.04 13.05
C ARG A 1102 -61.86 -39.01 13.71
N LEU A 1103 -60.57 -38.71 13.63
CA LEU A 1103 -59.55 -39.55 14.22
C LEU A 1103 -59.75 -39.66 15.74
N CYS A 1104 -59.87 -38.51 16.41
CA CYS A 1104 -60.06 -38.52 17.85
C CYS A 1104 -61.34 -39.25 18.25
N GLY A 1105 -62.33 -39.28 17.35
CA GLY A 1105 -63.56 -40.00 17.64
C GLY A 1105 -63.46 -41.49 17.45
N THR A 1106 -62.64 -41.93 16.48
CA THR A 1106 -62.61 -43.36 16.16
C THR A 1106 -62.01 -44.18 17.30
N ASP A 1107 -60.74 -43.94 17.63
CA ASP A 1107 -60.07 -44.74 18.63
C ASP A 1107 -59.26 -43.84 19.57
N GLU A 1108 -59.15 -44.29 20.81
CA GLU A 1108 -58.52 -43.51 21.88
C GLU A 1108 -57.03 -43.28 21.64
N LYS A 1109 -56.36 -44.15 20.90
CA LYS A 1109 -54.90 -44.11 20.91
C LYS A 1109 -54.36 -42.82 20.32
N ILE A 1110 -55.05 -42.26 19.34
CA ILE A 1110 -54.60 -41.00 18.74
C ILE A 1110 -54.68 -39.87 19.76
N LEU A 1111 -55.83 -39.76 20.45
CA LEU A 1111 -55.98 -38.69 21.42
C LEU A 1111 -54.97 -38.83 22.54
N ALA A 1112 -54.73 -40.06 23.00
CA ALA A 1112 -53.72 -40.28 24.04
C ALA A 1112 -52.35 -39.82 23.58
N ASN A 1113 -52.00 -40.10 22.32
CA ASN A 1113 -50.68 -39.70 21.82
C ASN A 1113 -50.58 -38.22 21.48
N VAL A 1114 -51.69 -37.48 21.50
CA VAL A 1114 -51.67 -36.07 21.14
C VAL A 1114 -51.20 -35.24 22.34
N THR A 1115 -50.57 -34.10 22.05
CA THR A 1115 -49.94 -33.28 23.06
C THR A 1115 -50.99 -32.49 23.86
N GLU A 1116 -50.51 -31.62 24.75
CA GLU A 1116 -51.39 -30.85 25.62
C GLU A 1116 -51.85 -29.55 24.98
N ASP A 1117 -51.02 -28.95 24.12
CA ASP A 1117 -51.45 -27.77 23.38
C ASP A 1117 -52.61 -28.11 22.45
N ALA A 1118 -52.46 -29.20 21.70
CA ALA A 1118 -53.54 -29.67 20.83
C ALA A 1118 -54.79 -30.01 21.63
N LYS A 1119 -54.64 -30.64 22.79
CA LYS A 1119 -55.80 -30.93 23.61
C LYS A 1119 -56.49 -29.65 24.09
N ARG A 1120 -55.71 -28.60 24.36
CA ARG A 1120 -56.30 -27.33 24.74
C ARG A 1120 -57.05 -26.71 23.58
N LEU A 1121 -56.46 -26.75 22.39
CA LEU A 1121 -57.13 -26.18 21.22
C LEU A 1121 -58.40 -26.97 20.90
N ILE A 1122 -58.37 -28.28 21.11
CA ILE A 1122 -59.57 -29.10 20.94
C ILE A 1122 -60.62 -28.70 21.96
N ALA A 1123 -60.20 -28.36 23.18
CA ALA A 1123 -61.18 -27.92 24.18
C ALA A 1123 -61.76 -26.57 23.80
N VAL A 1124 -60.96 -25.72 23.17
CA VAL A 1124 -61.47 -24.45 22.65
C VAL A 1124 -62.51 -24.71 21.57
N ALA A 1125 -62.20 -25.62 20.66
CA ALA A 1125 -63.14 -25.97 19.60
C ALA A 1125 -64.45 -26.49 20.18
N ASP A 1126 -64.37 -27.40 21.15
CA ASP A 1126 -65.57 -27.94 21.77
C ASP A 1126 -66.40 -26.86 22.43
N SER A 1127 -65.75 -25.95 23.16
CA SER A 1127 -66.49 -24.88 23.84
C SER A 1127 -67.16 -23.98 22.82
N VAL A 1128 -66.43 -23.60 21.78
CA VAL A 1128 -66.99 -22.76 20.72
C VAL A 1128 -68.22 -23.43 20.12
N LEU A 1129 -68.09 -24.70 19.72
CA LEU A 1129 -69.20 -25.39 19.07
C LEU A 1129 -70.39 -25.50 20.00
N THR A 1130 -70.16 -25.74 21.29
CA THR A 1130 -71.29 -25.92 22.19
C THR A 1130 -71.98 -24.60 22.46
N LYS A 1131 -71.23 -23.50 22.51
CA LYS A 1131 -71.84 -22.19 22.63
C LYS A 1131 -72.66 -21.88 21.38
N VAL A 1132 -72.09 -22.11 20.20
CA VAL A 1132 -72.80 -21.89 18.96
C VAL A 1132 -74.11 -22.67 18.95
N VAL A 1133 -74.06 -23.94 19.35
CA VAL A 1133 -75.26 -24.76 19.34
C VAL A 1133 -76.29 -24.23 20.34
N GLY A 1134 -75.83 -23.73 21.49
CA GLY A 1134 -76.77 -23.21 22.46
C GLY A 1134 -77.42 -21.94 21.96
N ASP A 1135 -76.65 -21.12 21.24
CA ASP A 1135 -77.17 -19.89 20.66
C ASP A 1135 -78.18 -20.21 19.58
N LEU A 1136 -77.85 -21.16 18.71
CA LEU A 1136 -78.76 -21.58 17.65
C LEU A 1136 -80.07 -22.07 18.26
N LEU A 1137 -79.99 -23.02 19.19
CA LEU A 1137 -81.20 -23.60 19.75
C LEU A 1137 -82.04 -22.55 20.47
N SER A 1138 -81.40 -21.64 21.21
CA SER A 1138 -82.16 -20.65 21.95
C SER A 1138 -82.58 -19.49 21.07
N GLY A 1139 -81.69 -19.00 20.21
CA GLY A 1139 -81.97 -17.86 19.37
C GLY A 1139 -81.09 -16.67 19.68
N THR A 1140 -80.13 -16.86 20.58
CA THR A 1140 -79.27 -15.80 21.05
C THR A 1140 -78.04 -15.62 20.16
N ILE A 1141 -78.09 -16.06 18.92
CA ILE A 1141 -76.93 -16.01 18.04
C ILE A 1141 -76.86 -14.66 17.35
N LEU A 1142 -75.65 -14.13 17.22
CA LEU A 1142 -75.40 -13.00 16.36
C LEU A 1142 -75.63 -13.38 14.91
N VAL A 1143 -75.91 -12.37 14.09
CA VAL A 1143 -76.25 -12.64 12.69
C VAL A 1143 -75.03 -12.98 11.85
N GLY A 1144 -73.85 -12.56 12.27
CA GLY A 1144 -72.66 -12.92 11.52
C GLY A 1144 -72.30 -14.38 11.72
N GLN A 1145 -72.51 -14.87 12.94
CA GLN A 1145 -72.26 -16.28 13.22
C GLN A 1145 -73.25 -17.13 12.44
N LEU A 1146 -74.50 -16.70 12.39
CA LEU A 1146 -75.52 -17.45 11.69
C LEU A 1146 -75.24 -17.45 10.19
N GLU A 1147 -74.75 -16.34 9.66
CA GLU A 1147 -74.43 -16.26 8.24
C GLU A 1147 -73.29 -17.21 7.91
N LEU A 1148 -72.25 -17.21 8.73
CA LEU A 1148 -71.11 -18.07 8.47
C LEU A 1148 -71.50 -19.53 8.62
N ILE A 1149 -72.46 -19.81 9.50
CA ILE A 1149 -72.86 -21.18 9.75
C ILE A 1149 -73.69 -21.69 8.59
N ILE A 1150 -74.58 -20.84 8.07
CA ILE A 1150 -75.37 -21.20 6.90
C ILE A 1150 -74.44 -21.48 5.73
N LYS A 1151 -73.52 -20.55 5.47
CA LYS A 1151 -72.59 -20.77 4.35
C LYS A 1151 -71.79 -22.05 4.54
N HIS A 1152 -71.57 -22.47 5.78
CA HIS A 1152 -70.76 -23.65 6.09
C HIS A 1152 -71.53 -24.66 6.94
N LYS A 1153 -72.77 -24.97 6.54
CA LYS A 1153 -73.62 -25.82 7.36
C LYS A 1153 -73.12 -27.26 7.43
N ASN A 1154 -72.49 -27.75 6.37
CA ASN A 1154 -72.10 -29.17 6.32
C ASN A 1154 -70.98 -29.46 7.31
N GLN A 1155 -69.91 -28.67 7.27
CA GLN A 1155 -68.82 -28.86 8.22
C GLN A 1155 -69.30 -28.67 9.64
N PHE A 1156 -70.16 -27.68 9.87
CA PHE A 1156 -70.66 -27.45 11.22
C PHE A 1156 -71.38 -28.69 11.74
N LEU A 1157 -72.30 -29.23 10.94
CA LEU A 1157 -73.12 -30.33 11.46
C LEU A 1157 -72.31 -31.62 11.57
N ASP A 1158 -71.36 -31.86 10.69
CA ASP A 1158 -70.52 -33.04 10.86
C ASP A 1158 -69.64 -32.92 12.10
N ILE A 1159 -68.98 -31.76 12.28
CA ILE A 1159 -68.14 -31.58 13.46
C ILE A 1159 -68.95 -31.73 14.72
N TRP A 1160 -70.16 -31.16 14.75
CA TRP A 1160 -70.99 -31.30 15.94
C TRP A 1160 -71.42 -32.73 16.16
N GLN A 1161 -71.71 -33.48 15.09
CA GLN A 1161 -72.07 -34.87 15.27
C GLN A 1161 -70.91 -35.65 15.87
N LEU A 1162 -69.69 -35.38 15.40
CA LEU A 1162 -68.52 -36.06 15.94
C LEU A 1162 -68.34 -35.73 17.41
N ARG A 1163 -68.40 -34.43 17.74
CA ARG A 1163 -68.28 -34.03 19.14
C ARG A 1163 -69.35 -34.68 20.00
N GLU A 1164 -70.61 -34.61 19.58
CA GLU A 1164 -71.68 -35.13 20.42
C GLU A 1164 -71.55 -36.64 20.60
N LYS A 1165 -71.06 -37.37 19.60
CA LYS A 1165 -70.76 -38.76 19.82
C LYS A 1165 -69.60 -38.92 20.81
N SER A 1166 -68.65 -37.98 20.79
CA SER A 1166 -67.58 -37.96 21.77
C SER A 1166 -68.05 -37.49 23.14
N LEU A 1167 -69.16 -36.77 23.20
CA LEU A 1167 -69.69 -36.25 24.47
C LEU A 1167 -71.10 -36.75 24.70
N CYS A 1174 -79.69 -34.13 16.53
CA CYS A 1174 -80.38 -33.83 15.28
C CYS A 1174 -81.12 -32.49 15.36
N ALA A 1175 -81.30 -32.01 16.59
CA ALA A 1175 -81.98 -30.74 16.82
C ALA A 1175 -81.21 -29.54 16.25
N VAL A 1176 -79.89 -29.67 16.07
CA VAL A 1176 -79.12 -28.56 15.52
C VAL A 1176 -79.49 -28.29 14.07
N GLU A 1177 -79.87 -29.31 13.30
CA GLU A 1177 -80.31 -29.06 11.93
C GLU A 1177 -81.61 -28.26 11.92
N GLU A 1178 -82.57 -28.67 12.76
CA GLU A 1178 -83.79 -27.89 12.90
C GLU A 1178 -83.46 -26.46 13.30
N ALA A 1179 -82.52 -26.30 14.23
CA ALA A 1179 -82.18 -24.96 14.71
C ALA A 1179 -81.61 -24.11 13.58
N LEU A 1180 -80.71 -24.68 12.79
CA LEU A 1180 -80.10 -23.93 11.71
C LEU A 1180 -81.12 -23.58 10.65
N ASP A 1181 -82.09 -24.47 10.41
CA ASP A 1181 -83.17 -24.13 9.50
C ASP A 1181 -84.02 -23.00 10.05
N TRP A 1182 -84.39 -23.09 11.33
CA TRP A 1182 -85.16 -22.04 11.98
C TRP A 1182 -84.49 -20.69 11.80
N ARG A 1183 -83.20 -20.64 12.08
CA ARG A 1183 -82.44 -19.41 11.99
C ARG A 1183 -82.22 -18.96 10.56
N ARG A 1184 -82.16 -19.91 9.60
CA ARG A 1184 -82.05 -19.49 8.21
C ARG A 1184 -83.33 -18.83 7.73
N GLU A 1185 -84.48 -19.40 8.11
CA GLU A 1185 -85.74 -18.79 7.76
C GLU A 1185 -85.85 -17.40 8.38
N GLU A 1186 -85.50 -17.29 9.66
CA GLU A 1186 -85.60 -16.00 10.34
C GLU A 1186 -84.64 -14.98 9.75
N LEU A 1187 -83.46 -15.43 9.29
CA LEU A 1187 -82.48 -14.51 8.74
C LEU A 1187 -82.89 -14.05 7.35
N LEU A 1188 -83.48 -14.96 6.57
CA LEU A 1188 -84.01 -14.56 5.27
C LEU A 1188 -85.14 -13.55 5.43
N LEU A 1189 -86.00 -13.75 6.44
CA LEU A 1189 -87.01 -12.74 6.73
C LEU A 1189 -86.38 -11.40 7.08
N LEU A 1190 -85.35 -11.42 7.92
CA LEU A 1190 -84.72 -10.17 8.33
C LEU A 1190 -84.10 -9.47 7.14
N LYS A 1191 -83.51 -10.24 6.22
CA LYS A 1191 -82.85 -9.64 5.07
C LYS A 1191 -83.87 -9.14 4.06
N LYS A 1192 -84.99 -9.83 3.93
CA LYS A 1192 -86.09 -9.34 3.11
C LYS A 1192 -86.55 -7.97 3.60
N GLU A 1193 -86.76 -7.85 4.91
CA GLU A 1193 -87.24 -6.58 5.46
C GLU A 1193 -86.19 -5.49 5.29
N LYS A 1194 -84.92 -5.83 5.54
CA LYS A 1194 -83.85 -4.86 5.33
C LYS A 1194 -83.84 -4.38 3.89
N ARG A 1195 -84.05 -5.28 2.93
CA ARG A 1195 -83.95 -4.89 1.53
C ARG A 1195 -85.17 -4.09 1.08
N CYS A 1196 -86.33 -4.38 1.64
CA CYS A 1196 -87.50 -3.52 1.41
C CYS A 1196 -87.24 -2.12 1.91
N VAL A 1197 -86.72 -2.01 3.14
CA VAL A 1197 -86.46 -0.70 3.71
C VAL A 1197 -85.38 0.02 2.91
N ASP A 1198 -84.39 -0.72 2.43
CA ASP A 1198 -83.34 -0.12 1.62
C ASP A 1198 -83.90 0.43 0.32
N SER A 1199 -84.81 -0.32 -0.31
CA SER A 1199 -85.41 0.17 -1.55
C SER A 1199 -86.21 1.43 -1.30
N LEU A 1200 -86.99 1.47 -0.22
CA LEU A 1200 -87.74 2.67 0.12
C LEU A 1200 -86.80 3.85 0.35
N LEU A 1201 -85.73 3.61 1.11
CA LEU A 1201 -84.76 4.66 1.39
C LEU A 1201 -84.13 5.17 0.10
N LYS A 1202 -83.83 4.27 -0.83
CA LYS A 1202 -83.21 4.67 -2.07
C LYS A 1202 -84.18 5.49 -2.92
N MET A 1203 -85.45 5.12 -2.90
CA MET A 1203 -86.46 5.91 -3.61
C MET A 1203 -86.50 7.33 -3.06
N CYS A 1204 -86.55 7.45 -1.74
CA CYS A 1204 -86.58 8.77 -1.13
C CYS A 1204 -85.29 9.53 -1.39
N GLY A 1205 -84.16 8.82 -1.49
CA GLY A 1205 -82.92 9.49 -1.83
C GLY A 1205 -82.90 9.97 -3.26
N ASN A 1206 -83.64 9.27 -4.13
CA ASN A 1206 -83.75 9.70 -5.52
C ASN A 1206 -84.58 10.96 -5.62
N VAL A 1207 -85.70 11.02 -4.88
CA VAL A 1207 -86.53 12.22 -4.87
C VAL A 1207 -85.98 13.25 -3.89
N LYS A 1208 -84.82 12.97 -3.31
CA LYS A 1208 -84.18 13.91 -2.39
C LYS A 1208 -84.13 15.31 -2.96
N HIS A 1209 -83.66 15.45 -4.20
CA HIS A 1209 -83.46 16.76 -4.79
C HIS A 1209 -84.69 17.65 -4.68
N LEU A 1210 -85.86 17.07 -4.46
CA LEU A 1210 -87.11 17.81 -4.38
C LEU A 1210 -87.82 17.65 -3.05
N ILE A 1211 -87.82 16.45 -2.47
CA ILE A 1211 -88.56 16.15 -1.25
C ILE A 1211 -87.65 15.45 -0.27
N GLN A 1212 -87.71 15.85 0.99
CA GLN A 1212 -86.92 15.28 2.07
C GLN A 1212 -87.84 14.63 3.08
N VAL A 1213 -87.43 13.47 3.60
CA VAL A 1213 -88.22 12.72 4.57
C VAL A 1213 -87.44 12.63 5.87
N ASP A 1214 -88.17 12.45 6.96
CA ASP A 1214 -87.59 12.32 8.30
C ASP A 1214 -88.13 11.05 8.93
N PHE A 1215 -87.32 10.00 8.96
CA PHE A 1215 -87.64 8.73 9.60
C PHE A 1215 -86.46 8.26 10.42
N GLY A 1216 -85.94 9.17 11.25
CA GLY A 1216 -84.75 8.92 12.05
C GLY A 1216 -84.68 7.54 12.65
N VAL A 1217 -85.78 7.08 13.25
CA VAL A 1217 -85.77 5.78 13.91
C VAL A 1217 -85.45 4.69 12.91
N LEU A 1218 -86.05 4.77 11.72
CA LEU A 1218 -85.88 3.70 10.75
C LEU A 1218 -84.50 3.76 10.12
N ALA A 1219 -83.96 4.97 9.92
CA ALA A 1219 -82.63 5.08 9.33
C ALA A 1219 -81.58 4.61 10.30
N VAL A 1220 -81.75 4.91 11.58
CA VAL A 1220 -80.83 4.40 12.59
C VAL A 1220 -80.90 2.89 12.64
N ARG A 1221 -82.12 2.33 12.72
CA ARG A 1221 -82.26 0.89 12.80
C ARG A 1221 -81.63 0.20 11.60
N HIS A 1222 -81.87 0.74 10.40
CA HIS A 1222 -81.30 0.17 9.19
C HIS A 1222 -79.78 0.32 9.15
N SER A 1223 -79.25 1.41 9.71
CA SER A 1223 -77.82 1.67 9.62
C SER A 1223 -77.00 0.73 10.49
N GLN A 1224 -77.60 0.15 11.53
CA GLN A 1224 -76.85 -0.72 12.43
C GLN A 1224 -76.34 -1.94 11.68
N ASP A 1225 -75.10 -2.34 11.98
CA ASP A 1225 -74.52 -3.53 11.40
C ASP A 1225 -75.03 -4.77 12.13
N LEU A 1226 -75.59 -5.71 11.38
CA LEU A 1226 -76.31 -6.83 11.98
C LEU A 1226 -75.37 -7.90 12.52
N SER A 1227 -74.19 -8.07 11.93
CA SER A 1227 -73.35 -9.20 12.31
C SER A 1227 -73.11 -9.25 13.81
N SER A 1228 -73.00 -8.10 14.46
CA SER A 1228 -72.80 -8.10 15.91
C SER A 1228 -74.10 -8.33 16.65
N LYS A 1229 -75.23 -8.10 16.00
CA LYS A 1229 -76.52 -8.05 16.67
C LYS A 1229 -77.06 -9.45 16.87
N ARG A 1230 -77.59 -9.70 18.07
CA ARG A 1230 -78.12 -11.01 18.39
C ARG A 1230 -79.47 -11.21 17.72
N LEU A 1231 -79.66 -12.38 17.13
CA LEU A 1231 -80.83 -12.63 16.28
C LEU A 1231 -82.12 -12.39 17.03
N ASN A 1232 -82.21 -12.90 18.26
CA ASN A 1232 -83.48 -12.82 18.99
C ASN A 1232 -83.88 -11.38 19.27
N ASP A 1233 -82.91 -10.47 19.37
CA ASP A 1233 -83.25 -9.05 19.47
C ASP A 1233 -83.75 -8.50 18.15
N THR A 1234 -83.12 -8.88 17.05
CA THR A 1234 -83.52 -8.36 15.75
C THR A 1234 -84.83 -8.97 15.25
N VAL A 1235 -85.11 -10.20 15.63
CA VAL A 1235 -86.29 -10.89 15.11
C VAL A 1235 -86.69 -11.99 16.06
N THR A 1236 -88.00 -12.19 16.19
CA THR A 1236 -88.52 -13.30 16.98
C THR A 1236 -88.11 -14.63 16.34
N VAL A 1237 -87.67 -15.56 17.17
CA VAL A 1237 -87.11 -16.82 16.71
C VAL A 1237 -88.11 -17.94 16.91
N ARG A 1238 -87.94 -19.02 16.16
CA ARG A 1238 -88.86 -20.15 16.18
C ARG A 1238 -88.51 -21.10 17.31
N LEU A 1239 -89.47 -21.36 18.17
CA LEU A 1239 -89.37 -22.36 19.23
C LEU A 1239 -90.77 -22.85 19.55
N SER A 1240 -90.95 -24.16 19.59
CA SER A 1240 -92.22 -24.72 20.03
C SER A 1240 -92.47 -24.49 21.51
N THR A 1241 -91.51 -23.90 22.23
CA THR A 1241 -91.73 -23.49 23.61
C THR A 1241 -93.08 -22.82 23.74
N SER A 1242 -93.43 -21.99 22.76
CA SER A 1242 -94.78 -21.47 22.61
C SER A 1242 -95.23 -21.73 21.17
N SER A 1243 -96.37 -21.17 20.78
CA SER A 1243 -96.79 -21.29 19.39
C SER A 1243 -95.71 -20.76 18.47
N ASN A 1244 -95.76 -21.17 17.21
CA ASN A 1244 -94.80 -20.68 16.24
C ASN A 1244 -95.16 -19.23 15.92
N SER A 1245 -94.69 -18.31 16.75
CA SER A 1245 -95.14 -16.94 16.69
C SER A 1245 -94.82 -16.31 15.34
N GLN A 1246 -95.76 -15.51 14.84
CA GLN A 1246 -95.47 -14.68 13.68
C GLN A 1246 -94.28 -13.78 14.01
N ARG A 1247 -93.31 -13.75 13.11
CA ARG A 1247 -92.05 -13.07 13.38
C ARG A 1247 -92.22 -11.56 13.37
N ALA A 1248 -91.47 -10.89 14.24
CA ALA A 1248 -91.48 -9.44 14.37
C ALA A 1248 -90.04 -8.96 14.37
N THR A 1249 -89.79 -7.88 13.63
CA THR A 1249 -88.43 -7.49 13.29
C THR A 1249 -87.98 -6.26 14.08
N HIS A 1250 -86.70 -5.95 13.90
CA HIS A 1250 -86.10 -4.78 14.54
C HIS A 1250 -86.82 -3.50 14.17
N TYR A 1251 -87.49 -3.47 13.03
CA TYR A 1251 -88.10 -2.24 12.54
C TYR A 1251 -89.48 -2.00 13.16
N HIS A 1252 -90.31 -3.04 13.24
CA HIS A 1252 -91.70 -2.89 13.69
C HIS A 1252 -92.46 -1.97 12.74
N LEU A 1253 -92.33 -2.25 11.44
CA LEU A 1253 -92.96 -1.41 10.42
C LEU A 1253 -94.48 -1.43 10.56
N SER A 1254 -95.08 -0.26 10.39
CA SER A 1254 -96.52 -0.17 10.33
C SER A 1254 -97.05 -0.92 9.10
N SER A 1255 -98.35 -1.23 9.14
CA SER A 1255 -98.95 -1.96 8.03
C SER A 1255 -98.83 -1.18 6.73
N GLN A 1256 -99.09 0.13 6.78
CA GLN A 1256 -98.98 0.95 5.59
C GLN A 1256 -97.56 0.89 5.04
N VAL A 1257 -96.57 1.08 5.91
CA VAL A 1257 -95.19 1.11 5.44
C VAL A 1257 -94.74 -0.29 5.05
N GLN A 1258 -95.30 -1.33 5.67
CA GLN A 1258 -94.99 -2.69 5.24
C GLN A 1258 -95.42 -2.91 3.81
N GLU A 1259 -96.68 -2.57 3.50
CA GLU A 1259 -97.18 -2.70 2.13
C GLU A 1259 -96.34 -1.86 1.18
N MET A 1260 -96.12 -0.60 1.53
CA MET A 1260 -95.38 0.30 0.65
C MET A 1260 -94.00 -0.25 0.35
N ALA A 1261 -93.28 -0.70 1.39
CA ALA A 1261 -91.92 -1.16 1.18
C ALA A 1261 -91.90 -2.46 0.41
N GLY A 1262 -92.92 -3.31 0.58
CA GLY A 1262 -92.98 -4.53 -0.20
C GLY A 1262 -93.13 -4.23 -1.67
N LYS A 1263 -94.10 -3.38 -2.01
CA LYS A 1263 -94.31 -3.06 -3.41
C LYS A 1263 -93.11 -2.33 -3.99
N ILE A 1264 -92.61 -1.32 -3.29
CA ILE A 1264 -91.45 -0.57 -3.79
C ILE A 1264 -90.26 -1.51 -3.98
N ASP A 1265 -90.21 -2.60 -3.20
CA ASP A 1265 -89.17 -3.59 -3.41
C ASP A 1265 -89.44 -4.37 -4.69
N LEU A 1266 -90.71 -4.74 -4.90
CA LEU A 1266 -91.07 -5.45 -6.11
C LEU A 1266 -90.76 -4.63 -7.36
N LEU A 1267 -90.92 -3.31 -7.29
CA LEU A 1267 -90.68 -2.42 -8.40
C LEU A 1267 -89.35 -1.68 -8.29
N ARG A 1268 -88.42 -2.18 -7.48
CA ARG A 1268 -87.15 -1.48 -7.29
C ARG A 1268 -86.39 -1.35 -8.60
N ASP A 1269 -86.62 -2.27 -9.54
CA ASP A 1269 -85.96 -2.26 -10.84
C ASP A 1269 -86.84 -1.71 -11.95
N SER A 1270 -88.08 -1.37 -11.66
CA SER A 1270 -89.00 -0.87 -12.68
C SER A 1270 -88.67 0.58 -13.00
N HIS A 1271 -88.20 0.83 -14.23
CA HIS A 1271 -87.94 2.19 -14.65
C HIS A 1271 -89.20 3.02 -14.79
N ILE A 1272 -90.36 2.37 -14.88
CA ILE A 1272 -91.60 3.09 -15.13
C ILE A 1272 -92.26 3.53 -13.83
N PHE A 1273 -91.94 2.90 -12.71
CA PHE A 1273 -92.44 3.30 -11.40
C PHE A 1273 -91.52 4.28 -10.72
N GLN A 1274 -90.25 4.32 -11.10
CA GLN A 1274 -89.30 5.24 -10.50
C GLN A 1274 -89.75 6.68 -10.72
N LEU A 1275 -89.86 7.10 -11.98
CA LEU A 1275 -90.15 8.51 -12.22
C LEU A 1275 -91.52 8.87 -11.65
N PHE A 1276 -92.59 8.52 -12.35
CA PHE A 1276 -93.93 8.34 -11.80
C PHE A 1276 -94.23 9.12 -10.52
N TRP A 1277 -93.75 10.36 -10.38
CA TRP A 1277 -94.18 11.23 -9.29
C TRP A 1277 -93.45 12.56 -9.33
N ARG A 1278 -93.80 13.46 -8.42
CA ARG A 1278 -93.06 14.70 -8.23
C ARG A 1278 -91.84 14.47 -7.36
N ILE A 1308 -90.67 19.17 4.11
CA ILE A 1308 -90.17 17.86 4.50
C ILE A 1308 -91.35 16.98 4.92
N LEU A 1309 -91.33 15.73 4.48
CA LEU A 1309 -92.44 14.81 4.68
C LEU A 1309 -92.15 13.81 5.79
N GLU A 1310 -93.23 13.32 6.40
CA GLU A 1310 -93.17 12.19 7.31
C GLU A 1310 -93.55 10.93 6.56
N LEU A 1311 -93.26 9.78 7.17
CA LEU A 1311 -93.36 8.52 6.45
C LEU A 1311 -94.81 8.18 6.09
N GLU A 1312 -95.77 8.54 6.94
CA GLU A 1312 -97.16 8.36 6.57
C GLU A 1312 -97.54 9.29 5.42
N GLU A 1313 -96.98 10.50 5.42
CA GLU A 1313 -97.25 11.43 4.34
C GLU A 1313 -96.53 10.99 3.07
N VAL A 1314 -95.37 10.35 3.22
CA VAL A 1314 -94.70 9.80 2.06
C VAL A 1314 -95.54 8.70 1.45
N TYR A 1315 -96.16 7.87 2.29
CA TYR A 1315 -97.04 6.83 1.76
C TYR A 1315 -98.20 7.45 1.00
N ASP A 1316 -98.89 8.39 1.65
CA ASP A 1316 -100.12 8.93 1.07
C ASP A 1316 -99.84 9.67 -0.23
N TYR A 1317 -98.83 10.54 -0.23
CA TYR A 1317 -98.56 11.34 -1.42
C TYR A 1317 -97.83 10.53 -2.49
N LEU A 1318 -96.65 10.02 -2.17
CA LEU A 1318 -95.81 9.41 -3.19
C LEU A 1318 -96.26 8.01 -3.57
N TYR A 1319 -96.50 7.12 -2.60
CA TYR A 1319 -96.71 5.72 -2.93
C TYR A 1319 -98.04 5.49 -3.63
N GLN A 1320 -99.13 5.97 -3.03
CA GLN A 1320 -100.44 5.62 -3.56
C GLN A 1320 -100.65 6.12 -4.98
N PRO A 1321 -100.44 7.40 -5.29
CA PRO A 1321 -100.49 7.82 -6.70
C PRO A 1321 -99.64 6.96 -7.61
N SER A 1322 -98.39 6.69 -7.24
CA SER A 1322 -97.52 5.89 -8.11
C SER A 1322 -98.10 4.51 -8.34
N TYR A 1323 -98.52 3.84 -7.26
CA TYR A 1323 -99.06 2.48 -7.43
C TYR A 1323 -100.34 2.49 -8.23
N ARG A 1324 -101.18 3.51 -8.03
CA ARG A 1324 -102.43 3.57 -8.75
C ARG A 1324 -102.20 3.81 -10.22
N LYS A 1325 -101.25 4.68 -10.55
CA LYS A 1325 -100.96 4.97 -11.95
C LYS A 1325 -100.31 3.76 -12.61
N PHE A 1326 -99.47 3.05 -11.86
CA PHE A 1326 -98.83 1.85 -12.38
C PHE A 1326 -99.87 0.76 -12.63
N ILE A 1327 -100.81 0.60 -11.70
CA ILE A 1327 -101.90 -0.35 -11.87
C ILE A 1327 -102.69 -0.01 -13.13
N LYS A 1328 -103.06 1.26 -13.25
CA LYS A 1328 -103.88 1.69 -14.38
C LYS A 1328 -103.15 1.52 -15.70
N LEU A 1329 -101.86 1.85 -15.73
CA LEU A 1329 -101.04 1.63 -16.92
C LEU A 1329 -101.00 0.17 -17.29
N HIS A 1330 -100.86 -0.72 -16.30
CA HIS A 1330 -100.74 -2.13 -16.58
C HIS A 1330 -102.06 -2.68 -17.12
N GLN A 1331 -103.18 -2.15 -16.64
CA GLN A 1331 -104.47 -2.54 -17.18
C GLN A 1331 -104.72 -1.93 -18.56
N ASP A 1332 -104.16 -0.74 -18.82
CA ASP A 1332 -104.24 -0.16 -20.16
C ASP A 1332 -103.48 -1.02 -21.15
N LEU A 1333 -102.32 -1.51 -20.73
CA LEU A 1333 -101.53 -2.38 -21.60
C LEU A 1333 -102.27 -3.69 -21.85
N LYS A 1334 -102.81 -4.30 -20.79
CA LYS A 1334 -103.56 -5.54 -20.99
C LYS A 1334 -104.70 -5.32 -21.97
N SER A 1335 -105.46 -4.24 -21.80
CA SER A 1335 -106.61 -4.01 -22.65
C SER A 1335 -106.25 -3.44 -24.02
N GLY A 1336 -105.07 -2.84 -24.15
CA GLY A 1336 -104.71 -2.12 -25.33
C GLY A 1336 -105.24 -0.71 -25.39
N GLU A 1337 -106.00 -0.29 -24.37
CA GLU A 1337 -106.54 1.06 -24.31
C GLU A 1337 -105.47 2.11 -24.04
N VAL A 1338 -104.22 1.70 -23.90
CA VAL A 1338 -103.14 2.65 -23.67
C VAL A 1338 -103.05 3.58 -24.88
N THR A 1339 -103.05 4.88 -24.62
CA THR A 1339 -103.04 5.86 -25.69
C THR A 1339 -101.62 6.09 -26.19
N LEU A 1340 -101.51 6.43 -27.48
CA LEU A 1340 -100.21 6.67 -28.07
C LEU A 1340 -99.44 7.74 -27.30
N ALA A 1341 -100.15 8.71 -26.73
CA ALA A 1341 -99.47 9.73 -25.94
C ALA A 1341 -98.80 9.14 -24.70
N GLU A 1342 -99.47 8.17 -24.06
CA GLU A 1342 -98.86 7.51 -22.91
C GLU A 1342 -97.63 6.71 -23.31
N ILE A 1343 -97.72 5.97 -24.43
CA ILE A 1343 -96.57 5.22 -24.90
C ILE A 1343 -95.42 6.16 -25.25
N ASP A 1344 -95.73 7.35 -25.76
CA ASP A 1344 -94.68 8.27 -26.16
C ASP A 1344 -94.01 8.91 -24.96
N VAL A 1345 -94.79 9.20 -23.91
CA VAL A 1345 -94.21 9.81 -22.72
C VAL A 1345 -93.41 8.77 -21.94
N ILE A 1346 -94.00 7.61 -21.70
CA ILE A 1346 -93.39 6.61 -20.83
C ILE A 1346 -92.17 5.97 -21.49
N PHE A 1347 -92.38 5.31 -22.64
CA PHE A 1347 -91.35 4.49 -23.25
C PHE A 1347 -90.46 5.27 -24.21
N LYS A 1348 -90.32 6.58 -24.00
CA LYS A 1348 -89.39 7.37 -24.80
C LYS A 1348 -87.98 6.80 -24.75
N ASP A 1349 -87.63 6.13 -23.66
CA ASP A 1349 -86.26 5.67 -23.45
C ASP A 1349 -86.00 4.28 -24.02
N PHE A 1350 -87.01 3.43 -24.06
CA PHE A 1350 -86.83 2.03 -24.44
C PHE A 1350 -86.54 1.85 -25.93
N VAL A 1351 -86.50 2.93 -26.72
CA VAL A 1351 -86.19 2.79 -28.13
C VAL A 1351 -84.91 1.99 -28.29
N ASN A 1352 -84.96 0.94 -29.13
CA ASN A 1352 -83.86 0.04 -29.38
C ASN A 1352 -83.46 -0.76 -28.14
N LYS A 1353 -84.29 -0.78 -27.11
CA LYS A 1353 -84.04 -1.53 -25.88
C LYS A 1353 -85.26 -2.35 -25.52
N TYR A 1354 -85.78 -3.07 -26.51
CA TYR A 1354 -87.01 -3.82 -26.35
C TYR A 1354 -86.85 -5.02 -25.43
N THR A 1355 -85.64 -5.58 -25.32
CA THR A 1355 -85.41 -6.60 -24.31
C THR A 1355 -85.60 -6.03 -22.91
N ASP A 1356 -85.09 -4.82 -22.69
CA ASP A 1356 -85.33 -4.14 -21.41
C ASP A 1356 -86.81 -3.87 -21.22
N LEU A 1357 -87.51 -3.51 -22.30
CA LEU A 1357 -88.95 -3.33 -22.22
C LEU A 1357 -89.63 -4.63 -21.79
N ASP A 1358 -89.18 -5.76 -22.31
CA ASP A 1358 -89.76 -7.04 -21.94
C ASP A 1358 -89.52 -7.34 -20.47
N SER A 1359 -88.30 -7.07 -20.00
CA SER A 1359 -88.02 -7.21 -18.58
C SER A 1359 -88.96 -6.33 -17.75
N GLU A 1360 -89.05 -5.06 -18.12
CA GLU A 1360 -89.89 -4.11 -17.42
C GLU A 1360 -91.32 -4.62 -17.35
N LEU A 1361 -91.83 -5.16 -18.45
CA LEU A 1361 -93.23 -5.55 -18.48
C LEU A 1361 -93.46 -6.81 -17.67
N LYS A 1362 -92.47 -7.70 -17.61
CA LYS A 1362 -92.59 -8.83 -16.70
C LYS A 1362 -92.54 -8.36 -15.24
N ILE A 1363 -91.73 -7.35 -14.96
CA ILE A 1363 -91.74 -6.76 -13.62
C ILE A 1363 -93.14 -6.25 -13.31
N MET A 1364 -93.81 -5.65 -14.29
CA MET A 1364 -95.17 -5.19 -14.06
C MET A 1364 -96.07 -6.37 -13.76
N CYS A 1365 -95.86 -7.49 -14.46
CA CYS A 1365 -96.64 -8.69 -14.25
C CYS A 1365 -96.44 -9.28 -12.85
N THR A 1366 -95.27 -9.05 -12.25
CA THR A 1366 -94.95 -9.69 -10.98
C THR A 1366 -96.03 -9.48 -9.93
N VAL A 1367 -96.76 -8.37 -10.03
CA VAL A 1367 -97.85 -8.10 -9.08
C VAL A 1367 -98.99 -9.11 -9.19
N ASP A 1368 -98.99 -9.95 -10.21
CA ASP A 1368 -99.92 -11.07 -10.33
C ASP A 1368 -101.38 -10.60 -10.47
N HIS A 1369 -101.56 -9.42 -11.06
CA HIS A 1369 -102.84 -9.02 -11.63
C HIS A 1369 -102.57 -8.61 -13.07
N GLN A 1370 -103.49 -8.97 -13.96
CA GLN A 1370 -103.21 -8.95 -15.40
C GLN A 1370 -102.02 -9.89 -15.70
N ASP A 1371 -102.32 -11.17 -15.51
CA ASP A 1371 -101.42 -12.26 -15.84
C ASP A 1371 -101.46 -12.51 -17.34
N GLN A 1372 -101.15 -13.74 -17.73
CA GLN A 1372 -101.00 -14.23 -19.10
C GLN A 1372 -99.59 -13.96 -19.64
N ARG A 1373 -98.85 -13.06 -18.99
CA ARG A 1373 -97.40 -12.93 -19.16
C ARG A 1373 -96.94 -13.17 -20.60
N ASP A 1374 -97.83 -12.95 -21.57
CA ASP A 1374 -97.52 -13.22 -22.97
C ASP A 1374 -97.96 -12.03 -23.82
N TRP A 1375 -99.04 -11.37 -23.38
CA TRP A 1375 -99.49 -10.14 -24.01
C TRP A 1375 -98.34 -9.19 -24.21
N ILE A 1376 -97.34 -9.24 -23.33
CA ILE A 1376 -96.23 -8.30 -23.41
C ILE A 1376 -95.42 -8.50 -24.68
N LYS A 1377 -95.37 -9.73 -25.21
CA LYS A 1377 -94.71 -9.93 -26.50
C LYS A 1377 -95.40 -9.10 -27.59
N ASP A 1378 -96.73 -9.08 -27.56
CA ASP A 1378 -97.49 -8.27 -28.51
C ASP A 1378 -97.29 -6.78 -28.25
N ARG A 1379 -97.37 -6.35 -26.99
CA ARG A 1379 -97.15 -4.94 -26.70
C ARG A 1379 -95.76 -4.51 -27.12
N VAL A 1380 -94.77 -5.39 -26.95
CA VAL A 1380 -93.40 -5.06 -27.32
C VAL A 1380 -93.31 -4.88 -28.82
N GLU A 1381 -93.96 -5.77 -29.58
CA GLU A 1381 -93.92 -5.63 -31.03
C GLU A 1381 -94.67 -4.38 -31.48
N GLN A 1382 -95.81 -4.10 -30.86
CA GLN A 1382 -96.56 -2.88 -31.17
C GLN A 1382 -95.73 -1.64 -30.90
N ILE A 1383 -94.94 -1.65 -29.83
CA ILE A 1383 -94.10 -0.49 -29.53
C ILE A 1383 -92.92 -0.42 -30.49
N LYS A 1384 -92.38 -1.56 -30.90
CA LYS A 1384 -91.40 -1.55 -31.99
C LYS A 1384 -92.00 -0.88 -33.20
N GLU A 1385 -93.23 -1.25 -33.55
CA GLU A 1385 -93.87 -0.69 -34.74
C GLU A 1385 -94.08 0.81 -34.59
N TYR A 1386 -94.54 1.25 -33.43
CA TYR A 1386 -94.74 2.68 -33.19
C TYR A 1386 -93.43 3.45 -33.34
N HIS A 1387 -92.35 2.91 -32.76
CA HIS A 1387 -91.07 3.61 -32.81
C HIS A 1387 -90.51 3.61 -34.23
N HIS A 1388 -90.60 2.47 -34.92
CA HIS A 1388 -90.19 2.39 -36.31
C HIS A 1388 -91.02 3.34 -37.17
N LEU A 1389 -92.30 3.50 -36.86
CA LEU A 1389 -93.15 4.44 -37.58
C LEU A 1389 -92.64 5.87 -37.43
N HIS A 1390 -92.37 6.27 -36.19
CA HIS A 1390 -91.85 7.62 -35.99
C HIS A 1390 -90.47 7.80 -36.63
N GLN A 1391 -89.66 6.74 -36.60
CA GLN A 1391 -88.35 6.80 -37.27
C GLN A 1391 -88.52 6.90 -38.78
N ALA A 1392 -89.51 6.22 -39.33
CA ALA A 1392 -89.84 6.34 -40.74
C ALA A 1392 -90.27 7.77 -41.07
N VAL A 1393 -91.07 8.37 -40.19
CA VAL A 1393 -91.44 9.77 -40.36
C VAL A 1393 -90.20 10.64 -40.47
N HIS A 1394 -89.26 10.44 -39.56
CA HIS A 1394 -88.01 11.21 -39.60
C HIS A 1394 -87.25 10.93 -40.89
N ALA A 1395 -87.24 9.67 -41.32
CA ALA A 1395 -86.55 9.29 -42.54
C ALA A 1395 -87.18 9.99 -43.75
N ALA A 1396 -88.52 9.98 -43.81
CA ALA A 1396 -89.21 10.66 -44.88
C ALA A 1396 -88.82 12.13 -44.94
N LYS A 1397 -88.78 12.79 -43.77
CA LYS A 1397 -88.41 14.20 -43.77
C LYS A 1397 -86.99 14.38 -44.27
N VAL A 1398 -86.09 13.47 -43.90
CA VAL A 1398 -84.72 13.55 -44.38
C VAL A 1398 -84.66 13.31 -45.88
N ILE A 1399 -85.50 12.42 -46.38
CA ILE A 1399 -85.52 12.13 -47.81
C ILE A 1399 -86.03 13.34 -48.58
N LEU A 1400 -87.02 14.05 -48.04
CA LEU A 1400 -87.47 15.27 -48.70
C LEU A 1400 -86.36 16.33 -48.70
N GLN A 1401 -85.63 16.42 -47.60
CA GLN A 1401 -84.53 17.38 -47.56
C GLN A 1401 -83.45 17.01 -48.57
N VAL A 1402 -83.17 15.72 -48.72
CA VAL A 1402 -82.21 15.27 -49.72
C VAL A 1402 -82.75 15.51 -51.13
N LYS A 1403 -84.05 15.32 -51.34
CA LYS A 1403 -84.64 15.65 -52.63
C LYS A 1403 -84.38 17.10 -52.99
N GLU A 1404 -84.62 18.02 -52.06
CA GLU A 1404 -84.47 19.43 -52.40
C GLU A 1404 -83.00 19.79 -52.51
N SER A 1405 -82.13 19.10 -51.78
CA SER A 1405 -80.71 19.43 -51.80
C SER A 1405 -80.08 18.95 -53.11
N LEU A 1406 -80.35 17.70 -53.48
CA LEU A 1406 -79.81 17.13 -54.71
C LEU A 1406 -80.56 17.61 -55.94
N GLY A 1407 -81.83 17.99 -55.79
CA GLY A 1407 -82.59 18.53 -56.89
C GLY A 1407 -83.44 17.51 -57.63
N LEU A 1408 -83.87 16.45 -56.97
CA LEU A 1408 -84.65 15.43 -57.65
C LEU A 1408 -86.02 15.98 -58.02
N ASN A 1409 -86.74 15.19 -58.83
CA ASN A 1409 -88.09 15.53 -59.26
C ASN A 1409 -89.07 14.38 -59.15
N GLY A 1410 -88.61 13.14 -59.06
CA GLY A 1410 -89.50 12.01 -58.92
C GLY A 1410 -90.49 12.16 -57.80
N ASP A 1411 -91.75 11.87 -58.08
CA ASP A 1411 -92.81 12.10 -57.10
C ASP A 1411 -92.60 11.19 -55.89
N PHE A 1412 -92.58 11.80 -54.71
CA PHE A 1412 -92.57 11.10 -53.44
C PHE A 1412 -93.82 11.44 -52.64
N SER A 1413 -94.95 11.57 -53.34
CA SER A 1413 -96.20 11.93 -52.68
C SER A 1413 -96.55 10.95 -51.58
N VAL A 1414 -96.22 9.67 -51.76
CA VAL A 1414 -96.59 8.65 -50.77
C VAL A 1414 -96.04 9.00 -49.40
N LEU A 1415 -94.87 9.63 -49.32
CA LEU A 1415 -94.32 10.00 -48.02
C LEU A 1415 -95.21 11.02 -47.31
N ASN A 1416 -95.98 11.80 -48.06
CA ASN A 1416 -96.85 12.76 -47.42
C ASN A 1416 -97.79 12.06 -46.47
N THR A 1417 -98.12 10.79 -46.75
CA THR A 1417 -98.99 10.05 -45.85
C THR A 1417 -98.42 10.07 -44.44
N LEU A 1418 -97.14 9.76 -44.31
CA LEU A 1418 -96.52 9.79 -42.99
C LEU A 1418 -96.50 11.20 -42.45
N LEU A 1419 -96.22 12.17 -43.32
CA LEU A 1419 -96.28 13.56 -42.90
C LEU A 1419 -97.69 13.96 -42.56
N ASN A 1420 -98.69 13.40 -43.27
CA ASN A 1420 -100.06 13.68 -42.91
C ASN A 1420 -100.34 13.22 -41.49
N PHE A 1421 -99.70 12.13 -41.07
CA PHE A 1421 -99.77 11.74 -39.66
C PHE A 1421 -98.97 12.71 -38.80
N THR A 1422 -97.78 13.10 -39.26
CA THR A 1422 -96.86 13.87 -38.42
C THR A 1422 -97.40 15.25 -38.08
N ASP A 1423 -98.17 15.88 -38.99
CA ASP A 1423 -98.72 17.20 -38.65
C ASP A 1423 -99.88 17.06 -37.68
N ASN A 1424 -100.84 16.20 -37.99
CA ASN A 1424 -101.95 15.94 -37.07
C ASN A 1424 -101.50 14.93 -36.02
N PHE A 1425 -100.35 15.22 -35.39
CA PHE A 1425 -99.77 14.30 -34.43
C PHE A 1425 -100.63 14.21 -33.17
N ASP A 1426 -101.40 15.26 -32.87
CA ASP A 1426 -102.01 15.39 -31.55
C ASP A 1426 -103.38 14.74 -31.50
N ASP A 1427 -104.22 14.94 -32.52
CA ASP A 1427 -105.57 14.40 -32.48
C ASP A 1427 -105.57 12.93 -32.87
N PHE A 1428 -104.71 12.57 -33.82
CA PHE A 1428 -104.56 11.17 -34.21
C PHE A 1428 -104.05 10.32 -33.05
N ARG A 1429 -103.22 10.90 -32.17
CA ARG A 1429 -102.66 10.18 -31.03
C ARG A 1429 -103.66 9.90 -29.92
N ARG A 1430 -104.91 10.33 -30.04
CA ARG A 1430 -105.90 9.90 -29.05
C ARG A 1430 -106.30 8.44 -29.24
N GLU A 1431 -105.77 7.76 -30.25
CA GLU A 1431 -106.12 6.39 -30.55
C GLU A 1431 -105.22 5.43 -29.77
N THR A 1432 -105.44 4.14 -30.00
CA THR A 1432 -104.73 3.08 -29.31
C THR A 1432 -103.56 2.58 -30.17
N LEU A 1433 -102.95 1.48 -29.74
CA LEU A 1433 -101.75 0.97 -30.39
C LEU A 1433 -102.06 0.20 -31.67
N ASP A 1434 -103.22 -0.45 -31.74
CA ASP A 1434 -103.56 -1.30 -32.87
C ASP A 1434 -104.45 -0.60 -33.89
N GLN A 1435 -105.25 0.38 -33.46
CA GLN A 1435 -106.20 1.05 -34.34
C GLN A 1435 -105.56 2.14 -35.18
N ILE A 1436 -104.25 2.18 -35.32
CA ILE A 1436 -103.60 3.35 -35.91
C ILE A 1436 -104.01 3.48 -37.38
N ASN A 1437 -103.51 2.57 -38.22
CA ASN A 1437 -103.95 2.41 -39.60
C ASN A 1437 -103.04 1.39 -40.28
N GLN A 1438 -103.34 1.06 -41.54
CA GLN A 1438 -102.46 0.20 -42.32
C GLN A 1438 -101.57 0.97 -43.29
N GLU A 1439 -101.93 2.21 -43.63
CA GLU A 1439 -101.13 2.99 -44.57
C GLU A 1439 -99.80 3.40 -43.95
N LEU A 1440 -99.82 3.84 -42.70
CA LEU A 1440 -98.57 4.15 -42.01
C LEU A 1440 -97.73 2.90 -41.86
N ILE A 1441 -98.38 1.77 -41.60
CA ILE A 1441 -97.68 0.50 -41.54
C ILE A 1441 -96.94 0.25 -42.86
N GLN A 1442 -97.62 0.50 -43.97
CA GLN A 1442 -96.98 0.29 -45.28
C GLN A 1442 -95.81 1.24 -45.49
N ALA A 1443 -95.95 2.49 -45.06
CA ALA A 1443 -94.85 3.43 -45.23
C ALA A 1443 -93.64 3.02 -44.40
N LYS A 1444 -93.85 2.52 -43.18
CA LYS A 1444 -92.73 1.93 -42.46
C LYS A 1444 -92.17 0.73 -43.21
N LYS A 1445 -93.06 -0.10 -43.80
CA LYS A 1445 -92.53 -1.25 -44.54
C LYS A 1445 -91.57 -0.78 -45.62
N LEU A 1446 -91.88 0.37 -46.21
CA LEU A 1446 -91.03 0.91 -47.27
C LEU A 1446 -89.71 1.41 -46.70
N LEU A 1447 -89.78 2.17 -45.60
CA LEU A 1447 -88.58 2.73 -45.00
C LEU A 1447 -87.83 1.73 -44.11
N GLN A 1448 -88.24 0.46 -44.09
CA GLN A 1448 -87.59 -0.51 -43.22
C GLN A 1448 -86.08 -0.55 -43.40
N ASP A 1449 -85.61 -0.35 -44.62
CA ASP A 1449 -84.21 -0.56 -44.93
C ASP A 1449 -83.33 0.63 -44.58
N ILE A 1450 -83.91 1.63 -43.91
CA ILE A 1450 -83.17 2.82 -43.49
C ILE A 1450 -83.15 2.83 -41.96
N SER A 1451 -81.97 2.66 -41.39
CA SER A 1451 -81.78 2.74 -39.95
C SER A 1451 -81.32 4.15 -39.57
N GLU A 1452 -81.31 4.41 -38.27
CA GLU A 1452 -80.96 5.74 -37.80
C GLU A 1452 -79.59 6.17 -38.31
N ALA A 1453 -78.67 5.22 -38.48
CA ALA A 1453 -77.38 5.55 -39.07
C ALA A 1453 -77.54 5.95 -40.53
N ARG A 1454 -78.44 5.28 -41.24
CA ARG A 1454 -78.66 5.61 -42.64
C ARG A 1454 -79.40 6.92 -42.78
N CYS A 1455 -80.33 7.20 -41.86
CA CYS A 1455 -80.92 8.52 -41.78
C CYS A 1455 -79.86 9.57 -41.51
N LYS A 1456 -78.84 9.21 -40.72
CA LYS A 1456 -77.80 10.17 -40.38
C LYS A 1456 -76.92 10.46 -41.60
N GLY A 1457 -76.63 9.43 -42.38
CA GLY A 1457 -75.94 9.65 -43.64
C GLY A 1457 -76.72 10.58 -44.56
N LEU A 1458 -77.99 10.28 -44.76
CA LEU A 1458 -78.83 11.14 -45.58
C LEU A 1458 -78.83 12.56 -45.05
N GLN A 1459 -78.92 12.73 -43.73
CA GLN A 1459 -78.90 14.07 -43.16
C GLN A 1459 -77.58 14.77 -43.48
N ALA A 1460 -76.47 14.06 -43.34
CA ALA A 1460 -75.17 14.67 -43.61
C ALA A 1460 -75.11 15.12 -45.05
N LEU A 1461 -75.89 14.48 -45.91
CA LEU A 1461 -75.96 14.89 -47.31
C LEU A 1461 -76.89 16.08 -47.51
N SER A 1462 -78.01 16.12 -46.79
CA SER A 1462 -79.05 17.11 -47.05
C SER A 1462 -78.56 18.53 -46.82
N LEU A 1463 -78.08 18.83 -45.62
CA LEU A 1463 -77.78 20.20 -45.23
C LEU A 1463 -76.69 20.85 -46.07
N ARG A 1464 -76.05 20.11 -46.97
CA ARG A 1464 -74.81 20.52 -47.62
C ARG A 1464 -75.01 20.86 -49.09
N LYS A 1465 -76.08 21.59 -49.42
CA LYS A 1465 -76.38 21.86 -50.82
C LYS A 1465 -75.26 22.63 -51.51
N GLU A 1466 -74.60 23.54 -50.80
CA GLU A 1466 -73.51 24.29 -51.43
C GLU A 1466 -72.33 23.39 -51.73
N PHE A 1467 -71.99 22.51 -50.80
CA PHE A 1467 -70.92 21.55 -51.05
C PHE A 1467 -71.29 20.64 -52.23
N ILE A 1468 -72.56 20.26 -52.34
CA ILE A 1468 -72.98 19.37 -53.41
C ILE A 1468 -72.85 20.08 -54.77
N CYS A 1469 -73.33 21.32 -54.84
CA CYS A 1469 -73.21 22.08 -56.08
C CYS A 1469 -71.75 22.27 -56.45
N TRP A 1470 -70.90 22.58 -55.46
CA TRP A 1470 -69.50 22.79 -55.78
C TRP A 1470 -68.85 21.50 -56.28
N VAL A 1471 -69.17 20.38 -55.65
CA VAL A 1471 -68.59 19.11 -56.08
C VAL A 1471 -69.01 18.81 -57.51
N ARG A 1472 -70.26 19.10 -57.84
CA ARG A 1472 -70.76 18.77 -59.17
C ARG A 1472 -70.19 19.71 -60.22
N GLU A 1473 -69.97 20.98 -59.86
CA GLU A 1473 -69.31 21.90 -60.79
C GLU A 1473 -67.85 21.54 -60.99
N ALA A 1474 -67.15 21.18 -59.92
CA ALA A 1474 -65.71 20.99 -59.98
C ALA A 1474 -65.35 19.67 -60.65
N LEU A 1475 -65.81 18.56 -60.08
CA LEU A 1475 -65.38 17.24 -60.51
C LEU A 1475 -66.19 16.76 -61.70
N GLY A 1476 -67.51 16.63 -61.53
CA GLY A 1476 -68.35 16.04 -62.55
C GLY A 1476 -68.25 14.54 -62.63
N GLY A 1477 -67.27 13.93 -61.98
CA GLY A 1477 -67.12 12.49 -61.99
C GLY A 1477 -66.13 12.06 -60.93
N ILE A 1478 -66.28 10.81 -60.48
CA ILE A 1478 -65.35 10.27 -59.50
C ILE A 1478 -63.95 10.16 -60.09
N ASN A 1479 -63.87 9.99 -61.41
CA ASN A 1479 -62.56 9.88 -62.07
C ASN A 1479 -61.67 11.07 -61.74
N GLU A 1480 -62.25 12.27 -61.76
CA GLU A 1480 -61.46 13.48 -61.54
C GLU A 1480 -60.99 13.61 -60.09
N LEU A 1481 -61.68 12.97 -59.15
CA LEU A 1481 -61.37 13.16 -57.75
C LEU A 1481 -59.89 12.97 -57.44
N LYS A 1482 -59.26 12.01 -58.11
CA LYS A 1482 -57.89 11.69 -57.74
C LYS A 1482 -56.97 12.85 -58.07
N VAL A 1483 -57.18 13.48 -59.22
CA VAL A 1483 -56.36 14.63 -59.55
C VAL A 1483 -56.57 15.71 -58.52
N PHE A 1484 -57.82 15.97 -58.16
CA PHE A 1484 -58.09 16.96 -57.13
C PHE A 1484 -57.37 16.60 -55.84
N VAL A 1485 -57.31 15.31 -55.52
CA VAL A 1485 -56.76 14.95 -54.24
C VAL A 1485 -55.26 15.18 -54.24
N ASP A 1486 -54.61 15.00 -55.39
CA ASP A 1486 -53.19 15.29 -55.44
C ASP A 1486 -52.97 16.75 -55.15
N LEU A 1487 -53.71 17.62 -55.82
CA LEU A 1487 -53.57 19.04 -55.55
C LEU A 1487 -53.81 19.33 -54.08
N ALA A 1488 -54.81 18.69 -53.49
CA ALA A 1488 -55.13 18.97 -52.10
C ALA A 1488 -53.98 18.57 -51.20
N SER A 1489 -53.29 17.48 -51.53
CA SER A 1489 -52.20 17.04 -50.67
C SER A 1489 -51.08 18.07 -50.68
N ILE A 1490 -50.86 18.72 -51.81
CA ILE A 1490 -49.91 19.82 -51.85
C ILE A 1490 -50.37 20.97 -50.97
N SER A 1491 -51.67 21.25 -50.97
CA SER A 1491 -52.23 22.35 -50.19
C SER A 1491 -52.36 22.08 -48.71
N ALA A 1492 -52.28 20.83 -48.27
CA ALA A 1492 -52.86 20.44 -47.00
C ALA A 1492 -52.41 21.33 -45.85
N GLY A 1493 -51.12 21.29 -45.52
CA GLY A 1493 -50.61 22.10 -44.44
C GLY A 1493 -49.70 21.34 -43.50
N GLU A 1494 -49.45 20.07 -43.81
CA GLU A 1494 -48.53 19.19 -43.11
C GLU A 1494 -48.96 18.85 -41.69
N ASN A 1495 -50.07 19.39 -41.20
CA ASN A 1495 -50.60 19.01 -39.91
C ASN A 1495 -51.61 17.90 -40.09
N ASP A 1496 -51.71 17.00 -39.10
CA ASP A 1496 -52.55 15.83 -39.26
C ASP A 1496 -53.97 16.19 -39.66
N ILE A 1497 -54.57 17.16 -39.00
CA ILE A 1497 -55.94 17.53 -39.38
C ILE A 1497 -55.95 18.05 -40.81
N ASP A 1498 -54.94 18.83 -41.18
CA ASP A 1498 -54.91 19.45 -42.49
C ASP A 1498 -54.73 18.41 -43.58
N VAL A 1499 -53.78 17.49 -43.41
CA VAL A 1499 -53.57 16.46 -44.42
C VAL A 1499 -54.74 15.50 -44.46
N ASP A 1500 -55.27 15.13 -43.29
CA ASP A 1500 -56.40 14.22 -43.19
C ASP A 1500 -57.67 14.80 -43.80
N ARG A 1501 -57.77 16.13 -43.92
CA ARG A 1501 -58.93 16.70 -44.58
C ARG A 1501 -59.05 16.15 -46.00
N VAL A 1502 -57.91 15.89 -46.64
CA VAL A 1502 -57.91 15.38 -48.01
C VAL A 1502 -58.53 13.99 -48.04
N ALA A 1503 -58.07 13.11 -47.16
CA ALA A 1503 -58.61 11.75 -47.13
C ALA A 1503 -60.09 11.76 -46.76
N CYS A 1504 -60.46 12.55 -45.76
CA CYS A 1504 -61.86 12.76 -45.44
C CYS A 1504 -62.67 13.11 -46.67
N PHE A 1505 -62.17 14.04 -47.50
CA PHE A 1505 -62.88 14.45 -48.70
C PHE A 1505 -62.93 13.33 -49.74
N HIS A 1506 -61.82 12.63 -49.94
CA HIS A 1506 -61.78 11.55 -50.91
C HIS A 1506 -62.77 10.47 -50.56
N ASP A 1507 -62.75 10.02 -49.29
CA ASP A 1507 -63.67 8.98 -48.85
C ASP A 1507 -65.12 9.45 -48.94
N ALA A 1508 -65.39 10.69 -48.52
CA ALA A 1508 -66.73 11.23 -48.63
C ALA A 1508 -67.23 11.15 -50.06
N VAL A 1509 -66.42 11.60 -51.02
CA VAL A 1509 -66.89 11.69 -52.39
C VAL A 1509 -66.99 10.31 -53.02
N GLN A 1510 -66.09 9.40 -52.67
CA GLN A 1510 -66.16 8.04 -53.20
C GLN A 1510 -67.38 7.32 -52.65
N GLY A 1511 -67.79 7.62 -51.43
CA GLY A 1511 -68.94 6.98 -50.82
C GLY A 1511 -70.26 7.51 -51.35
N TYR A 1512 -70.41 8.83 -51.38
CA TYR A 1512 -71.64 9.47 -51.84
C TYR A 1512 -71.63 9.73 -53.34
N ALA A 1513 -70.87 8.94 -54.11
CA ALA A 1513 -70.73 9.21 -55.52
C ALA A 1513 -72.02 8.93 -56.28
N SER A 1514 -72.78 7.92 -55.87
CA SER A 1514 -73.99 7.57 -56.59
C SER A 1514 -74.99 8.72 -56.57
N LEU A 1515 -75.22 9.31 -55.39
CA LEU A 1515 -76.21 10.36 -55.28
C LEU A 1515 -75.74 11.64 -55.96
N LEU A 1516 -74.43 11.93 -55.84
CA LEU A 1516 -73.91 13.19 -56.36
C LEU A 1516 -73.82 13.18 -57.88
N PHE A 1517 -73.44 12.05 -58.47
CA PHE A 1517 -73.13 11.97 -59.89
C PHE A 1517 -74.12 11.12 -60.68
N LYS A 1518 -74.40 9.90 -60.25
CA LYS A 1518 -75.20 8.98 -61.03
C LYS A 1518 -76.67 9.39 -61.10
N LEU A 1519 -77.15 10.16 -60.14
CA LEU A 1519 -78.58 10.40 -60.02
C LEU A 1519 -79.12 11.16 -61.22
N ASP A 1520 -80.27 10.72 -61.71
CA ASP A 1520 -81.06 11.45 -62.68
C ASP A 1520 -82.18 12.18 -61.94
N PRO A 1521 -82.31 13.49 -62.10
CA PRO A 1521 -83.29 14.23 -61.27
C PRO A 1521 -84.68 13.62 -61.27
N SER A 1522 -85.05 12.88 -62.31
CA SER A 1522 -86.36 12.26 -62.40
C SER A 1522 -86.41 10.91 -61.71
N VAL A 1523 -85.41 10.57 -60.90
CA VAL A 1523 -85.41 9.30 -60.20
C VAL A 1523 -86.52 9.31 -59.15
N ASP A 1524 -87.38 8.30 -59.19
CA ASP A 1524 -88.54 8.23 -58.33
C ASP A 1524 -88.17 7.52 -57.02
N PHE A 1525 -89.20 7.18 -56.24
CA PHE A 1525 -89.02 6.75 -54.86
C PHE A 1525 -88.16 5.48 -54.76
N SER A 1526 -88.60 4.39 -55.37
CA SER A 1526 -87.88 3.13 -55.24
C SER A 1526 -86.55 3.14 -55.98
N ALA A 1527 -86.49 3.83 -57.12
CA ALA A 1527 -85.22 3.95 -57.81
C ALA A 1527 -84.24 4.71 -56.95
N PHE A 1528 -84.75 5.66 -56.17
CA PHE A 1528 -83.93 6.37 -55.22
C PHE A 1528 -83.46 5.45 -54.10
N MET A 1529 -84.33 4.53 -53.66
CA MET A 1529 -83.92 3.57 -52.64
C MET A 1529 -82.82 2.64 -53.13
N LYS A 1530 -82.80 2.26 -54.40
CA LYS A 1530 -81.68 1.42 -54.86
C LYS A 1530 -80.41 2.27 -55.00
N HIS A 1531 -80.52 3.45 -55.63
CA HIS A 1531 -79.36 4.32 -55.69
C HIS A 1531 -78.85 4.60 -54.29
N LEU A 1532 -79.73 4.48 -53.30
CA LEU A 1532 -79.37 4.60 -51.89
C LEU A 1532 -78.75 3.31 -51.37
N LYS A 1533 -79.13 2.17 -51.93
CA LYS A 1533 -78.54 0.90 -51.47
C LYS A 1533 -77.07 0.88 -51.77
N LYS A 1534 -76.64 1.56 -52.82
CA LYS A 1534 -75.19 1.67 -53.02
C LYS A 1534 -74.54 2.42 -51.86
N LEU A 1535 -75.16 3.52 -51.42
CA LEU A 1535 -74.70 4.21 -50.22
C LEU A 1535 -74.81 3.30 -49.00
N TRP A 1536 -75.81 2.43 -48.99
CA TRP A 1536 -75.97 1.48 -47.90
C TRP A 1536 -74.70 0.64 -47.78
N LYS A 1537 -74.20 0.16 -48.92
CA LYS A 1537 -73.00 -0.68 -48.89
C LYS A 1537 -71.80 0.14 -48.47
N ALA A 1538 -71.78 1.42 -48.82
CA ALA A 1538 -70.64 2.26 -48.48
C ALA A 1538 -70.62 2.53 -46.97
N LEU A 1539 -71.76 2.90 -46.40
CA LEU A 1539 -71.86 3.11 -44.97
C LEU A 1539 -71.62 1.82 -44.21
N ASP A 1540 -72.00 0.68 -44.77
CA ASP A 1540 -71.68 -0.59 -44.14
C ASP A 1540 -70.18 -0.80 -44.09
N LYS A 1541 -69.46 -0.39 -45.13
CA LYS A 1541 -68.01 -0.52 -45.11
C LYS A 1541 -67.32 0.60 -44.32
N ASP A 1542 -67.99 1.74 -44.11
CA ASP A 1542 -67.40 2.88 -43.43
C ASP A 1542 -68.43 3.51 -42.52
N GLN A 1543 -68.13 3.56 -41.22
CA GLN A 1543 -69.08 4.05 -40.23
C GLN A 1543 -69.03 5.56 -40.05
N TYR A 1544 -67.97 6.21 -40.49
CA TYR A 1544 -67.76 7.64 -40.28
C TYR A 1544 -67.95 8.43 -41.57
N LEU A 1545 -68.51 7.80 -42.60
CA LEU A 1545 -68.64 8.46 -43.89
C LEU A 1545 -69.54 9.69 -43.83
N PRO A 1546 -70.67 9.68 -43.11
CA PRO A 1546 -71.46 10.91 -42.98
C PRO A 1546 -70.68 12.03 -42.31
N ARG A 1547 -69.87 11.67 -41.32
CA ARG A 1547 -69.08 12.67 -40.62
C ARG A 1547 -68.01 13.21 -41.54
N LYS A 1548 -67.39 12.34 -42.33
CA LYS A 1548 -66.44 12.79 -43.34
C LYS A 1548 -67.09 13.75 -44.34
N LEU A 1549 -68.30 13.45 -44.78
CA LEU A 1549 -69.04 14.39 -45.63
C LEU A 1549 -69.17 15.74 -44.96
N CYS A 1550 -69.69 15.76 -43.74
CA CYS A 1550 -69.91 17.03 -43.05
C CYS A 1550 -68.60 17.77 -42.83
N ASP A 1551 -67.51 17.05 -42.53
CA ASP A 1551 -66.21 17.68 -42.35
C ASP A 1551 -65.74 18.30 -43.66
N SER A 1552 -66.00 17.63 -44.78
CA SER A 1552 -65.61 18.18 -46.07
C SER A 1552 -66.40 19.44 -46.36
N ALA A 1553 -67.68 19.44 -45.96
CA ALA A 1553 -68.54 20.57 -46.24
C ALA A 1553 -68.17 21.76 -45.36
N ARG A 1554 -67.64 21.50 -44.17
CA ARG A 1554 -67.23 22.60 -43.30
C ARG A 1554 -65.96 23.26 -43.84
N ASN A 1555 -65.13 22.50 -44.54
CA ASN A 1555 -63.87 22.98 -45.09
C ASN A 1555 -64.00 23.29 -46.58
N LEU A 1556 -65.15 23.82 -46.99
CA LEU A 1556 -65.42 24.00 -48.40
C LEU A 1556 -64.50 25.05 -49.04
N GLU A 1557 -64.21 26.15 -48.34
CA GLU A 1557 -63.42 27.22 -48.94
C GLU A 1557 -62.04 26.73 -49.37
N TRP A 1558 -61.43 25.85 -48.58
CA TRP A 1558 -60.15 25.29 -48.97
C TRP A 1558 -60.31 24.42 -50.21
N LEU A 1559 -61.37 23.61 -50.23
CA LEU A 1559 -61.61 22.74 -51.36
C LEU A 1559 -61.76 23.56 -52.63
N LYS A 1560 -62.43 24.71 -52.51
CA LYS A 1560 -62.56 25.63 -53.64
C LYS A 1560 -61.18 26.12 -54.07
N THR A 1561 -60.36 26.51 -53.11
CA THR A 1561 -59.02 26.99 -53.44
C THR A 1561 -58.22 25.95 -54.19
N VAL A 1562 -58.53 24.67 -53.97
CA VAL A 1562 -57.70 23.59 -54.53
C VAL A 1562 -57.60 23.72 -56.06
N ASN A 1563 -58.73 23.94 -56.72
CA ASN A 1563 -58.76 23.83 -58.19
C ASN A 1563 -57.88 24.89 -58.85
N GLU A 1564 -58.12 26.17 -58.56
CA GLU A 1564 -57.40 27.23 -59.25
C GLU A 1564 -56.03 27.52 -58.64
N SER A 1565 -55.94 27.56 -57.32
CA SER A 1565 -54.76 28.08 -56.63
C SER A 1565 -53.76 27.00 -56.27
N HIS A 1566 -54.19 26.01 -55.51
CA HIS A 1566 -53.28 25.12 -54.79
C HIS A 1566 -52.42 24.25 -55.71
N GLY A 1567 -52.55 24.42 -57.03
CA GLY A 1567 -51.60 23.83 -57.95
C GLY A 1567 -50.19 24.30 -57.73
N SER A 1568 -50.00 25.40 -56.99
CA SER A 1568 -48.73 26.09 -56.88
C SER A 1568 -48.09 26.05 -55.50
N VAL A 1569 -48.91 25.92 -54.44
CA VAL A 1569 -48.42 26.18 -53.08
C VAL A 1569 -47.11 25.44 -52.82
N GLU A 1570 -47.13 24.12 -52.95
CA GLU A 1570 -45.98 23.26 -52.70
C GLU A 1570 -45.45 23.46 -51.28
N ARG A 1571 -46.32 23.15 -50.31
CA ARG A 1571 -45.93 23.14 -48.91
C ARG A 1571 -44.61 22.41 -48.73
N SER A 1572 -43.74 22.94 -47.86
CA SER A 1572 -42.32 22.67 -47.98
C SER A 1572 -41.58 22.47 -46.65
N SER A 1573 -42.26 21.97 -45.63
CA SER A 1573 -41.60 21.87 -44.32
C SER A 1573 -40.56 20.74 -44.28
N LEU A 1574 -40.93 19.53 -44.69
CA LEU A 1574 -39.93 18.49 -44.85
C LEU A 1574 -39.08 18.70 -46.10
N THR A 1575 -39.65 19.33 -47.12
CA THR A 1575 -38.84 19.66 -48.29
C THR A 1575 -37.69 20.58 -47.92
N LEU A 1576 -37.94 21.51 -47.00
CA LEU A 1576 -36.89 22.37 -46.49
C LEU A 1576 -35.77 21.56 -45.85
N ALA A 1577 -36.11 20.68 -44.91
CA ALA A 1577 -35.11 19.80 -44.31
C ALA A 1577 -34.34 19.01 -45.36
N THR A 1578 -35.05 18.49 -46.36
CA THR A 1578 -34.39 17.73 -47.43
C THR A 1578 -33.36 18.59 -48.13
N ALA A 1579 -33.73 19.83 -48.46
CA ALA A 1579 -32.81 20.73 -49.14
C ALA A 1579 -31.61 21.05 -48.25
N ILE A 1580 -31.86 21.36 -46.99
CA ILE A 1580 -30.77 21.61 -46.05
C ILE A 1580 -29.81 20.42 -46.02
N ASN A 1581 -30.34 19.20 -46.03
CA ASN A 1581 -29.48 18.02 -46.05
C ASN A 1581 -28.69 17.95 -47.34
N GLN A 1582 -29.31 18.31 -48.47
CA GLN A 1582 -28.64 18.21 -49.76
C GLN A 1582 -27.65 19.35 -49.97
N ARG A 1583 -28.13 20.59 -49.87
CA ARG A 1583 -27.30 21.76 -50.11
C ARG A 1583 -26.81 22.44 -48.84
N GLY A 1584 -27.60 22.39 -47.77
CA GLY A 1584 -27.37 23.21 -46.59
C GLY A 1584 -25.95 23.26 -46.08
N ILE A 1585 -25.61 24.37 -45.41
CA ILE A 1585 -24.28 24.61 -44.87
C ILE A 1585 -24.43 25.26 -43.51
N TYR A 1586 -23.84 24.66 -42.48
CA TYR A 1586 -23.83 25.26 -41.16
C TYR A 1586 -22.52 26.00 -40.97
N VAL A 1587 -22.58 27.19 -40.40
CA VAL A 1587 -21.40 28.02 -40.20
C VAL A 1587 -21.28 28.35 -38.73
N ILE A 1588 -20.10 28.11 -38.17
CA ILE A 1588 -19.75 28.41 -36.80
C ILE A 1588 -18.60 29.39 -36.83
N GLN A 1589 -18.76 30.51 -36.13
CA GLN A 1589 -17.75 31.56 -36.19
C GLN A 1589 -17.89 32.46 -34.97
N ALA A 1590 -16.81 33.17 -34.66
CA ALA A 1590 -16.86 34.14 -33.58
C ALA A 1590 -17.81 35.27 -33.97
N PRO A 1591 -18.71 35.68 -33.09
CA PRO A 1591 -19.68 36.72 -33.45
C PRO A 1591 -19.01 37.98 -33.94
N LYS A 1592 -19.59 38.58 -34.97
CA LYS A 1592 -19.14 39.86 -35.49
C LYS A 1592 -19.83 41.00 -34.75
N GLY A 1593 -19.23 42.18 -34.81
CA GLY A 1593 -19.83 43.35 -34.20
C GLY A 1593 -19.79 43.37 -32.70
N GLY A 1594 -18.83 42.68 -32.08
CA GLY A 1594 -18.78 42.63 -30.63
C GLY A 1594 -19.98 41.99 -29.99
N GLN A 1595 -20.68 41.13 -30.71
CA GLN A 1595 -21.86 40.47 -30.17
C GLN A 1595 -21.48 39.54 -29.02
N LYS A 1596 -22.40 39.39 -28.08
CA LYS A 1596 -22.18 38.51 -26.94
C LYS A 1596 -22.12 37.06 -27.40
N ILE A 1597 -21.23 36.29 -26.79
CA ILE A 1597 -21.01 34.92 -27.23
C ILE A 1597 -22.17 34.05 -26.79
N SER A 1598 -22.80 33.39 -27.75
CA SER A 1598 -23.90 32.48 -27.49
C SER A 1598 -24.06 31.56 -28.69
N PRO A 1599 -24.77 30.44 -28.54
CA PRO A 1599 -24.98 29.56 -29.70
C PRO A 1599 -25.63 30.27 -30.87
N ASP A 1600 -26.66 31.08 -30.61
CA ASP A 1600 -27.35 31.80 -31.67
C ASP A 1600 -26.38 32.63 -32.51
N THR A 1601 -25.44 33.30 -31.84
CA THR A 1601 -24.50 34.18 -32.54
C THR A 1601 -23.40 33.39 -33.23
N VAL A 1602 -23.05 32.23 -32.66
CA VAL A 1602 -21.98 31.41 -33.22
C VAL A 1602 -22.47 30.61 -34.41
N LEU A 1603 -23.66 30.05 -34.32
CA LEU A 1603 -24.14 29.07 -35.29
C LEU A 1603 -25.26 29.65 -36.15
N HIS A 1604 -25.14 29.47 -37.47
CA HIS A 1604 -26.19 29.90 -38.38
C HIS A 1604 -26.13 29.03 -39.63
N LEU A 1605 -27.26 28.90 -40.31
CA LEU A 1605 -27.36 28.03 -41.47
C LEU A 1605 -27.49 28.85 -42.75
N ILE A 1606 -26.76 28.47 -43.77
CA ILE A 1606 -26.88 28.99 -45.11
C ILE A 1606 -27.58 27.94 -45.96
N LEU A 1607 -28.63 28.33 -46.66
CA LEU A 1607 -29.31 27.46 -47.61
C LEU A 1607 -29.20 28.06 -49.00
N PRO A 1608 -28.31 27.55 -49.85
CA PRO A 1608 -28.18 28.09 -51.20
C PRO A 1608 -29.31 27.65 -52.13
N GLU A 1609 -29.18 27.99 -53.40
CA GLU A 1609 -30.08 27.53 -54.44
C GLU A 1609 -29.29 26.77 -55.50
N SER A 1610 -29.93 25.80 -56.12
CA SER A 1610 -29.30 24.94 -57.11
C SER A 1610 -29.99 25.10 -58.46
N PRO A 1611 -29.31 24.78 -59.56
CA PRO A 1611 -30.00 24.75 -60.86
C PRO A 1611 -31.24 23.88 -60.79
N GLY A 1612 -32.28 24.30 -61.48
CA GLY A 1612 -33.59 23.69 -61.35
C GLY A 1612 -34.39 24.19 -60.18
N SER A 1613 -33.78 24.93 -59.26
CA SER A 1613 -34.48 25.59 -58.16
C SER A 1613 -33.79 26.93 -57.93
N HIS A 1614 -34.43 28.01 -58.37
CA HIS A 1614 -33.82 29.34 -58.37
C HIS A 1614 -34.45 30.23 -57.31
N GLU A 1615 -34.70 29.65 -56.13
CA GLU A 1615 -35.17 30.41 -54.99
C GLU A 1615 -34.06 31.31 -54.46
N GLU A 1616 -34.37 32.02 -53.38
CA GLU A 1616 -33.40 32.92 -52.77
C GLU A 1616 -32.48 32.14 -51.84
N SER A 1617 -31.18 32.39 -51.95
CA SER A 1617 -30.22 31.84 -51.00
C SER A 1617 -30.47 32.45 -49.63
N ARG A 1618 -31.05 31.67 -48.73
CA ARG A 1618 -31.46 32.17 -47.43
C ARG A 1618 -30.42 31.91 -46.36
N GLU A 1619 -30.56 32.65 -45.27
CA GLU A 1619 -29.79 32.45 -44.06
C GLU A 1619 -30.79 32.24 -42.94
N TYR A 1620 -30.60 31.18 -42.17
CA TYR A 1620 -31.49 30.80 -41.10
C TYR A 1620 -30.75 30.90 -39.78
N SER A 1621 -31.48 31.33 -38.76
CA SER A 1621 -30.93 31.51 -37.43
C SER A 1621 -31.24 30.28 -36.59
N LEU A 1622 -30.43 30.08 -35.55
CA LEU A 1622 -30.57 28.88 -34.73
C LEU A 1622 -32.01 28.70 -34.30
N GLU A 1623 -32.68 29.79 -33.90
CA GLU A 1623 -34.08 29.71 -33.54
C GLU A 1623 -34.96 29.27 -34.71
N GLU A 1624 -34.61 29.67 -35.94
CA GLU A 1624 -35.38 29.22 -37.09
C GLU A 1624 -35.17 27.74 -37.34
N VAL A 1625 -33.95 27.25 -37.13
CA VAL A 1625 -33.68 25.82 -37.30
C VAL A 1625 -34.37 25.02 -36.20
N LYS A 1626 -34.46 25.57 -35.00
CA LYS A 1626 -35.18 24.88 -33.92
C LYS A 1626 -36.68 24.90 -34.16
N GLU A 1627 -37.18 25.94 -34.82
CA GLU A 1627 -38.57 25.98 -35.24
C GLU A 1627 -38.84 24.92 -36.30
N LEU A 1628 -38.00 24.87 -37.33
CA LEU A 1628 -38.08 23.80 -38.31
C LEU A 1628 -38.06 22.42 -37.67
N LEU A 1629 -37.17 22.22 -36.69
CA LEU A 1629 -37.08 20.94 -36.01
C LEU A 1629 -38.39 20.61 -35.29
N ASN A 1630 -38.89 21.54 -34.47
CA ASN A 1630 -40.16 21.32 -33.79
C ASN A 1630 -41.25 20.96 -34.78
N LYS A 1631 -41.25 21.64 -35.92
CA LYS A 1631 -42.23 21.38 -36.96
C LYS A 1631 -42.08 19.95 -37.49
N LEU A 1632 -40.86 19.58 -37.87
CA LEU A 1632 -40.61 18.22 -38.33
C LEU A 1632 -41.12 17.19 -37.34
N MET A 1633 -40.87 17.42 -36.06
CA MET A 1633 -41.22 16.43 -35.04
C MET A 1633 -42.72 16.30 -34.88
N LEU A 1634 -43.44 17.42 -34.88
CA LEU A 1634 -44.88 17.33 -34.70
C LEU A 1634 -45.57 16.85 -35.97
N MET A 1635 -44.98 17.12 -37.13
CA MET A 1635 -45.45 16.60 -38.41
C MET A 1635 -45.10 15.13 -38.60
N SER A 1636 -43.88 14.73 -38.23
CA SER A 1636 -43.21 13.52 -38.74
C SER A 1636 -43.88 12.22 -38.36
N GLY A 1637 -45.04 12.21 -37.70
CA GLY A 1637 -45.70 10.95 -37.39
C GLY A 1637 -46.16 10.16 -38.59
N LYS A 1638 -45.97 10.66 -39.80
CA LYS A 1638 -46.37 9.92 -40.99
C LYS A 1638 -45.55 8.65 -41.09
N LYS A 1639 -46.21 7.52 -41.26
CA LYS A 1639 -45.54 6.23 -41.23
C LYS A 1639 -44.78 6.02 -42.54
N ASP A 1640 -43.70 6.76 -42.73
CA ASP A 1640 -42.95 6.72 -43.97
C ASP A 1640 -41.47 6.86 -43.66
N ARG A 1641 -40.64 6.45 -44.63
CA ARG A 1641 -39.19 6.52 -44.51
C ARG A 1641 -38.66 7.94 -44.48
N ASN A 1642 -39.47 8.94 -44.83
CA ASN A 1642 -39.08 10.34 -44.74
C ASN A 1642 -38.36 10.69 -43.44
N ASN A 1643 -38.54 9.88 -42.40
CA ASN A 1643 -37.83 10.11 -41.14
C ASN A 1643 -36.33 10.17 -41.33
N THR A 1644 -35.80 9.49 -42.35
CA THR A 1644 -34.36 9.52 -42.59
C THR A 1644 -33.88 10.95 -42.79
N GLU A 1645 -34.65 11.76 -43.50
CA GLU A 1645 -34.18 13.12 -43.71
C GLU A 1645 -34.25 13.88 -42.39
N VAL A 1646 -35.34 13.71 -41.66
CA VAL A 1646 -35.41 14.38 -40.37
C VAL A 1646 -34.30 13.88 -39.48
N GLU A 1647 -33.97 12.59 -39.59
CA GLU A 1647 -32.92 12.08 -38.73
C GLU A 1647 -31.57 12.64 -39.16
N ARG A 1648 -31.29 12.66 -40.46
CA ARG A 1648 -30.08 13.33 -40.90
C ARG A 1648 -30.10 14.76 -40.44
N PHE A 1649 -31.24 15.42 -40.58
CA PHE A 1649 -31.30 16.81 -40.20
C PHE A 1649 -30.98 16.93 -38.73
N SER A 1650 -31.66 16.14 -37.91
CA SER A 1650 -31.46 16.27 -36.48
C SER A 1650 -30.04 15.91 -36.13
N GLU A 1651 -29.51 14.84 -36.72
CA GLU A 1651 -28.15 14.46 -36.37
C GLU A 1651 -27.21 15.61 -36.67
N VAL A 1652 -27.26 16.13 -37.89
CA VAL A 1652 -26.29 17.16 -38.23
C VAL A 1652 -26.50 18.38 -37.35
N PHE A 1653 -27.75 18.76 -37.12
CA PHE A 1653 -28.01 19.88 -36.24
C PHE A 1653 -27.34 19.66 -34.90
N CYS A 1654 -27.57 18.50 -34.30
CA CYS A 1654 -27.00 18.26 -32.99
C CYS A 1654 -25.49 18.20 -33.06
N SER A 1655 -24.95 17.55 -34.09
CA SER A 1655 -23.50 17.54 -34.23
C SER A 1655 -22.95 18.95 -34.28
N VAL A 1656 -23.57 19.80 -35.10
CA VAL A 1656 -23.02 21.13 -35.25
C VAL A 1656 -23.21 21.91 -33.97
N GLN A 1657 -24.27 21.62 -33.23
CA GLN A 1657 -24.50 22.34 -32.01
C GLN A 1657 -23.44 21.97 -30.98
N ARG A 1658 -23.07 20.70 -30.95
CA ARG A 1658 -22.00 20.31 -30.06
C ARG A 1658 -20.71 21.03 -30.42
N LEU A 1659 -20.39 21.09 -31.71
CA LEU A 1659 -19.21 21.83 -32.12
C LEU A 1659 -19.30 23.27 -31.66
N SER A 1660 -20.48 23.87 -31.80
CA SER A 1660 -20.62 25.25 -31.39
C SER A 1660 -20.34 25.42 -29.91
N GLN A 1661 -20.84 24.51 -29.09
CA GLN A 1661 -20.64 24.71 -27.67
C GLN A 1661 -19.19 24.49 -27.30
N ALA A 1662 -18.49 23.64 -28.04
CA ALA A 1662 -17.07 23.48 -27.77
C ALA A 1662 -16.34 24.78 -28.07
N PHE A 1663 -16.72 25.43 -29.16
CA PHE A 1663 -16.14 26.73 -29.45
C PHE A 1663 -16.41 27.68 -28.31
N ILE A 1664 -17.65 27.73 -27.83
CA ILE A 1664 -17.98 28.67 -26.77
C ILE A 1664 -17.14 28.37 -25.54
N ASP A 1665 -16.92 27.09 -25.26
CA ASP A 1665 -16.14 26.76 -24.08
C ASP A 1665 -14.72 27.27 -24.22
N LEU A 1666 -14.13 27.06 -25.39
CA LEU A 1666 -12.77 27.52 -25.59
C LEU A 1666 -12.72 29.04 -25.55
N HIS A 1667 -13.76 29.69 -26.06
CA HIS A 1667 -13.85 31.13 -25.96
C HIS A 1667 -13.92 31.55 -24.50
N SER A 1668 -14.76 30.87 -23.71
CA SER A 1668 -14.88 31.23 -22.30
C SER A 1668 -13.59 30.99 -21.53
N ALA A 1669 -12.79 30.02 -21.96
CA ALA A 1669 -11.54 29.71 -21.27
C ALA A 1669 -10.43 30.70 -21.59
N GLY A 1670 -10.66 31.63 -22.50
CA GLY A 1670 -9.66 32.59 -22.87
C GLY A 1670 -8.77 32.18 -24.01
N ASN A 1671 -9.09 31.12 -24.71
CA ASN A 1671 -8.26 30.66 -25.81
C ASN A 1671 -8.34 31.63 -26.98
N MET A 1672 -7.25 31.68 -27.75
CA MET A 1672 -7.07 32.69 -28.77
C MET A 1672 -7.18 32.18 -30.19
N LEU A 1673 -6.77 30.94 -30.44
CA LEU A 1673 -6.88 30.40 -31.80
C LEU A 1673 -8.30 30.51 -32.33
N PHE A 1674 -9.26 30.05 -31.56
CA PHE A 1674 -10.65 30.05 -31.97
C PHE A 1674 -11.28 31.41 -31.71
N ARG A 1675 -10.65 32.45 -32.21
CA ARG A 1675 -11.17 33.82 -32.19
C ARG A 1675 -11.49 34.34 -33.58
N THR A 1676 -10.71 33.94 -34.58
CA THR A 1676 -10.97 34.26 -35.98
C THR A 1676 -11.42 33.02 -36.75
N TRP A 1677 -11.74 31.95 -36.03
CA TRP A 1677 -11.98 30.67 -36.65
C TRP A 1677 -13.40 30.61 -37.20
N ILE A 1678 -13.51 30.22 -38.46
CA ILE A 1678 -14.79 29.98 -39.12
C ILE A 1678 -14.78 28.55 -39.62
N ALA A 1679 -15.85 27.83 -39.34
CA ALA A 1679 -16.01 26.48 -39.83
C ALA A 1679 -17.31 26.37 -40.61
N MET A 1680 -17.20 25.80 -41.81
CA MET A 1680 -18.33 25.51 -42.67
C MET A 1680 -18.49 24.00 -42.72
N ALA A 1681 -19.63 23.52 -42.25
CA ALA A 1681 -19.97 22.11 -42.27
C ALA A 1681 -21.03 21.91 -43.34
N TYR A 1682 -20.69 21.15 -44.38
CA TYR A 1682 -21.56 21.01 -45.53
C TYR A 1682 -22.41 19.76 -45.31
N CYS A 1683 -23.71 19.96 -45.08
CA CYS A 1683 -24.59 18.85 -44.77
C CYS A 1683 -24.47 17.73 -45.79
N SER A 1684 -24.15 18.07 -47.03
CA SER A 1684 -23.72 17.10 -48.03
C SER A 1684 -22.54 17.69 -48.78
N PRO A 1685 -21.59 16.85 -49.20
CA PRO A 1685 -20.35 17.37 -49.78
C PRO A 1685 -20.56 18.36 -50.91
N LYS A 1686 -19.70 19.37 -50.96
CA LYS A 1686 -19.57 20.27 -52.10
C LYS A 1686 -18.20 20.07 -52.71
N GLN A 1687 -18.16 19.45 -53.89
CA GLN A 1687 -16.91 19.15 -54.58
C GLN A 1687 -15.97 18.32 -53.73
N GLY A 1688 -16.54 17.51 -52.82
CA GLY A 1688 -15.76 16.62 -51.99
C GLY A 1688 -15.46 17.13 -50.60
N VAL A 1689 -15.93 18.32 -50.25
CA VAL A 1689 -15.60 18.97 -48.98
C VAL A 1689 -16.84 18.96 -48.09
N SER A 1690 -16.73 18.33 -46.93
CA SER A 1690 -17.78 18.34 -45.93
C SER A 1690 -17.48 19.28 -44.76
N LEU A 1691 -16.24 19.34 -44.31
CA LEU A 1691 -15.80 20.33 -43.35
C LEU A 1691 -14.73 21.22 -43.95
N GLN A 1692 -14.82 22.51 -43.61
CA GLN A 1692 -13.83 23.51 -43.93
C GLN A 1692 -13.59 24.33 -42.68
N MET A 1693 -12.33 24.52 -42.33
CA MET A 1693 -11.94 25.34 -41.19
C MET A 1693 -10.91 26.35 -41.66
N ASP A 1694 -11.09 27.60 -41.24
CA ASP A 1694 -10.13 28.66 -41.52
C ASP A 1694 -9.95 29.44 -40.25
N PHE A 1695 -8.71 29.54 -39.76
CA PHE A 1695 -8.44 30.20 -38.50
C PHE A 1695 -8.16 31.68 -38.66
N GLY A 1696 -8.16 32.19 -39.89
CA GLY A 1696 -7.88 33.60 -40.11
C GLY A 1696 -6.43 33.94 -39.93
N LEU A 1697 -5.55 32.96 -40.11
CA LEU A 1697 -4.13 33.11 -39.84
C LEU A 1697 -3.34 32.82 -41.11
N ASP A 1698 -2.29 33.59 -41.34
CA ASP A 1698 -1.45 33.38 -42.52
C ASP A 1698 -0.55 32.17 -42.37
N LEU A 1699 -0.31 31.70 -41.14
CA LEU A 1699 0.47 30.49 -40.95
C LEU A 1699 -0.37 29.24 -41.18
N VAL A 1700 -1.64 29.27 -40.81
CA VAL A 1700 -2.53 28.12 -40.91
C VAL A 1700 -3.35 28.28 -42.18
N THR A 1701 -3.10 27.43 -43.16
CA THR A 1701 -3.88 27.48 -44.38
C THR A 1701 -5.22 26.77 -44.18
N GLU A 1702 -6.13 27.02 -45.12
CA GLU A 1702 -7.45 26.42 -45.08
C GLU A 1702 -7.35 24.91 -44.94
N LEU A 1703 -8.13 24.36 -44.02
CA LEU A 1703 -8.22 22.93 -43.78
C LEU A 1703 -9.56 22.43 -44.30
N LYS A 1704 -9.53 21.40 -45.15
CA LYS A 1704 -10.78 20.82 -45.62
C LYS A 1704 -10.71 19.31 -45.63
N GLU A 1705 -11.82 18.69 -45.25
CA GLU A 1705 -11.94 17.23 -45.21
C GLU A 1705 -13.30 16.81 -45.72
N GLY A 1706 -13.33 15.70 -46.44
CA GLY A 1706 -14.58 15.09 -46.88
C GLY A 1706 -14.96 13.90 -46.02
N GLY A 1707 -16.12 13.34 -46.34
CA GLY A 1707 -16.66 12.18 -45.64
C GLY A 1707 -17.92 12.52 -44.89
N ASP A 1708 -18.42 11.51 -44.17
CA ASP A 1708 -19.60 11.70 -43.34
C ASP A 1708 -19.38 12.89 -42.41
N VAL A 1709 -20.27 13.87 -42.53
CA VAL A 1709 -20.11 15.10 -41.75
C VAL A 1709 -20.11 14.79 -40.27
N THR A 1710 -20.94 13.83 -39.84
CA THR A 1710 -21.12 13.61 -38.42
C THR A 1710 -19.93 12.92 -37.77
N GLU A 1711 -19.22 12.09 -38.52
CA GLU A 1711 -17.99 11.50 -37.99
C GLU A 1711 -16.93 12.57 -37.81
N LEU A 1712 -16.69 13.36 -38.85
CA LEU A 1712 -15.78 14.49 -38.75
C LEU A 1712 -16.15 15.38 -37.57
N LEU A 1713 -17.44 15.67 -37.42
CA LEU A 1713 -17.89 16.60 -36.39
C LEU A 1713 -17.67 16.02 -35.00
N ALA A 1714 -18.00 14.75 -34.79
CA ALA A 1714 -17.75 14.14 -33.49
C ALA A 1714 -16.27 14.12 -33.16
N ALA A 1715 -15.42 13.75 -34.13
CA ALA A 1715 -13.99 13.73 -33.90
C ALA A 1715 -13.46 15.12 -33.57
N LEU A 1716 -13.89 16.11 -34.36
CA LEU A 1716 -13.49 17.49 -34.14
C LEU A 1716 -13.94 18.00 -32.78
N CYS A 1717 -15.15 17.64 -32.36
CA CYS A 1717 -15.63 18.02 -31.05
C CYS A 1717 -14.81 17.37 -29.95
N ARG A 1718 -14.49 16.09 -30.09
CA ARG A 1718 -13.67 15.42 -29.11
C ARG A 1718 -12.28 16.04 -28.99
N GLN A 1719 -11.67 16.39 -30.13
CA GLN A 1719 -10.37 17.07 -30.07
C GLN A 1719 -10.49 18.46 -29.46
N MET A 1720 -11.50 19.23 -29.84
CA MET A 1720 -11.71 20.52 -29.22
C MET A 1720 -11.87 20.39 -27.70
N GLU A 1721 -12.57 19.36 -27.25
CA GLU A 1721 -12.80 19.18 -25.82
C GLU A 1721 -11.54 18.72 -25.09
N HIS A 1722 -10.75 17.87 -25.74
CA HIS A 1722 -9.46 17.49 -25.19
C HIS A 1722 -8.55 18.71 -25.09
N PHE A 1723 -8.50 19.49 -26.17
CA PHE A 1723 -7.79 20.77 -26.16
C PHE A 1723 -8.33 21.71 -25.10
N LEU A 1724 -9.61 21.59 -24.75
CA LEU A 1724 -10.17 22.42 -23.70
C LEU A 1724 -9.59 22.04 -22.35
N ASP A 1725 -9.60 20.75 -22.04
CA ASP A 1725 -8.97 20.31 -20.79
C ASP A 1725 -7.48 20.64 -20.77
N SER A 1726 -6.80 20.44 -21.89
CA SER A 1726 -5.38 20.77 -21.97
C SER A 1726 -5.14 22.25 -21.78
N TRP A 1727 -6.04 23.09 -22.30
CA TRP A 1727 -5.91 24.53 -22.13
C TRP A 1727 -6.17 24.94 -20.69
N LYS A 1728 -7.17 24.32 -20.05
CA LYS A 1728 -7.39 24.58 -18.64
C LYS A 1728 -6.17 24.23 -17.81
N ARG A 1729 -5.52 23.10 -18.13
CA ARG A 1729 -4.26 22.78 -17.46
C ARG A 1729 -3.19 23.82 -17.76
N PHE A 1730 -3.10 24.25 -19.02
CA PHE A 1730 -2.05 25.17 -19.42
C PHE A 1730 -2.22 26.51 -18.73
N VAL A 1731 -3.48 26.94 -18.56
CA VAL A 1731 -3.77 28.20 -17.89
C VAL A 1731 -3.46 28.09 -16.40
N THR A 1732 -3.92 27.02 -15.76
CA THR A 1732 -3.57 26.80 -14.37
C THR A 1732 -2.06 26.81 -14.18
N GLN A 1733 -1.34 26.23 -15.14
CA GLN A 1733 0.10 26.11 -15.01
C GLN A 1733 0.73 27.49 -15.10
N LYS A 1734 0.39 28.25 -16.14
CA LYS A 1734 0.96 29.59 -16.29
C LYS A 1734 0.57 30.48 -15.12
N ARG A 1735 -0.61 30.25 -14.54
CA ARG A 1735 -1.04 31.00 -13.36
C ARG A 1735 -0.17 30.67 -12.16
N MET A 1736 0.24 29.41 -12.00
CA MET A 1736 1.19 29.11 -10.94
C MET A 1736 2.57 29.65 -11.28
N GLU A 1737 2.95 29.64 -12.56
CA GLU A 1737 4.25 30.14 -13.00
C GLU A 1737 4.32 31.65 -12.97
N HIS A 1738 3.17 32.33 -13.00
CA HIS A 1738 3.12 33.79 -13.03
C HIS A 1738 2.05 34.24 -12.05
N PHE A 1739 2.40 35.21 -11.21
CA PHE A 1739 1.52 35.59 -10.11
C PHE A 1739 0.44 36.54 -10.57
N TYR A 1740 0.81 37.55 -11.35
CA TYR A 1740 -0.09 38.64 -11.65
C TYR A 1740 -1.23 38.23 -12.56
N LEU A 1741 -1.04 37.17 -13.34
CA LEU A 1741 -2.13 36.65 -14.16
C LEU A 1741 -3.41 36.46 -13.33
N ASN A 1742 -3.25 36.15 -12.04
CA ASN A 1742 -4.40 35.86 -11.20
C ASN A 1742 -5.21 37.09 -10.87
N PHE A 1743 -4.62 38.28 -10.96
CA PHE A 1743 -5.38 39.51 -10.85
C PHE A 1743 -6.54 39.55 -11.83
N TYR A 1744 -6.46 38.77 -12.91
CA TYR A 1744 -7.34 38.90 -14.05
C TYR A 1744 -8.11 37.62 -14.30
N THR A 1745 -9.21 37.77 -15.03
CA THR A 1745 -9.97 36.66 -15.55
C THR A 1745 -9.45 36.29 -16.94
N ALA A 1746 -10.13 35.34 -17.59
CA ALA A 1746 -9.73 34.93 -18.93
C ALA A 1746 -9.99 36.02 -19.95
N GLU A 1747 -11.16 36.65 -19.90
CA GLU A 1747 -11.47 37.72 -20.83
C GLU A 1747 -10.55 38.91 -20.66
N GLN A 1748 -10.25 39.29 -19.42
CA GLN A 1748 -9.29 40.36 -19.19
C GLN A 1748 -7.92 40.01 -19.72
N LEU A 1749 -7.50 38.76 -19.58
CA LEU A 1749 -6.22 38.34 -20.14
C LEU A 1749 -6.21 38.42 -21.65
N VAL A 1750 -7.30 38.01 -22.31
CA VAL A 1750 -7.37 38.14 -23.77
C VAL A 1750 -7.31 39.61 -24.17
N TYR A 1751 -8.06 40.46 -23.46
CA TYR A 1751 -8.07 41.88 -23.75
C TYR A 1751 -6.66 42.44 -23.64
N LEU A 1752 -5.95 42.08 -22.59
CA LEU A 1752 -4.63 42.63 -22.36
C LEU A 1752 -3.64 42.11 -23.38
N SER A 1753 -3.67 40.80 -23.63
CA SER A 1753 -2.82 40.20 -24.66
C SER A 1753 -2.95 40.98 -25.95
N THR A 1754 -4.17 41.32 -26.34
CA THR A 1754 -4.37 42.04 -27.59
C THR A 1754 -3.87 43.49 -27.48
N GLU A 1755 -4.25 44.19 -26.41
CA GLU A 1755 -4.00 45.63 -26.33
C GLU A 1755 -2.52 45.96 -26.11
N LEU A 1756 -1.87 45.29 -25.15
CA LEU A 1756 -0.53 45.69 -24.76
C LEU A 1756 0.45 45.69 -25.92
N ARG A 1757 0.17 44.90 -26.96
CA ARG A 1757 0.98 44.97 -28.16
C ARG A 1757 0.74 46.24 -28.97
N LYS A 1758 -0.30 47.00 -28.63
CA LYS A 1758 -0.68 48.15 -29.43
C LYS A 1758 0.15 49.38 -29.07
N GLN A 1759 0.08 50.37 -29.96
CA GLN A 1759 0.71 51.67 -29.73
C GLN A 1759 -0.24 52.74 -30.28
N PRO A 1760 -1.07 53.35 -29.42
CA PRO A 1760 -1.19 53.21 -27.97
C PRO A 1760 -2.22 52.17 -27.53
N PRO A 1761 -2.04 51.60 -26.35
CA PRO A 1761 -3.10 50.75 -25.77
C PRO A 1761 -4.34 51.57 -25.47
N SER A 1762 -5.40 50.86 -25.12
CA SER A 1762 -6.63 51.51 -24.73
C SER A 1762 -6.54 52.02 -23.30
N ASP A 1763 -7.34 53.02 -23.00
CA ASP A 1763 -7.38 53.56 -21.64
C ASP A 1763 -7.96 52.56 -20.67
N ALA A 1764 -8.91 51.74 -21.12
CA ALA A 1764 -9.43 50.67 -20.27
C ALA A 1764 -8.32 49.73 -19.83
N ALA A 1765 -7.40 49.41 -20.73
CA ALA A 1765 -6.36 48.43 -20.42
C ALA A 1765 -5.35 48.99 -19.43
N LEU A 1766 -4.90 50.22 -19.68
CA LEU A 1766 -4.03 50.90 -18.72
C LEU A 1766 -4.71 51.04 -17.37
N THR A 1767 -6.01 51.34 -17.35
CA THR A 1767 -6.75 51.35 -16.09
C THR A 1767 -6.72 49.99 -15.41
N MET A 1768 -6.95 48.93 -16.17
CA MET A 1768 -6.97 47.59 -15.60
C MET A 1768 -5.61 47.23 -15.03
N LEU A 1769 -4.56 47.71 -15.67
CA LEU A 1769 -3.20 47.52 -15.18
C LEU A 1769 -2.93 48.35 -13.94
N SER A 1770 -3.58 49.51 -13.82
CA SER A 1770 -3.35 50.39 -12.68
C SER A 1770 -3.45 49.64 -11.36
N PHE A 1771 -4.26 48.59 -11.31
CA PHE A 1771 -4.44 47.84 -10.08
C PHE A 1771 -3.20 47.05 -9.71
N ILE A 1772 -2.25 46.93 -10.63
CA ILE A 1772 -0.97 46.31 -10.37
C ILE A 1772 0.15 47.35 -10.31
N LYS A 1773 0.15 48.29 -11.25
CA LYS A 1773 1.09 49.40 -11.27
C LYS A 1773 0.29 50.69 -11.41
N SER A 1774 0.10 51.40 -10.29
CA SER A 1774 -0.72 52.60 -10.28
C SER A 1774 -0.28 53.59 -11.35
N ASN A 1775 -1.25 54.30 -11.91
CA ASN A 1775 -1.01 55.30 -12.95
C ASN A 1775 -0.10 54.75 -14.04
N CYS A 1776 -0.58 53.70 -14.70
CA CYS A 1776 0.17 53.05 -15.75
C CYS A 1776 0.03 53.82 -17.06
N THR A 1777 1.13 53.89 -17.80
CA THR A 1777 1.18 54.64 -19.05
C THR A 1777 1.86 53.78 -20.12
N LEU A 1778 1.79 54.25 -21.36
CA LEU A 1778 2.39 53.53 -22.47
C LEU A 1778 3.87 53.26 -22.23
N ARG A 1779 4.59 54.25 -21.70
CA ARG A 1779 6.02 54.07 -21.47
C ARG A 1779 6.29 52.98 -20.45
N ASP A 1780 5.39 52.80 -19.48
CA ASP A 1780 5.55 51.73 -18.52
C ASP A 1780 5.45 50.37 -19.19
N VAL A 1781 4.48 50.21 -20.11
CA VAL A 1781 4.32 48.93 -20.79
C VAL A 1781 5.49 48.70 -21.76
N LEU A 1782 5.94 49.76 -22.43
CA LEU A 1782 7.08 49.63 -23.33
C LEU A 1782 8.32 49.18 -22.59
N ARG A 1783 8.55 49.73 -21.39
CA ARG A 1783 9.69 49.26 -20.60
C ARG A 1783 9.44 47.86 -20.07
N ALA A 1784 8.19 47.53 -19.74
CA ALA A 1784 7.86 46.21 -19.25
C ALA A 1784 8.03 45.14 -20.33
N SER A 1785 7.98 45.52 -21.60
CA SER A 1785 8.16 44.56 -22.68
C SER A 1785 9.59 44.01 -22.72
N VAL A 1786 10.55 44.72 -22.14
CA VAL A 1786 11.92 44.24 -22.10
C VAL A 1786 12.02 43.07 -21.13
N GLY A 1787 12.88 42.10 -21.47
CA GLY A 1787 13.12 40.94 -20.64
C GLY A 1787 12.25 39.75 -21.00
N CYS A 1788 10.97 40.01 -21.28
CA CYS A 1788 10.07 38.92 -21.64
C CYS A 1788 10.27 38.49 -23.08
N GLY A 1789 10.52 39.44 -23.99
CA GLY A 1789 10.75 39.10 -25.38
C GLY A 1789 12.13 38.57 -25.63
N SER A 1790 12.51 37.52 -24.89
CA SER A 1790 13.82 36.92 -25.05
C SER A 1790 14.04 36.47 -26.49
N GLU A 1791 15.31 36.36 -26.87
CA GLU A 1791 15.64 35.82 -28.18
C GLU A 1791 15.16 34.38 -28.32
N ALA A 1792 15.06 33.66 -27.19
CA ALA A 1792 14.54 32.30 -27.23
C ALA A 1792 13.12 32.28 -27.76
N ALA A 1793 12.34 33.33 -27.49
CA ALA A 1793 10.97 33.36 -27.96
C ALA A 1793 10.92 33.56 -29.47
N ARG A 1794 11.81 34.40 -30.00
CA ARG A 1794 11.89 34.56 -31.44
C ARG A 1794 12.39 33.29 -32.10
N TYR A 1795 13.27 32.55 -31.42
CA TYR A 1795 13.72 31.27 -31.94
C TYR A 1795 12.57 30.29 -32.02
N ARG A 1796 11.80 30.16 -30.93
CA ARG A 1796 10.61 29.32 -30.94
C ARG A 1796 9.66 29.71 -32.05
N MET A 1797 9.44 31.01 -32.23
CA MET A 1797 8.52 31.47 -33.26
C MET A 1797 8.98 31.04 -34.64
N ARG A 1798 10.24 31.34 -34.98
CA ARG A 1798 10.80 30.90 -36.25
C ARG A 1798 10.68 29.38 -36.40
N ARG A 1799 11.01 28.65 -35.34
CA ARG A 1799 10.97 27.19 -35.38
C ARG A 1799 9.58 26.69 -35.73
N VAL A 1800 8.56 27.22 -35.04
CA VAL A 1800 7.21 26.73 -35.26
C VAL A 1800 6.71 27.18 -36.63
N MET A 1801 7.12 28.36 -37.08
CA MET A 1801 6.65 28.87 -38.36
C MET A 1801 7.22 28.06 -39.51
N GLU A 1802 8.43 27.55 -39.36
CA GLU A 1802 9.01 26.69 -40.39
C GLU A 1802 8.52 25.25 -40.28
N GLU A 1803 8.48 24.71 -39.05
CA GLU A 1803 8.11 23.33 -38.85
C GLU A 1803 6.65 23.04 -39.22
N LEU A 1804 5.73 23.94 -38.86
CA LEU A 1804 4.31 23.62 -38.98
C LEU A 1804 3.91 23.14 -40.36
N PRO A 1805 4.33 23.75 -41.46
CA PRO A 1805 3.99 23.19 -42.78
C PRO A 1805 4.36 21.73 -42.92
N LEU A 1806 5.56 21.34 -42.47
CA LEU A 1806 5.97 19.95 -42.59
C LEU A 1806 5.13 19.05 -41.69
N MET A 1807 4.87 19.52 -40.47
CA MET A 1807 4.10 18.71 -39.54
C MET A 1807 2.71 18.47 -40.07
N LEU A 1808 2.14 19.48 -40.71
CA LEU A 1808 0.78 19.39 -41.24
C LEU A 1808 0.72 18.58 -42.51
N LEU A 1809 1.78 18.61 -43.33
CA LEU A 1809 1.83 17.73 -44.48
C LEU A 1809 2.01 16.27 -44.07
N SER A 1810 2.66 16.04 -42.93
CA SER A 1810 2.90 14.67 -42.50
C SER A 1810 1.64 14.01 -41.98
N GLU A 1811 0.74 14.80 -41.39
CA GLU A 1811 -0.57 14.32 -40.96
C GLU A 1811 -1.62 14.73 -41.99
N PHE A 1812 -2.57 13.85 -42.24
CA PHE A 1812 -3.52 14.03 -43.34
C PHE A 1812 -4.92 14.40 -42.88
N SER A 1813 -5.45 13.75 -41.86
CA SER A 1813 -6.80 14.04 -41.42
C SER A 1813 -6.87 15.43 -40.80
N LEU A 1814 -8.02 16.08 -40.96
CA LEU A 1814 -8.22 17.41 -40.40
C LEU A 1814 -8.03 17.41 -38.90
N VAL A 1815 -8.33 16.30 -38.24
CA VAL A 1815 -8.27 16.25 -36.78
C VAL A 1815 -6.82 16.17 -36.32
N ASP A 1816 -5.96 15.49 -37.06
CA ASP A 1816 -4.55 15.42 -36.68
C ASP A 1816 -3.85 16.74 -36.96
N LYS A 1817 -4.14 17.35 -38.12
CA LYS A 1817 -3.60 18.68 -38.40
C LYS A 1817 -4.07 19.68 -37.36
N LEU A 1818 -5.30 19.52 -36.88
CA LEU A 1818 -5.84 20.44 -35.88
C LEU A 1818 -5.18 20.22 -34.52
N ARG A 1819 -4.96 18.96 -34.15
CA ARG A 1819 -4.23 18.69 -32.91
C ARG A 1819 -2.81 19.23 -32.97
N ILE A 1820 -2.13 19.07 -34.10
CA ILE A 1820 -0.83 19.69 -34.31
C ILE A 1820 -0.91 21.19 -34.06
N ILE A 1821 -1.90 21.84 -34.70
CA ILE A 1821 -2.04 23.28 -34.57
C ILE A 1821 -2.29 23.66 -33.11
N MET A 1822 -3.06 22.84 -32.41
CA MET A 1822 -3.41 23.14 -31.03
C MET A 1822 -2.19 23.03 -30.11
N GLU A 1823 -1.43 21.95 -30.28
CA GLU A 1823 -0.19 21.79 -29.53
C GLU A 1823 0.75 22.95 -29.79
N GLN A 1824 1.01 23.25 -31.06
CA GLN A 1824 1.95 24.31 -31.39
C GLN A 1824 1.45 25.68 -30.92
N SER A 1825 0.15 25.86 -30.84
CA SER A 1825 -0.39 27.09 -30.30
C SER A 1825 -0.17 27.17 -28.80
N MET A 1826 -0.22 26.03 -28.11
CA MET A 1826 0.11 26.05 -26.69
C MET A 1826 1.60 26.27 -26.47
N ARG A 1827 2.44 25.82 -27.42
CA ARG A 1827 3.88 26.06 -27.35
C ARG A 1827 4.24 27.49 -27.72
N CYS A 1828 3.88 27.92 -28.93
CA CYS A 1828 4.23 29.25 -29.43
C CYS A 1828 3.04 29.81 -30.19
N LEU A 1829 2.19 30.53 -29.46
CA LEU A 1829 1.05 31.21 -30.04
C LEU A 1829 1.47 32.40 -30.89
N PRO A 1830 2.53 33.11 -30.51
CA PRO A 1830 3.00 34.22 -31.37
C PRO A 1830 3.23 33.84 -32.81
N ALA A 1831 3.53 32.57 -33.11
CA ALA A 1831 3.69 32.17 -34.50
C ALA A 1831 2.37 32.25 -35.25
N PHE A 1832 1.28 31.89 -34.56
CA PHE A 1832 -0.05 31.95 -35.16
C PHE A 1832 -0.62 33.36 -35.09
N LEU A 1833 -0.72 33.90 -33.88
CA LEU A 1833 -1.24 35.25 -33.63
C LEU A 1833 -0.09 36.15 -33.20
N PRO A 1834 0.58 36.82 -34.13
CA PRO A 1834 1.71 37.67 -33.73
C PRO A 1834 1.31 38.89 -32.93
N ASP A 1835 0.12 39.43 -33.16
CA ASP A 1835 -0.34 40.65 -32.50
C ASP A 1835 -0.89 40.39 -31.10
N CYS A 1836 -0.65 39.23 -30.54
CA CYS A 1836 -1.12 38.88 -29.20
C CYS A 1836 0.06 38.40 -28.37
N LEU A 1837 0.04 38.72 -27.09
CA LEU A 1837 1.08 38.29 -26.16
C LEU A 1837 0.67 36.96 -25.53
N ASP A 1838 1.58 35.99 -25.58
CA ASP A 1838 1.33 34.73 -24.90
C ASP A 1838 1.25 34.98 -23.40
N LEU A 1839 0.52 34.09 -22.71
CA LEU A 1839 0.32 34.25 -21.28
C LEU A 1839 1.65 34.41 -20.53
N GLU A 1840 2.73 33.90 -21.09
CA GLU A 1840 4.03 33.99 -20.41
C GLU A 1840 4.62 35.39 -20.55
N THR A 1841 4.64 35.92 -21.77
CA THR A 1841 5.12 37.27 -21.98
C THR A 1841 4.23 38.29 -21.30
N LEU A 1842 2.92 38.03 -21.26
CA LEU A 1842 2.01 38.88 -20.52
C LEU A 1842 2.32 38.85 -19.03
N GLY A 1843 2.42 37.65 -18.44
CA GLY A 1843 2.80 37.55 -17.04
C GLY A 1843 4.10 38.28 -16.72
N HIS A 1844 5.09 38.15 -17.59
CA HIS A 1844 6.36 38.86 -17.38
C HIS A 1844 6.16 40.37 -17.43
N CYS A 1845 5.42 40.87 -18.41
CA CYS A 1845 5.20 42.31 -18.49
C CYS A 1845 4.50 42.80 -17.22
N LEU A 1846 3.54 42.02 -16.74
CA LEU A 1846 2.86 42.37 -15.50
C LEU A 1846 3.83 42.42 -14.34
N ALA A 1847 4.74 41.44 -14.27
CA ALA A 1847 5.73 41.43 -13.19
C ALA A 1847 6.65 42.63 -13.26
N HIS A 1848 7.05 43.01 -14.47
CA HIS A 1848 7.92 44.17 -14.63
C HIS A 1848 7.22 45.45 -14.21
N LEU A 1849 5.97 45.64 -14.64
CA LEU A 1849 5.18 46.76 -14.15
C LEU A 1849 5.07 46.75 -12.63
N ALA A 1850 4.73 45.60 -12.05
CA ALA A 1850 4.58 45.51 -10.61
C ALA A 1850 5.87 45.89 -9.89
N GLY A 1851 7.01 45.56 -10.47
CA GLY A 1851 8.26 45.96 -9.86
C GLY A 1851 8.54 47.44 -10.02
N MET A 1852 8.13 48.02 -11.16
CA MET A 1852 8.41 49.43 -11.40
C MET A 1852 7.52 50.34 -10.59
N GLY A 1853 6.47 49.80 -9.96
CA GLY A 1853 5.52 50.61 -9.23
C GLY A 1853 6.04 51.11 -7.90
N GLY A 1854 5.14 51.51 -7.02
CA GLY A 1854 5.53 52.04 -5.73
C GLY A 1854 6.08 50.99 -4.80
N SER A 1855 6.01 51.25 -3.51
CA SER A 1855 6.58 50.33 -2.54
C SER A 1855 5.66 49.12 -2.36
N PRO A 1856 6.21 47.96 -2.02
CA PRO A 1856 5.37 46.80 -1.74
C PRO A 1856 4.41 47.08 -0.60
N VAL A 1857 3.30 46.35 -0.59
CA VAL A 1857 2.25 46.53 0.41
C VAL A 1857 2.46 45.52 1.51
N GLU A 1858 2.74 46.01 2.72
CA GLU A 1858 3.03 45.17 3.87
C GLU A 1858 1.89 45.30 4.87
N ARG A 1859 1.12 44.24 5.03
CA ARG A 1859 0.03 44.19 5.98
C ARG A 1859 0.28 43.11 7.01
N CYS A 1860 -0.39 43.24 8.14
CA CYS A 1860 -0.29 42.29 9.25
C CYS A 1860 -1.68 41.97 9.75
N LEU A 1861 -1.92 40.70 10.03
CA LEU A 1861 -3.21 40.32 10.54
C LEU A 1861 -3.33 40.72 12.02
N PRO A 1862 -4.52 41.12 12.46
CA PRO A 1862 -4.71 41.42 13.88
C PRO A 1862 -4.51 40.19 14.75
N ARG A 1863 -4.57 40.36 16.06
CA ARG A 1863 -4.53 39.23 16.97
C ARG A 1863 -5.80 38.40 16.80
N GLY A 1864 -5.68 37.10 17.11
CA GLY A 1864 -6.76 36.17 16.89
C GLY A 1864 -6.79 35.56 15.51
N LEU A 1865 -6.06 36.15 14.56
CA LEU A 1865 -5.97 35.65 13.20
C LEU A 1865 -4.57 35.11 12.97
N GLN A 1866 -4.48 33.87 12.49
CA GLN A 1866 -3.23 33.14 12.40
C GLN A 1866 -2.67 33.21 10.99
N VAL A 1867 -1.39 33.55 10.88
CA VAL A 1867 -0.71 33.51 9.59
C VAL A 1867 -0.47 32.06 9.19
N GLY A 1868 -0.52 31.81 7.89
CA GLY A 1868 -0.44 30.47 7.37
C GLY A 1868 -1.69 29.64 7.57
N GLN A 1869 -2.69 30.18 8.25
CA GLN A 1869 -3.94 29.51 8.51
C GLN A 1869 -5.06 30.15 7.71
N PRO A 1870 -6.05 29.39 7.28
CA PRO A 1870 -7.27 29.99 6.73
C PRO A 1870 -8.17 30.46 7.85
N ASN A 1871 -8.23 31.77 8.07
CA ASN A 1871 -8.99 32.26 9.20
C ASN A 1871 -10.45 32.45 8.80
N LEU A 1872 -11.33 32.37 9.80
CA LEU A 1872 -12.76 32.44 9.56
C LEU A 1872 -13.38 33.24 10.69
N VAL A 1873 -14.24 34.18 10.32
CA VAL A 1873 -14.93 35.05 11.25
C VAL A 1873 -16.42 34.92 10.98
N VAL A 1874 -17.21 34.84 12.05
CA VAL A 1874 -18.64 34.61 11.95
C VAL A 1874 -19.31 35.69 12.77
N CYS A 1875 -20.20 36.46 12.13
CA CYS A 1875 -20.72 37.64 12.78
C CYS A 1875 -22.02 38.04 12.09
N GLY A 1876 -22.81 38.85 12.80
CA GLY A 1876 -24.02 39.38 12.20
C GLY A 1876 -23.72 40.11 10.91
N HIS A 1877 -24.75 40.19 10.07
CA HIS A 1877 -24.59 40.83 8.76
C HIS A 1877 -23.94 42.20 8.88
N SER A 1878 -24.49 43.06 9.74
CA SER A 1878 -23.95 44.40 9.90
C SER A 1878 -22.49 44.38 10.32
N GLU A 1879 -22.07 43.37 11.06
CA GLU A 1879 -20.71 43.33 11.56
C GLU A 1879 -19.73 42.92 10.47
N VAL A 1880 -20.21 42.20 9.44
CA VAL A 1880 -19.31 41.63 8.45
C VAL A 1880 -18.40 42.70 7.85
N LEU A 1881 -19.00 43.80 7.39
CA LEU A 1881 -18.22 44.80 6.66
C LEU A 1881 -17.26 45.56 7.55
N PRO A 1882 -17.66 46.09 8.71
CA PRO A 1882 -16.67 46.75 9.57
C PRO A 1882 -15.52 45.86 10.00
N ALA A 1883 -15.78 44.57 10.25
CA ALA A 1883 -14.72 43.66 10.65
C ALA A 1883 -13.64 43.56 9.59
N ALA A 1884 -14.04 43.32 8.34
CA ALA A 1884 -13.08 43.25 7.26
C ALA A 1884 -12.22 44.50 7.23
N LEU A 1885 -12.76 45.62 7.67
CA LEU A 1885 -12.05 46.89 7.60
C LEU A 1885 -11.02 46.99 8.71
N ALA A 1886 -11.37 46.49 9.90
CA ALA A 1886 -10.42 46.49 11.01
C ALA A 1886 -9.17 45.69 10.66
N VAL A 1887 -9.35 44.56 9.98
CA VAL A 1887 -8.22 43.76 9.56
C VAL A 1887 -7.17 44.63 8.87
N TYR A 1888 -7.60 45.53 7.99
CA TYR A 1888 -6.63 46.37 7.30
C TYR A 1888 -6.20 47.54 8.16
N MET A 1889 -7.07 47.94 9.09
CA MET A 1889 -6.75 49.04 9.98
C MET A 1889 -5.44 48.77 10.71
N GLN A 1890 -5.13 47.49 10.96
CA GLN A 1890 -3.95 47.16 11.73
C GLN A 1890 -2.73 47.89 11.22
N THR A 1891 -2.66 48.10 9.90
CA THR A 1891 -1.59 48.88 9.27
C THR A 1891 -2.23 50.09 8.61
N PRO A 1892 -2.66 51.08 9.40
CA PRO A 1892 -3.39 52.22 8.82
C PRO A 1892 -2.55 53.06 7.89
N SER A 1893 -1.23 52.85 7.85
CA SER A 1893 -0.38 53.57 6.93
C SER A 1893 -0.34 52.93 5.56
N GLN A 1894 -0.90 51.74 5.41
CA GLN A 1894 -0.87 51.05 4.13
C GLN A 1894 -2.04 51.52 3.25
N PRO A 1895 -1.82 51.67 1.94
CA PRO A 1895 -2.94 52.05 1.06
C PRO A 1895 -4.13 51.11 1.22
N LEU A 1896 -5.28 51.55 0.73
CA LEU A 1896 -6.51 50.82 0.93
C LEU A 1896 -6.53 49.56 0.08
N PRO A 1897 -7.21 48.50 0.54
CA PRO A 1897 -7.33 47.29 -0.25
C PRO A 1897 -8.18 47.50 -1.49
N THR A 1898 -8.14 46.50 -2.37
CA THR A 1898 -8.97 46.49 -3.58
C THR A 1898 -9.42 45.06 -3.83
N TYR A 1899 -9.93 44.82 -5.03
CA TYR A 1899 -10.39 43.48 -5.39
C TYR A 1899 -9.27 42.46 -5.24
N ASP A 1900 -8.03 42.88 -5.50
CA ASP A 1900 -6.90 41.97 -5.31
C ASP A 1900 -6.93 41.34 -3.93
N GLU A 1901 -7.27 42.13 -2.92
CA GLU A 1901 -7.23 41.66 -1.54
C GLU A 1901 -8.59 41.30 -0.98
N VAL A 1902 -9.66 41.91 -1.45
CA VAL A 1902 -10.98 41.72 -0.86
C VAL A 1902 -11.97 41.35 -1.95
N LEU A 1903 -12.72 40.28 -1.73
CA LEU A 1903 -13.81 39.88 -2.59
C LEU A 1903 -15.10 39.88 -1.77
N LEU A 1904 -16.11 40.57 -2.27
CA LEU A 1904 -17.43 40.59 -1.64
C LEU A 1904 -18.31 39.62 -2.42
N CYS A 1905 -18.84 38.63 -1.73
CA CYS A 1905 -19.45 37.48 -2.37
C CYS A 1905 -20.93 37.70 -2.62
N THR A 1906 -21.40 37.16 -3.73
CA THR A 1906 -22.80 37.23 -4.13
C THR A 1906 -23.17 35.89 -4.73
N PRO A 1907 -24.46 35.57 -4.79
CA PRO A 1907 -24.88 34.37 -5.53
C PRO A 1907 -24.36 34.35 -6.96
N ALA A 1908 -24.19 35.51 -7.58
CA ALA A 1908 -23.64 35.60 -8.93
C ALA A 1908 -22.13 35.57 -8.94
N THR A 1909 -21.49 35.55 -7.77
CA THR A 1909 -20.04 35.37 -7.72
C THR A 1909 -19.67 34.03 -8.31
N THR A 1910 -18.82 34.06 -9.33
CA THR A 1910 -18.41 32.85 -10.02
C THR A 1910 -17.17 32.26 -9.37
N PHE A 1911 -16.96 30.97 -9.63
CA PHE A 1911 -15.76 30.32 -9.13
C PHE A 1911 -14.49 31.01 -9.62
N GLU A 1912 -14.55 31.70 -10.75
CA GLU A 1912 -13.33 32.35 -11.24
C GLU A 1912 -12.86 33.43 -10.29
N GLU A 1913 -13.80 34.14 -9.63
CA GLU A 1913 -13.41 35.21 -8.72
C GLU A 1913 -12.75 34.63 -7.47
N VAL A 1914 -13.39 33.64 -6.84
CA VAL A 1914 -12.83 33.03 -5.65
C VAL A 1914 -11.49 32.38 -5.99
N ALA A 1915 -11.43 31.71 -7.14
CA ALA A 1915 -10.19 31.08 -7.56
C ALA A 1915 -9.09 32.09 -7.67
N LEU A 1916 -9.38 33.27 -8.23
CA LEU A 1916 -8.32 34.22 -8.49
C LEU A 1916 -7.91 34.92 -7.20
N LEU A 1917 -8.84 35.05 -6.25
CA LEU A 1917 -8.49 35.54 -4.93
C LEU A 1917 -7.54 34.58 -4.23
N LEU A 1918 -7.94 33.32 -4.16
CA LEU A 1918 -7.10 32.30 -3.53
C LEU A 1918 -5.74 32.22 -4.20
N ARG A 1919 -5.72 32.31 -5.53
CA ARG A 1919 -4.46 32.23 -6.25
C ARG A 1919 -3.59 33.44 -5.97
N ARG A 1920 -4.21 34.60 -5.77
CA ARG A 1920 -3.44 35.80 -5.44
C ARG A 1920 -2.86 35.68 -4.05
N CYS A 1921 -3.58 35.03 -3.14
CA CYS A 1921 -3.11 34.86 -1.77
C CYS A 1921 -1.97 33.85 -1.71
N LEU A 1922 -2.23 32.62 -2.14
CA LEU A 1922 -1.32 31.52 -1.92
C LEU A 1922 -0.14 31.53 -2.88
N THR A 1923 -0.38 31.88 -4.15
CA THR A 1923 0.66 31.75 -5.15
C THR A 1923 1.85 32.63 -4.82
N LEU A 1924 3.01 32.20 -5.30
CA LEU A 1924 4.25 32.92 -5.08
C LEU A 1924 4.55 33.85 -6.24
N GLY A 1925 5.52 34.73 -6.04
CA GLY A 1925 5.88 35.76 -6.97
C GLY A 1925 5.50 37.15 -6.53
N SER A 1926 4.57 37.26 -5.59
CA SER A 1926 4.18 38.55 -5.05
C SER A 1926 5.36 39.24 -4.38
N LEU A 1927 5.26 40.56 -4.29
CA LEU A 1927 6.32 41.39 -3.73
C LEU A 1927 6.01 41.93 -2.34
N GLY A 1928 4.88 41.56 -1.75
CA GLY A 1928 4.52 42.12 -0.45
C GLY A 1928 3.55 41.23 0.28
N HIS A 1929 3.35 41.57 1.56
CA HIS A 1929 2.53 40.77 2.47
C HIS A 1929 1.15 41.40 2.58
N LYS A 1930 0.34 41.15 1.56
CA LYS A 1930 -1.04 41.60 1.55
C LYS A 1930 -1.93 40.61 2.30
N VAL A 1931 -3.15 41.06 2.58
CA VAL A 1931 -4.16 40.25 3.26
C VAL A 1931 -5.26 39.97 2.26
N TYR A 1932 -5.99 38.88 2.46
CA TYR A 1932 -6.98 38.44 1.49
C TYR A 1932 -8.25 38.07 2.23
N SER A 1933 -9.37 38.66 1.81
CA SER A 1933 -10.64 38.53 2.50
C SER A 1933 -11.71 38.08 1.52
N LEU A 1934 -12.57 37.18 2.00
CA LEU A 1934 -13.69 36.64 1.23
C LEU A 1934 -14.93 36.85 2.09
N LEU A 1935 -15.73 37.86 1.74
CA LEU A 1935 -16.80 38.35 2.59
C LEU A 1935 -18.16 37.89 2.10
N PHE A 1936 -19.06 37.65 3.06
CA PHE A 1936 -20.43 37.23 2.79
C PHE A 1936 -20.47 35.91 2.00
N ALA A 1937 -19.66 34.95 2.44
CA ALA A 1937 -19.54 33.69 1.71
C ALA A 1937 -20.79 32.84 1.81
N ASP A 1938 -21.55 32.99 2.90
CA ASP A 1938 -22.78 32.21 3.05
C ASP A 1938 -23.70 32.32 1.84
N GLN A 1939 -23.66 33.45 1.13
CA GLN A 1939 -24.55 33.65 0.00
C GLN A 1939 -24.06 32.94 -1.26
N LEU A 1940 -22.77 32.61 -1.33
CA LEU A 1940 -22.26 31.83 -2.44
C LEU A 1940 -23.09 30.58 -2.65
N SER A 1941 -23.06 30.09 -3.89
CA SER A 1941 -23.63 28.79 -4.19
C SER A 1941 -22.75 27.68 -3.62
N TYR A 1942 -23.36 26.52 -3.39
CA TYR A 1942 -22.60 25.39 -2.87
C TYR A 1942 -21.47 25.02 -3.82
N GLU A 1943 -21.75 25.04 -5.13
CA GLU A 1943 -20.75 24.65 -6.11
C GLU A 1943 -19.49 25.52 -6.00
N VAL A 1944 -19.67 26.83 -5.90
CA VAL A 1944 -18.53 27.74 -5.94
C VAL A 1944 -17.70 27.59 -4.68
N ALA A 1945 -18.35 27.43 -3.52
CA ALA A 1945 -17.61 27.27 -2.28
C ALA A 1945 -16.87 25.95 -2.27
N ARG A 1946 -17.51 24.89 -2.76
CA ARG A 1946 -16.85 23.60 -2.91
C ARG A 1946 -15.58 23.73 -3.76
N GLN A 1947 -15.71 24.33 -4.95
CA GLN A 1947 -14.55 24.47 -5.82
C GLN A 1947 -13.48 25.33 -5.17
N ALA A 1948 -13.88 26.32 -4.36
CA ALA A 1948 -12.91 27.19 -3.71
C ALA A 1948 -12.12 26.43 -2.67
N GLU A 1949 -12.82 25.63 -1.85
CA GLU A 1949 -12.13 24.77 -0.90
C GLU A 1949 -11.16 23.84 -1.62
N GLU A 1950 -11.61 23.22 -2.72
CA GLU A 1950 -10.76 22.33 -3.47
C GLU A 1950 -9.48 23.03 -3.92
N LEU A 1951 -9.63 24.23 -4.49
CA LEU A 1951 -8.46 24.91 -5.02
C LEU A 1951 -7.55 25.37 -3.90
N PHE A 1952 -8.13 25.79 -2.78
CA PHE A 1952 -7.31 26.22 -1.66
C PHE A 1952 -6.44 25.08 -1.18
N HIS A 1953 -7.05 23.92 -0.93
CA HIS A 1953 -6.29 22.77 -0.48
C HIS A 1953 -5.24 22.38 -1.51
N ASN A 1954 -5.59 22.37 -2.79
CA ASN A 1954 -4.64 21.97 -3.81
C ASN A 1954 -3.44 22.91 -3.82
N LEU A 1955 -3.69 24.22 -3.81
CA LEU A 1955 -2.59 25.17 -3.80
C LEU A 1955 -1.71 24.98 -2.57
N CYS A 1956 -2.35 24.78 -1.41
CA CYS A 1956 -1.57 24.52 -0.19
C CYS A 1956 -0.73 23.26 -0.30
N THR A 1957 -1.16 22.29 -1.11
CA THR A 1957 -0.31 21.12 -1.36
C THR A 1957 0.90 21.49 -2.20
N GLN A 1958 0.79 22.55 -2.99
CA GLN A 1958 1.82 22.92 -3.95
C GLN A 1958 2.71 24.02 -3.40
N GLN A 1959 3.75 24.35 -4.15
CA GLN A 1959 4.70 25.38 -3.77
C GLN A 1959 4.02 26.73 -3.72
N HIS A 1960 3.82 27.27 -2.52
CA HIS A 1960 2.97 28.44 -2.32
C HIS A 1960 3.54 29.29 -1.20
N ARG A 1961 2.75 30.27 -0.76
CA ARG A 1961 3.11 31.12 0.36
C ARG A 1961 2.81 30.40 1.67
N GLU A 1962 3.83 30.11 2.46
CA GLU A 1962 3.66 29.45 3.74
C GLU A 1962 3.52 30.44 4.88
N ASP A 1963 3.24 31.70 4.57
CA ASP A 1963 2.88 32.70 5.57
C ASP A 1963 1.70 33.52 5.06
N TYR A 1964 0.89 32.92 4.20
CA TYR A 1964 -0.23 33.62 3.61
C TYR A 1964 -1.18 34.09 4.70
N GLN A 1965 -1.80 35.24 4.44
CA GLN A 1965 -2.74 35.87 5.37
C GLN A 1965 -4.10 35.84 4.71
N LEU A 1966 -4.97 34.93 5.17
CA LEU A 1966 -6.25 34.69 4.54
C LEU A 1966 -7.37 34.78 5.57
N VAL A 1967 -8.43 35.49 5.20
CA VAL A 1967 -9.57 35.71 6.09
C VAL A 1967 -10.86 35.46 5.33
N MET A 1968 -11.80 34.80 5.99
CA MET A 1968 -13.13 34.51 5.47
C MET A 1968 -14.12 35.10 6.47
N VAL A 1969 -15.21 35.67 5.98
CA VAL A 1969 -16.16 36.35 6.85
C VAL A 1969 -17.57 35.95 6.45
N CYS A 1970 -18.38 35.57 7.43
CA CYS A 1970 -19.70 35.00 7.15
C CYS A 1970 -20.74 35.55 8.11
N ASP A 1971 -21.99 35.40 7.69
CA ASP A 1971 -23.14 35.86 8.45
C ASP A 1971 -23.62 34.73 9.34
N GLY A 1972 -23.60 34.96 10.66
CA GLY A 1972 -23.85 33.88 11.59
C GLY A 1972 -25.15 33.16 11.35
N ASP A 1973 -26.20 33.90 10.97
CA ASP A 1973 -27.49 33.26 10.71
C ASP A 1973 -27.40 32.22 9.59
N TRP A 1974 -26.68 32.54 8.52
CA TRP A 1974 -26.45 31.61 7.43
C TRP A 1974 -25.22 30.74 7.63
N GLU A 1975 -24.53 30.85 8.77
CA GLU A 1975 -23.22 30.21 8.91
C GLU A 1975 -23.26 28.70 8.67
N HIS A 1976 -24.44 28.08 8.75
CA HIS A 1976 -24.50 26.63 8.62
C HIS A 1976 -24.07 26.14 7.24
N CYS A 1977 -23.81 27.03 6.29
CA CYS A 1977 -23.53 26.65 4.91
C CYS A 1977 -22.05 26.30 4.73
N TYR A 1978 -21.64 26.18 3.47
CA TYR A 1978 -20.52 25.31 3.11
C TYR A 1978 -19.18 25.84 3.62
N LEU A 1979 -18.81 27.06 3.24
CA LEU A 1979 -17.46 27.52 3.54
C LEU A 1979 -17.23 27.75 5.03
N PRO A 1980 -18.19 28.33 5.76
CA PRO A 1980 -18.02 28.37 7.22
C PRO A 1980 -17.98 26.99 7.86
N SER A 1981 -18.75 26.04 7.33
CA SER A 1981 -18.67 24.66 7.84
C SER A 1981 -17.27 24.10 7.67
N ALA A 1982 -16.72 24.21 6.46
CA ALA A 1982 -15.45 23.57 6.16
C ALA A 1982 -14.35 24.01 7.12
N PHE A 1983 -14.40 25.26 7.58
CA PHE A 1983 -13.36 25.83 8.41
C PHE A 1983 -13.83 26.06 9.85
N SER A 1984 -14.95 25.45 10.24
CA SER A 1984 -15.51 25.67 11.57
C SER A 1984 -14.43 25.51 12.64
N GLN A 1985 -13.63 24.45 12.57
CA GLN A 1985 -12.48 24.33 13.44
C GLN A 1985 -11.65 25.61 13.42
N HIS A 1986 -11.43 26.18 12.23
CA HIS A 1986 -10.66 27.42 12.10
C HIS A 1986 -11.45 28.63 12.54
N LYS A 1987 -12.71 28.48 12.92
CA LYS A 1987 -13.49 29.61 13.41
C LYS A 1987 -12.68 30.39 14.45
N VAL A 1988 -12.50 31.68 14.19
CA VAL A 1988 -11.74 32.56 15.05
C VAL A 1988 -12.73 33.26 15.98
N PHE A 1989 -12.46 33.19 17.28
CA PHE A 1989 -13.40 33.67 18.28
C PHE A 1989 -13.12 35.09 18.73
N VAL A 1990 -11.91 35.60 18.46
CA VAL A 1990 -11.63 37.04 18.64
C VAL A 1990 -12.02 37.70 17.34
N THR A 1991 -13.31 38.04 17.23
CA THR A 1991 -13.80 38.72 16.04
C THR A 1991 -13.24 40.13 16.00
N PRO A 1992 -12.55 40.52 14.93
CA PRO A 1992 -11.97 41.87 14.89
C PRO A 1992 -13.05 42.94 14.85
N GLN A 1993 -12.79 44.04 15.53
CA GLN A 1993 -13.70 45.16 15.58
C GLN A 1993 -12.90 46.44 15.79
N ALA A 1994 -13.49 47.54 15.38
CA ALA A 1994 -12.94 48.86 15.65
C ALA A 1994 -14.08 49.80 16.00
N PRO A 1995 -13.84 50.75 16.90
CA PRO A 1995 -14.84 51.79 17.14
C PRO A 1995 -15.02 52.66 15.91
N LEU A 1996 -16.21 53.23 15.79
CA LEU A 1996 -16.56 54.00 14.60
C LEU A 1996 -15.55 55.11 14.35
N GLU A 1997 -15.03 55.72 15.41
CA GLU A 1997 -14.16 56.87 15.24
C GLU A 1997 -12.84 56.46 14.58
N ALA A 1998 -12.40 55.24 14.81
CA ALA A 1998 -11.13 54.79 14.25
C ALA A 1998 -11.28 54.54 12.76
N ILE A 1999 -12.36 53.85 12.38
CA ILE A 1999 -12.67 53.68 10.97
C ILE A 1999 -12.82 55.03 10.28
N GLN A 2000 -13.52 55.95 10.93
CA GLN A 2000 -13.67 57.30 10.37
C GLN A 2000 -12.30 57.92 10.10
N ALA A 2001 -11.39 57.85 11.08
CA ALA A 2001 -10.10 58.51 10.90
C ALA A 2001 -9.29 57.81 9.82
N TYR A 2002 -9.43 56.50 9.73
CA TYR A 2002 -8.69 55.70 8.76
C TYR A 2002 -9.12 56.04 7.35
N LEU A 2003 -10.43 55.96 7.09
CA LEU A 2003 -10.95 56.27 5.78
C LEU A 2003 -10.74 57.74 5.44
N ALA A 2004 -10.84 58.63 6.42
CA ALA A 2004 -10.63 60.06 6.16
C ALA A 2004 -9.19 60.34 5.79
N GLY A 2005 -8.24 59.67 6.43
CA GLY A 2005 -6.85 59.82 6.04
C GLY A 2005 -6.62 59.31 4.62
N HIS A 2006 -7.22 58.18 4.29
CA HIS A 2006 -7.00 57.63 2.96
C HIS A 2006 -7.68 58.46 1.87
N TYR A 2007 -8.81 59.10 2.19
CA TYR A 2007 -9.50 59.90 1.20
C TYR A 2007 -8.86 61.26 1.01
N ARG A 2008 -8.06 61.72 1.98
CA ARG A 2008 -7.49 63.05 1.93
C ARG A 2008 -6.53 63.18 0.76
N VAL A 2009 -6.80 64.14 -0.12
CA VAL A 2009 -5.98 64.35 -1.31
C VAL A 2009 -4.88 65.35 -0.97
N PRO A 2010 -3.63 65.08 -1.34
CA PRO A 2010 -2.57 66.05 -1.06
C PRO A 2010 -2.80 67.38 -1.77
N LYS A 2011 -2.14 68.41 -1.25
CA LYS A 2011 -2.35 69.76 -1.74
C LYS A 2011 -1.83 69.93 -3.17
N GLN A 2012 -0.77 69.21 -3.53
CA GLN A 2012 -0.19 69.39 -4.86
C GLN A 2012 -1.13 68.86 -5.94
N THR A 2013 -1.96 67.89 -5.59
CA THR A 2013 -2.82 67.22 -6.55
C THR A 2013 -4.04 68.09 -6.86
N LEU A 2014 -4.22 68.44 -8.12
CA LEU A 2014 -5.42 69.16 -8.55
C LEU A 2014 -6.60 68.22 -8.49
N SER A 2015 -7.51 68.46 -7.54
CA SER A 2015 -8.59 67.54 -7.26
C SER A 2015 -9.89 68.29 -7.02
N ALA A 2016 -10.98 67.66 -7.42
CA ALA A 2016 -12.30 68.13 -7.01
C ALA A 2016 -12.44 68.12 -5.49
N ALA A 2017 -11.72 67.23 -4.83
CA ALA A 2017 -11.73 67.17 -3.37
C ALA A 2017 -11.45 68.52 -2.73
N ALA A 2018 -10.70 69.40 -3.42
CA ALA A 2018 -10.32 70.68 -2.84
C ALA A 2018 -11.51 71.39 -2.20
N VAL A 2019 -12.68 71.30 -2.82
CA VAL A 2019 -13.85 71.98 -2.27
C VAL A 2019 -14.38 71.25 -1.05
N PHE A 2020 -14.32 69.92 -1.05
CA PHE A 2020 -14.87 69.19 0.07
C PHE A 2020 -14.08 69.49 1.34
N ASN A 2021 -14.56 68.92 2.45
CA ASN A 2021 -14.18 69.36 3.78
C ASN A 2021 -12.69 69.64 3.92
N ASP A 2022 -11.87 68.61 3.78
CA ASP A 2022 -10.42 68.73 3.93
C ASP A 2022 -9.72 67.95 2.82
N ARG A 2023 -10.16 68.17 1.58
CA ARG A 2023 -9.63 67.49 0.41
C ARG A 2023 -9.94 66.00 0.40
N LEU A 2024 -11.00 65.59 1.11
CA LEU A 2024 -11.50 64.23 1.02
C LEU A 2024 -12.13 64.00 -0.35
N CYS A 2025 -11.68 62.97 -1.05
CA CYS A 2025 -12.20 62.64 -2.37
C CYS A 2025 -13.44 61.78 -2.31
N VAL A 2026 -14.02 61.62 -1.13
CA VAL A 2026 -15.26 60.86 -0.95
C VAL A 2026 -16.10 61.56 0.10
N GLY A 2027 -17.39 61.67 -0.17
CA GLY A 2027 -18.31 62.21 0.82
C GLY A 2027 -19.68 61.58 0.67
N ILE A 2028 -20.36 61.48 1.80
CA ILE A 2028 -21.76 61.08 1.83
C ILE A 2028 -22.57 62.30 2.21
N VAL A 2029 -23.64 62.53 1.46
CA VAL A 2029 -24.64 63.54 1.81
C VAL A 2029 -25.90 62.78 2.20
N ALA A 2030 -26.34 62.96 3.44
CA ALA A 2030 -27.43 62.16 3.97
C ALA A 2030 -28.46 63.02 4.67
N SER A 2031 -29.69 62.50 4.70
CA SER A 2031 -30.81 63.13 5.39
C SER A 2031 -31.72 62.06 5.94
N GLU A 2032 -32.32 62.35 7.09
CA GLU A 2032 -33.31 61.44 7.66
C GLU A 2032 -34.62 61.50 6.89
N ARG A 2033 -34.84 62.53 6.09
CA ARG A 2033 -36.02 62.62 5.26
C ARG A 2033 -35.69 63.43 4.01
N ALA A 2034 -36.67 63.55 3.13
CA ALA A 2034 -36.46 64.01 1.78
C ALA A 2034 -36.54 65.53 1.67
N GLY A 2035 -35.87 66.05 0.64
CA GLY A 2035 -35.90 67.46 0.32
C GLY A 2035 -35.36 68.36 1.41
N VAL A 2036 -34.09 68.22 1.74
CA VAL A 2036 -33.47 69.05 2.77
C VAL A 2036 -32.14 69.62 2.32
N GLY A 2037 -31.75 69.36 1.06
CA GLY A 2037 -30.59 70.01 0.49
C GLY A 2037 -29.39 69.15 0.19
N LYS A 2038 -29.62 67.92 -0.24
CA LYS A 2038 -28.52 67.06 -0.64
C LYS A 2038 -28.04 67.41 -2.05
N SER A 2039 -28.97 67.46 -2.99
CA SER A 2039 -28.61 67.80 -4.36
C SER A 2039 -28.24 69.26 -4.46
N LEU A 2040 -28.89 70.11 -3.67
CA LEU A 2040 -28.48 71.51 -3.58
C LEU A 2040 -27.07 71.62 -3.08
N TYR A 2041 -26.71 70.81 -2.07
CA TYR A 2041 -25.36 70.84 -1.55
C TYR A 2041 -24.37 70.48 -2.64
N VAL A 2042 -24.67 69.43 -3.41
CA VAL A 2042 -23.76 69.02 -4.47
C VAL A 2042 -23.66 70.09 -5.56
N LYS A 2043 -24.79 70.68 -5.94
CA LYS A 2043 -24.79 71.83 -6.83
C LYS A 2043 -23.86 72.94 -6.35
N ARG A 2044 -23.99 73.34 -5.09
CA ARG A 2044 -23.16 74.42 -4.57
C ARG A 2044 -21.71 73.99 -4.52
N LEU A 2045 -21.47 72.71 -4.30
CA LEU A 2045 -20.12 72.18 -4.29
C LEU A 2045 -19.49 72.30 -5.67
N HIS A 2046 -20.22 71.87 -6.68
CA HIS A 2046 -19.82 72.05 -8.07
C HIS A 2046 -19.52 73.52 -8.38
N ASP A 2047 -20.42 74.42 -8.00
CA ASP A 2047 -20.21 75.84 -8.26
C ASP A 2047 -18.93 76.35 -7.59
N LYS A 2048 -18.73 75.98 -6.33
CA LYS A 2048 -17.55 76.41 -5.59
C LYS A 2048 -16.30 75.83 -6.20
N MET A 2049 -16.40 74.64 -6.77
CA MET A 2049 -15.29 74.02 -7.47
C MET A 2049 -14.97 74.76 -8.76
N LYS A 2050 -16.00 75.15 -9.50
CA LYS A 2050 -15.79 75.96 -10.70
C LYS A 2050 -15.15 77.29 -10.36
N MET A 2051 -15.45 77.82 -9.19
CA MET A 2051 -14.85 79.08 -8.76
C MET A 2051 -13.40 78.92 -8.34
N GLN A 2052 -13.11 77.90 -7.53
CA GLN A 2052 -11.79 77.76 -6.93
C GLN A 2052 -10.75 77.20 -7.90
N LEU A 2053 -11.08 76.12 -8.60
CA LEU A 2053 -10.05 75.31 -9.25
C LEU A 2053 -9.46 75.92 -10.52
N ASN A 2054 -9.92 77.09 -10.95
CA ASN A 2054 -9.33 77.78 -12.09
C ASN A 2054 -9.45 77.00 -13.39
N VAL A 2055 -10.31 75.99 -13.42
CA VAL A 2055 -10.42 75.11 -14.58
C VAL A 2055 -11.51 75.63 -15.50
N LYS A 2056 -11.29 75.48 -16.81
CA LYS A 2056 -12.26 75.95 -17.79
C LYS A 2056 -13.57 75.18 -17.70
N ASN A 2057 -13.49 73.87 -17.44
CA ASN A 2057 -14.67 73.04 -17.24
C ASN A 2057 -14.36 71.98 -16.19
N VAL A 2058 -15.31 71.79 -15.28
CA VAL A 2058 -15.23 70.75 -14.26
C VAL A 2058 -16.44 69.85 -14.43
N PRO A 2059 -16.28 68.71 -15.08
CA PRO A 2059 -17.44 67.87 -15.37
C PRO A 2059 -18.18 67.47 -14.11
N LEU A 2060 -19.50 67.42 -14.21
CA LEU A 2060 -20.34 66.79 -13.21
C LEU A 2060 -21.01 65.60 -13.88
N LYS A 2061 -20.85 64.43 -13.28
CA LYS A 2061 -21.58 63.25 -13.70
C LYS A 2061 -22.55 62.89 -12.59
N THR A 2062 -23.82 62.76 -12.97
CA THR A 2062 -24.86 62.39 -12.03
C THR A 2062 -25.40 61.03 -12.44
N ILE A 2063 -25.51 60.12 -11.46
CA ILE A 2063 -25.98 58.78 -11.70
C ILE A 2063 -27.14 58.51 -10.74
N ARG A 2064 -28.22 57.97 -11.27
CA ARG A 2064 -29.39 57.60 -10.50
C ARG A 2064 -29.41 56.09 -10.36
N LEU A 2065 -29.48 55.61 -9.12
CA LEU A 2065 -29.71 54.21 -8.84
C LEU A 2065 -31.18 54.04 -8.51
N ILE A 2066 -31.93 53.47 -9.45
CA ILE A 2066 -33.36 53.34 -9.33
C ILE A 2066 -33.80 51.92 -9.01
N ASP A 2067 -33.05 50.92 -9.45
CA ASP A 2067 -33.46 49.55 -9.26
C ASP A 2067 -33.38 49.17 -7.77
N PRO A 2068 -34.34 48.40 -7.26
CA PRO A 2068 -34.25 47.99 -5.85
C PRO A 2068 -32.92 47.31 -5.52
N GLN A 2069 -32.50 46.37 -6.36
CA GLN A 2069 -31.20 45.73 -6.21
C GLN A 2069 -30.20 46.49 -7.06
N VAL A 2070 -29.21 47.10 -6.41
CA VAL A 2070 -28.25 47.99 -7.06
C VAL A 2070 -27.60 47.29 -8.25
N ASP A 2071 -27.68 47.93 -9.41
CA ASP A 2071 -27.03 47.45 -10.63
C ASP A 2071 -25.68 48.16 -10.73
N GLU A 2072 -24.62 47.45 -10.37
CA GLU A 2072 -23.28 48.02 -10.42
C GLU A 2072 -22.77 48.10 -11.85
N SER A 2073 -23.25 47.24 -12.73
CA SER A 2073 -22.84 47.29 -14.13
C SER A 2073 -23.33 48.56 -14.81
N ARG A 2074 -24.52 49.05 -14.45
CA ARG A 2074 -24.98 50.32 -15.00
C ARG A 2074 -24.14 51.48 -14.51
N VAL A 2075 -23.75 51.47 -13.23
CA VAL A 2075 -22.86 52.49 -12.72
C VAL A 2075 -21.53 52.47 -13.47
N LEU A 2076 -21.00 51.26 -13.69
CA LEU A 2076 -19.74 51.14 -14.42
C LEU A 2076 -19.90 51.67 -15.84
N GLY A 2077 -20.98 51.27 -16.52
CA GLY A 2077 -21.24 51.78 -17.85
C GLY A 2077 -21.27 53.28 -17.92
N ALA A 2078 -21.97 53.91 -16.96
CA ALA A 2078 -22.03 55.37 -16.90
C ALA A 2078 -20.67 55.99 -16.64
N LEU A 2079 -19.81 55.33 -15.87
CA LEU A 2079 -18.50 55.89 -15.55
C LEU A 2079 -17.46 55.65 -16.64
N LEU A 2080 -17.59 54.56 -17.40
CA LEU A 2080 -16.56 54.19 -18.37
C LEU A 2080 -16.20 55.31 -19.34
N PRO A 2081 -17.14 56.10 -19.85
CA PRO A 2081 -16.76 57.21 -20.73
C PRO A 2081 -15.62 58.05 -20.20
N PHE A 2082 -15.48 58.11 -18.88
CA PHE A 2082 -14.50 58.96 -18.23
C PHE A 2082 -13.13 58.30 -18.08
N LEU A 2083 -12.99 57.01 -18.43
CA LEU A 2083 -11.69 56.38 -18.39
C LEU A 2083 -10.63 57.12 -19.21
N ASP A 2084 -11.05 57.97 -20.15
CA ASP A 2084 -10.09 58.69 -20.97
C ASP A 2084 -9.04 59.39 -20.11
N ALA A 2085 -7.87 59.62 -20.70
CA ALA A 2085 -6.75 60.17 -19.95
C ALA A 2085 -6.95 61.63 -19.63
N GLN A 2086 -7.68 62.37 -20.46
CA GLN A 2086 -7.93 63.78 -20.16
C GLN A 2086 -8.52 63.96 -18.77
N TYR A 2087 -9.40 63.05 -18.37
CA TYR A 2087 -10.02 63.11 -17.05
C TYR A 2087 -9.08 62.67 -15.94
N GLN A 2088 -8.06 61.87 -16.24
CA GLN A 2088 -7.26 61.26 -15.18
C GLN A 2088 -6.45 62.28 -14.40
N LYS A 2089 -6.21 63.46 -14.98
CA LYS A 2089 -5.45 64.52 -14.32
C LYS A 2089 -6.24 65.81 -14.30
N VAL A 2090 -7.56 65.70 -14.33
CA VAL A 2090 -8.46 66.84 -14.36
C VAL A 2090 -9.57 66.58 -13.34
N PRO A 2091 -10.06 67.59 -12.63
CA PRO A 2091 -11.09 67.34 -11.62
C PRO A 2091 -12.42 66.96 -12.26
N VAL A 2092 -13.08 65.98 -11.66
CA VAL A 2092 -14.42 65.58 -12.04
C VAL A 2092 -15.18 65.24 -10.78
N LEU A 2093 -16.46 65.61 -10.76
CA LEU A 2093 -17.34 65.31 -9.65
C LEU A 2093 -18.36 64.27 -10.09
N PHE A 2094 -18.44 63.20 -9.33
CA PHE A 2094 -19.41 62.14 -9.55
C PHE A 2094 -20.41 62.23 -8.42
N HIS A 2095 -21.67 62.39 -8.79
CA HIS A 2095 -22.77 62.47 -7.84
C HIS A 2095 -23.62 61.24 -8.09
N LEU A 2096 -23.69 60.36 -7.10
CA LEU A 2096 -24.48 59.14 -7.19
C LEU A 2096 -25.66 59.28 -6.24
N ASP A 2097 -26.86 59.34 -6.79
CA ASP A 2097 -28.06 59.48 -5.98
C ASP A 2097 -28.69 58.11 -5.84
N VAL A 2098 -28.75 57.61 -4.62
CA VAL A 2098 -29.32 56.30 -4.31
C VAL A 2098 -30.75 56.58 -3.87
N THR A 2099 -31.66 56.50 -4.83
CA THR A 2099 -33.05 56.85 -4.60
C THR A 2099 -33.70 55.90 -3.60
N SER A 2100 -34.86 56.31 -3.11
CA SER A 2100 -35.62 55.49 -2.17
C SER A 2100 -36.00 54.14 -2.77
N SER A 2101 -36.09 54.03 -4.09
CA SER A 2101 -36.44 52.77 -4.72
C SER A 2101 -35.44 51.67 -4.38
N VAL A 2102 -34.19 52.04 -4.12
CA VAL A 2102 -33.16 51.06 -3.82
C VAL A 2102 -33.42 50.45 -2.45
N GLN A 2103 -33.43 49.13 -2.38
CA GLN A 2103 -33.62 48.41 -1.13
C GLN A 2103 -32.44 47.54 -0.73
N THR A 2104 -31.68 47.01 -1.69
CA THR A 2104 -30.60 46.09 -1.39
C THR A 2104 -29.43 46.36 -2.33
N GLY A 2105 -28.24 45.98 -1.87
CA GLY A 2105 -27.03 46.09 -2.63
C GLY A 2105 -26.27 47.38 -2.44
N ILE A 2106 -26.72 48.24 -1.54
CA ILE A 2106 -26.15 49.58 -1.41
C ILE A 2106 -24.85 49.54 -0.62
N TRP A 2107 -24.83 48.87 0.52
CA TRP A 2107 -23.63 48.86 1.35
C TRP A 2107 -22.48 48.13 0.64
N VAL A 2108 -22.77 47.00 0.02
CA VAL A 2108 -21.76 46.29 -0.77
C VAL A 2108 -21.20 47.19 -1.87
N PHE A 2109 -22.09 47.90 -2.57
CA PHE A 2109 -21.67 48.78 -3.65
C PHE A 2109 -20.77 49.90 -3.14
N LEU A 2110 -21.20 50.58 -2.09
CA LEU A 2110 -20.39 51.66 -1.53
C LEU A 2110 -19.06 51.14 -1.00
N PHE A 2111 -19.06 49.96 -0.38
CA PHE A 2111 -17.81 49.36 0.06
C PHE A 2111 -16.86 49.17 -1.11
N LYS A 2112 -17.33 48.56 -2.19
CA LYS A 2112 -16.43 48.26 -3.31
C LYS A 2112 -15.94 49.54 -3.99
N LEU A 2113 -16.86 50.44 -4.32
CA LEU A 2113 -16.46 51.66 -5.01
C LEU A 2113 -15.61 52.58 -4.13
N LEU A 2114 -16.12 52.96 -2.97
CA LEU A 2114 -15.46 53.98 -2.17
C LEU A 2114 -14.22 53.44 -1.46
N ILE A 2115 -14.33 52.27 -0.83
CA ILE A 2115 -13.21 51.73 -0.07
C ILE A 2115 -12.27 50.94 -0.95
N LEU A 2116 -12.78 49.94 -1.67
CA LEU A 2116 -11.94 49.15 -2.56
C LEU A 2116 -11.59 49.90 -3.84
N GLN A 2117 -12.16 51.08 -4.04
CA GLN A 2117 -11.80 51.96 -5.15
C GLN A 2117 -12.04 51.32 -6.51
N TYR A 2118 -12.95 50.35 -6.61
CA TYR A 2118 -13.05 49.59 -7.83
C TYR A 2118 -14.49 49.19 -8.12
N LEU A 2119 -14.81 49.10 -9.41
CA LEU A 2119 -15.97 48.36 -9.88
C LEU A 2119 -15.58 47.51 -11.07
N MET A 2120 -16.24 46.36 -11.24
CA MET A 2120 -15.88 45.45 -12.31
C MET A 2120 -17.11 44.72 -12.80
N ASP A 2121 -17.13 44.40 -14.09
CA ASP A 2121 -18.31 43.89 -14.78
C ASP A 2121 -18.06 42.50 -15.37
N ILE A 2122 -19.07 42.02 -16.10
CA ILE A 2122 -19.04 40.68 -16.71
C ILE A 2122 -17.90 40.56 -17.70
N ASN A 2123 -17.75 41.55 -18.58
CA ASN A 2123 -16.78 41.46 -19.66
C ASN A 2123 -15.35 41.56 -19.13
N GLY A 2124 -15.13 42.40 -18.11
CA GLY A 2124 -13.83 42.49 -17.51
C GLY A 2124 -13.24 43.89 -17.52
N LYS A 2125 -14.03 44.88 -17.94
CA LYS A 2125 -13.57 46.26 -17.86
C LYS A 2125 -13.73 46.77 -16.44
N MET A 2126 -12.81 47.63 -16.04
CA MET A 2126 -12.60 47.91 -14.64
C MET A 2126 -12.59 49.41 -14.38
N TRP A 2127 -13.28 49.82 -13.32
CA TRP A 2127 -13.26 51.19 -12.83
C TRP A 2127 -12.34 51.29 -11.63
N LEU A 2128 -11.44 52.27 -11.68
CA LEU A 2128 -10.59 52.66 -10.57
C LEU A 2128 -10.99 54.05 -10.11
N ARG A 2129 -11.29 54.19 -8.82
CA ARG A 2129 -11.68 55.47 -8.25
C ARG A 2129 -10.44 56.35 -8.09
N ASN A 2130 -10.32 57.36 -8.93
CA ASN A 2130 -9.18 58.27 -8.90
C ASN A 2130 -9.37 59.32 -7.80
N PRO A 2131 -8.35 59.58 -6.98
CA PRO A 2131 -8.50 60.63 -5.96
C PRO A 2131 -8.64 62.04 -6.53
N CYS A 2132 -8.18 62.28 -7.76
CA CYS A 2132 -8.37 63.59 -8.37
C CYS A 2132 -9.84 63.91 -8.60
N HIS A 2133 -10.71 62.92 -8.52
CA HIS A 2133 -12.14 63.10 -8.68
C HIS A 2133 -12.82 63.00 -7.33
N LEU A 2134 -13.89 63.75 -7.16
CA LEU A 2134 -14.69 63.71 -5.96
C LEU A 2134 -15.91 62.83 -6.18
N TYR A 2135 -16.24 62.04 -5.17
CA TYR A 2135 -17.41 61.19 -5.16
C TYR A 2135 -18.33 61.63 -4.03
N ILE A 2136 -19.58 61.91 -4.36
CA ILE A 2136 -20.58 62.30 -3.38
C ILE A 2136 -21.78 61.40 -3.59
N VAL A 2137 -22.22 60.77 -2.51
CA VAL A 2137 -23.35 59.87 -2.53
C VAL A 2137 -24.49 60.58 -1.83
N GLU A 2138 -25.60 60.71 -2.54
CA GLU A 2138 -26.78 61.36 -2.03
C GLU A 2138 -27.75 60.26 -1.66
N ILE A 2139 -28.05 60.16 -0.38
CA ILE A 2139 -28.81 59.04 0.14
C ILE A 2139 -29.63 59.52 1.32
N LEU A 2140 -30.76 58.88 1.53
CA LEU A 2140 -31.60 59.13 2.69
C LEU A 2140 -31.26 58.08 3.73
N GLU A 2141 -31.08 58.52 4.97
CA GLU A 2141 -30.61 57.63 6.02
C GLU A 2141 -31.62 56.52 6.23
N ARG A 2142 -31.29 55.32 5.79
CA ARG A 2142 -32.18 54.17 5.87
C ARG A 2142 -32.04 53.56 7.27
N ARG A 2143 -32.64 54.23 8.24
CA ARG A 2143 -32.57 53.82 9.63
C ARG A 2143 -33.69 52.82 9.94
N THR A 2144 -33.33 51.71 10.57
CA THR A 2144 -34.28 50.67 10.89
C THR A 2144 -34.61 50.68 12.38
N VAL A 2158 -29.64 45.54 13.32
CA VAL A 2158 -28.88 46.74 13.01
C VAL A 2158 -28.06 47.16 14.23
N PRO A 2159 -26.77 47.47 14.04
CA PRO A 2159 -25.90 47.70 15.19
C PRO A 2159 -25.97 49.11 15.74
N GLN A 2160 -25.07 49.41 16.68
CA GLN A 2160 -25.05 50.71 17.33
C GLN A 2160 -24.62 51.83 16.39
N PHE A 2161 -24.12 51.50 15.20
CA PHE A 2161 -23.66 52.50 14.25
C PHE A 2161 -24.10 52.09 12.86
N SER A 2162 -24.49 53.07 12.05
CA SER A 2162 -24.85 52.80 10.66
C SER A 2162 -23.60 52.83 9.80
N PHE A 2163 -23.59 51.99 8.76
CA PHE A 2163 -22.42 51.86 7.91
C PHE A 2163 -22.01 53.20 7.31
N LEU A 2164 -22.99 54.05 6.99
CA LEU A 2164 -22.66 55.32 6.35
C LEU A 2164 -21.81 56.18 7.25
N ASP A 2165 -21.96 56.02 8.57
CA ASP A 2165 -21.22 56.85 9.50
C ASP A 2165 -19.71 56.70 9.31
N ILE A 2166 -19.25 55.55 8.83
CA ILE A 2166 -17.82 55.38 8.58
C ILE A 2166 -17.29 56.39 7.57
N PHE A 2167 -18.16 57.02 6.82
CA PHE A 2167 -17.76 57.86 5.72
C PHE A 2167 -17.85 59.34 6.09
N PRO A 2168 -17.07 60.19 5.42
CA PRO A 2168 -17.28 61.63 5.57
C PRO A 2168 -18.68 62.01 5.15
N LYS A 2169 -19.48 62.46 6.11
CA LYS A 2169 -20.91 62.64 5.90
C LYS A 2169 -21.30 64.10 6.08
N VAL A 2170 -22.21 64.56 5.23
CA VAL A 2170 -22.95 65.79 5.43
C VAL A 2170 -24.37 65.40 5.76
N THR A 2171 -24.91 65.95 6.84
CA THR A 2171 -26.30 65.74 7.22
C THR A 2171 -27.05 67.03 6.97
N CYS A 2172 -27.85 67.05 5.91
CA CYS A 2172 -28.68 68.20 5.61
C CYS A 2172 -29.94 68.16 6.47
N ARG A 2173 -30.29 69.30 7.05
CA ARG A 2173 -31.30 69.36 8.08
C ARG A 2173 -32.50 70.18 7.62
N PRO A 2174 -33.69 69.88 8.13
CA PRO A 2174 -34.86 70.67 7.79
C PRO A 2174 -34.92 71.97 8.56
N PRO A 2175 -35.82 72.87 8.18
CA PRO A 2175 -35.83 74.22 8.76
C PRO A 2175 -35.93 74.26 10.27
N LYS A 2176 -36.78 73.43 10.86
CA LYS A 2176 -36.93 73.47 12.30
C LYS A 2176 -35.67 72.98 12.98
N GLU A 2177 -35.03 71.94 12.43
CA GLU A 2177 -33.75 71.51 12.95
C GLU A 2177 -32.69 72.58 12.72
N VAL A 2178 -32.84 73.39 11.68
CA VAL A 2178 -31.84 74.40 11.38
C VAL A 2178 -31.93 75.54 12.39
N ILE A 2179 -33.14 75.93 12.76
CA ILE A 2179 -33.30 76.95 13.79
C ILE A 2179 -32.89 76.40 15.15
N ASP A 2180 -33.40 75.21 15.50
CA ASP A 2180 -33.19 74.69 16.84
C ASP A 2180 -31.72 74.38 17.09
N MET A 2181 -31.08 73.69 16.15
CA MET A 2181 -29.70 73.25 16.36
C MET A 2181 -28.73 74.41 16.21
N GLU A 2182 -29.05 75.37 15.35
CA GLU A 2182 -28.19 76.51 15.11
C GLU A 2182 -28.71 77.76 15.81
N ARG A 2187 -20.93 79.12 9.40
CA ARG A 2187 -21.14 77.92 10.20
C ARG A 2187 -20.59 76.68 9.47
N SER A 2188 -20.99 75.50 9.94
CA SER A 2188 -20.39 74.26 9.48
C SER A 2188 -20.74 73.95 8.04
N ASP A 2189 -19.90 73.14 7.41
CA ASP A 2189 -20.13 72.63 6.07
C ASP A 2189 -20.65 71.21 6.06
N THR A 2190 -20.71 70.55 7.22
CA THR A 2190 -21.28 69.23 7.34
C THR A 2190 -22.68 69.25 7.93
N GLU A 2191 -23.17 70.42 8.33
CA GLU A 2191 -24.55 70.61 8.78
C GLU A 2191 -25.03 71.95 8.23
N PRO A 2192 -25.33 72.00 6.94
CA PRO A 2192 -25.67 73.28 6.32
C PRO A 2192 -27.05 73.78 6.73
N GLY A 2193 -27.18 75.10 6.74
CA GLY A 2193 -28.45 75.74 7.03
C GLY A 2193 -29.13 76.29 5.79
N MET A 2194 -29.56 77.54 5.87
CA MET A 2194 -30.23 78.19 4.76
C MET A 2194 -29.21 78.68 3.74
N ASP A 2195 -29.27 78.14 2.53
CA ASP A 2195 -28.45 78.63 1.44
C ASP A 2195 -28.71 80.12 1.24
N LEU A 2196 -27.65 80.86 0.92
CA LEU A 2196 -27.76 82.30 0.84
C LEU A 2196 -28.30 82.76 -0.50
N TRP A 2197 -28.10 81.99 -1.56
CA TRP A 2197 -28.62 82.37 -2.86
C TRP A 2197 -30.14 82.23 -2.89
N GLU A 2198 -30.67 81.20 -2.24
CA GLU A 2198 -32.12 81.06 -2.14
C GLU A 2198 -32.70 82.15 -1.27
N PHE A 2199 -32.15 82.34 -0.07
CA PHE A 2199 -32.62 83.38 0.82
C PHE A 2199 -32.59 84.74 0.14
N CYS A 2200 -31.58 84.98 -0.70
CA CYS A 2200 -31.50 86.23 -1.45
C CYS A 2200 -32.32 86.18 -2.73
N SER A 2201 -33.09 85.12 -2.95
CA SER A 2201 -33.89 84.97 -4.14
C SER A 2201 -35.26 85.61 -3.95
N GLU A 2202 -35.85 86.02 -5.08
CA GLU A 2202 -37.16 86.65 -5.05
C GLU A 2202 -38.20 85.76 -4.37
N THR A 2203 -38.07 84.45 -4.56
CA THR A 2203 -39.05 83.51 -4.03
C THR A 2203 -39.16 83.63 -2.52
N PHE A 2204 -38.02 83.67 -1.83
CA PHE A 2204 -38.04 83.84 -0.38
C PHE A 2204 -38.22 85.30 0.02
N GLN A 2205 -37.63 86.24 -0.72
CA GLN A 2205 -37.58 87.61 -0.23
C GLN A 2205 -38.92 88.31 -0.33
N ARG A 2206 -39.70 88.08 -1.39
CA ARG A 2206 -40.96 88.80 -1.48
C ARG A 2206 -41.92 88.32 -0.40
N PRO A 2207 -42.19 87.02 -0.26
CA PRO A 2207 -43.02 86.59 0.86
C PRO A 2207 -42.42 87.00 2.19
N TYR A 2208 -41.09 86.96 2.30
CA TYR A 2208 -40.48 87.28 3.59
C TYR A 2208 -40.70 88.74 3.95
N GLN A 2209 -40.50 89.65 3.00
CA GLN A 2209 -40.69 91.06 3.28
C GLN A 2209 -42.15 91.36 3.59
N TYR A 2210 -43.05 90.79 2.79
CA TYR A 2210 -44.48 90.99 3.03
C TYR A 2210 -44.89 90.47 4.39
N LEU A 2211 -44.52 89.24 4.71
CA LEU A 2211 -44.81 88.66 6.01
C LEU A 2211 -44.20 89.46 7.14
N ARG A 2212 -42.94 89.87 6.99
CA ARG A 2212 -42.27 90.67 8.00
C ARG A 2212 -43.06 91.92 8.32
N ARG A 2213 -43.65 92.55 7.30
CA ARG A 2213 -44.49 93.72 7.54
C ARG A 2213 -45.85 93.32 8.10
N PHE A 2214 -46.39 92.22 7.61
CA PHE A 2214 -47.72 91.74 8.01
C PHE A 2214 -47.76 91.45 9.51
N ASN A 2215 -46.82 90.65 10.00
CA ASN A 2215 -46.83 90.25 11.40
C ASN A 2215 -46.69 91.46 12.31
N GLN A 2216 -45.83 92.40 11.95
CA GLN A 2216 -45.63 93.61 12.75
C GLN A 2216 -46.80 94.57 12.67
N ASN A 2217 -47.85 94.22 11.92
CA ASN A 2217 -49.03 95.08 11.78
C ASN A 2217 -48.67 96.40 11.11
N GLN A 2218 -47.67 96.40 10.25
CA GLN A 2218 -47.34 97.57 9.47
C GLN A 2218 -48.31 97.72 8.31
N ASP A 2219 -48.34 98.93 7.75
CA ASP A 2219 -49.23 99.21 6.63
C ASP A 2219 -48.54 98.80 5.32
N LEU A 2220 -49.17 97.91 4.58
CA LEU A 2220 -48.70 97.47 3.28
C LEU A 2220 -49.39 98.21 2.14
N ASP A 2221 -50.19 99.22 2.45
CA ASP A 2221 -50.84 99.98 1.39
C ASP A 2221 -49.82 100.60 0.44
N THR A 2222 -48.63 100.92 0.95
CA THR A 2222 -47.59 101.56 0.16
C THR A 2222 -46.49 100.60 -0.26
N PHE A 2223 -46.29 99.52 0.48
CA PHE A 2223 -45.12 98.67 0.29
C PHE A 2223 -45.12 98.04 -1.10
N GLN A 2224 -43.92 97.89 -1.65
CA GLN A 2224 -43.72 97.23 -2.93
C GLN A 2224 -42.31 96.65 -2.95
N TYR A 2225 -42.21 95.35 -3.21
CA TYR A 2225 -40.93 94.67 -3.15
C TYR A 2225 -40.08 95.06 -4.35
N GLN A 2226 -38.87 95.57 -4.09
CA GLN A 2226 -37.95 95.98 -5.13
C GLN A 2226 -37.07 94.81 -5.54
N GLU A 2227 -36.95 94.59 -6.84
CA GLU A 2227 -36.25 93.41 -7.35
C GLU A 2227 -34.80 93.39 -6.87
N GLY A 2228 -34.33 92.19 -6.56
CA GLY A 2228 -32.97 92.02 -6.06
C GLY A 2228 -32.75 92.45 -4.63
N SER A 2229 -33.74 93.07 -3.99
CA SER A 2229 -33.58 93.47 -2.61
C SER A 2229 -33.47 92.26 -1.70
N VAL A 2230 -32.83 92.47 -0.55
CA VAL A 2230 -32.62 91.44 0.45
C VAL A 2230 -32.71 92.09 1.82
N GLU A 2231 -33.51 91.51 2.70
CA GLU A 2231 -33.74 92.07 4.02
C GLU A 2231 -33.68 90.96 5.05
N GLY A 2232 -33.59 91.36 6.31
CA GLY A 2232 -33.63 90.42 7.39
C GLY A 2232 -32.51 89.40 7.32
N THR A 2233 -32.75 88.30 8.01
CA THR A 2233 -31.78 87.24 8.19
C THR A 2233 -32.42 85.90 7.87
N PRO A 2234 -31.61 84.90 7.49
CA PRO A 2234 -32.17 83.56 7.25
C PRO A 2234 -33.02 83.05 8.39
N GLU A 2235 -32.67 83.39 9.63
CA GLU A 2235 -33.39 82.85 10.77
C GLU A 2235 -34.78 83.44 10.86
N GLU A 2236 -34.90 84.76 10.67
CA GLU A 2236 -36.21 85.39 10.73
C GLU A 2236 -37.09 84.91 9.58
N CYS A 2237 -36.49 84.78 8.40
CA CYS A 2237 -37.23 84.29 7.24
C CYS A 2237 -37.77 82.89 7.48
N LEU A 2238 -36.93 82.01 8.02
CA LEU A 2238 -37.38 80.67 8.37
C LEU A 2238 -38.46 80.70 9.44
N GLN A 2239 -38.31 81.57 10.45
CA GLN A 2239 -39.31 81.66 11.50
C GLN A 2239 -40.67 82.03 10.93
N HIS A 2240 -40.70 83.03 10.05
CA HIS A 2240 -41.96 83.48 9.49
C HIS A 2240 -42.57 82.44 8.56
N PHE A 2241 -41.72 81.81 7.73
CA PHE A 2241 -42.22 80.78 6.84
C PHE A 2241 -42.76 79.59 7.62
N LEU A 2242 -42.06 79.17 8.67
CA LEU A 2242 -42.53 78.02 9.43
C LEU A 2242 -43.79 78.35 10.20
N PHE A 2243 -43.91 79.59 10.69
CA PHE A 2243 -45.11 79.99 11.41
C PHE A 2243 -46.32 79.90 10.49
N HIS A 2244 -46.24 80.52 9.31
CA HIS A 2244 -47.40 80.56 8.43
C HIS A 2244 -47.59 79.28 7.61
N CYS A 2245 -46.52 78.54 7.33
CA CYS A 2245 -46.57 77.40 6.41
C CYS A 2245 -47.77 76.50 6.62
N GLY A 2246 -48.04 76.11 7.86
CA GLY A 2246 -49.10 75.18 8.17
C GLY A 2246 -48.62 73.79 8.51
N VAL A 2247 -47.44 73.40 8.03
CA VAL A 2247 -46.81 72.14 8.40
C VAL A 2247 -45.92 72.40 9.61
N ILE A 2248 -45.88 71.44 10.53
CA ILE A 2248 -45.15 71.65 11.79
C ILE A 2248 -43.65 71.52 11.56
N ASN A 2249 -43.22 70.41 10.99
CA ASN A 2249 -41.81 70.16 10.68
C ASN A 2249 -41.69 69.90 9.19
N PRO A 2250 -41.79 70.95 8.38
CA PRO A 2250 -41.69 70.79 6.94
C PRO A 2250 -40.27 70.56 6.47
N SER A 2251 -40.16 69.99 5.27
CA SER A 2251 -38.90 69.94 4.58
C SER A 2251 -38.61 71.28 3.93
N TRP A 2252 -37.51 71.36 3.20
CA TRP A 2252 -37.21 72.59 2.47
C TRP A 2252 -38.00 72.69 1.18
N SER A 2253 -38.37 71.55 0.60
CA SER A 2253 -39.20 71.58 -0.60
C SER A 2253 -40.59 72.11 -0.30
N GLU A 2254 -41.20 71.67 0.81
CA GLU A 2254 -42.52 72.19 1.16
C GLU A 2254 -42.48 73.68 1.44
N LEU A 2255 -41.39 74.13 2.06
CA LEU A 2255 -41.26 75.55 2.35
C LEU A 2255 -41.02 76.35 1.09
N ARG A 2256 -40.29 75.80 0.12
CA ARG A 2256 -40.11 76.50 -1.14
C ARG A 2256 -41.40 76.55 -1.93
N ASN A 2257 -42.18 75.48 -1.91
CA ASN A 2257 -43.47 75.50 -2.60
C ASN A 2257 -44.39 76.55 -2.01
N PHE A 2258 -44.48 76.59 -0.68
CA PHE A 2258 -45.19 77.67 -0.01
C PHE A 2258 -44.69 79.04 -0.49
N ALA A 2259 -43.38 79.26 -0.42
CA ALA A 2259 -42.81 80.54 -0.81
C ALA A 2259 -43.06 80.86 -2.27
N ARG A 2260 -42.90 79.86 -3.15
CA ARG A 2260 -43.08 80.05 -4.58
C ARG A 2260 -44.51 80.46 -4.90
N PHE A 2261 -45.47 79.79 -4.28
CA PHE A 2261 -46.87 80.14 -4.44
C PHE A 2261 -47.14 81.56 -3.96
N LEU A 2262 -46.75 81.86 -2.72
CA LEU A 2262 -47.01 83.17 -2.17
C LEU A 2262 -46.30 84.26 -2.97
N ASN A 2263 -45.13 83.96 -3.52
CA ASN A 2263 -44.40 84.92 -4.33
C ASN A 2263 -45.11 85.18 -5.63
N TYR A 2264 -45.54 84.12 -6.32
CA TYR A 2264 -46.23 84.31 -7.59
C TYR A 2264 -47.46 85.17 -7.39
N GLN A 2265 -48.28 84.82 -6.41
CA GLN A 2265 -49.51 85.57 -6.20
C GLN A 2265 -49.27 86.98 -5.68
N LEU A 2266 -48.24 87.21 -4.86
CA LEU A 2266 -47.94 88.58 -4.43
C LEU A 2266 -47.35 89.40 -5.56
N ARG A 2267 -46.57 88.77 -6.44
CA ARG A 2267 -46.08 89.42 -7.64
C ARG A 2267 -47.25 89.88 -8.51
N ASP A 2268 -48.22 88.99 -8.72
CA ASP A 2268 -49.37 89.35 -9.53
C ASP A 2268 -50.16 90.48 -8.85
N CYS A 2269 -50.26 90.43 -7.53
CA CYS A 2269 -50.90 91.52 -6.79
C CYS A 2269 -50.17 92.83 -7.02
N GLU A 2270 -48.84 92.81 -6.99
CA GLU A 2270 -48.06 94.02 -7.19
C GLU A 2270 -48.23 94.55 -8.61
N ALA A 2271 -48.40 93.66 -9.59
CA ALA A 2271 -48.60 94.09 -10.96
C ALA A 2271 -50.04 94.54 -11.23
N SER A 2272 -50.96 94.24 -10.32
CA SER A 2272 -52.37 94.53 -10.55
C SER A 2272 -52.62 96.03 -10.52
N LEU A 2273 -53.85 96.40 -10.90
CA LEU A 2273 -54.27 97.79 -10.85
C LEU A 2273 -54.75 98.18 -9.46
N PHE A 2274 -55.31 97.24 -8.71
CA PHE A 2274 -55.75 97.51 -7.35
C PHE A 2274 -54.58 97.82 -6.43
N CYS A 2275 -53.34 97.58 -6.86
CA CYS A 2275 -52.15 97.94 -6.12
C CYS A 2275 -51.24 98.87 -6.90
N ASN A 2276 -51.58 99.18 -8.15
CA ASN A 2276 -50.88 100.16 -8.96
C ASN A 2276 -50.77 101.46 -8.18
N PRO A 2277 -49.86 102.37 -8.55
CA PRO A 2277 -49.97 103.74 -8.04
C PRO A 2277 -51.43 104.12 -7.94
N SER A 2278 -51.85 104.68 -6.80
CA SER A 2278 -53.17 104.40 -6.26
C SER A 2278 -54.21 104.22 -7.36
N PHE A 2279 -54.43 105.24 -8.18
CA PHE A 2279 -55.29 105.20 -9.35
C PHE A 2279 -56.75 104.95 -8.98
N ILE A 2280 -57.06 104.74 -7.70
CA ILE A 2280 -58.42 104.46 -7.26
C ILE A 2280 -58.73 105.30 -6.03
N GLY A 2281 -57.81 106.21 -5.70
CA GLY A 2281 -57.92 106.96 -4.45
C GLY A 2281 -57.45 106.14 -3.28
N ASP A 2282 -58.31 105.97 -2.27
CA ASP A 2282 -58.00 105.14 -1.11
C ASP A 2282 -59.16 104.24 -0.72
N THR A 2283 -60.08 103.97 -1.65
CA THR A 2283 -61.19 103.08 -1.35
C THR A 2283 -60.74 101.64 -1.13
N LEU A 2284 -59.50 101.30 -1.47
CA LEU A 2284 -58.97 99.95 -1.33
C LEU A 2284 -57.91 99.87 -0.24
N ARG A 2285 -58.11 100.60 0.86
CA ARG A 2285 -57.17 100.51 1.97
C ARG A 2285 -57.26 99.14 2.61
N GLY A 2286 -56.10 98.49 2.76
CA GLY A 2286 -56.03 97.16 3.33
C GLY A 2286 -56.03 96.04 2.33
N PHE A 2287 -55.98 96.35 1.03
CA PHE A 2287 -56.06 95.29 0.02
C PHE A 2287 -54.93 94.30 0.18
N LYS A 2288 -53.69 94.78 0.31
CA LYS A 2288 -52.57 93.86 0.42
C LYS A 2288 -52.60 93.08 1.73
N LYS A 2289 -53.10 93.69 2.80
CA LYS A 2289 -53.27 92.96 4.05
C LYS A 2289 -54.21 91.78 3.85
N PHE A 2290 -55.33 92.02 3.19
CA PHE A 2290 -56.26 90.96 2.84
C PHE A 2290 -55.59 89.92 1.96
N VAL A 2291 -54.85 90.37 0.95
CA VAL A 2291 -54.22 89.45 0.01
C VAL A 2291 -53.26 88.52 0.74
N VAL A 2292 -52.43 89.07 1.62
CA VAL A 2292 -51.48 88.25 2.35
C VAL A 2292 -52.19 87.27 3.27
N THR A 2293 -53.20 87.74 4.00
CA THR A 2293 -53.96 86.84 4.87
C THR A 2293 -54.60 85.71 4.08
N PHE A 2294 -55.34 86.07 3.05
CA PHE A 2294 -56.05 85.07 2.26
C PHE A 2294 -55.08 84.10 1.63
N MET A 2295 -54.01 84.59 1.01
CA MET A 2295 -53.10 83.72 0.30
C MET A 2295 -52.33 82.81 1.25
N ILE A 2296 -52.06 83.26 2.47
CA ILE A 2296 -51.49 82.36 3.47
C ILE A 2296 -52.49 81.27 3.81
N PHE A 2297 -53.79 81.59 3.77
CA PHE A 2297 -54.81 80.56 4.00
C PHE A 2297 -54.94 79.64 2.79
N MET A 2298 -55.04 80.23 1.61
CA MET A 2298 -55.17 79.50 0.36
C MET A 2298 -54.03 78.52 0.15
N ALA A 2299 -52.80 78.93 0.43
CA ALA A 2299 -51.66 78.05 0.29
C ALA A 2299 -51.84 76.74 1.02
N ARG A 2300 -52.73 76.68 2.01
CA ARG A 2300 -52.89 75.46 2.79
C ARG A 2300 -53.20 74.27 1.90
N ASP A 2301 -53.92 74.49 0.80
CA ASP A 2301 -54.24 73.40 -0.12
C ASP A 2301 -53.03 72.97 -0.94
N PHE A 2302 -52.26 73.94 -1.42
CA PHE A 2302 -51.17 73.66 -2.35
C PHE A 2302 -49.93 73.12 -1.64
N ALA A 2303 -49.60 73.69 -0.48
CA ALA A 2303 -48.42 73.30 0.28
C ALA A 2303 -48.67 72.08 1.15
N THR A 2304 -49.67 72.17 2.03
CA THR A 2304 -49.82 71.19 3.09
C THR A 2304 -49.96 69.79 2.49
N PRO A 2305 -49.39 68.77 3.13
CA PRO A 2305 -49.61 67.40 2.66
C PRO A 2305 -51.06 67.00 2.80
N SER A 2306 -51.46 66.05 1.95
CA SER A 2306 -52.78 65.43 2.03
C SER A 2306 -52.68 63.94 2.37
N LEU A 2307 -51.52 63.47 2.76
CA LEU A 2307 -51.32 62.07 3.12
C LEU A 2307 -50.72 61.99 4.52
N HIS A 2308 -51.32 61.17 5.37
CA HIS A 2308 -50.89 61.05 6.75
C HIS A 2308 -51.20 59.67 7.31
N PRO A 2331 -47.47 51.12 7.67
CA PRO A 2331 -47.21 50.66 6.30
C PRO A 2331 -48.11 51.33 5.27
N PHE A 2332 -49.26 51.81 5.72
CA PHE A 2332 -50.27 52.44 4.88
C PHE A 2332 -50.65 53.80 5.44
N SER A 2333 -49.62 54.59 5.76
CA SER A 2333 -49.77 55.96 6.20
C SER A 2333 -50.17 56.92 5.09
N LEU A 2334 -50.58 56.40 3.94
CA LEU A 2334 -50.73 57.19 2.72
C LEU A 2334 -52.21 57.21 2.33
N ARG A 2335 -52.96 58.18 2.86
CA ARG A 2335 -54.37 58.29 2.51
C ARG A 2335 -54.98 59.56 3.06
N LYS A 2336 -55.85 60.19 2.27
CA LYS A 2336 -56.80 61.20 2.72
C LYS A 2336 -57.75 61.47 1.54
N ARG A 2337 -58.67 62.43 1.71
CA ARG A 2337 -59.71 62.69 0.73
C ARG A 2337 -59.74 64.16 0.35
N TRP A 2338 -60.32 64.43 -0.83
CA TRP A 2338 -60.39 65.77 -1.39
C TRP A 2338 -61.51 66.60 -0.80
N GLU A 2339 -62.70 66.02 -0.68
CA GLU A 2339 -63.84 66.75 -0.14
C GLU A 2339 -63.67 67.09 1.33
N SER A 2340 -62.63 66.59 1.97
CA SER A 2340 -62.42 66.85 3.39
C SER A 2340 -62.13 68.31 3.70
N GLU A 2341 -61.69 69.07 2.70
CA GLU A 2341 -61.19 70.42 2.90
C GLU A 2341 -61.80 71.36 1.89
N PRO A 2342 -62.03 72.62 2.26
CA PRO A 2342 -62.43 73.62 1.27
C PRO A 2342 -61.25 74.00 0.40
N HIS A 2343 -61.58 74.62 -0.74
CA HIS A 2343 -60.58 75.05 -1.72
C HIS A 2343 -60.84 76.49 -2.09
N PRO A 2344 -60.75 77.39 -1.13
CA PRO A 2344 -61.03 78.81 -1.40
C PRO A 2344 -59.94 79.44 -2.23
N TYR A 2345 -60.22 79.71 -3.49
CA TYR A 2345 -59.21 80.20 -4.41
C TYR A 2345 -59.51 81.64 -4.83
N VAL A 2346 -58.44 82.42 -4.92
CA VAL A 2346 -58.46 83.74 -5.50
C VAL A 2346 -57.32 83.81 -6.49
N PHE A 2347 -57.61 84.35 -7.67
CA PHE A 2347 -56.65 84.42 -8.75
C PHE A 2347 -56.55 85.84 -9.26
N PHE A 2348 -55.34 86.20 -9.70
CA PHE A 2348 -55.09 87.45 -10.40
C PHE A 2348 -54.96 87.13 -11.87
N ASN A 2349 -55.88 87.64 -12.67
CA ASN A 2349 -55.94 87.30 -14.07
C ASN A 2349 -54.86 88.03 -14.86
N ASP A 2350 -54.43 87.41 -15.96
CA ASP A 2350 -53.32 87.96 -16.73
C ASP A 2350 -53.60 89.34 -17.29
N ASP A 2351 -54.83 89.81 -17.21
CA ASP A 2351 -55.15 91.18 -17.62
C ASP A 2351 -54.74 92.22 -16.61
N HIS A 2352 -54.42 91.80 -15.38
CA HIS A 2352 -54.00 92.70 -14.31
C HIS A 2352 -55.08 93.73 -13.97
N THR A 2353 -56.34 93.41 -14.25
CA THR A 2353 -57.45 94.29 -13.93
C THR A 2353 -58.59 93.59 -13.20
N THR A 2354 -58.72 92.27 -13.30
CA THR A 2354 -59.79 91.54 -12.65
C THR A 2354 -59.21 90.46 -11.74
N MET A 2355 -60.04 89.98 -10.83
CA MET A 2355 -59.72 88.84 -9.99
C MET A 2355 -60.80 87.79 -10.14
N THR A 2356 -60.44 86.54 -9.88
CA THR A 2356 -61.38 85.43 -9.87
C THR A 2356 -61.49 84.86 -8.47
N PHE A 2357 -62.71 84.77 -7.95
CA PHE A 2357 -62.99 84.16 -6.66
C PHE A 2357 -63.79 82.88 -6.83
N ILE A 2358 -63.28 81.76 -6.32
CA ILE A 2358 -63.95 80.48 -6.43
C ILE A 2358 -63.85 79.77 -5.10
N GLY A 2359 -64.76 78.82 -4.88
CA GLY A 2359 -64.69 77.94 -3.74
C GLY A 2359 -65.08 78.53 -2.41
N PHE A 2360 -65.51 79.79 -2.38
CA PHE A 2360 -65.88 80.42 -1.12
C PHE A 2360 -66.70 81.66 -1.45
N HIS A 2361 -67.44 82.12 -0.45
CA HIS A 2361 -68.23 83.33 -0.55
C HIS A 2361 -67.85 84.26 0.58
N LEU A 2362 -68.10 85.55 0.39
CA LEU A 2362 -67.83 86.56 1.40
C LEU A 2362 -69.14 86.95 2.05
N GLN A 2363 -69.18 86.93 3.38
CA GLN A 2363 -70.38 87.24 4.11
C GLN A 2363 -70.05 88.27 5.20
N PRO A 2364 -70.82 89.35 5.33
CA PRO A 2364 -70.54 90.30 6.39
C PRO A 2364 -71.23 89.95 7.69
N ASN A 2365 -70.51 90.16 8.78
CA ASN A 2365 -71.01 89.90 10.12
C ASN A 2365 -71.37 91.23 10.79
N ILE A 2366 -71.87 91.14 12.02
CA ILE A 2366 -72.32 92.34 12.72
C ILE A 2366 -71.13 93.15 13.21
N ASN A 2367 -69.99 92.51 13.44
CA ASN A 2367 -68.79 93.16 13.94
C ASN A 2367 -68.11 94.03 12.90
N GLY A 2368 -68.71 94.27 11.74
CA GLY A 2368 -68.08 95.08 10.71
C GLY A 2368 -66.98 94.38 9.95
N SER A 2369 -66.76 93.08 10.20
CA SER A 2369 -65.76 92.30 9.47
C SER A 2369 -66.44 91.39 8.47
N VAL A 2370 -65.63 90.86 7.55
CA VAL A 2370 -66.11 90.03 6.45
C VAL A 2370 -65.45 88.66 6.55
N ASP A 2371 -66.26 87.62 6.43
CA ASP A 2371 -65.82 86.26 6.65
C ASP A 2371 -65.92 85.45 5.35
N ALA A 2372 -65.12 84.38 5.30
CA ALA A 2372 -65.12 83.45 4.19
C ALA A 2372 -65.96 82.24 4.56
N ILE A 2373 -66.94 81.92 3.72
CA ILE A 2373 -67.91 80.88 4.01
C ILE A 2373 -67.94 79.87 2.87
N SER A 2374 -68.31 78.65 3.21
CA SER A 2374 -68.46 77.59 2.21
C SER A 2374 -69.59 77.91 1.27
N HIS A 2375 -69.31 77.87 -0.03
CA HIS A 2375 -70.32 78.17 -1.03
C HIS A 2375 -71.44 77.14 -1.04
N LEU A 2376 -71.20 75.94 -0.53
CA LEU A 2376 -72.22 74.91 -0.50
C LEU A 2376 -73.11 75.04 0.74
N THR A 2377 -72.51 74.98 1.91
CA THR A 2377 -73.23 74.96 3.17
C THR A 2377 -73.40 76.34 3.79
N GLY A 2378 -72.65 77.33 3.33
CA GLY A 2378 -72.64 78.63 3.97
C GLY A 2378 -71.88 78.69 5.27
N LYS A 2379 -71.32 77.56 5.72
CA LYS A 2379 -70.55 77.57 6.95
C LYS A 2379 -69.29 78.41 6.80
N VAL A 2380 -68.82 78.95 7.92
CA VAL A 2380 -67.64 79.81 7.90
C VAL A 2380 -66.40 78.97 7.64
N ILE A 2381 -65.61 79.39 6.66
CA ILE A 2381 -64.32 78.75 6.39
C ILE A 2381 -63.19 79.47 7.12
N LYS A 2382 -63.28 80.80 7.20
CA LYS A 2382 -62.28 81.60 7.90
C LYS A 2382 -62.92 82.94 8.26
N ARG A 2383 -62.74 83.36 9.50
CA ARG A 2383 -63.33 84.61 9.97
C ARG A 2383 -62.39 85.78 9.74
N ASP A 2384 -62.98 86.96 9.54
CA ASP A 2384 -62.26 88.22 9.42
C ASP A 2384 -61.11 88.12 8.42
N VAL A 2385 -61.42 87.64 7.21
CA VAL A 2385 -60.45 87.70 6.13
C VAL A 2385 -60.25 89.13 5.65
N MET A 2386 -61.20 90.02 5.91
CA MET A 2386 -61.10 91.40 5.47
C MET A 2386 -62.13 92.23 6.23
N THR A 2387 -62.01 93.54 6.08
CA THR A 2387 -62.93 94.47 6.71
C THR A 2387 -64.03 94.86 5.73
N ARG A 2388 -65.12 95.41 6.28
CA ARG A 2388 -66.29 95.72 5.46
C ARG A 2388 -66.02 96.86 4.51
N ASP A 2389 -65.08 97.75 4.86
CA ASP A 2389 -64.71 98.83 3.96
C ASP A 2389 -64.11 98.29 2.68
N LEU A 2390 -63.19 97.33 2.80
CA LEU A 2390 -62.58 96.75 1.61
C LEU A 2390 -63.60 95.95 0.81
N TYR A 2391 -64.51 95.26 1.49
CA TYR A 2391 -65.57 94.54 0.79
C TYR A 2391 -66.42 95.48 -0.06
N GLN A 2392 -66.88 96.58 0.54
CA GLN A 2392 -67.68 97.54 -0.22
C GLN A 2392 -66.88 98.17 -1.34
N GLY A 2393 -65.60 98.50 -1.08
CA GLY A 2393 -64.76 99.05 -2.13
C GLY A 2393 -64.59 98.10 -3.30
N LEU A 2394 -64.35 96.81 -2.99
CA LEU A 2394 -64.12 95.84 -4.05
C LEU A 2394 -65.40 95.58 -4.81
N LEU A 2395 -66.55 95.66 -4.15
CA LEU A 2395 -67.81 95.59 -4.86
C LEU A 2395 -67.95 96.76 -5.82
N LEU A 2396 -67.60 97.97 -5.36
CA LEU A 2396 -67.66 99.13 -6.23
C LEU A 2396 -66.75 98.96 -7.44
N GLN A 2397 -65.69 98.17 -7.32
CA GLN A 2397 -64.81 97.85 -8.43
C GLN A 2397 -65.32 96.70 -9.28
N ARG A 2398 -66.53 96.21 -9.02
CA ARG A 2398 -67.15 95.16 -9.80
C ARG A 2398 -66.41 93.83 -9.65
N VAL A 2399 -65.72 93.64 -8.55
CA VAL A 2399 -65.04 92.36 -8.31
C VAL A 2399 -66.11 91.29 -8.06
N PRO A 2400 -66.08 90.17 -8.78
CA PRO A 2400 -67.17 89.18 -8.68
C PRO A 2400 -67.15 88.30 -7.43
N PHE A 2401 -67.74 88.83 -6.37
CA PHE A 2401 -67.90 88.07 -5.14
C PHE A 2401 -69.12 87.18 -5.22
N ASN A 2402 -69.12 86.16 -4.36
CA ASN A 2402 -70.30 85.31 -4.14
C ASN A 2402 -70.89 84.79 -5.45
N VAL A 2403 -70.06 84.66 -6.48
CA VAL A 2403 -70.53 84.09 -7.74
C VAL A 2403 -70.85 82.61 -7.54
N ASP A 2404 -71.96 82.17 -8.13
CA ASP A 2404 -72.41 80.79 -8.04
C ASP A 2404 -72.20 80.15 -9.41
N PHE A 2405 -71.03 79.54 -9.59
CA PHE A 2405 -70.69 78.96 -10.88
C PHE A 2405 -71.58 77.79 -11.25
N ASP A 2406 -72.29 77.21 -10.28
CA ASP A 2406 -73.15 76.08 -10.58
C ASP A 2406 -74.46 76.51 -11.22
N LYS A 2407 -74.91 77.74 -10.93
CA LYS A 2407 -76.13 78.28 -11.51
C LYS A 2407 -75.88 79.14 -12.74
N LEU A 2408 -74.61 79.41 -13.06
CA LEU A 2408 -74.29 80.17 -14.25
C LEU A 2408 -74.56 79.34 -15.50
N PRO A 2409 -74.74 80.00 -16.65
CA PRO A 2409 -74.77 79.27 -17.92
C PRO A 2409 -73.41 78.71 -18.28
N ARG A 2410 -73.43 77.77 -19.23
CA ARG A 2410 -72.22 77.11 -19.70
C ARG A 2410 -71.18 78.11 -20.18
N HIS A 2411 -71.61 79.06 -21.03
CA HIS A 2411 -70.64 79.98 -21.63
C HIS A 2411 -70.09 80.98 -20.63
N LYS A 2412 -70.89 81.36 -19.62
CA LYS A 2412 -70.37 82.24 -18.59
C LYS A 2412 -69.31 81.53 -17.76
N LYS A 2413 -69.55 80.26 -17.41
CA LYS A 2413 -68.53 79.47 -16.76
C LYS A 2413 -67.27 79.43 -17.59
N LEU A 2414 -67.41 79.13 -18.88
CA LEU A 2414 -66.24 79.04 -19.75
C LEU A 2414 -65.49 80.36 -19.82
N GLU A 2415 -66.22 81.48 -19.80
CA GLU A 2415 -65.57 82.78 -19.87
C GLU A 2415 -64.79 83.08 -18.59
N ARG A 2416 -65.40 82.85 -17.44
CA ARG A 2416 -64.71 83.06 -16.17
C ARG A 2416 -63.47 82.17 -16.11
N LEU A 2417 -63.62 80.90 -16.48
CA LEU A 2417 -62.51 79.96 -16.40
C LEU A 2417 -61.38 80.36 -17.34
N CYS A 2418 -61.72 80.73 -18.57
CA CYS A 2418 -60.68 81.08 -19.54
C CYS A 2418 -59.99 82.38 -19.17
N LEU A 2419 -60.74 83.36 -18.65
CA LEU A 2419 -60.10 84.59 -18.21
C LEU A 2419 -59.15 84.33 -17.07
N THR A 2420 -59.55 83.50 -16.10
CA THR A 2420 -58.65 83.17 -15.00
C THR A 2420 -57.42 82.45 -15.53
N LEU A 2421 -57.61 81.47 -16.42
CA LEU A 2421 -56.48 80.78 -17.02
C LEU A 2421 -55.69 81.65 -17.96
N GLY A 2422 -56.26 82.78 -18.41
CA GLY A 2422 -55.60 83.61 -19.39
C GLY A 2422 -55.94 83.28 -20.82
N ILE A 2423 -57.01 82.53 -21.06
CA ILE A 2423 -57.40 82.13 -22.41
C ILE A 2423 -58.36 83.19 -22.95
N PRO A 2424 -58.22 83.60 -24.21
CA PRO A 2424 -59.09 84.66 -24.74
C PRO A 2424 -60.47 84.17 -25.16
N GLN A 2425 -60.54 82.95 -25.71
CA GLN A 2425 -61.76 82.44 -26.33
C GLN A 2425 -62.34 81.29 -25.53
N ALA A 2426 -63.67 81.30 -25.40
CA ALA A 2426 -64.40 80.25 -24.69
C ALA A 2426 -64.79 79.13 -25.64
N THR A 2427 -63.82 78.59 -26.36
CA THR A 2427 -64.06 77.52 -27.32
C THR A 2427 -64.34 76.22 -26.57
N ASP A 2428 -65.62 75.90 -26.43
CA ASP A 2428 -66.05 74.77 -25.62
C ASP A 2428 -65.64 73.45 -26.28
N PRO A 2429 -64.69 72.70 -25.71
CA PRO A 2429 -64.23 71.46 -26.37
C PRO A 2429 -65.07 70.23 -26.06
N ASP A 2430 -65.93 70.28 -25.05
CA ASP A 2430 -66.78 69.12 -24.72
C ASP A 2430 -67.97 69.63 -23.95
N LYS A 2431 -69.15 69.57 -24.56
CA LYS A 2431 -70.37 70.01 -23.90
C LYS A 2431 -70.84 69.01 -22.85
N THR A 2432 -70.33 67.78 -22.88
CA THR A 2432 -70.67 66.78 -21.88
C THR A 2432 -69.83 66.88 -20.61
N TYR A 2433 -68.63 67.45 -20.70
CA TYR A 2433 -67.86 67.73 -19.50
C TYR A 2433 -68.55 68.84 -18.72
N GLU A 2434 -68.99 68.52 -17.51
CA GLU A 2434 -69.77 69.45 -16.71
C GLU A 2434 -68.82 70.37 -15.95
N LEU A 2435 -68.92 71.66 -16.20
CA LEU A 2435 -68.05 72.65 -15.56
C LEU A 2435 -68.62 73.06 -14.20
N THR A 2436 -68.69 72.08 -13.31
CA THR A 2436 -69.10 72.36 -11.95
C THR A 2436 -67.99 73.11 -11.21
N THR A 2437 -68.36 73.73 -10.09
CA THR A 2437 -67.39 74.48 -9.31
C THR A 2437 -66.22 73.59 -8.90
N ASP A 2438 -66.49 72.34 -8.55
CA ASP A 2438 -65.44 71.43 -8.12
C ASP A 2438 -64.44 71.15 -9.23
N ASN A 2439 -64.94 70.84 -10.43
CA ASN A 2439 -64.06 70.56 -11.55
C ASN A 2439 -63.25 71.79 -11.94
N MET A 2440 -63.89 72.96 -11.90
CA MET A 2440 -63.19 74.19 -12.20
C MET A 2440 -62.09 74.46 -11.17
N LEU A 2441 -62.38 74.19 -9.90
CA LEU A 2441 -61.36 74.32 -8.87
C LEU A 2441 -60.20 73.37 -9.10
N LYS A 2442 -60.49 72.13 -9.48
CA LYS A 2442 -59.42 71.18 -9.80
C LYS A 2442 -58.54 71.72 -10.93
N ILE A 2443 -59.17 72.22 -11.98
CA ILE A 2443 -58.44 72.78 -13.11
C ILE A 2443 -57.57 73.94 -12.64
N LEU A 2444 -58.13 74.82 -11.82
CA LEU A 2444 -57.41 76.01 -11.40
C LEU A 2444 -56.24 75.64 -10.49
N ALA A 2445 -56.40 74.61 -9.68
CA ALA A 2445 -55.30 74.11 -8.86
C ALA A 2445 -54.15 73.63 -9.74
N ILE A 2446 -54.45 72.76 -10.69
CA ILE A 2446 -53.41 72.34 -11.63
C ILE A 2446 -52.76 73.54 -12.29
N GLU A 2447 -53.57 74.56 -12.61
CA GLU A 2447 -53.03 75.73 -13.30
C GLU A 2447 -52.06 76.49 -12.41
N MET A 2448 -52.47 76.81 -11.19
CA MET A 2448 -51.56 77.50 -10.26
C MET A 2448 -50.27 76.73 -10.09
N ARG A 2449 -50.37 75.42 -9.93
CA ARG A 2449 -49.16 74.62 -9.76
C ARG A 2449 -48.26 74.70 -10.99
N PHE A 2450 -48.87 74.72 -12.17
CA PHE A 2450 -48.11 74.92 -13.39
C PHE A 2450 -47.44 76.28 -13.38
N ARG A 2451 -48.15 77.29 -12.87
CA ARG A 2451 -47.67 78.67 -12.92
C ARG A 2451 -46.47 78.88 -12.00
N CYS A 2452 -46.64 78.58 -10.71
CA CYS A 2452 -45.57 78.82 -9.75
C CYS A 2452 -44.45 77.81 -9.89
N GLY A 2453 -44.78 76.56 -10.16
CA GLY A 2453 -43.77 75.54 -10.35
C GLY A 2453 -43.84 74.40 -9.35
N ILE A 2454 -44.96 74.27 -8.67
CA ILE A 2454 -45.18 73.14 -7.76
C ILE A 2454 -45.48 71.90 -8.59
N PRO A 2455 -44.80 70.78 -8.36
CA PRO A 2455 -45.14 69.56 -9.09
C PRO A 2455 -46.60 69.17 -8.90
N VAL A 2456 -47.15 68.54 -9.92
CA VAL A 2456 -48.55 68.13 -9.94
C VAL A 2456 -48.58 66.62 -9.86
N ILE A 2457 -48.95 66.09 -8.70
CA ILE A 2457 -49.16 64.66 -8.49
C ILE A 2457 -50.56 64.52 -7.92
N ILE A 2458 -51.40 63.79 -8.63
CA ILE A 2458 -52.80 63.60 -8.25
C ILE A 2458 -53.02 62.13 -7.96
N MET A 2459 -53.87 61.83 -6.98
CA MET A 2459 -54.20 60.47 -6.59
C MET A 2459 -55.70 60.27 -6.72
N GLY A 2460 -56.08 59.23 -7.45
CA GLY A 2460 -57.47 58.92 -7.64
C GLY A 2460 -57.65 57.54 -8.25
N GLU A 2461 -58.85 57.00 -8.03
CA GLU A 2461 -59.20 55.72 -8.62
C GLU A 2461 -59.30 55.84 -10.13
N THR A 2462 -59.34 54.69 -10.80
CA THR A 2462 -59.55 54.67 -12.23
C THR A 2462 -60.93 55.20 -12.56
N GLY A 2463 -60.99 56.22 -13.42
CA GLY A 2463 -62.26 56.74 -13.87
C GLY A 2463 -62.89 57.76 -12.94
N CYS A 2464 -62.09 58.44 -12.13
CA CYS A 2464 -62.61 59.48 -11.25
C CYS A 2464 -62.68 60.85 -11.91
N GLY A 2465 -62.02 61.03 -13.05
CA GLY A 2465 -62.12 62.26 -13.80
C GLY A 2465 -60.80 62.91 -14.16
N LYS A 2466 -59.70 62.25 -13.80
CA LYS A 2466 -58.38 62.86 -14.01
C LYS A 2466 -58.10 63.07 -15.48
N THR A 2467 -58.16 62.00 -16.27
CA THR A 2467 -57.73 62.08 -17.66
C THR A 2467 -58.67 62.98 -18.46
N ARG A 2468 -59.96 62.94 -18.14
CA ARG A 2468 -60.89 63.78 -18.87
C ARG A 2468 -60.68 65.25 -18.54
N LEU A 2469 -60.39 65.56 -17.29
CA LEU A 2469 -60.09 66.94 -16.91
C LEU A 2469 -58.83 67.43 -17.61
N ILE A 2470 -57.77 66.63 -17.60
CA ILE A 2470 -56.54 67.06 -18.26
C ILE A 2470 -56.78 67.26 -19.74
N LYS A 2471 -57.54 66.36 -20.37
CA LYS A 2471 -57.85 66.51 -21.78
C LYS A 2471 -58.66 67.77 -22.03
N PHE A 2472 -59.66 68.02 -21.20
CA PHE A 2472 -60.48 69.22 -21.33
C PHE A 2472 -59.61 70.47 -21.24
N LEU A 2473 -58.69 70.50 -20.29
CA LEU A 2473 -57.86 71.68 -20.11
C LEU A 2473 -56.92 71.86 -21.29
N SER A 2474 -56.28 70.77 -21.73
CA SER A 2474 -55.40 70.83 -22.89
C SER A 2474 -56.15 71.34 -24.11
N ASP A 2475 -57.35 70.84 -24.35
CA ASP A 2475 -58.12 71.25 -25.51
C ASP A 2475 -58.52 72.71 -25.39
N LEU A 2476 -58.93 73.14 -24.20
CA LEU A 2476 -59.36 74.52 -24.02
C LEU A 2476 -58.21 75.47 -24.30
N ARG A 2477 -57.02 75.12 -23.80
CA ARG A 2477 -55.85 75.96 -24.06
C ARG A 2477 -55.41 75.87 -25.52
N ARG A 2478 -55.67 74.74 -26.18
CA ARG A 2478 -55.28 74.59 -27.57
C ARG A 2478 -56.12 75.47 -28.48
N GLY A 2479 -57.42 75.56 -28.21
CA GLY A 2479 -58.27 76.46 -28.96
C GLY A 2479 -58.48 76.08 -30.40
N GLY A 2480 -58.54 74.79 -30.68
CA GLY A 2480 -58.77 74.31 -32.03
C GLY A 2480 -57.54 74.18 -32.89
N THR A 2481 -56.41 74.75 -32.48
CA THR A 2481 -55.20 74.61 -33.26
C THR A 2481 -54.88 73.13 -33.48
N ASN A 2482 -54.13 72.86 -34.55
CA ASN A 2482 -53.73 71.50 -34.89
C ASN A 2482 -52.36 71.25 -34.28
N ALA A 2483 -52.36 70.86 -33.00
CA ALA A 2483 -51.13 70.71 -32.25
C ALA A 2483 -51.26 69.55 -31.27
N ASP A 2484 -50.14 68.87 -31.03
CA ASP A 2484 -50.07 67.81 -30.04
C ASP A 2484 -49.63 68.39 -28.71
N THR A 2485 -50.55 69.11 -28.07
CA THR A 2485 -50.27 69.80 -26.82
C THR A 2485 -50.35 68.90 -25.60
N ILE A 2486 -50.52 67.59 -25.79
CA ILE A 2486 -50.62 66.68 -24.65
C ILE A 2486 -50.15 65.30 -25.07
N LYS A 2487 -49.30 64.71 -24.24
CA LYS A 2487 -48.79 63.36 -24.43
C LYS A 2487 -49.15 62.58 -23.19
N LEU A 2488 -49.83 61.45 -23.37
CA LEU A 2488 -50.28 60.62 -22.27
C LEU A 2488 -49.49 59.32 -22.28
N VAL A 2489 -48.76 59.07 -21.20
CA VAL A 2489 -48.02 57.84 -20.99
C VAL A 2489 -48.78 57.02 -19.97
N LYS A 2490 -49.16 55.80 -20.36
CA LYS A 2490 -49.79 54.86 -19.44
C LYS A 2490 -48.68 53.99 -18.86
N VAL A 2491 -48.38 54.21 -17.59
CA VAL A 2491 -47.25 53.57 -16.95
C VAL A 2491 -47.66 52.20 -16.46
N HIS A 2492 -46.75 51.23 -16.57
CA HIS A 2492 -47.00 49.87 -16.12
C HIS A 2492 -45.73 49.35 -15.46
N GLY A 2493 -45.86 48.19 -14.81
CA GLY A 2493 -44.75 47.58 -14.13
C GLY A 2493 -43.53 47.40 -15.00
N GLY A 2494 -43.72 47.35 -16.31
CA GLY A 2494 -42.63 47.22 -17.24
C GLY A 2494 -42.04 48.51 -17.75
N THR A 2495 -42.55 49.64 -17.29
CA THR A 2495 -42.02 50.94 -17.71
C THR A 2495 -40.66 51.15 -17.07
N THR A 2496 -39.61 51.15 -17.90
CA THR A 2496 -38.25 51.31 -17.41
C THR A 2496 -37.84 52.77 -17.41
N ALA A 2497 -36.73 53.04 -16.72
CA ALA A 2497 -36.20 54.40 -16.65
C ALA A 2497 -35.93 54.97 -18.03
N ASP A 2498 -35.40 54.14 -18.94
CA ASP A 2498 -35.07 54.64 -20.26
C ASP A 2498 -36.32 55.04 -21.03
N MET A 2499 -37.43 54.34 -20.80
CA MET A 2499 -38.68 54.72 -21.45
C MET A 2499 -39.16 56.07 -20.97
N ILE A 2500 -39.09 56.31 -19.67
CA ILE A 2500 -39.50 57.60 -19.12
C ILE A 2500 -38.60 58.71 -19.65
N TYR A 2501 -37.29 58.47 -19.66
CA TYR A 2501 -36.36 59.50 -20.13
C TYR A 2501 -36.63 59.83 -21.60
N SER A 2502 -36.80 58.81 -22.42
CA SER A 2502 -37.10 59.04 -23.83
C SER A 2502 -38.42 59.78 -24.01
N ARG A 2503 -39.46 59.37 -23.28
CA ARG A 2503 -40.75 60.04 -23.38
C ARG A 2503 -40.61 61.51 -23.00
N VAL A 2504 -39.84 61.81 -21.97
CA VAL A 2504 -39.72 63.18 -21.51
C VAL A 2504 -38.95 64.02 -22.51
N ARG A 2505 -37.87 63.46 -23.08
CA ARG A 2505 -37.11 64.20 -24.06
C ARG A 2505 -37.92 64.43 -25.34
N GLU A 2506 -38.71 63.44 -25.74
CA GLU A 2506 -39.61 63.61 -26.87
C GLU A 2506 -40.63 64.69 -26.60
N ALA A 2507 -41.22 64.70 -25.40
CA ALA A 2507 -42.17 65.74 -25.05
C ALA A 2507 -41.50 67.10 -25.02
N GLU A 2508 -40.21 67.13 -24.68
CA GLU A 2508 -39.51 68.41 -24.60
C GLU A 2508 -39.28 68.97 -25.99
N ASN A 2509 -38.87 68.11 -26.92
CA ASN A 2509 -38.77 68.53 -28.32
C ASN A 2509 -40.13 68.99 -28.84
N VAL A 2510 -41.17 68.18 -28.62
CA VAL A 2510 -42.51 68.53 -29.04
C VAL A 2510 -42.93 69.87 -28.45
N ALA A 2511 -42.50 70.16 -27.23
CA ALA A 2511 -42.95 71.38 -26.58
C ALA A 2511 -42.21 72.58 -27.15
N PHE A 2512 -40.92 72.43 -27.43
CA PHE A 2512 -40.19 73.49 -28.11
C PHE A 2512 -40.84 73.79 -29.45
N ALA A 2513 -41.14 72.74 -30.22
CA ALA A 2513 -41.83 72.91 -31.49
C ALA A 2513 -43.17 73.64 -31.33
N ASN A 2514 -43.99 73.19 -30.38
CA ASN A 2514 -45.31 73.80 -30.19
C ASN A 2514 -45.18 75.26 -29.80
N LYS A 2515 -44.21 75.58 -28.95
CA LYS A 2515 -44.06 76.95 -28.49
C LYS A 2515 -43.52 77.85 -29.60
N ASP A 2516 -42.65 77.30 -30.46
CA ASP A 2516 -42.15 78.06 -31.59
C ASP A 2516 -43.25 78.32 -32.61
N GLN A 2517 -43.93 77.26 -33.04
CA GLN A 2517 -44.96 77.39 -34.07
C GLN A 2517 -46.20 78.09 -33.53
N HIS A 2518 -46.85 77.49 -32.52
CA HIS A 2518 -48.14 77.94 -32.05
C HIS A 2518 -48.08 78.68 -30.72
N GLN A 2519 -46.94 78.73 -30.07
CA GLN A 2519 -46.80 79.42 -28.78
C GLN A 2519 -47.73 78.83 -27.74
N LEU A 2520 -47.81 77.50 -27.71
CA LEU A 2520 -48.69 76.79 -26.81
C LEU A 2520 -47.88 75.93 -25.85
N ASP A 2521 -48.31 75.91 -24.60
CA ASP A 2521 -47.66 75.07 -23.61
C ASP A 2521 -48.05 73.61 -23.82
N THR A 2522 -47.14 72.72 -23.45
CA THR A 2522 -47.30 71.28 -23.67
C THR A 2522 -47.41 70.58 -22.32
N ILE A 2523 -48.31 69.60 -22.25
CA ILE A 2523 -48.47 68.75 -21.08
C ILE A 2523 -47.96 67.35 -21.39
N LEU A 2524 -47.16 66.81 -20.48
CA LEU A 2524 -46.82 65.40 -20.46
C LEU A 2524 -47.46 64.81 -19.21
N PHE A 2525 -48.17 63.71 -19.36
CA PHE A 2525 -48.97 63.14 -18.29
C PHE A 2525 -48.56 61.69 -18.10
N PHE A 2526 -48.23 61.32 -16.88
CA PHE A 2526 -47.91 59.95 -16.51
C PHE A 2526 -49.07 59.42 -15.68
N ASP A 2527 -49.84 58.51 -16.25
CA ASP A 2527 -50.93 57.85 -15.54
C ASP A 2527 -50.44 56.51 -14.99
N GLU A 2528 -50.86 56.20 -13.77
CA GLU A 2528 -50.45 54.97 -13.09
C GLU A 2528 -48.94 54.93 -12.90
N ALA A 2529 -48.38 56.05 -12.45
CA ALA A 2529 -46.93 56.18 -12.38
C ALA A 2529 -46.35 55.40 -11.21
N ASN A 2530 -47.02 55.41 -10.06
CA ASN A 2530 -46.58 54.60 -8.92
C ASN A 2530 -46.50 53.11 -9.25
N THR A 2531 -47.14 52.68 -10.33
CA THR A 2531 -47.14 51.26 -10.68
C THR A 2531 -45.75 50.73 -10.98
N THR A 2532 -44.78 51.60 -11.23
CA THR A 2532 -43.41 51.18 -11.52
C THR A 2532 -42.44 51.76 -10.50
N GLU A 2533 -41.32 51.07 -10.32
CA GLU A 2533 -40.24 51.60 -9.49
C GLU A 2533 -39.54 52.76 -10.17
N ALA A 2534 -39.53 52.77 -11.50
CA ALA A 2534 -39.03 53.90 -12.26
C ALA A 2534 -39.77 55.19 -11.91
N ILE A 2535 -40.72 55.11 -10.97
CA ILE A 2535 -41.35 56.32 -10.48
C ILE A 2535 -40.31 57.25 -9.89
N SER A 2536 -39.20 56.71 -9.40
CA SER A 2536 -38.16 57.61 -8.90
C SER A 2536 -37.62 58.49 -10.01
N CYS A 2537 -37.58 57.97 -11.24
CA CYS A 2537 -37.22 58.79 -12.38
C CYS A 2537 -38.23 59.90 -12.57
N ILE A 2538 -39.52 59.57 -12.42
CA ILE A 2538 -40.55 60.58 -12.51
C ILE A 2538 -40.36 61.63 -11.42
N LYS A 2539 -39.86 61.22 -10.26
CA LYS A 2539 -39.58 62.21 -9.22
C LYS A 2539 -38.52 63.16 -9.72
N GLU A 2540 -37.48 62.63 -10.36
CA GLU A 2540 -36.43 63.48 -10.88
C GLU A 2540 -37.04 64.48 -11.84
N VAL A 2541 -37.98 64.04 -12.67
CA VAL A 2541 -38.58 64.93 -13.65
C VAL A 2541 -39.42 65.99 -12.95
N LEU A 2542 -40.24 65.57 -11.99
CA LEU A 2542 -41.14 66.51 -11.32
C LEU A 2542 -40.38 67.46 -10.41
N CYS A 2543 -39.69 66.91 -9.41
CA CYS A 2543 -39.09 67.73 -8.37
C CYS A 2543 -37.72 68.24 -8.79
N ASP A 2544 -36.82 67.33 -9.14
CA ASP A 2544 -35.45 67.72 -9.45
C ASP A 2544 -35.36 68.46 -10.78
N HIS A 2545 -36.36 68.34 -11.65
CA HIS A 2545 -36.38 69.03 -12.93
C HIS A 2545 -35.17 68.64 -13.78
N MET A 2546 -34.91 67.33 -13.85
CA MET A 2546 -33.77 66.82 -14.59
C MET A 2546 -34.18 65.55 -15.33
N VAL A 2547 -33.28 65.07 -16.18
CA VAL A 2547 -33.49 63.86 -16.96
C VAL A 2547 -32.23 63.00 -16.95
N ASP A 2548 -32.23 61.94 -16.14
CA ASP A 2548 -31.09 61.04 -16.02
C ASP A 2548 -29.82 61.82 -15.71
N GLY A 2549 -29.92 62.74 -14.77
CA GLY A 2549 -28.82 63.59 -14.40
C GLY A 2549 -28.59 64.78 -15.31
N GLN A 2550 -29.17 64.78 -16.50
CA GLN A 2550 -29.09 65.96 -17.35
C GLN A 2550 -30.26 66.89 -17.07
N PRO A 2551 -30.05 68.21 -17.10
CA PRO A 2551 -31.11 69.12 -16.73
C PRO A 2551 -32.17 69.27 -17.80
N LEU A 2552 -33.40 69.48 -17.37
CA LEU A 2552 -34.46 69.84 -18.28
C LEU A 2552 -34.28 71.28 -18.74
N ALA A 2553 -34.64 71.52 -20.00
CA ALA A 2553 -34.46 72.82 -20.60
C ALA A 2553 -35.73 73.65 -20.39
N GLU A 2554 -35.66 74.64 -19.52
CA GLU A 2554 -36.70 75.64 -19.47
C GLU A 2554 -36.74 76.39 -20.80
N ASP A 2555 -37.79 77.17 -21.00
CA ASP A 2555 -38.15 77.73 -22.30
C ASP A 2555 -38.81 76.69 -23.19
N SER A 2556 -39.30 75.60 -22.60
CA SER A 2556 -39.91 74.51 -23.34
C SER A 2556 -41.43 74.52 -23.30
N GLY A 2557 -42.02 75.15 -22.29
CA GLY A 2557 -43.44 75.08 -22.11
C GLY A 2557 -43.97 73.73 -21.69
N LEU A 2558 -43.08 72.78 -21.40
CA LEU A 2558 -43.50 71.45 -21.01
C LEU A 2558 -43.89 71.44 -19.54
N HIS A 2559 -45.13 71.07 -19.26
CA HIS A 2559 -45.59 70.79 -17.92
C HIS A 2559 -45.75 69.29 -17.76
N ILE A 2560 -45.38 68.76 -16.61
CA ILE A 2560 -45.58 67.34 -16.29
C ILE A 2560 -46.64 67.23 -15.19
N ILE A 2561 -47.57 66.31 -15.41
CA ILE A 2561 -48.51 65.86 -14.39
C ILE A 2561 -48.26 64.38 -14.20
N ALA A 2562 -48.39 63.91 -12.96
CA ALA A 2562 -48.37 62.48 -12.69
C ALA A 2562 -49.62 62.10 -11.93
N ALA A 2563 -50.23 60.99 -12.33
CA ALA A 2563 -51.35 60.42 -11.61
C ALA A 2563 -50.90 59.11 -10.98
N CYS A 2564 -51.12 58.99 -9.68
CA CYS A 2564 -50.77 57.82 -8.90
C CYS A 2564 -52.04 57.10 -8.47
N ASN A 2565 -52.02 55.79 -8.53
CA ASN A 2565 -53.16 55.05 -8.02
C ASN A 2565 -53.10 54.96 -6.50
N PRO A 2566 -54.24 54.81 -5.85
CA PRO A 2566 -54.26 54.83 -4.38
C PRO A 2566 -53.69 53.56 -3.78
N TYR A 2567 -53.44 53.63 -2.48
CA TYR A 2567 -52.89 52.52 -1.71
C TYR A 2567 -54.01 51.98 -0.83
N ARG A 2568 -54.71 50.97 -1.32
CA ARG A 2568 -55.76 50.29 -0.58
C ARG A 2568 -55.43 48.82 -0.48
N LYS A 2569 -55.96 48.19 0.56
CA LYS A 2569 -55.77 46.76 0.79
C LYS A 2569 -57.10 46.06 0.63
N HIS A 2570 -57.08 44.90 0.00
CA HIS A 2570 -58.28 44.10 -0.11
C HIS A 2570 -58.83 43.80 1.27
N SER A 2571 -60.14 43.66 1.37
CA SER A 2571 -60.75 43.24 2.62
C SER A 2571 -60.27 41.83 2.98
N GLU A 2572 -60.41 41.49 4.25
CA GLU A 2572 -59.96 40.19 4.70
C GLU A 2572 -60.78 39.08 4.08
N GLU A 2573 -62.11 39.25 4.01
CA GLU A 2573 -62.94 38.29 3.29
C GLU A 2573 -62.50 38.13 1.85
N MET A 2574 -62.13 39.22 1.19
CA MET A 2574 -61.72 39.15 -0.20
C MET A 2574 -60.40 38.42 -0.34
N ILE A 2575 -59.46 38.67 0.59
CA ILE A 2575 -58.20 37.97 0.57
C ILE A 2575 -58.41 36.48 0.86
N CYS A 2576 -59.37 36.16 1.72
CA CYS A 2576 -59.72 34.75 1.91
C CYS A 2576 -60.18 34.13 0.61
N ARG A 2577 -61.08 34.81 -0.11
CA ARG A 2577 -61.56 34.26 -1.38
C ARG A 2577 -60.41 34.09 -2.36
N LEU A 2578 -59.47 35.03 -2.34
CA LEU A 2578 -58.34 34.96 -3.27
C LEU A 2578 -57.41 33.81 -2.92
N GLU A 2579 -57.05 33.69 -1.65
CA GLU A 2579 -56.18 32.61 -1.21
C GLU A 2579 -56.84 31.24 -1.36
N SER A 2580 -58.16 31.19 -1.41
CA SER A 2580 -58.88 29.93 -1.51
C SER A 2580 -59.17 29.52 -2.94
N ALA A 2581 -59.00 30.42 -3.89
CA ALA A 2581 -59.30 30.13 -5.29
C ALA A 2581 -58.43 28.99 -5.80
N GLY A 2582 -59.07 27.93 -6.28
CA GLY A 2582 -58.32 26.83 -6.85
C GLY A 2582 -57.45 26.15 -5.82
N LEU A 2583 -56.24 25.82 -6.24
CA LEU A 2583 -55.24 25.22 -5.36
C LEU A 2583 -54.58 26.23 -4.46
N GLY A 2584 -55.14 27.43 -4.35
CA GLY A 2584 -54.50 28.51 -3.62
C GLY A 2584 -53.30 29.03 -4.38
N TYR A 2585 -52.64 30.01 -3.78
CA TYR A 2585 -51.50 30.63 -4.39
C TYR A 2585 -50.31 29.69 -4.39
N ARG A 2586 -49.42 29.89 -5.37
CA ARG A 2586 -48.22 29.06 -5.43
C ARG A 2586 -47.23 29.44 -4.32
N VAL A 2587 -47.27 30.70 -3.87
CA VAL A 2587 -46.43 31.17 -2.79
C VAL A 2587 -47.33 31.74 -1.70
N SER A 2588 -46.93 31.55 -0.45
CA SER A 2588 -47.66 32.11 0.66
C SER A 2588 -47.29 33.57 0.85
N MET A 2589 -48.17 34.29 1.54
CA MET A 2589 -47.94 35.71 1.79
C MET A 2589 -46.59 35.95 2.47
N GLU A 2590 -46.06 34.95 3.16
CA GLU A 2590 -44.79 35.11 3.87
C GLU A 2590 -43.60 35.03 2.93
N GLU A 2591 -43.56 34.00 2.08
CA GLU A 2591 -42.40 33.77 1.22
C GLU A 2591 -42.30 34.77 0.08
N THR A 2592 -43.30 35.63 -0.10
CA THR A 2592 -43.30 36.54 -1.24
C THR A 2592 -42.14 37.52 -1.17
N ALA A 2593 -41.55 37.79 -2.34
CA ALA A 2593 -40.69 38.95 -2.52
C ALA A 2593 -41.43 40.12 -3.13
N ASP A 2594 -42.63 39.89 -3.67
CA ASP A 2594 -43.49 40.94 -4.20
C ASP A 2594 -44.33 41.50 -3.05
N ARG A 2595 -43.83 42.56 -2.43
CA ARG A 2595 -44.55 43.16 -1.32
C ARG A 2595 -44.13 44.60 -1.13
N LEU A 2596 -45.02 45.35 -0.49
CA LEU A 2596 -44.73 46.72 -0.06
C LEU A 2596 -44.40 46.70 1.43
N GLY A 2597 -43.20 46.20 1.71
CA GLY A 2597 -42.83 45.97 3.09
C GLY A 2597 -43.61 44.80 3.68
N SER A 2598 -44.48 45.11 4.63
CA SER A 2598 -45.24 44.08 5.33
C SER A 2598 -46.35 43.48 4.46
N ILE A 2599 -46.72 44.13 3.37
CA ILE A 2599 -47.93 43.80 2.62
C ILE A 2599 -47.54 43.17 1.29
N PRO A 2600 -48.07 42.00 0.95
CA PRO A 2600 -47.96 41.53 -0.43
C PRO A 2600 -48.79 42.40 -1.35
N LEU A 2601 -48.29 42.57 -2.58
CA LEU A 2601 -48.96 43.46 -3.52
C LEU A 2601 -50.25 42.85 -4.04
N ARG A 2602 -50.30 41.52 -4.13
CA ARG A 2602 -51.53 40.86 -4.51
C ARG A 2602 -52.67 41.16 -3.55
N GLN A 2603 -52.36 41.54 -2.31
CA GLN A 2603 -53.37 41.98 -1.36
C GLN A 2603 -53.76 43.43 -1.55
N LEU A 2604 -53.17 44.11 -2.53
CA LEU A 2604 -53.51 45.48 -2.85
C LEU A 2604 -54.43 45.54 -4.06
N VAL A 2605 -55.46 46.37 -3.98
CA VAL A 2605 -56.35 46.57 -5.11
C VAL A 2605 -55.55 46.98 -6.33
N TYR A 2606 -54.56 47.83 -6.14
CA TYR A 2606 -53.70 48.30 -7.22
C TYR A 2606 -52.27 47.87 -6.95
N ARG A 2607 -51.62 47.31 -7.96
CA ARG A 2607 -50.20 47.00 -7.86
C ARG A 2607 -49.42 48.31 -7.96
N VAL A 2608 -49.15 48.91 -6.80
CA VAL A 2608 -48.51 50.21 -6.72
C VAL A 2608 -47.30 50.10 -5.81
N HIS A 2609 -46.20 50.71 -6.23
CA HIS A 2609 -44.99 50.71 -5.43
C HIS A 2609 -44.93 51.98 -4.57
N ALA A 2610 -44.05 51.93 -3.57
CA ALA A 2610 -44.00 53.00 -2.59
C ALA A 2610 -43.65 54.32 -3.25
N LEU A 2611 -44.28 55.38 -2.78
CA LEU A 2611 -44.01 56.70 -3.31
C LEU A 2611 -42.67 57.21 -2.82
N PRO A 2612 -41.84 57.78 -3.70
CA PRO A 2612 -40.71 58.55 -3.22
C PRO A 2612 -41.16 59.58 -2.21
N PRO A 2613 -40.52 59.63 -1.04
CA PRO A 2613 -41.04 60.50 0.03
C PRO A 2613 -41.13 61.97 -0.36
N SER A 2614 -40.44 62.39 -1.40
CA SER A 2614 -40.56 63.78 -1.85
C SER A 2614 -41.93 64.06 -2.48
N LEU A 2615 -42.52 63.05 -3.14
CA LEU A 2615 -43.83 63.20 -3.73
C LEU A 2615 -44.97 63.12 -2.72
N ILE A 2616 -44.72 62.57 -1.53
CA ILE A 2616 -45.79 62.39 -0.56
C ILE A 2616 -46.46 63.72 -0.18
N PRO A 2617 -45.72 64.79 0.12
CA PRO A 2617 -46.38 66.04 0.50
C PRO A 2617 -47.14 66.69 -0.65
N LEU A 2618 -46.88 66.28 -1.88
CA LEU A 2618 -47.46 66.91 -3.05
C LEU A 2618 -48.74 66.24 -3.53
N VAL A 2619 -48.92 64.96 -3.23
CA VAL A 2619 -50.07 64.22 -3.73
C VAL A 2619 -51.34 64.83 -3.13
N TRP A 2620 -52.25 65.24 -4.00
CA TRP A 2620 -53.58 65.67 -3.58
C TRP A 2620 -54.64 64.80 -4.24
N ASP A 2621 -55.66 64.46 -3.48
CA ASP A 2621 -56.73 63.60 -3.97
C ASP A 2621 -57.54 64.32 -5.03
N PHE A 2622 -57.76 63.66 -6.16
CA PHE A 2622 -58.67 64.19 -7.16
C PHE A 2622 -60.11 64.16 -6.68
N GLY A 2623 -60.44 63.27 -5.75
CA GLY A 2623 -61.78 63.12 -5.26
C GLY A 2623 -62.43 61.84 -5.81
N GLN A 2624 -63.45 61.39 -5.08
CA GLN A 2624 -64.17 60.20 -5.50
C GLN A 2624 -65.21 60.56 -6.54
N LEU A 2625 -65.51 59.60 -7.40
CA LEU A 2625 -66.53 59.77 -8.43
C LEU A 2625 -67.90 59.72 -7.75
N SER A 2626 -68.60 60.84 -7.77
CA SER A 2626 -69.89 60.94 -7.09
C SER A 2626 -70.94 60.09 -7.79
N ASP A 2627 -71.96 59.70 -7.02
CA ASP A 2627 -73.06 58.93 -7.59
C ASP A 2627 -73.72 59.69 -8.74
N VAL A 2628 -73.88 61.01 -8.58
CA VAL A 2628 -74.45 61.82 -9.65
C VAL A 2628 -73.56 61.75 -10.89
N ALA A 2629 -72.25 61.86 -10.70
CA ALA A 2629 -71.35 61.85 -11.85
C ALA A 2629 -71.30 60.49 -12.49
N GLU A 2630 -71.35 59.43 -11.68
CA GLU A 2630 -71.41 58.08 -12.22
C GLU A 2630 -72.64 57.91 -13.09
N LYS A 2631 -73.81 58.28 -12.55
CA LYS A 2631 -75.04 58.19 -13.32
C LYS A 2631 -74.97 59.03 -14.59
N LEU A 2632 -74.32 60.19 -14.52
CA LEU A 2632 -74.23 61.04 -15.71
C LEU A 2632 -73.37 60.39 -16.78
N TYR A 2633 -72.26 59.78 -16.39
CA TYR A 2633 -71.41 59.10 -17.38
C TYR A 2633 -72.11 57.88 -17.95
N ILE A 2634 -72.85 57.16 -17.11
CA ILE A 2634 -73.63 56.01 -17.59
C ILE A 2634 -74.69 56.48 -18.58
N GLN A 2635 -75.39 57.56 -18.27
CA GLN A 2635 -76.39 58.11 -19.19
C GLN A 2635 -75.75 58.53 -20.50
N GLN A 2636 -74.56 59.13 -20.42
CA GLN A 2636 -73.87 59.53 -21.64
C GLN A 2636 -73.52 58.32 -22.49
N ILE A 2637 -73.09 57.24 -21.83
CA ILE A 2637 -72.70 56.03 -22.56
C ILE A 2637 -73.92 55.41 -23.22
N VAL A 2638 -75.02 55.32 -22.47
CA VAL A 2638 -76.22 54.68 -22.99
C VAL A 2638 -76.81 55.50 -24.14
N GLN A 2639 -76.77 56.83 -24.04
CA GLN A 2639 -77.23 57.66 -25.16
C GLN A 2639 -76.31 57.52 -26.37
N ARG A 2640 -75.00 57.41 -26.15
CA ARG A 2640 -74.10 57.20 -27.28
C ARG A 2640 -74.45 55.89 -27.96
N LEU A 2641 -74.80 54.89 -27.17
CA LEU A 2641 -75.26 53.63 -27.71
C LEU A 2641 -76.57 53.82 -28.47
N VAL A 2642 -77.50 54.60 -27.90
CA VAL A 2642 -78.78 54.86 -28.54
C VAL A 2642 -78.56 55.41 -29.94
N GLU A 2643 -77.73 56.44 -30.06
CA GLU A 2643 -77.45 56.98 -31.38
C GLU A 2643 -76.77 55.92 -32.26
N SER A 2644 -75.95 55.06 -31.68
CA SER A 2644 -75.23 54.09 -32.49
C SER A 2644 -76.17 53.01 -33.03
N ILE A 2645 -77.24 52.68 -32.30
CA ILE A 2645 -78.09 51.54 -32.63
C ILE A 2645 -79.57 51.88 -32.54
N SER A 2646 -79.93 53.12 -32.21
CA SER A 2646 -81.32 53.59 -32.27
C SER A 2646 -82.22 52.84 -31.28
N LEU A 2647 -81.86 52.88 -30.01
CA LEU A 2647 -82.75 52.39 -28.96
C LEU A 2647 -83.80 53.43 -28.63
N ASP A 2648 -84.81 53.00 -27.88
CA ASP A 2648 -85.85 53.89 -27.40
C ASP A 2648 -85.47 54.44 -26.02
N GLU A 2649 -86.34 55.29 -25.48
CA GLU A 2649 -86.07 55.89 -24.17
C GLU A 2649 -86.33 54.91 -23.03
N ASN A 2650 -87.32 54.02 -23.19
CA ASN A 2650 -87.58 53.04 -22.15
C ASN A 2650 -86.39 52.11 -21.95
N GLY A 2651 -85.81 51.65 -23.05
CA GLY A 2651 -84.63 50.81 -22.94
C GLY A 2651 -83.45 51.58 -22.39
N THR A 2652 -83.32 52.85 -22.76
CA THR A 2652 -82.28 53.70 -22.18
C THR A 2652 -82.43 53.77 -20.67
N ARG A 2653 -83.66 53.99 -20.19
CA ARG A 2653 -83.90 54.07 -18.76
C ARG A 2653 -83.51 52.76 -18.08
N VAL A 2654 -83.95 51.64 -18.64
CA VAL A 2654 -83.71 50.36 -18.01
C VAL A 2654 -82.22 50.05 -17.98
N ILE A 2655 -81.53 50.27 -19.09
CA ILE A 2655 -80.10 50.02 -19.15
C ILE A 2655 -79.35 50.89 -18.15
N THR A 2656 -79.70 52.18 -18.08
CA THR A 2656 -79.04 53.07 -17.12
C THR A 2656 -79.26 52.57 -15.70
N GLU A 2657 -80.51 52.26 -15.34
CA GLU A 2657 -80.81 51.87 -13.98
C GLU A 2657 -80.14 50.56 -13.63
N VAL A 2658 -80.03 49.64 -14.58
CA VAL A 2658 -79.45 48.35 -14.26
C VAL A 2658 -77.94 48.46 -14.14
N LEU A 2659 -77.31 49.29 -14.96
CA LEU A 2659 -75.87 49.50 -14.82
C LEU A 2659 -75.55 50.18 -13.50
N CYS A 2660 -76.38 51.15 -13.11
CA CYS A 2660 -76.18 51.81 -11.81
C CYS A 2660 -76.35 50.82 -10.68
N ALA A 2661 -77.42 50.02 -10.71
CA ALA A 2661 -77.64 49.04 -9.66
C ALA A 2661 -76.51 48.02 -9.61
N SER A 2662 -75.97 47.62 -10.76
CA SER A 2662 -74.90 46.63 -10.79
C SER A 2662 -73.63 47.20 -10.16
N GLN A 2663 -73.27 48.42 -10.52
CA GLN A 2663 -72.10 49.04 -9.92
C GLN A 2663 -72.29 49.24 -8.42
N GLY A 2664 -73.50 49.67 -8.02
CA GLY A 2664 -73.80 49.78 -6.61
C GLY A 2664 -73.63 48.48 -5.86
N PHE A 2665 -74.20 47.41 -6.40
CA PHE A 2665 -74.14 46.12 -5.72
C PHE A 2665 -72.72 45.64 -5.61
N MET A 2666 -71.94 45.78 -6.68
CA MET A 2666 -70.56 45.31 -6.63
C MET A 2666 -69.74 46.15 -5.65
N ARG A 2667 -70.04 47.44 -5.52
CA ARG A 2667 -69.34 48.25 -4.54
C ARG A 2667 -69.71 47.85 -3.12
N LYS A 2668 -70.98 47.61 -2.85
CA LYS A 2668 -71.39 47.16 -1.53
C LYS A 2668 -70.75 45.82 -1.18
N THR A 2669 -70.61 44.95 -2.17
CA THR A 2669 -70.10 43.59 -1.96
C THR A 2669 -68.57 43.60 -1.94
N GLU A 2670 -68.04 44.16 -0.86
CA GLU A 2670 -66.60 44.27 -0.69
C GLU A 2670 -65.93 42.91 -0.51
N ASP A 2671 -66.70 41.85 -0.32
CA ASP A 2671 -66.15 40.51 -0.15
C ASP A 2671 -65.90 39.77 -1.46
N GLU A 2672 -66.36 40.32 -2.59
CA GLU A 2672 -66.15 39.68 -3.88
C GLU A 2672 -65.58 40.68 -4.86
N CYS A 2673 -65.84 41.97 -4.64
CA CYS A 2673 -65.37 43.03 -5.53
C CYS A 2673 -64.81 44.16 -4.68
N SER A 2674 -63.54 44.48 -4.89
CA SER A 2674 -62.92 45.64 -4.27
C SER A 2674 -62.75 46.81 -5.24
N PHE A 2675 -62.90 46.57 -6.54
CA PHE A 2675 -62.62 47.56 -7.57
C PHE A 2675 -63.85 47.76 -8.44
N VAL A 2676 -64.28 49.01 -8.56
CA VAL A 2676 -65.43 49.35 -9.39
C VAL A 2676 -65.10 50.63 -10.16
N SER A 2677 -65.33 50.61 -11.46
CA SER A 2677 -65.06 51.77 -12.30
C SER A 2677 -66.06 51.81 -13.44
N LEU A 2678 -66.00 52.88 -14.23
CA LEU A 2678 -66.86 53.03 -15.39
C LEU A 2678 -66.38 52.24 -16.59
N ARG A 2679 -65.14 51.76 -16.56
CA ARG A 2679 -64.67 50.88 -17.62
C ARG A 2679 -65.47 49.58 -17.66
N ASP A 2680 -65.97 49.14 -16.51
CA ASP A 2680 -66.85 47.98 -16.49
C ASP A 2680 -68.20 48.30 -17.14
N VAL A 2681 -68.70 49.53 -16.98
CA VAL A 2681 -69.92 49.89 -17.66
C VAL A 2681 -69.69 49.97 -19.17
N GLU A 2682 -68.52 50.41 -19.59
CA GLU A 2682 -68.23 50.45 -21.01
C GLU A 2682 -68.13 49.04 -21.56
N ARG A 2683 -67.57 48.13 -20.77
CA ARG A 2683 -67.44 46.75 -21.17
C ARG A 2683 -68.80 46.07 -21.28
N CYS A 2684 -69.68 46.32 -20.31
CA CYS A 2684 -71.02 45.74 -20.35
C CYS A 2684 -71.84 46.32 -21.48
N VAL A 2685 -71.67 47.60 -21.78
CA VAL A 2685 -72.39 48.19 -22.91
C VAL A 2685 -71.89 47.61 -24.22
N LYS A 2686 -70.58 47.41 -24.34
CA LYS A 2686 -70.02 46.74 -25.51
C LYS A 2686 -70.63 45.36 -25.69
N VAL A 2687 -70.69 44.58 -24.61
CA VAL A 2687 -71.27 43.25 -24.68
C VAL A 2687 -72.74 43.32 -25.06
N PHE A 2688 -73.49 44.23 -24.44
CA PHE A 2688 -74.89 44.44 -24.81
C PHE A 2688 -75.02 44.72 -26.30
N ARG A 2689 -74.17 45.60 -26.83
CA ARG A 2689 -74.24 45.92 -28.26
C ARG A 2689 -73.98 44.68 -29.10
N TRP A 2690 -73.02 43.86 -28.70
CA TRP A 2690 -72.70 42.66 -29.45
C TRP A 2690 -73.87 41.69 -29.45
N PHE A 2691 -74.47 41.49 -28.28
CA PHE A 2691 -75.64 40.62 -28.19
C PHE A 2691 -76.79 41.19 -29.00
N HIS A 2692 -76.94 42.51 -29.02
CA HIS A 2692 -78.04 43.11 -29.76
C HIS A 2692 -77.84 42.90 -31.26
N GLU A 2693 -76.62 43.13 -31.75
CA GLU A 2693 -76.31 42.90 -33.15
C GLU A 2693 -76.67 41.47 -33.56
N HIS A 2694 -76.05 40.49 -32.90
CA HIS A 2694 -76.36 39.08 -33.16
C HIS A 2694 -77.76 38.65 -32.74
N SER A 2695 -78.51 39.49 -32.02
CA SER A 2695 -79.76 39.06 -31.41
C SER A 2695 -80.74 38.38 -32.37
N ALA A 2696 -80.77 38.77 -33.63
CA ALA A 2696 -81.67 38.09 -34.57
C ALA A 2696 -81.30 36.62 -34.70
N MET A 2697 -80.03 36.34 -34.98
CA MET A 2697 -79.60 34.97 -35.18
C MET A 2697 -79.63 34.20 -33.86
N LEU A 2698 -79.15 34.83 -32.79
CA LEU A 2698 -79.12 34.13 -31.51
C LEU A 2698 -80.52 33.76 -31.06
N LEU A 2699 -81.50 34.65 -31.29
CA LEU A 2699 -82.87 34.35 -30.90
C LEU A 2699 -83.50 33.31 -31.79
N ALA A 2700 -83.10 33.27 -33.07
CA ALA A 2700 -83.59 32.22 -33.95
C ALA A 2700 -83.05 30.86 -33.50
N GLN A 2701 -81.74 30.78 -33.31
CA GLN A 2701 -81.15 29.53 -32.85
C GLN A 2701 -81.69 29.13 -31.49
N LEU A 2702 -82.04 30.12 -30.65
CA LEU A 2702 -82.58 29.80 -29.34
C LEU A 2702 -83.97 29.22 -29.46
N ASN A 2703 -84.82 29.81 -30.30
CA ASN A 2703 -86.16 29.28 -30.49
C ASN A 2703 -86.08 27.86 -31.05
N ALA A 2704 -85.17 27.64 -32.00
CA ALA A 2704 -85.00 26.29 -32.56
C ALA A 2704 -84.53 25.31 -31.50
N PHE A 2705 -83.49 25.69 -30.75
CA PHE A 2705 -82.94 24.83 -29.71
C PHE A 2705 -84.00 24.46 -28.69
N LEU A 2706 -84.77 25.45 -28.23
CA LEU A 2706 -85.79 25.19 -27.23
C LEU A 2706 -86.92 24.36 -27.80
N SER A 2707 -87.21 24.52 -29.09
CA SER A 2707 -88.21 23.65 -29.73
C SER A 2707 -87.72 22.21 -29.81
N LYS A 2708 -86.40 22.01 -29.94
CA LYS A 2708 -85.90 20.64 -29.93
C LYS A 2708 -86.33 19.89 -28.67
N SER A 2709 -86.46 20.60 -27.56
CA SER A 2709 -86.97 20.01 -26.33
C SER A 2709 -88.50 20.11 -26.26
N SER A 2710 -89.15 19.66 -27.32
CA SER A 2710 -90.60 19.67 -27.40
C SER A 2710 -91.21 18.85 -26.27
N GLU A 2717 -92.31 35.46 -25.69
CA GLU A 2717 -91.60 36.40 -26.54
C GLU A 2717 -90.50 37.11 -25.76
N ARG A 2718 -89.53 37.67 -26.49
CA ARG A 2718 -88.38 38.31 -25.86
C ARG A 2718 -88.08 39.63 -26.56
N ASP A 2719 -87.80 40.65 -25.77
CA ASP A 2719 -87.28 41.90 -26.30
C ASP A 2719 -85.78 41.78 -26.50
N PRO A 2720 -85.26 41.98 -27.71
CA PRO A 2720 -83.80 41.90 -27.91
C PRO A 2720 -83.01 42.81 -26.99
N VAL A 2721 -83.56 43.96 -26.60
CA VAL A 2721 -82.80 44.90 -25.78
C VAL A 2721 -82.68 44.38 -24.36
N LEU A 2722 -83.80 43.99 -23.74
CA LEU A 2722 -83.74 43.48 -22.38
C LEU A 2722 -82.99 42.16 -22.33
N TRP A 2723 -83.13 41.34 -23.36
CA TRP A 2723 -82.42 40.06 -23.42
C TRP A 2723 -80.91 40.29 -23.52
N SER A 2724 -80.49 41.16 -24.43
CA SER A 2724 -79.07 41.44 -24.58
C SER A 2724 -78.51 42.08 -23.32
N LEU A 2725 -79.32 42.91 -22.66
CA LEU A 2725 -78.92 43.50 -21.39
C LEU A 2725 -78.71 42.41 -20.35
N MET A 2726 -79.60 41.43 -20.31
CA MET A 2726 -79.49 40.38 -19.33
C MET A 2726 -78.23 39.57 -19.57
N LEU A 2727 -77.91 39.28 -20.83
CA LEU A 2727 -76.72 38.46 -21.10
C LEU A 2727 -75.44 39.26 -20.84
N ALA A 2728 -75.44 40.54 -21.17
CA ALA A 2728 -74.32 41.40 -20.84
C ALA A 2728 -74.09 41.44 -19.34
N ILE A 2729 -75.16 41.68 -18.57
CA ILE A 2729 -75.09 41.61 -17.11
C ILE A 2729 -74.55 40.27 -16.66
N GLY A 2730 -74.99 39.20 -17.32
CA GLY A 2730 -74.46 37.89 -17.00
C GLY A 2730 -72.95 37.84 -17.11
N VAL A 2731 -72.43 38.23 -18.26
CA VAL A 2731 -70.99 38.16 -18.50
C VAL A 2731 -70.23 39.06 -17.55
N CYS A 2732 -70.70 40.29 -17.35
CA CYS A 2732 -69.88 41.28 -16.67
C CYS A 2732 -69.95 41.17 -15.16
N TYR A 2733 -71.13 40.89 -14.61
CA TYR A 2733 -71.33 40.90 -13.18
C TYR A 2733 -71.72 39.53 -12.62
N HIS A 2734 -72.67 38.85 -13.26
CA HIS A 2734 -73.29 37.68 -12.67
C HIS A 2734 -72.32 36.50 -12.56
N ALA A 2735 -71.43 36.35 -13.53
CA ALA A 2735 -70.62 35.14 -13.60
C ALA A 2735 -69.52 35.14 -12.54
N SER A 2736 -68.76 36.23 -12.47
CA SER A 2736 -67.67 36.32 -11.51
C SER A 2736 -68.15 36.23 -10.07
N LEU A 2737 -69.45 36.41 -9.84
CA LEU A 2737 -69.97 36.48 -8.49
C LEU A 2737 -70.21 35.08 -7.91
N GLU A 2738 -70.18 35.01 -6.58
CA GLU A 2738 -70.60 33.85 -5.82
C GLU A 2738 -72.02 34.01 -5.28
N LYS A 2739 -72.37 35.21 -4.84
CA LYS A 2739 -73.73 35.51 -4.39
C LYS A 2739 -74.56 36.07 -5.55
N LYS A 2740 -74.77 35.19 -6.54
CA LYS A 2740 -75.47 35.58 -7.76
C LYS A 2740 -76.93 35.92 -7.49
N ASP A 2741 -77.55 35.26 -6.52
CA ASP A 2741 -78.99 35.43 -6.30
C ASP A 2741 -79.32 36.83 -5.81
N SER A 2742 -78.52 37.38 -4.90
CA SER A 2742 -78.77 38.72 -4.41
C SER A 2742 -78.64 39.73 -5.54
N TYR A 2743 -77.62 39.56 -6.38
CA TYR A 2743 -77.47 40.41 -7.55
C TYR A 2743 -78.69 40.35 -8.44
N ARG A 2744 -79.18 39.14 -8.72
CA ARG A 2744 -80.32 39.03 -9.61
C ARG A 2744 -81.56 39.65 -8.98
N LYS A 2745 -81.70 39.54 -7.66
CA LYS A 2745 -82.84 40.14 -6.98
C LYS A 2745 -82.79 41.65 -7.11
N ALA A 2746 -81.63 42.24 -6.86
CA ALA A 2746 -81.48 43.68 -6.98
C ALA A 2746 -81.76 44.14 -8.41
N ILE A 2747 -81.07 43.55 -9.37
CA ILE A 2747 -81.22 43.96 -10.77
C ILE A 2747 -82.66 43.81 -11.24
N ALA A 2748 -83.31 42.70 -10.91
CA ALA A 2748 -84.62 42.41 -11.47
C ALA A 2748 -85.61 43.54 -11.24
N ARG A 2749 -85.48 44.22 -10.11
CA ARG A 2749 -86.47 45.25 -9.77
C ARG A 2749 -86.53 46.33 -10.83
N PHE A 2750 -85.40 46.57 -11.50
CA PHE A 2750 -85.32 47.61 -12.51
C PHE A 2750 -85.81 47.15 -13.88
N PHE A 2751 -85.92 45.83 -14.09
CA PHE A 2751 -86.43 45.33 -15.36
C PHE A 2751 -87.94 45.51 -15.43
N PRO A 2752 -88.48 45.87 -16.59
CA PRO A 2752 -89.93 45.96 -16.72
C PRO A 2752 -90.60 44.59 -16.65
N LYS A 2753 -91.90 44.62 -16.35
CA LYS A 2753 -92.66 43.39 -16.31
C LYS A 2753 -92.82 42.83 -17.73
N PRO A 2754 -93.02 41.51 -17.86
CA PRO A 2754 -93.04 40.53 -16.78
C PRO A 2754 -91.64 40.01 -16.43
N TYR A 2755 -90.62 40.73 -16.88
CA TYR A 2755 -89.24 40.30 -16.72
C TYR A 2755 -88.63 40.67 -15.39
N ASP A 2756 -89.43 41.20 -14.45
CA ASP A 2756 -88.92 41.63 -13.15
C ASP A 2756 -88.87 40.47 -12.18
N ASP A 2757 -88.13 39.43 -12.56
CA ASP A 2757 -87.98 38.25 -11.74
C ASP A 2757 -86.56 37.72 -11.85
N SER A 2758 -85.94 37.43 -10.70
CA SER A 2758 -84.61 36.84 -10.69
C SER A 2758 -84.59 35.49 -11.38
N ARG A 2759 -85.68 34.73 -11.27
CA ARG A 2759 -85.71 33.40 -11.84
C ARG A 2759 -85.67 33.46 -13.37
N LEU A 2760 -86.43 34.37 -13.96
CA LEU A 2760 -86.37 34.52 -15.41
C LEU A 2760 -84.97 34.94 -15.86
N LEU A 2761 -84.28 35.74 -15.05
CA LEU A 2761 -82.94 36.16 -15.41
C LEU A 2761 -81.99 34.97 -15.46
N LEU A 2762 -82.00 34.16 -14.41
CA LEU A 2762 -81.15 32.99 -14.38
C LEU A 2762 -81.54 32.03 -15.50
N ASP A 2763 -82.84 31.89 -15.75
CA ASP A 2763 -83.31 31.02 -16.82
C ASP A 2763 -82.75 31.44 -18.17
N GLU A 2764 -82.85 32.73 -18.50
CA GLU A 2764 -82.36 33.19 -19.79
C GLU A 2764 -80.86 33.02 -19.91
N ILE A 2765 -80.11 33.27 -18.83
CA ILE A 2765 -78.68 33.04 -18.87
C ILE A 2765 -78.38 31.57 -19.12
N THR A 2766 -79.09 30.69 -18.42
CA THR A 2766 -78.89 29.26 -18.59
C THR A 2766 -79.19 28.83 -20.03
N ARG A 2767 -80.30 29.31 -20.57
CA ARG A 2767 -80.69 28.94 -21.92
C ARG A 2767 -79.66 29.40 -22.92
N ALA A 2768 -79.08 30.59 -22.72
CA ALA A 2768 -78.07 31.06 -23.65
C ALA A 2768 -76.81 30.21 -23.55
N GLN A 2769 -76.40 29.85 -22.32
CA GLN A 2769 -75.26 28.97 -22.17
C GLN A 2769 -75.50 27.63 -22.88
N ASP A 2770 -76.70 27.08 -22.71
CA ASP A 2770 -77.05 25.83 -23.38
C ASP A 2770 -76.94 25.97 -24.89
N LEU A 2771 -77.60 26.99 -25.44
CA LEU A 2771 -77.51 27.25 -26.87
C LEU A 2771 -76.06 27.30 -27.34
N PHE A 2772 -75.18 27.90 -26.53
CA PHE A 2772 -73.80 28.00 -26.96
C PHE A 2772 -73.09 26.65 -26.89
N LEU A 2773 -73.51 25.77 -25.98
CA LEU A 2773 -72.97 24.42 -25.99
C LEU A 2773 -73.56 23.61 -27.15
N ASP A 2774 -74.84 23.81 -27.43
CA ASP A 2774 -75.49 23.08 -28.51
C ASP A 2774 -74.83 23.41 -29.84
N GLY A 2775 -75.09 22.56 -30.82
CA GLY A 2775 -74.48 22.72 -32.14
C GLY A 2775 -73.09 22.15 -32.19
N VAL A 2776 -72.27 22.46 -31.20
CA VAL A 2776 -70.92 21.88 -31.12
C VAL A 2776 -71.04 20.39 -30.82
N PRO A 2777 -70.28 19.54 -31.49
CA PRO A 2777 -70.39 18.08 -31.28
C PRO A 2777 -69.59 17.56 -30.09
N LEU A 2778 -70.19 17.65 -28.91
CA LEU A 2778 -69.55 17.16 -27.71
C LEU A 2778 -69.61 15.64 -27.65
N ARG A 2779 -68.60 15.04 -27.05
CA ARG A 2779 -68.65 13.64 -26.69
C ARG A 2779 -69.82 13.40 -25.75
N LYS A 2780 -70.40 12.20 -25.84
CA LYS A 2780 -71.60 11.90 -25.08
C LYS A 2780 -71.33 11.76 -23.60
N THR A 2781 -70.15 11.25 -23.22
CA THR A 2781 -69.79 11.07 -21.83
C THR A 2781 -69.24 12.34 -21.19
N ILE A 2782 -69.31 13.47 -21.89
CA ILE A 2782 -68.83 14.72 -21.36
C ILE A 2782 -69.89 15.31 -20.45
N ALA A 2783 -69.48 15.77 -19.27
CA ALA A 2783 -70.40 16.41 -18.34
C ALA A 2783 -70.77 17.78 -18.89
N LYS A 2784 -71.96 17.88 -19.50
CA LYS A 2784 -72.49 19.15 -19.95
C LYS A 2784 -73.05 19.93 -18.76
N ASN A 2785 -72.15 20.20 -17.82
CA ASN A 2785 -72.49 20.80 -16.55
C ASN A 2785 -72.53 22.32 -16.65
N LEU A 2786 -73.10 22.94 -15.61
CA LEU A 2786 -73.15 24.40 -15.55
C LEU A 2786 -71.77 25.02 -15.67
N ALA A 2787 -70.75 24.39 -15.09
CA ALA A 2787 -69.43 24.99 -15.10
C ALA A 2787 -68.90 25.11 -16.51
N LEU A 2788 -69.03 24.04 -17.30
CA LEU A 2788 -68.55 24.08 -18.68
C LEU A 2788 -69.42 25.02 -19.51
N LYS A 2789 -70.71 25.06 -19.20
CA LYS A 2789 -71.64 25.94 -19.90
C LYS A 2789 -71.23 27.40 -19.74
N GLU A 2790 -71.07 27.83 -18.49
CA GLU A 2790 -70.68 29.20 -18.21
C GLU A 2790 -69.29 29.51 -18.76
N ASN A 2791 -68.36 28.56 -18.62
CA ASN A 2791 -67.01 28.82 -19.11
C ASN A 2791 -67.00 29.01 -20.62
N VAL A 2792 -67.77 28.20 -21.34
CA VAL A 2792 -67.83 28.33 -22.79
C VAL A 2792 -68.47 29.65 -23.18
N PHE A 2793 -69.63 29.96 -22.57
CA PHE A 2793 -70.29 31.23 -22.83
C PHE A 2793 -69.36 32.42 -22.62
N MET A 2794 -68.70 32.47 -21.47
CA MET A 2794 -67.75 33.52 -21.17
C MET A 2794 -66.61 33.54 -22.18
N MET A 2795 -65.99 32.40 -22.42
CA MET A 2795 -64.87 32.32 -23.33
C MET A 2795 -65.25 32.86 -24.71
N VAL A 2796 -66.43 32.50 -25.18
CA VAL A 2796 -66.87 32.94 -26.50
C VAL A 2796 -67.06 34.44 -26.51
N VAL A 2797 -67.85 34.97 -25.58
CA VAL A 2797 -68.13 36.40 -25.56
C VAL A 2797 -66.84 37.19 -25.44
N CYS A 2798 -65.99 36.82 -24.48
CA CYS A 2798 -64.75 37.56 -24.25
C CYS A 2798 -63.81 37.47 -25.44
N ILE A 2799 -63.66 36.29 -26.04
CA ILE A 2799 -62.75 36.15 -27.18
C ILE A 2799 -63.27 36.98 -28.34
N GLU A 2800 -64.56 36.87 -28.62
CA GLU A 2800 -65.18 37.60 -29.70
C GLU A 2800 -65.02 39.10 -29.52
N LEU A 2801 -65.03 39.58 -28.28
CA LEU A 2801 -64.91 40.99 -27.96
C LEU A 2801 -63.56 41.37 -27.37
N LYS A 2802 -62.58 40.47 -27.41
CA LYS A 2802 -61.25 40.75 -26.92
C LYS A 2802 -61.27 41.30 -25.49
N ILE A 2803 -62.09 40.68 -24.64
CA ILE A 2803 -62.00 40.92 -23.20
C ILE A 2803 -61.05 39.88 -22.64
N PRO A 2804 -60.06 40.26 -21.83
CA PRO A 2804 -59.24 39.23 -21.18
C PRO A 2804 -60.04 38.49 -20.13
N LEU A 2805 -59.97 37.16 -20.15
CA LEU A 2805 -60.77 36.35 -19.25
C LEU A 2805 -59.88 35.40 -18.47
N PHE A 2806 -59.98 35.43 -17.16
CA PHE A 2806 -59.19 34.59 -16.27
C PHE A 2806 -60.10 33.60 -15.54
N LEU A 2807 -59.85 32.32 -15.75
CA LEU A 2807 -60.59 31.25 -15.11
C LEU A 2807 -59.66 30.53 -14.13
N VAL A 2808 -60.06 30.50 -12.86
CA VAL A 2808 -59.34 29.78 -11.83
C VAL A 2808 -60.27 28.77 -11.19
N GLY A 2809 -59.81 27.53 -11.09
CA GLY A 2809 -60.55 26.50 -10.41
C GLY A 2809 -59.68 25.27 -10.25
N LYS A 2810 -60.18 24.33 -9.51
CA LYS A 2810 -59.43 23.11 -9.27
C LYS A 2810 -59.52 22.17 -10.48
N PRO A 2811 -58.52 21.30 -10.65
CA PRO A 2811 -58.49 20.44 -11.83
C PRO A 2811 -59.79 19.69 -12.05
N GLY A 2812 -60.23 19.67 -13.30
CA GLY A 2812 -61.50 19.08 -13.68
C GLY A 2812 -62.63 20.06 -13.79
N SER A 2813 -62.40 21.32 -13.45
CA SER A 2813 -63.45 22.33 -13.47
C SER A 2813 -63.66 22.92 -14.85
N SER A 2814 -63.78 22.07 -15.87
CA SER A 2814 -64.31 22.43 -17.17
C SER A 2814 -63.59 23.60 -17.84
N LYS A 2815 -62.39 23.97 -17.38
CA LYS A 2815 -61.73 25.12 -17.99
C LYS A 2815 -61.04 24.75 -19.29
N SER A 2816 -60.05 23.87 -19.23
CA SER A 2816 -59.33 23.45 -20.44
C SER A 2816 -60.25 22.73 -21.42
N LEU A 2817 -61.24 22.01 -20.92
CA LEU A 2817 -62.25 21.44 -21.79
C LEU A 2817 -62.95 22.53 -22.57
N ALA A 2818 -63.41 23.57 -21.86
CA ALA A 2818 -64.04 24.71 -22.52
C ALA A 2818 -63.08 25.33 -23.53
N LYS A 2819 -61.78 25.34 -23.22
CA LYS A 2819 -60.81 25.94 -24.12
C LYS A 2819 -60.75 25.18 -25.44
N THR A 2820 -60.75 23.85 -25.37
CA THR A 2820 -60.69 23.05 -26.59
C THR A 2820 -62.01 23.12 -27.35
N ILE A 2821 -63.12 23.05 -26.62
CA ILE A 2821 -64.44 23.16 -27.23
C ILE A 2821 -64.60 24.49 -27.96
N VAL A 2822 -64.13 25.57 -27.35
CA VAL A 2822 -64.30 26.88 -27.96
C VAL A 2822 -63.35 27.08 -29.11
N ALA A 2823 -62.16 26.48 -29.06
CA ALA A 2823 -61.28 26.48 -30.22
C ALA A 2823 -61.88 25.71 -31.38
N ASP A 2824 -62.60 24.64 -31.10
CA ASP A 2824 -63.15 23.81 -32.17
C ASP A 2824 -64.42 24.40 -32.74
N ALA A 2825 -65.33 24.84 -31.87
CA ALA A 2825 -66.60 25.42 -32.31
C ALA A 2825 -66.39 26.69 -33.13
N MET A 2826 -65.43 27.51 -32.75
CA MET A 2826 -65.28 28.84 -33.31
C MET A 2826 -64.44 28.84 -34.58
N GLN A 2827 -64.39 27.72 -35.28
CA GLN A 2827 -63.87 27.66 -36.63
C GLN A 2827 -64.93 28.30 -37.52
N GLY A 2828 -64.90 29.62 -37.59
CA GLY A 2828 -66.04 30.39 -38.01
C GLY A 2828 -66.77 29.83 -39.21
N PRO A 2829 -66.17 29.92 -40.40
CA PRO A 2829 -66.84 29.34 -41.58
C PRO A 2829 -66.92 27.83 -41.52
N ALA A 2830 -65.90 27.18 -40.96
CA ALA A 2830 -65.86 25.74 -40.80
C ALA A 2830 -66.52 25.27 -39.52
N ALA A 2831 -67.43 26.09 -38.96
CA ALA A 2831 -68.11 25.73 -37.73
C ALA A 2831 -69.15 24.64 -38.00
N TYR A 2832 -69.56 23.99 -36.91
CA TYR A 2832 -70.57 22.95 -36.99
C TYR A 2832 -71.99 23.51 -36.95
N SER A 2833 -72.17 24.73 -36.43
CA SER A 2833 -73.48 25.33 -36.27
C SER A 2833 -73.53 26.69 -36.96
N ASP A 2834 -74.74 27.08 -37.36
CA ASP A 2834 -74.93 28.39 -37.96
C ASP A 2834 -74.58 29.51 -37.00
N LEU A 2835 -74.69 29.25 -35.70
CA LEU A 2835 -74.30 30.24 -34.70
C LEU A 2835 -72.85 30.63 -34.88
N PHE A 2836 -71.95 29.67 -34.73
CA PHE A 2836 -70.53 29.99 -34.80
C PHE A 2836 -70.12 30.42 -36.19
N ARG A 2837 -70.83 29.96 -37.21
CA ARG A 2837 -70.61 30.48 -38.56
C ARG A 2837 -70.90 31.97 -38.61
N SER A 2838 -71.85 32.44 -37.82
CA SER A 2838 -72.08 33.88 -37.73
C SER A 2838 -70.97 34.57 -36.94
N LEU A 2839 -70.33 33.85 -36.02
CA LEU A 2839 -69.34 34.42 -35.14
C LEU A 2839 -67.96 34.43 -35.80
N LYS A 2840 -66.95 34.84 -35.04
CA LYS A 2840 -65.62 35.02 -35.58
C LYS A 2840 -64.84 33.71 -35.55
N GLN A 2841 -63.76 33.67 -36.32
CA GLN A 2841 -62.89 32.51 -36.41
C GLN A 2841 -61.72 32.69 -35.46
N VAL A 2842 -61.49 31.68 -34.62
CA VAL A 2842 -60.54 31.76 -33.52
C VAL A 2842 -59.32 30.92 -33.82
N HIS A 2843 -58.13 31.53 -33.70
CA HIS A 2843 -56.87 30.82 -33.68
C HIS A 2843 -56.23 31.05 -32.32
N LEU A 2844 -55.96 29.97 -31.60
CA LEU A 2844 -55.35 30.06 -30.28
C LEU A 2844 -53.85 29.83 -30.37
N VAL A 2845 -53.09 30.68 -29.70
CA VAL A 2845 -51.67 30.48 -29.47
C VAL A 2845 -51.51 30.28 -27.98
N SER A 2846 -51.00 29.13 -27.58
CA SER A 2846 -50.97 28.74 -26.18
C SER A 2846 -49.56 28.88 -25.62
N PHE A 2847 -49.49 29.35 -24.38
CA PHE A 2847 -48.24 29.46 -23.64
C PHE A 2847 -48.45 28.86 -22.26
N GLN A 2848 -47.57 27.96 -21.86
CA GLN A 2848 -47.69 27.25 -20.59
C GLN A 2848 -46.79 27.94 -19.58
N CYS A 2849 -47.40 28.56 -18.58
CA CYS A 2849 -46.66 29.37 -17.62
C CYS A 2849 -46.03 28.49 -16.55
N SER A 2850 -44.86 28.94 -16.08
CA SER A 2850 -44.13 28.23 -15.05
C SER A 2850 -43.45 29.25 -14.16
N PRO A 2851 -42.92 28.83 -13.02
CA PRO A 2851 -42.14 29.76 -12.19
C PRO A 2851 -40.90 30.28 -12.88
N HIS A 2852 -40.48 29.65 -13.97
CA HIS A 2852 -39.26 30.00 -14.68
C HIS A 2852 -39.53 30.67 -16.01
N SER A 2853 -40.78 31.05 -16.28
CA SER A 2853 -41.13 31.68 -17.53
C SER A 2853 -40.75 33.15 -17.51
N THR A 2854 -40.24 33.64 -18.61
CA THR A 2854 -39.71 34.98 -18.72
C THR A 2854 -40.73 35.93 -19.32
N PRO A 2855 -40.57 37.23 -19.12
CA PRO A 2855 -41.46 38.18 -19.81
C PRO A 2855 -41.40 38.04 -21.32
N GLN A 2856 -40.21 37.76 -21.85
CA GLN A 2856 -40.07 37.59 -23.29
C GLN A 2856 -40.98 36.50 -23.83
N GLY A 2857 -41.26 35.47 -23.04
CA GLY A 2857 -42.19 34.44 -23.50
C GLY A 2857 -43.59 34.97 -23.75
N ILE A 2858 -44.11 35.72 -22.77
CA ILE A 2858 -45.44 36.31 -22.92
C ILE A 2858 -45.45 37.32 -24.06
N ILE A 2859 -44.42 38.16 -24.13
CA ILE A 2859 -44.31 39.13 -25.21
C ILE A 2859 -44.35 38.43 -26.56
N SER A 2860 -43.52 37.40 -26.73
CA SER A 2860 -43.45 36.71 -28.01
C SER A 2860 -44.76 36.01 -28.33
N THR A 2861 -45.46 35.49 -27.32
CA THR A 2861 -46.75 34.88 -27.57
C THR A 2861 -47.74 35.91 -28.12
N PHE A 2862 -47.83 37.06 -27.46
CA PHE A 2862 -48.73 38.10 -27.94
C PHE A 2862 -48.34 38.57 -29.34
N ARG A 2863 -47.03 38.65 -29.60
CA ARG A 2863 -46.57 39.08 -30.92
C ARG A 2863 -46.90 38.07 -31.99
N GLN A 2864 -46.78 36.78 -31.68
CA GLN A 2864 -47.16 35.74 -32.62
C GLN A 2864 -48.65 35.82 -32.94
N CYS A 2865 -49.47 36.05 -31.92
CA CYS A 2865 -50.90 36.21 -32.17
C CYS A 2865 -51.14 37.42 -33.07
N ALA A 2866 -50.41 38.51 -32.83
CA ALA A 2866 -50.54 39.68 -33.69
C ALA A 2866 -50.16 39.36 -35.12
N ARG A 2867 -49.08 38.60 -35.30
CA ARG A 2867 -48.67 38.19 -36.64
C ARG A 2867 -49.77 37.39 -37.32
N PHE A 2868 -50.48 36.57 -36.54
CA PHE A 2868 -51.61 35.84 -37.11
C PHE A 2868 -52.74 36.78 -37.48
N GLN A 2869 -53.00 37.79 -36.67
CA GLN A 2869 -54.08 38.73 -36.95
C GLN A 2869 -53.73 39.70 -38.07
N GLN A 2870 -52.45 39.80 -38.42
CA GLN A 2870 -52.02 40.76 -39.42
C GLN A 2870 -52.51 40.37 -40.81
N GLY A 2871 -53.15 41.33 -41.49
CA GLY A 2871 -53.61 41.11 -42.84
C GLY A 2871 -55.01 40.56 -42.97
N LYS A 2872 -55.79 40.56 -41.89
CA LYS A 2872 -57.08 39.90 -41.88
C LYS A 2872 -58.15 40.85 -41.35
N ASP A 2873 -59.40 40.51 -41.64
CA ASP A 2873 -60.54 41.24 -41.12
C ASP A 2873 -60.78 40.83 -39.67
N LEU A 2874 -60.49 41.73 -38.75
CA LEU A 2874 -60.67 41.46 -37.33
C LEU A 2874 -62.13 41.28 -36.95
N GLN A 2875 -63.06 41.47 -37.89
CA GLN A 2875 -64.46 41.22 -37.64
C GLN A 2875 -64.88 39.79 -37.97
N GLN A 2876 -64.03 39.04 -38.66
CA GLN A 2876 -64.29 37.64 -38.96
C GLN A 2876 -63.16 36.72 -38.50
N TYR A 2877 -62.07 37.27 -37.99
CA TYR A 2877 -60.96 36.49 -37.48
C TYR A 2877 -60.43 37.15 -36.21
N VAL A 2878 -59.95 36.31 -35.30
CA VAL A 2878 -59.34 36.76 -34.06
C VAL A 2878 -58.29 35.75 -33.67
N SER A 2879 -57.16 36.24 -33.16
CA SER A 2879 -56.13 35.40 -32.57
C SER A 2879 -56.13 35.64 -31.07
N VAL A 2880 -56.10 34.55 -30.32
CA VAL A 2880 -56.24 34.61 -28.87
C VAL A 2880 -54.99 34.03 -28.23
N VAL A 2881 -54.56 34.65 -27.14
CA VAL A 2881 -53.45 34.18 -26.35
C VAL A 2881 -54.04 33.42 -25.17
N VAL A 2882 -53.61 32.17 -25.00
CA VAL A 2882 -54.06 31.34 -23.90
C VAL A 2882 -52.86 31.04 -23.05
N LEU A 2883 -52.94 31.43 -21.78
CA LEU A 2883 -51.89 31.15 -20.81
C LEU A 2883 -52.40 30.09 -19.85
N ASP A 2884 -51.65 29.00 -19.75
CA ASP A 2884 -52.02 27.88 -18.90
C ASP A 2884 -51.19 27.89 -17.63
N GLU A 2885 -51.85 27.68 -16.50
CA GLU A 2885 -51.20 27.67 -15.20
C GLU A 2885 -50.53 29.02 -14.92
N VAL A 2886 -51.32 30.09 -15.04
CA VAL A 2886 -50.80 31.43 -14.85
C VAL A 2886 -50.39 31.65 -13.40
N GLY A 2887 -51.11 31.05 -12.46
CA GLY A 2887 -50.78 31.18 -11.06
C GLY A 2887 -49.38 30.73 -10.72
N LEU A 2888 -48.76 29.92 -11.58
CA LEU A 2888 -47.38 29.53 -11.35
C LEU A 2888 -46.44 30.72 -11.54
N ALA A 2889 -46.68 31.52 -12.56
CA ALA A 2889 -45.91 32.71 -12.85
C ALA A 2889 -46.20 33.87 -11.91
N GLU A 2890 -47.10 33.71 -10.94
CA GLU A 2890 -47.58 34.86 -10.17
C GLU A 2890 -46.45 35.62 -9.52
N ASP A 2891 -45.71 34.98 -8.62
CA ASP A 2891 -44.70 35.65 -7.81
C ASP A 2891 -43.30 35.13 -8.09
N SER A 2892 -43.03 34.73 -9.33
CA SER A 2892 -41.68 34.35 -9.68
C SER A 2892 -40.77 35.59 -9.64
N PRO A 2893 -39.49 35.42 -9.29
CA PRO A 2893 -38.61 36.58 -9.14
C PRO A 2893 -38.59 37.51 -10.34
N LYS A 2894 -38.87 36.98 -11.54
CA LYS A 2894 -38.87 37.81 -12.73
C LYS A 2894 -40.19 38.53 -12.96
N MET A 2895 -41.28 38.07 -12.34
CA MET A 2895 -42.57 38.74 -12.41
C MET A 2895 -42.96 39.04 -13.87
N PRO A 2896 -43.10 37.98 -14.68
CA PRO A 2896 -43.42 38.22 -16.10
C PRO A 2896 -44.84 38.71 -16.34
N LEU A 2897 -45.78 38.32 -15.49
CA LEU A 2897 -47.16 38.75 -15.63
C LEU A 2897 -47.32 40.27 -15.64
N LYS A 2898 -46.30 41.03 -15.25
CA LYS A 2898 -46.41 42.48 -15.36
C LYS A 2898 -46.71 42.88 -16.81
N THR A 2899 -46.03 42.24 -17.76
CA THR A 2899 -46.28 42.53 -19.16
C THR A 2899 -47.75 42.38 -19.53
N LEU A 2900 -48.50 41.59 -18.77
CA LEU A 2900 -49.92 41.42 -19.07
C LEU A 2900 -50.62 42.77 -19.21
N HIS A 2901 -50.40 43.66 -18.25
CA HIS A 2901 -51.16 44.91 -18.21
C HIS A 2901 -51.08 45.65 -19.55
N PRO A 2902 -49.89 45.98 -20.05
CA PRO A 2902 -49.84 46.68 -21.35
C PRO A 2902 -50.32 45.83 -22.50
N LEU A 2903 -49.93 44.55 -22.51
CA LEU A 2903 -50.24 43.66 -23.62
C LEU A 2903 -51.74 43.48 -23.79
N LEU A 2904 -52.49 43.54 -22.70
CA LEU A 2904 -53.94 43.40 -22.80
C LEU A 2904 -54.58 44.68 -23.32
N GLU A 2905 -54.05 45.85 -22.97
CA GLU A 2905 -54.67 47.09 -23.42
C GLU A 2905 -54.49 47.31 -24.91
N ASP A 2906 -53.25 47.23 -25.39
CA ASP A 2906 -52.93 47.55 -26.77
C ASP A 2906 -52.20 46.43 -27.48
N GLY A 2907 -51.33 45.71 -26.79
CA GLY A 2907 -50.49 44.70 -27.39
C GLY A 2907 -49.04 45.09 -27.52
N CYS A 2908 -48.63 46.20 -26.90
CA CYS A 2908 -47.30 46.76 -27.06
C CYS A 2908 -46.79 47.20 -25.70
N ILE A 2909 -45.51 46.94 -25.46
CA ILE A 2909 -44.85 47.36 -24.24
C ILE A 2909 -44.08 48.66 -24.44
N GLU A 2910 -43.39 48.78 -25.57
CA GLU A 2910 -42.69 50.02 -25.91
C GLU A 2910 -43.00 50.47 -27.33
N ASP A 2911 -43.31 49.53 -28.22
CA ASP A 2911 -43.53 49.87 -29.62
C ASP A 2911 -44.90 50.52 -29.81
N ASP A 2912 -45.12 51.03 -31.02
CA ASP A 2912 -46.32 51.82 -31.30
C ASP A 2912 -47.52 50.90 -31.52
N PRO A 2913 -48.70 51.29 -31.03
CA PRO A 2913 -49.87 50.42 -31.15
C PRO A 2913 -50.27 50.15 -32.59
N ALA A 2914 -51.11 49.12 -32.76
CA ALA A 2914 -51.78 48.82 -34.02
C ALA A 2914 -53.00 47.97 -33.71
N PRO A 2915 -54.01 47.97 -34.59
CA PRO A 2915 -55.23 47.22 -34.27
C PRO A 2915 -55.01 45.72 -34.18
N HIS A 2916 -54.19 45.16 -35.06
CA HIS A 2916 -53.96 43.72 -35.06
C HIS A 2916 -53.17 43.25 -33.85
N LYS A 2917 -52.51 44.16 -33.14
CA LYS A 2917 -51.72 43.79 -31.98
C LYS A 2917 -52.59 43.55 -30.76
N LYS A 2918 -53.83 44.03 -30.77
CA LYS A 2918 -54.76 43.78 -29.67
C LYS A 2918 -55.45 42.45 -29.93
N VAL A 2919 -54.87 41.39 -29.38
CA VAL A 2919 -55.36 40.05 -29.56
C VAL A 2919 -56.19 39.66 -28.34
N GLY A 2920 -57.06 38.68 -28.53
CA GLY A 2920 -57.85 38.21 -27.41
C GLY A 2920 -57.00 37.47 -26.40
N PHE A 2921 -57.59 37.12 -25.27
CA PHE A 2921 -56.81 36.53 -24.20
C PHE A 2921 -57.67 35.75 -23.22
N VAL A 2922 -57.24 34.53 -22.91
CA VAL A 2922 -57.79 33.73 -21.82
C VAL A 2922 -56.63 33.16 -21.01
N GLY A 2923 -56.71 33.31 -19.69
CA GLY A 2923 -55.76 32.75 -18.77
C GLY A 2923 -56.45 31.72 -17.91
N ILE A 2924 -55.95 30.50 -17.89
CA ILE A 2924 -56.56 29.39 -17.19
C ILE A 2924 -55.55 28.90 -16.18
N SER A 2925 -55.98 28.74 -14.93
CA SER A 2925 -55.06 28.34 -13.90
C SER A 2925 -55.79 27.57 -12.81
N ASN A 2926 -55.04 26.70 -12.14
CA ASN A 2926 -55.52 26.04 -10.94
C ASN A 2926 -55.08 26.73 -9.67
N TRP A 2927 -53.99 27.49 -9.72
CA TRP A 2927 -53.51 28.25 -8.59
C TRP A 2927 -54.03 29.67 -8.67
N ALA A 2928 -54.34 30.24 -7.51
CA ALA A 2928 -55.00 31.53 -7.45
C ALA A 2928 -54.17 32.60 -8.15
N LEU A 2929 -54.81 33.75 -8.39
CA LEU A 2929 -54.25 34.79 -9.23
C LEU A 2929 -54.38 36.14 -8.55
N ASP A 2930 -53.51 37.06 -8.97
CA ASP A 2930 -53.54 38.44 -8.50
C ASP A 2930 -54.46 39.25 -9.40
N PRO A 2931 -55.58 39.76 -8.90
CA PRO A 2931 -56.51 40.49 -9.79
C PRO A 2931 -55.95 41.78 -10.36
N ALA A 2932 -55.07 42.46 -9.63
CA ALA A 2932 -54.53 43.73 -10.11
C ALA A 2932 -53.78 43.58 -11.41
N LYS A 2933 -53.19 42.40 -11.65
CA LYS A 2933 -52.45 42.17 -12.88
C LYS A 2933 -53.37 41.85 -14.05
N MET A 2934 -54.59 41.41 -13.79
CA MET A 2934 -55.54 41.00 -14.81
C MET A 2934 -55.97 42.12 -15.75
N ASN A 2935 -55.45 43.33 -15.55
CA ASN A 2935 -55.86 44.51 -16.31
C ASN A 2935 -57.37 44.74 -16.19
N ARG A 2936 -57.90 44.46 -15.00
CA ARG A 2936 -59.31 44.64 -14.70
C ARG A 2936 -60.21 43.85 -15.66
N GLY A 2937 -59.70 42.73 -16.16
CA GLY A 2937 -60.51 41.85 -16.98
C GLY A 2937 -61.60 41.18 -16.16
N ILE A 2938 -62.18 40.15 -16.76
CA ILE A 2938 -63.21 39.35 -16.11
C ILE A 2938 -62.54 38.14 -15.48
N PHE A 2939 -62.77 37.94 -14.19
CA PHE A 2939 -62.12 36.88 -13.42
C PHE A 2939 -63.20 36.02 -12.79
N VAL A 2940 -63.21 34.73 -13.17
CA VAL A 2940 -64.16 33.77 -12.65
C VAL A 2940 -63.38 32.72 -11.87
N SER A 2941 -63.63 32.66 -10.57
CA SER A 2941 -62.95 31.74 -9.66
C SER A 2941 -64.01 30.80 -9.10
N ARG A 2942 -63.81 29.51 -9.32
CA ARG A 2942 -64.73 28.48 -8.85
C ARG A 2942 -64.15 27.78 -7.64
N GLY A 2943 -65.03 27.38 -6.73
CA GLY A 2943 -64.66 26.54 -5.62
C GLY A 2943 -64.98 25.08 -5.91
N SER A 2944 -64.51 24.22 -5.02
CA SER A 2944 -64.77 22.80 -5.17
C SER A 2944 -66.27 22.56 -5.09
N PRO A 2945 -66.86 21.83 -6.04
CA PRO A 2945 -68.31 21.66 -6.05
C PRO A 2945 -68.83 20.92 -4.84
N ASN A 2946 -70.12 21.08 -4.60
CA ASN A 2946 -70.81 20.43 -3.49
C ASN A 2946 -71.55 19.19 -3.99
N GLU A 2947 -72.29 18.56 -3.09
CA GLU A 2947 -72.93 17.30 -3.41
C GLU A 2947 -73.96 17.46 -4.52
N THR A 2948 -74.74 18.54 -4.49
CA THR A 2948 -75.71 18.76 -5.56
C THR A 2948 -75.02 18.96 -6.90
N GLU A 2949 -73.87 19.63 -6.90
CA GLU A 2949 -73.16 19.86 -8.16
C GLU A 2949 -72.51 18.58 -8.65
N LEU A 2950 -72.04 17.73 -7.74
CA LEU A 2950 -71.45 16.48 -8.15
C LEU A 2950 -72.51 15.53 -8.69
N ILE A 2951 -73.70 15.56 -8.10
CA ILE A 2951 -74.77 14.70 -8.60
C ILE A 2951 -75.28 15.21 -9.94
N GLU A 2952 -75.27 16.52 -10.14
CA GLU A 2952 -75.67 17.03 -11.45
C GLU A 2952 -74.63 16.69 -12.51
N SER A 2953 -73.34 16.84 -12.18
CA SER A 2953 -72.30 16.38 -13.10
C SER A 2953 -72.47 14.91 -13.45
N ALA A 2954 -72.78 14.08 -12.46
CA ALA A 2954 -72.93 12.65 -12.71
C ALA A 2954 -74.12 12.37 -13.61
N LYS A 2955 -75.26 12.97 -13.30
CA LYS A 2955 -76.43 12.86 -14.17
C LYS A 2955 -76.08 13.31 -15.58
N GLY A 2956 -75.36 14.41 -15.72
CA GLY A 2956 -74.93 14.85 -17.04
C GLY A 2956 -74.12 13.78 -17.77
N ILE A 2957 -73.22 13.13 -17.05
CA ILE A 2957 -72.39 12.09 -17.66
C ILE A 2957 -73.27 10.95 -18.15
N CYS A 2958 -74.19 10.49 -17.29
CA CYS A 2958 -75.04 9.36 -17.62
C CYS A 2958 -76.15 9.69 -18.62
N SER A 2959 -76.49 10.96 -18.80
CA SER A 2959 -77.64 11.38 -19.57
C SER A 2959 -77.80 10.64 -20.89
N SER A 2960 -76.68 10.25 -21.49
CA SER A 2960 -76.73 9.55 -22.78
C SER A 2960 -77.71 8.39 -22.76
N ASP A 2961 -77.98 7.82 -21.59
CA ASP A 2961 -78.98 6.77 -21.44
C ASP A 2961 -79.73 7.01 -20.15
N ILE A 2962 -81.03 6.77 -20.18
CA ILE A 2962 -81.91 7.11 -19.07
C ILE A 2962 -82.13 5.92 -18.14
N LEU A 2963 -82.21 4.71 -18.70
CA LEU A 2963 -82.28 3.53 -17.86
C LEU A 2963 -81.05 3.41 -16.98
N VAL A 2964 -79.86 3.49 -17.59
CA VAL A 2964 -78.62 3.42 -16.84
C VAL A 2964 -78.53 4.57 -15.85
N GLN A 2965 -78.91 5.78 -16.28
CA GLN A 2965 -78.82 6.94 -15.42
C GLN A 2965 -79.69 6.75 -14.18
N ASP A 2966 -80.87 6.18 -14.38
CA ASP A 2966 -81.77 5.96 -13.26
C ASP A 2966 -81.20 4.92 -12.31
N ARG A 2967 -80.74 3.81 -12.86
CA ARG A 2967 -80.10 2.76 -12.07
C ARG A 2967 -78.97 3.31 -11.20
N VAL A 2968 -78.02 4.03 -11.81
CA VAL A 2968 -76.87 4.59 -11.10
C VAL A 2968 -77.23 5.77 -10.19
N GLN A 2969 -78.42 6.34 -10.33
CA GLN A 2969 -78.74 7.55 -9.58
C GLN A 2969 -78.51 7.33 -8.09
N GLY A 2970 -79.04 6.23 -7.55
CA GLY A 2970 -78.78 5.91 -6.15
C GLY A 2970 -77.32 5.99 -5.78
N TYR A 2971 -76.44 5.50 -6.65
CA TYR A 2971 -75.02 5.48 -6.34
C TYR A 2971 -74.38 6.86 -6.40
N PHE A 2972 -75.02 7.82 -7.09
CA PHE A 2972 -74.38 9.11 -7.27
C PHE A 2972 -74.14 9.82 -5.94
N ALA A 2973 -75.15 9.83 -5.07
CA ALA A 2973 -75.02 10.55 -3.80
C ALA A 2973 -73.91 9.95 -2.94
N SER A 2974 -73.92 8.63 -2.80
CA SER A 2974 -72.89 7.96 -2.03
C SER A 2974 -71.51 8.29 -2.58
N PHE A 2975 -71.37 8.31 -3.90
CA PHE A 2975 -70.04 8.55 -4.47
C PHE A 2975 -69.62 10.01 -4.27
N ALA A 2976 -70.58 10.92 -4.18
CA ALA A 2976 -70.23 12.32 -3.94
C ALA A 2976 -69.80 12.54 -2.51
N LYS A 2977 -70.56 11.99 -1.56
CA LYS A 2977 -70.18 12.06 -0.16
C LYS A 2977 -68.83 11.41 0.07
N ALA A 2978 -68.59 10.25 -0.54
CA ALA A 2978 -67.29 9.60 -0.43
C ALA A 2978 -66.18 10.45 -1.02
N TYR A 2979 -66.44 11.12 -2.14
CA TYR A 2979 -65.38 11.91 -2.77
C TYR A 2979 -65.00 13.09 -1.90
N GLU A 2980 -65.99 13.75 -1.30
CA GLU A 2980 -65.65 14.86 -0.41
C GLU A 2980 -64.93 14.35 0.83
N THR A 2981 -65.28 13.16 1.32
CA THR A 2981 -64.53 12.57 2.42
C THR A 2981 -63.07 12.34 2.03
N VAL A 2982 -62.84 11.75 0.86
CA VAL A 2982 -61.48 11.48 0.42
C VAL A 2982 -60.71 12.79 0.29
N CYS A 2983 -61.35 13.82 -0.25
CA CYS A 2983 -60.65 15.08 -0.48
C CYS A 2983 -60.32 15.80 0.82
N LYS A 2984 -61.17 15.69 1.84
CA LYS A 2984 -60.82 16.29 3.13
C LYS A 2984 -59.80 15.44 3.89
N ARG A 2985 -59.82 14.12 3.72
CA ARG A 2985 -58.92 13.26 4.48
C ARG A 2985 -57.48 13.41 4.03
N GLN A 2986 -57.26 13.36 2.72
CA GLN A 2986 -55.91 13.25 2.20
C GLN A 2986 -55.07 14.45 2.61
N ASP A 2987 -53.76 14.24 2.65
CA ASP A 2987 -52.84 15.27 3.10
C ASP A 2987 -52.69 16.36 2.05
N LYS A 2988 -52.34 15.97 0.84
CA LYS A 2988 -52.16 16.88 -0.28
C LYS A 2988 -53.23 16.57 -1.32
N GLU A 2989 -53.53 17.55 -2.16
CA GLU A 2989 -54.51 17.29 -3.21
C GLU A 2989 -53.95 16.22 -4.14
N PHE A 2990 -54.47 15.02 -4.00
CA PHE A 2990 -54.09 13.88 -4.81
C PHE A 2990 -55.23 13.34 -5.64
N PHE A 2991 -56.45 13.42 -5.14
CA PHE A 2991 -57.64 13.04 -5.87
C PHE A 2991 -58.50 14.27 -6.14
N GLY A 2992 -59.10 14.31 -7.32
CA GLY A 2992 -59.94 15.43 -7.68
C GLY A 2992 -61.16 15.03 -8.47
N LEU A 2993 -61.64 15.95 -9.30
CA LEU A 2993 -62.93 15.77 -9.96
C LEU A 2993 -62.85 14.78 -11.11
N ARG A 2994 -61.70 14.67 -11.78
CA ARG A 2994 -61.56 13.66 -12.82
C ARG A 2994 -61.76 12.26 -12.27
N ASP A 2995 -61.28 12.00 -11.06
CA ASP A 2995 -61.46 10.69 -10.46
C ASP A 2995 -62.93 10.39 -10.22
N TYR A 2996 -63.66 11.34 -9.65
CA TYR A 2996 -65.10 11.18 -9.47
C TYR A 2996 -65.80 10.97 -10.82
N TYR A 2997 -65.48 11.81 -11.80
CA TYR A 2997 -66.16 11.75 -13.08
C TYR A 2997 -65.89 10.43 -13.78
N SER A 2998 -64.67 9.93 -13.65
CA SER A 2998 -64.32 8.66 -14.25
C SER A 2998 -65.00 7.53 -13.51
N LEU A 2999 -65.16 7.66 -12.20
CA LEU A 2999 -65.94 6.67 -11.46
C LEU A 2999 -67.36 6.59 -12.00
N ILE A 3000 -68.00 7.75 -12.17
CA ILE A 3000 -69.35 7.77 -12.73
C ILE A 3000 -69.36 7.18 -14.13
N LYS A 3001 -68.33 7.49 -14.91
CA LYS A 3001 -68.26 7.00 -16.29
C LYS A 3001 -68.17 5.49 -16.32
N MET A 3002 -67.23 4.95 -15.53
CA MET A 3002 -67.00 3.51 -15.49
C MET A 3002 -68.20 2.75 -14.95
N VAL A 3003 -68.91 3.32 -13.97
CA VAL A 3003 -70.11 2.67 -13.47
C VAL A 3003 -71.22 2.73 -14.50
N PHE A 3004 -71.30 3.83 -15.22
CA PHE A 3004 -72.30 3.98 -16.28
C PHE A 3004 -72.05 2.98 -17.38
N ALA A 3005 -70.80 2.85 -17.82
CA ALA A 3005 -70.42 1.84 -18.80
C ALA A 3005 -70.73 0.43 -18.32
N ALA A 3006 -70.39 0.12 -17.07
CA ALA A 3006 -70.67 -1.21 -16.54
C ALA A 3006 -72.15 -1.51 -16.59
N ALA A 3007 -72.98 -0.61 -16.08
CA ALA A 3007 -74.42 -0.80 -16.09
C ALA A 3007 -74.94 -0.90 -17.52
N LYS A 3008 -74.34 -0.14 -18.43
CA LYS A 3008 -74.79 -0.13 -19.82
C LYS A 3008 -74.51 -1.45 -20.51
N ALA A 3009 -73.33 -2.03 -20.26
CA ALA A 3009 -72.99 -3.31 -20.87
C ALA A 3009 -73.76 -4.45 -20.24
N SER A 3010 -73.95 -4.40 -18.91
CA SER A 3010 -74.69 -5.46 -18.24
C SER A 3010 -76.18 -5.38 -18.53
N ASN A 3011 -76.70 -4.17 -18.76
CA ASN A 3011 -78.13 -3.93 -18.89
C ASN A 3011 -78.87 -4.16 -17.58
N ARG A 3012 -78.15 -4.24 -16.47
CA ARG A 3012 -78.74 -4.45 -15.15
C ARG A 3012 -78.07 -3.54 -14.16
N LYS A 3013 -78.64 -3.49 -12.96
CA LYS A 3013 -78.07 -2.68 -11.90
C LYS A 3013 -76.61 -3.05 -11.70
N PRO A 3014 -75.72 -2.08 -11.49
CA PRO A 3014 -74.30 -2.41 -11.31
C PRO A 3014 -74.08 -3.30 -10.10
N SER A 3015 -73.26 -4.32 -10.27
CA SER A 3015 -72.98 -5.26 -9.20
C SER A 3015 -71.92 -4.70 -8.26
N PRO A 3016 -71.94 -5.10 -6.99
CA PRO A 3016 -70.93 -4.59 -6.05
C PRO A 3016 -69.52 -4.68 -6.59
N GLN A 3017 -69.19 -5.76 -7.29
CA GLN A 3017 -67.82 -5.92 -7.77
C GLN A 3017 -67.45 -4.84 -8.78
N ASP A 3018 -68.42 -4.40 -9.59
CA ASP A 3018 -68.11 -3.32 -10.55
C ASP A 3018 -67.87 -2.00 -9.82
N ILE A 3019 -68.69 -1.69 -8.81
CA ILE A 3019 -68.48 -0.46 -8.06
C ILE A 3019 -67.11 -0.50 -7.39
N ALA A 3020 -66.80 -1.63 -6.75
CA ALA A 3020 -65.50 -1.78 -6.12
C ALA A 3020 -64.37 -1.59 -7.12
N GLN A 3021 -64.52 -2.16 -8.30
CA GLN A 3021 -63.47 -2.11 -9.30
C GLN A 3021 -63.28 -0.69 -9.82
N ALA A 3022 -64.39 0.01 -10.06
CA ALA A 3022 -64.31 1.40 -10.49
C ALA A 3022 -63.63 2.25 -9.45
N VAL A 3023 -64.09 2.11 -8.20
CA VAL A 3023 -63.54 2.90 -7.10
C VAL A 3023 -62.05 2.65 -6.99
N LEU A 3024 -61.64 1.38 -7.06
CA LEU A 3024 -60.24 1.04 -6.93
C LEU A 3024 -59.42 1.62 -8.07
N ARG A 3025 -59.93 1.50 -9.31
CA ARG A 3025 -59.25 2.09 -10.46
C ARG A 3025 -59.00 3.58 -10.25
N ASN A 3026 -60.02 4.30 -9.79
CA ASN A 3026 -59.90 5.75 -9.72
C ASN A 3026 -59.16 6.22 -8.47
N PHE A 3027 -59.57 5.76 -7.30
CA PHE A 3027 -59.15 6.31 -6.03
C PHE A 3027 -58.09 5.46 -5.33
N SER A 3028 -57.30 4.73 -6.09
CA SER A 3028 -56.12 4.05 -5.59
C SER A 3028 -54.87 4.82 -6.01
N GLY A 3029 -53.77 4.55 -5.30
CA GLY A 3029 -52.52 5.20 -5.59
C GLY A 3029 -51.89 5.85 -4.38
N LYS A 3030 -52.68 6.04 -3.33
CA LYS A 3030 -52.23 6.67 -2.11
C LYS A 3030 -52.32 5.67 -0.96
N ASP A 3031 -51.29 5.67 -0.11
CA ASP A 3031 -51.22 4.70 0.98
C ASP A 3031 -52.19 5.04 2.09
N ASP A 3032 -52.19 6.31 2.53
CA ASP A 3032 -53.07 6.73 3.61
C ASP A 3032 -54.53 6.77 3.22
N ILE A 3033 -54.88 6.37 2.01
CA ILE A 3033 -56.25 6.41 1.52
C ILE A 3033 -56.82 5.00 1.52
N GLN A 3034 -58.02 4.86 2.05
CA GLN A 3034 -58.72 3.58 2.07
C GLN A 3034 -60.02 3.75 1.29
N ALA A 3035 -59.88 4.31 0.08
CA ALA A 3035 -61.02 4.70 -0.75
C ALA A 3035 -62.16 3.71 -0.61
N LEU A 3036 -61.92 2.46 -0.95
CA LEU A 3036 -63.02 1.52 -1.02
C LEU A 3036 -63.74 1.43 0.31
N ASP A 3037 -63.02 1.59 1.42
CA ASP A 3037 -63.66 1.54 2.73
C ASP A 3037 -64.60 2.72 2.92
N ILE A 3038 -64.20 3.89 2.43
CA ILE A 3038 -65.03 5.09 2.53
C ILE A 3038 -66.27 4.94 1.68
N PHE A 3039 -66.09 4.63 0.39
CA PHE A 3039 -67.22 4.46 -0.52
C PHE A 3039 -68.16 3.35 -0.06
N LEU A 3040 -67.61 2.26 0.48
CA LEU A 3040 -68.45 1.20 1.02
C LEU A 3040 -69.14 1.61 2.30
N ALA A 3041 -68.55 2.52 3.08
CA ALA A 3041 -69.22 2.99 4.28
C ALA A 3041 -70.55 3.64 3.93
N ASN A 3042 -70.61 4.27 2.75
CA ASN A 3042 -71.81 4.93 2.28
C ASN A 3042 -72.83 3.97 1.68
N LEU A 3043 -72.46 2.73 1.42
CA LEU A 3043 -73.29 1.76 0.72
C LEU A 3043 -73.28 0.41 1.43
N PRO A 3044 -74.31 -0.41 1.22
CA PRO A 3044 -74.32 -1.75 1.80
C PRO A 3044 -73.83 -2.86 0.87
N GLU A 3045 -73.26 -2.52 -0.29
CA GLU A 3045 -72.82 -3.52 -1.26
C GLU A 3045 -71.73 -4.42 -0.70
N ALA A 3046 -71.07 -4.02 0.38
CA ALA A 3046 -69.89 -4.72 0.89
C ALA A 3046 -70.08 -6.23 1.02
N LYS A 3047 -71.31 -6.73 1.05
CA LYS A 3047 -71.52 -8.16 1.27
C LYS A 3047 -70.70 -9.02 0.29
N CYS A 3048 -70.38 -8.48 -0.89
CA CYS A 3048 -69.56 -9.22 -1.84
C CYS A 3048 -68.07 -8.94 -1.62
N SER A 3049 -67.67 -7.68 -1.78
CA SER A 3049 -66.32 -7.20 -1.46
C SER A 3049 -65.24 -8.20 -1.84
N GLU A 3050 -65.18 -8.50 -3.14
CA GLU A 3050 -64.06 -9.27 -3.66
C GLU A 3050 -62.89 -8.33 -3.95
N GLU A 3051 -61.68 -8.88 -3.85
CA GLU A 3051 -60.48 -8.10 -4.09
C GLU A 3051 -60.17 -7.98 -5.57
N VAL A 3052 -59.51 -6.89 -5.93
CA VAL A 3052 -58.97 -6.68 -7.27
C VAL A 3052 -57.56 -6.14 -7.11
N SER A 3053 -56.61 -6.79 -7.76
CA SER A 3053 -55.21 -6.46 -7.58
C SER A 3053 -54.80 -5.32 -8.52
N PRO A 3054 -53.80 -4.54 -8.12
CA PRO A 3054 -53.29 -3.49 -9.01
C PRO A 3054 -52.93 -3.99 -10.39
N MET A 3055 -52.54 -5.25 -10.54
CA MET A 3055 -52.26 -5.79 -11.86
C MET A 3055 -53.54 -5.96 -12.67
N GLN A 3056 -54.62 -6.36 -12.01
CA GLN A 3056 -55.91 -6.46 -12.68
C GLN A 3056 -56.39 -5.08 -13.12
N LEU A 3057 -56.18 -4.07 -12.28
CA LEU A 3057 -56.63 -2.72 -12.60
C LEU A 3057 -55.81 -2.12 -13.72
N ILE A 3058 -54.48 -2.21 -13.61
CA ILE A 3058 -53.61 -1.78 -14.70
C ILE A 3058 -53.98 -2.46 -16.01
N LYS A 3059 -54.25 -3.76 -15.96
CA LYS A 3059 -54.67 -4.47 -17.17
C LYS A 3059 -55.98 -3.92 -17.69
N GLN A 3060 -56.93 -3.66 -16.81
CA GLN A 3060 -58.24 -3.19 -17.24
C GLN A 3060 -58.13 -1.81 -17.85
N ASN A 3061 -57.18 -1.01 -17.37
CA ASN A 3061 -56.88 0.28 -17.99
C ASN A 3061 -56.30 0.08 -19.38
N ILE A 3062 -55.29 -0.79 -19.50
CA ILE A 3062 -54.55 -0.92 -20.74
C ILE A 3062 -55.34 -1.69 -21.80
N PHE A 3063 -56.24 -2.58 -21.40
CA PHE A 3063 -57.03 -3.39 -22.31
C PHE A 3063 -58.51 -3.24 -21.99
N GLY A 3064 -58.94 -1.99 -21.87
CA GLY A 3064 -60.29 -1.67 -21.48
C GLY A 3064 -61.33 -2.38 -22.33
N PRO A 3065 -62.11 -3.28 -21.72
CA PRO A 3065 -63.18 -3.99 -22.43
C PRO A 3065 -64.15 -3.04 -23.13
N GLN A 3074 -65.74 0.95 -31.10
CA GLN A 3074 -67.13 0.52 -30.97
C GLN A 3074 -67.86 1.36 -29.93
N GLU A 3075 -67.09 1.97 -29.03
CA GLU A 3075 -67.67 2.78 -27.96
C GLU A 3075 -66.59 3.69 -27.40
N ASP A 3076 -67.02 4.82 -26.85
CA ASP A 3076 -66.10 5.81 -26.28
C ASP A 3076 -65.82 5.53 -24.81
N ALA A 3077 -65.43 4.30 -24.51
CA ALA A 3077 -65.03 3.91 -23.16
C ALA A 3077 -63.54 4.09 -22.95
N GLU A 3078 -63.04 5.29 -23.24
CA GLU A 3078 -61.62 5.58 -23.14
C GLU A 3078 -61.30 5.98 -21.71
N SER A 3079 -60.35 5.28 -21.11
CA SER A 3079 -59.93 5.51 -19.74
C SER A 3079 -58.69 6.37 -19.70
N ARG A 3080 -58.44 6.98 -18.55
CA ARG A 3080 -57.32 7.88 -18.38
C ARG A 3080 -56.01 7.14 -18.61
N TYR A 3081 -54.95 7.92 -18.78
CA TYR A 3081 -53.62 7.36 -18.94
C TYR A 3081 -53.04 6.97 -17.58
N LEU A 3082 -52.25 5.91 -17.59
CA LEU A 3082 -51.79 5.31 -16.34
C LEU A 3082 -50.58 6.02 -15.76
N LEU A 3083 -50.61 6.20 -14.45
CA LEU A 3083 -49.44 6.54 -13.64
C LEU A 3083 -49.20 5.37 -12.68
N VAL A 3084 -48.10 4.68 -12.86
CA VAL A 3084 -47.68 3.60 -11.98
C VAL A 3084 -46.62 4.15 -11.03
N LEU A 3085 -46.94 4.11 -9.75
CA LEU A 3085 -46.04 4.53 -8.69
C LEU A 3085 -45.33 3.29 -8.20
N THR A 3086 -44.00 3.36 -8.14
CA THR A 3086 -43.20 2.18 -7.89
C THR A 3086 -42.07 2.52 -6.94
N LYS A 3087 -41.25 1.52 -6.65
CA LYS A 3087 -40.08 1.66 -5.80
C LYS A 3087 -38.89 1.07 -6.53
N ASN A 3088 -37.93 1.93 -6.89
CA ASN A 3088 -36.67 1.50 -7.49
C ASN A 3088 -36.87 0.93 -8.90
N TYR A 3089 -37.70 1.60 -9.70
CA TYR A 3089 -37.93 1.20 -11.09
C TYR A 3089 -38.41 -0.24 -11.19
N VAL A 3090 -39.16 -0.69 -10.19
CA VAL A 3090 -39.63 -2.07 -10.15
C VAL A 3090 -40.76 -2.29 -11.15
N ALA A 3091 -41.66 -1.31 -11.30
CA ALA A 3091 -42.86 -1.52 -12.09
C ALA A 3091 -42.54 -1.98 -13.50
N LEU A 3092 -41.36 -1.62 -14.01
CA LEU A 3092 -41.03 -1.93 -15.39
C LEU A 3092 -40.86 -3.42 -15.58
N GLN A 3093 -40.23 -4.10 -14.62
CA GLN A 3093 -40.11 -5.55 -14.69
C GLN A 3093 -41.48 -6.20 -14.76
N ILE A 3094 -42.40 -5.77 -13.89
CA ILE A 3094 -43.72 -6.40 -13.83
C ILE A 3094 -44.44 -6.18 -15.14
N LEU A 3095 -44.37 -4.97 -15.67
CA LEU A 3095 -45.14 -4.64 -16.85
C LEU A 3095 -44.59 -5.39 -18.05
N GLN A 3096 -43.29 -5.30 -18.28
CA GLN A 3096 -42.65 -6.06 -19.35
C GLN A 3096 -42.97 -7.54 -19.28
N GLN A 3097 -42.89 -8.13 -18.09
CA GLN A 3097 -43.08 -9.58 -17.97
C GLN A 3097 -44.53 -9.99 -18.18
N THR A 3098 -45.46 -9.36 -17.48
CA THR A 3098 -46.81 -9.91 -17.40
C THR A 3098 -47.60 -9.62 -18.67
N PHE A 3099 -47.85 -8.35 -18.96
CA PHE A 3099 -48.80 -8.00 -20.00
C PHE A 3099 -48.15 -7.88 -21.38
N PHE A 3100 -46.87 -7.55 -21.44
CA PHE A 3100 -46.18 -7.28 -22.69
C PHE A 3100 -45.37 -8.48 -23.17
N GLU A 3101 -45.89 -9.69 -22.92
CA GLU A 3101 -45.19 -10.90 -23.33
C GLU A 3101 -45.08 -10.98 -24.85
N GLY A 3102 -46.18 -10.75 -25.55
CA GLY A 3102 -46.24 -10.89 -26.99
C GLY A 3102 -45.79 -9.65 -27.74
N ASP A 3103 -46.34 -9.48 -28.94
CA ASP A 3103 -46.00 -8.35 -29.81
C ASP A 3103 -46.54 -7.03 -29.30
N GLN A 3104 -47.33 -7.04 -28.22
CA GLN A 3104 -47.82 -5.79 -27.64
C GLN A 3104 -46.72 -4.98 -26.97
N GLN A 3105 -45.48 -5.42 -27.03
CA GLN A 3105 -44.37 -4.75 -26.36
C GLN A 3105 -44.36 -3.27 -26.72
N PRO A 3106 -44.55 -2.36 -25.77
CA PRO A 3106 -44.56 -0.94 -26.09
C PRO A 3106 -43.18 -0.36 -26.35
N GLU A 3107 -43.15 0.95 -26.54
CA GLU A 3107 -41.91 1.69 -26.70
C GLU A 3107 -41.59 2.44 -25.42
N ILE A 3108 -40.33 2.40 -25.04
CA ILE A 3108 -39.87 3.05 -23.82
C ILE A 3108 -39.41 4.45 -24.19
N ILE A 3109 -40.03 5.45 -23.57
CA ILE A 3109 -39.70 6.84 -23.78
C ILE A 3109 -38.98 7.29 -22.52
N PHE A 3110 -37.69 7.55 -22.66
CA PHE A 3110 -36.79 7.70 -21.53
C PHE A 3110 -35.79 8.80 -21.82
N GLY A 3111 -35.08 9.23 -20.77
CA GLY A 3111 -34.01 10.18 -20.91
C GLY A 3111 -32.72 9.47 -21.22
N SER A 3112 -32.05 9.92 -22.27
CA SER A 3112 -30.83 9.26 -22.71
C SER A 3112 -29.75 9.36 -21.63
N GLY A 3113 -29.02 8.27 -21.46
CA GLY A 3113 -27.86 8.24 -20.59
C GLY A 3113 -26.56 8.41 -21.31
N PHE A 3114 -26.59 8.70 -22.60
CA PHE A 3114 -25.37 8.93 -23.34
C PHE A 3114 -24.82 10.32 -23.04
N PRO A 3115 -23.50 10.51 -23.21
CA PRO A 3115 -22.89 11.76 -22.72
C PRO A 3115 -23.45 13.02 -23.35
N LYS A 3116 -23.68 13.02 -24.67
CA LYS A 3116 -23.96 14.24 -25.41
C LYS A 3116 -25.45 14.40 -25.75
N ASP A 3117 -26.34 13.74 -25.02
CA ASP A 3117 -27.76 13.76 -25.34
C ASP A 3117 -28.59 13.74 -24.06
N GLN A 3118 -28.99 14.93 -23.59
CA GLN A 3118 -30.01 15.05 -22.56
C GLN A 3118 -30.99 16.19 -22.81
N GLU A 3119 -30.72 17.05 -23.78
CA GLU A 3119 -31.28 18.40 -23.84
C GLU A 3119 -32.54 18.44 -24.72
N TYR A 3120 -32.93 19.65 -25.10
CA TYR A 3120 -34.03 19.97 -26.00
C TYR A 3120 -34.22 18.96 -27.13
N THR A 3121 -33.13 18.59 -27.80
CA THR A 3121 -33.24 17.66 -28.91
C THR A 3121 -33.79 16.31 -28.46
N GLN A 3122 -33.51 15.91 -27.22
CA GLN A 3122 -34.11 14.70 -26.70
C GLN A 3122 -35.62 14.84 -26.53
N LEU A 3123 -36.09 16.04 -26.15
CA LEU A 3123 -37.53 16.25 -26.10
C LEU A 3123 -38.13 16.20 -27.49
N CYS A 3124 -37.44 16.76 -28.48
CA CYS A 3124 -37.96 16.72 -29.84
C CYS A 3124 -38.10 15.29 -30.32
N ARG A 3125 -37.05 14.48 -30.18
CA ARG A 3125 -37.14 13.09 -30.62
C ARG A 3125 -38.21 12.34 -29.84
N ASN A 3126 -38.28 12.55 -28.52
CA ASN A 3126 -39.27 11.89 -27.69
C ASN A 3126 -40.69 12.21 -28.11
N ILE A 3127 -41.00 13.50 -28.31
CA ILE A 3127 -42.37 13.83 -28.70
C ILE A 3127 -42.65 13.32 -30.11
N ASN A 3128 -41.64 13.29 -30.98
CA ASN A 3128 -41.85 12.65 -32.27
C ASN A 3128 -42.27 11.19 -32.09
N ARG A 3129 -41.67 10.51 -31.11
CA ARG A 3129 -41.97 9.11 -30.89
C ARG A 3129 -43.35 8.94 -30.26
N VAL A 3130 -43.68 9.79 -29.30
CA VAL A 3130 -45.01 9.83 -28.72
C VAL A 3130 -46.06 9.99 -29.82
N LYS A 3131 -45.84 10.95 -30.72
CA LYS A 3131 -46.75 11.16 -31.84
C LYS A 3131 -46.87 9.91 -32.70
N ILE A 3132 -45.72 9.35 -33.09
CA ILE A 3132 -45.75 8.18 -33.95
C ILE A 3132 -46.51 7.05 -33.28
N CYS A 3133 -46.38 6.91 -31.97
CA CYS A 3133 -47.09 5.85 -31.27
C CYS A 3133 -48.59 6.15 -31.17
N MET A 3134 -48.97 7.42 -31.08
CA MET A 3134 -50.37 7.76 -31.15
C MET A 3134 -50.97 7.40 -32.51
N GLU A 3135 -50.31 7.82 -33.58
CA GLU A 3135 -50.74 7.48 -34.92
C GLU A 3135 -50.84 5.97 -35.12
N THR A 3136 -49.77 5.25 -34.80
CA THR A 3136 -49.71 3.82 -35.07
C THR A 3136 -50.47 2.99 -34.06
N GLY A 3137 -50.76 3.52 -32.88
CA GLY A 3137 -51.43 2.77 -31.85
C GLY A 3137 -50.52 1.99 -30.94
N LYS A 3138 -49.24 2.34 -30.88
CA LYS A 3138 -48.30 1.64 -30.03
C LYS A 3138 -48.38 2.22 -28.63
N MET A 3139 -48.43 1.34 -27.64
CA MET A 3139 -48.44 1.77 -26.25
C MET A 3139 -47.07 2.32 -25.87
N VAL A 3140 -47.07 3.28 -24.97
CA VAL A 3140 -45.86 3.99 -24.55
C VAL A 3140 -45.68 3.85 -23.05
N LEU A 3141 -44.43 3.71 -22.64
CA LEU A 3141 -44.03 3.77 -21.24
C LEU A 3141 -43.21 5.02 -21.02
N LEU A 3142 -43.69 5.89 -20.13
CA LEU A 3142 -42.98 7.13 -19.81
C LEU A 3142 -42.09 6.91 -18.60
N LEU A 3143 -40.78 6.82 -18.87
CA LEU A 3143 -39.73 6.72 -17.87
C LEU A 3143 -39.34 8.12 -17.45
N ASN A 3144 -38.11 8.31 -16.97
CA ASN A 3144 -37.73 9.54 -16.30
C ASN A 3144 -37.91 10.71 -17.24
N LEU A 3145 -39.17 11.00 -17.56
CA LEU A 3145 -39.52 12.04 -18.52
C LEU A 3145 -40.73 12.83 -18.02
N GLN A 3146 -40.75 13.20 -16.74
CA GLN A 3146 -41.78 14.13 -16.27
C GLN A 3146 -41.59 15.49 -16.90
N ASN A 3147 -40.35 15.84 -17.22
CA ASN A 3147 -40.04 17.08 -17.93
C ASN A 3147 -40.60 17.10 -19.35
N LEU A 3148 -41.35 16.07 -19.72
CA LEU A 3148 -42.05 16.06 -21.00
C LEU A 3148 -43.51 16.46 -20.83
N TYR A 3149 -43.92 16.80 -19.61
CA TYR A 3149 -45.33 17.00 -19.33
C TYR A 3149 -45.87 18.25 -20.00
N GLU A 3150 -45.06 19.31 -20.07
CA GLU A 3150 -45.54 20.52 -20.71
C GLU A 3150 -45.85 20.26 -22.17
N SER A 3151 -45.14 19.31 -22.80
CA SER A 3151 -45.50 18.93 -24.17
C SER A 3151 -46.77 18.09 -24.22
N LEU A 3152 -47.01 17.27 -23.21
CA LEU A 3152 -48.13 16.33 -23.18
C LEU A 3152 -49.31 16.82 -22.35
N TYR A 3153 -49.20 17.99 -21.72
CA TYR A 3153 -50.22 18.44 -20.77
C TYR A 3153 -51.64 18.32 -21.30
N ASP A 3154 -51.88 18.79 -22.52
CA ASP A 3154 -53.25 18.76 -23.03
C ASP A 3154 -53.66 17.37 -23.49
N ALA A 3155 -52.70 16.58 -23.98
CA ALA A 3155 -53.03 15.23 -24.41
C ALA A 3155 -53.47 14.37 -23.25
N LEU A 3156 -52.85 14.54 -22.09
CA LEU A 3156 -53.26 13.78 -20.92
C LEU A 3156 -54.71 14.08 -20.56
N ASN A 3157 -55.17 15.31 -20.79
CA ASN A 3157 -56.58 15.60 -20.56
C ASN A 3157 -57.48 14.72 -21.41
N GLN A 3158 -56.98 14.25 -22.54
CA GLN A 3158 -57.74 13.37 -23.44
C GLN A 3158 -59.01 14.03 -23.93
N TYR A 3159 -58.96 15.34 -24.10
CA TYR A 3159 -60.05 16.10 -24.70
C TYR A 3159 -59.76 16.19 -26.19
N TYR A 3160 -60.59 15.53 -26.99
CA TYR A 3160 -60.26 15.22 -28.36
C TYR A 3160 -61.08 16.05 -29.34
N VAL A 3161 -60.39 16.60 -30.33
CA VAL A 3161 -61.04 17.11 -31.53
C VAL A 3161 -61.32 15.92 -32.45
N HIS A 3162 -62.37 16.01 -33.25
CA HIS A 3162 -62.71 14.93 -34.16
C HIS A 3162 -62.75 15.40 -35.60
N LEU A 3163 -62.35 14.49 -36.50
CA LEU A 3163 -62.43 14.72 -37.93
C LEU A 3163 -62.54 13.35 -38.59
N GLY A 3164 -63.68 13.10 -39.23
CA GLY A 3164 -63.85 11.86 -39.94
C GLY A 3164 -63.85 10.65 -39.03
N GLY A 3165 -64.30 10.82 -37.79
CA GLY A 3165 -64.23 9.78 -36.80
C GLY A 3165 -62.90 9.73 -36.07
N GLN A 3166 -61.81 10.10 -36.73
CA GLN A 3166 -60.52 10.05 -36.08
C GLN A 3166 -60.37 11.18 -35.08
N LYS A 3167 -59.67 10.90 -33.98
CA LYS A 3167 -59.47 11.85 -32.91
C LYS A 3167 -58.09 12.46 -32.98
N TYR A 3168 -58.02 13.74 -32.65
CA TYR A 3168 -56.80 14.52 -32.67
C TYR A 3168 -56.68 15.25 -31.35
N VAL A 3169 -55.45 15.33 -30.85
CA VAL A 3169 -55.15 15.97 -29.58
C VAL A 3169 -53.90 16.81 -29.78
N ASP A 3170 -53.72 17.79 -28.92
CA ASP A 3170 -52.65 18.76 -29.12
C ASP A 3170 -51.35 18.29 -28.49
N LEU A 3171 -50.27 18.50 -29.24
CA LEU A 3171 -48.91 18.25 -28.77
C LEU A 3171 -48.07 19.46 -29.15
N GLY A 3172 -47.16 19.84 -28.28
CA GLY A 3172 -46.29 20.97 -28.55
C GLY A 3172 -44.86 20.71 -28.14
N LEU A 3173 -43.96 21.35 -28.87
CA LEU A 3173 -42.53 21.30 -28.58
C LEU A 3173 -42.03 22.74 -28.79
N GLY A 3174 -42.06 23.52 -27.73
CA GLY A 3174 -41.69 24.92 -27.80
C GLY A 3174 -42.91 25.81 -27.97
N THR A 3175 -42.82 26.76 -28.90
CA THR A 3175 -43.92 27.68 -29.16
C THR A 3175 -44.99 27.07 -30.06
N HIS A 3176 -44.75 25.88 -30.60
CA HIS A 3176 -45.65 25.28 -31.59
C HIS A 3176 -46.53 24.23 -30.92
N ARG A 3177 -47.83 24.41 -31.06
CA ARG A 3177 -48.83 23.41 -30.71
C ARG A 3177 -49.50 22.95 -31.99
N VAL A 3178 -49.66 21.63 -32.15
CA VAL A 3178 -50.21 21.04 -33.35
C VAL A 3178 -51.21 19.97 -32.94
N LYS A 3179 -52.18 19.72 -33.80
CA LYS A 3179 -53.15 18.64 -33.59
C LYS A 3179 -52.66 17.38 -34.26
N CYS A 3180 -52.62 16.29 -33.49
CA CYS A 3180 -51.98 15.06 -33.89
C CYS A 3180 -52.96 13.91 -33.65
N ARG A 3181 -52.85 12.89 -34.49
CA ARG A 3181 -53.87 11.85 -34.56
C ARG A 3181 -53.59 10.77 -33.55
N VAL A 3182 -54.64 10.35 -32.85
CA VAL A 3182 -54.55 9.33 -31.80
C VAL A 3182 -55.25 8.08 -32.31
N HIS A 3183 -54.53 6.98 -32.32
CA HIS A 3183 -55.09 5.68 -32.66
C HIS A 3183 -55.86 5.13 -31.45
N PRO A 3184 -57.08 4.63 -31.63
CA PRO A 3184 -57.86 4.17 -30.47
C PRO A 3184 -57.13 3.20 -29.58
N ASN A 3185 -56.13 2.49 -30.12
CA ASN A 3185 -55.37 1.52 -29.36
C ASN A 3185 -54.25 2.14 -28.56
N PHE A 3186 -53.98 3.43 -28.73
CA PHE A 3186 -52.87 4.05 -28.02
C PHE A 3186 -53.14 4.10 -26.52
N ARG A 3187 -52.09 3.86 -25.75
CA ARG A 3187 -52.14 3.90 -24.30
C ARG A 3187 -50.81 4.46 -23.81
N LEU A 3188 -50.86 5.12 -22.66
CA LEU A 3188 -49.67 5.74 -22.09
C LEU A 3188 -49.53 5.29 -20.65
N ILE A 3189 -48.36 4.78 -20.30
CA ILE A 3189 -48.04 4.39 -18.94
C ILE A 3189 -46.82 5.17 -18.51
N VAL A 3190 -46.97 5.98 -17.46
CA VAL A 3190 -45.87 6.69 -16.83
C VAL A 3190 -45.41 5.89 -15.63
N ILE A 3191 -44.17 5.45 -15.63
CA ILE A 3191 -43.57 4.79 -14.48
C ILE A 3191 -42.81 5.84 -13.70
N GLU A 3192 -43.19 6.07 -12.44
CA GLU A 3192 -42.45 6.99 -11.59
C GLU A 3192 -42.40 6.46 -10.17
N GLU A 3193 -41.40 6.92 -9.43
CA GLU A 3193 -41.33 6.65 -8.00
C GLU A 3193 -42.46 7.35 -7.26
N LYS A 3194 -43.06 6.62 -6.30
CA LYS A 3194 -44.15 7.15 -5.51
C LYS A 3194 -43.79 8.48 -4.86
N ASP A 3195 -42.61 8.56 -4.26
CA ASP A 3195 -42.23 9.75 -3.51
C ASP A 3195 -41.94 10.93 -4.43
N VAL A 3196 -41.34 10.66 -5.59
CA VAL A 3196 -41.13 11.73 -6.57
C VAL A 3196 -42.47 12.29 -7.01
N VAL A 3197 -43.46 11.42 -7.20
CA VAL A 3197 -44.80 11.88 -7.56
C VAL A 3197 -45.39 12.72 -6.44
N TYR A 3198 -45.30 12.21 -5.21
CA TYR A 3198 -45.97 12.87 -4.09
C TYR A 3198 -45.38 14.26 -3.85
N LYS A 3199 -44.06 14.39 -3.95
CA LYS A 3199 -43.42 15.67 -3.71
C LYS A 3199 -43.48 16.58 -4.93
N HIS A 3200 -42.88 16.16 -6.04
CA HIS A 3200 -42.64 17.05 -7.17
C HIS A 3200 -43.81 17.15 -8.14
N PHE A 3201 -44.47 16.04 -8.44
CA PHE A 3201 -45.44 16.04 -9.52
C PHE A 3201 -46.52 17.09 -9.28
N PRO A 3202 -46.84 17.93 -10.26
CA PRO A 3202 -47.94 18.89 -10.09
C PRO A 3202 -49.26 18.18 -9.85
N ILE A 3203 -50.09 18.80 -9.00
CA ILE A 3203 -51.37 18.21 -8.65
C ILE A 3203 -52.26 17.99 -9.87
N PRO A 3204 -52.39 18.93 -10.81
CA PRO A 3204 -53.21 18.64 -12.00
C PRO A 3204 -52.69 17.50 -12.83
N LEU A 3205 -51.37 17.30 -12.90
CA LEU A 3205 -50.84 16.13 -13.58
C LEU A 3205 -51.26 14.85 -12.87
N ILE A 3206 -51.28 14.88 -11.55
CA ILE A 3206 -51.71 13.72 -10.79
C ILE A 3206 -53.18 13.45 -11.04
N ASN A 3207 -53.96 14.50 -11.26
CA ASN A 3207 -55.40 14.33 -11.48
C ASN A 3207 -55.70 13.86 -12.88
N ARG A 3208 -54.87 14.24 -13.84
CA ARG A 3208 -55.06 13.83 -15.23
C ARG A 3208 -54.79 12.35 -15.44
N LEU A 3209 -53.98 11.74 -14.58
CA LEU A 3209 -53.59 10.34 -14.71
C LEU A 3209 -54.34 9.47 -13.72
N GLU A 3210 -54.58 8.22 -14.11
CA GLU A 3210 -55.15 7.22 -13.22
C GLU A 3210 -54.00 6.50 -12.52
N LYS A 3211 -54.02 6.50 -11.20
CA LYS A 3211 -52.84 6.23 -10.39
C LYS A 3211 -52.97 4.89 -9.70
N HIS A 3212 -51.93 4.06 -9.83
CA HIS A 3212 -51.86 2.80 -9.11
C HIS A 3212 -50.45 2.63 -8.60
N TYR A 3213 -50.31 1.98 -7.45
CA TYR A 3213 -49.01 1.61 -6.89
C TYR A 3213 -48.68 0.18 -7.26
N LEU A 3214 -47.45 -0.03 -7.73
CA LEU A 3214 -47.00 -1.35 -8.15
C LEU A 3214 -45.60 -1.59 -7.63
N ASP A 3215 -45.46 -2.61 -6.77
CA ASP A 3215 -44.17 -3.11 -6.33
C ASP A 3215 -44.24 -4.62 -6.30
N ILE A 3216 -43.09 -5.28 -6.37
CA ILE A 3216 -43.08 -6.74 -6.43
C ILE A 3216 -43.89 -7.31 -5.27
N ASN A 3217 -43.87 -6.67 -4.11
CA ASN A 3217 -44.67 -7.12 -2.99
C ASN A 3217 -46.16 -7.16 -3.33
N THR A 3218 -46.60 -6.31 -4.24
CA THR A 3218 -48.00 -6.29 -4.62
C THR A 3218 -48.36 -7.39 -5.61
N VAL A 3219 -47.37 -8.01 -6.23
CA VAL A 3219 -47.61 -9.14 -7.11
C VAL A 3219 -47.47 -10.46 -6.36
N LEU A 3220 -46.45 -10.55 -5.50
CA LEU A 3220 -46.18 -11.80 -4.81
C LEU A 3220 -47.25 -12.08 -3.76
N GLU A 3221 -47.67 -13.34 -3.70
CA GLU A 3221 -48.59 -13.79 -2.67
C GLU A 3221 -47.83 -14.04 -1.37
N LYS A 3222 -48.56 -14.45 -0.33
CA LYS A 3222 -47.93 -14.66 0.97
C LYS A 3222 -46.82 -15.69 0.90
N TRP A 3223 -47.07 -16.81 0.23
CA TRP A 3223 -46.09 -17.87 0.17
C TRP A 3223 -44.91 -17.50 -0.71
N GLN A 3224 -45.14 -16.75 -1.78
CA GLN A 3224 -44.03 -16.27 -2.60
C GLN A 3224 -43.15 -15.30 -1.83
N LYS A 3225 -43.77 -14.42 -1.02
CA LYS A 3225 -42.99 -13.56 -0.14
C LYS A 3225 -42.20 -14.36 0.88
N SER A 3226 -42.81 -15.42 1.42
CA SER A 3226 -42.09 -16.32 2.30
C SER A 3226 -40.87 -16.91 1.61
N ILE A 3227 -41.04 -17.33 0.35
CA ILE A 3227 -39.92 -17.83 -0.42
C ILE A 3227 -38.84 -16.78 -0.54
N VAL A 3228 -39.22 -15.52 -0.71
CA VAL A 3228 -38.22 -14.45 -0.78
C VAL A 3228 -37.44 -14.36 0.53
N GLU A 3229 -38.16 -14.39 1.65
CA GLU A 3229 -37.49 -14.37 2.96
C GLU A 3229 -36.51 -15.53 3.08
N GLU A 3230 -36.96 -16.73 2.70
CA GLU A 3230 -36.10 -17.90 2.74
C GLU A 3230 -34.88 -17.72 1.85
N LEU A 3231 -35.06 -17.14 0.67
CA LEU A 3231 -33.93 -16.88 -0.21
C LEU A 3231 -32.94 -15.92 0.40
N CYS A 3232 -33.42 -14.93 1.17
CA CYS A 3232 -32.49 -14.01 1.82
C CYS A 3232 -31.70 -14.71 2.92
N ALA A 3233 -32.37 -15.57 3.70
CA ALA A 3233 -31.65 -16.36 4.68
C ALA A 3233 -30.62 -17.26 4.02
N TRP A 3234 -31.04 -17.98 2.99
CA TRP A 3234 -30.14 -18.84 2.23
C TRP A 3234 -28.96 -18.05 1.69
N VAL A 3235 -29.19 -16.81 1.26
CA VAL A 3235 -28.10 -15.98 0.77
C VAL A 3235 -27.11 -15.74 1.90
N GLU A 3236 -27.59 -15.31 3.06
CA GLU A 3236 -26.67 -14.96 4.13
C GLU A 3236 -25.87 -16.18 4.59
N LYS A 3237 -26.53 -17.34 4.64
CA LYS A 3237 -25.81 -18.58 4.92
C LYS A 3237 -24.75 -18.85 3.87
N PHE A 3238 -25.13 -18.77 2.59
CA PHE A 3238 -24.18 -18.96 1.51
C PHE A 3238 -22.98 -18.05 1.70
N ILE A 3239 -23.22 -16.81 2.10
CA ILE A 3239 -22.15 -15.84 2.21
C ILE A 3239 -21.20 -16.24 3.32
N ASN A 3240 -21.74 -16.68 4.45
CA ASN A 3240 -20.95 -16.89 5.66
C ASN A 3240 -20.85 -18.36 6.07
N VAL A 3241 -21.98 -19.02 6.29
CA VAL A 3241 -21.95 -20.42 6.72
C VAL A 3241 -23.34 -21.02 6.61
N LYS A 3242 -23.41 -22.30 6.24
CA LYS A 3242 -24.69 -22.99 6.12
C LYS A 3242 -25.12 -23.53 7.48
N LYS A 3248 -10.02 -15.39 10.92
CA LYS A 3248 -10.47 -16.12 9.75
C LYS A 3248 -11.97 -15.91 9.55
N ARG A 3249 -12.52 -16.50 8.48
CA ARG A 3249 -13.93 -16.32 8.13
C ARG A 3249 -14.24 -14.84 7.88
N HIS A 3250 -13.69 -14.34 6.78
CA HIS A 3250 -13.67 -12.93 6.43
C HIS A 3250 -15.03 -12.24 6.50
N LYS A 3251 -16.12 -13.00 6.58
CA LYS A 3251 -17.45 -12.41 6.71
C LYS A 3251 -17.80 -11.52 5.52
N TYR A 3252 -17.93 -12.18 4.37
CA TYR A 3252 -18.30 -11.50 3.14
C TYR A 3252 -19.71 -10.92 3.24
N SER A 3253 -20.01 -10.03 2.32
CA SER A 3253 -21.35 -9.49 2.14
C SER A 3253 -21.98 -10.03 0.86
N PRO A 3254 -23.31 -10.14 0.81
CA PRO A 3254 -23.94 -10.78 -0.35
C PRO A 3254 -23.65 -10.09 -1.67
N SER A 3255 -23.59 -8.76 -1.68
CA SER A 3255 -23.23 -8.06 -2.91
C SER A 3255 -21.88 -8.49 -3.42
N ASP A 3256 -20.95 -8.84 -2.52
CA ASP A 3256 -19.60 -9.22 -2.92
C ASP A 3256 -19.55 -10.63 -3.49
N VAL A 3257 -20.61 -11.41 -3.31
CA VAL A 3257 -20.69 -12.79 -3.78
C VAL A 3257 -21.67 -12.91 -4.93
N PHE A 3258 -22.94 -12.59 -4.69
CA PHE A 3258 -23.96 -12.54 -5.73
C PHE A 3258 -23.90 -11.17 -6.37
N ILE A 3259 -23.09 -11.07 -7.43
CA ILE A 3259 -22.82 -9.79 -8.05
C ILE A 3259 -24.11 -9.18 -8.59
N GLY A 3260 -24.39 -7.96 -8.17
CA GLY A 3260 -25.62 -7.30 -8.50
C GLY A 3260 -26.73 -7.44 -7.48
N TYR A 3261 -26.42 -7.95 -6.29
CA TYR A 3261 -27.44 -8.21 -5.30
C TYR A 3261 -27.92 -6.92 -4.67
N HIS A 3262 -29.20 -6.91 -4.31
CA HIS A 3262 -29.81 -5.75 -3.68
C HIS A 3262 -31.08 -6.20 -2.98
N SER A 3263 -31.62 -5.30 -2.16
CA SER A 3263 -32.78 -5.57 -1.33
C SER A 3263 -33.89 -6.31 -2.07
N ASP A 3264 -34.10 -5.98 -3.33
CA ASP A 3264 -35.20 -6.51 -4.12
C ASP A 3264 -34.78 -7.62 -5.06
N ALA A 3265 -33.52 -8.07 -5.00
CA ALA A 3265 -33.06 -9.09 -5.94
C ALA A 3265 -33.85 -10.38 -5.80
N CYS A 3266 -34.04 -10.85 -4.57
CA CYS A 3266 -34.72 -12.12 -4.38
C CYS A 3266 -36.17 -12.03 -4.82
N ALA A 3267 -36.81 -10.87 -4.62
CA ALA A 3267 -38.17 -10.69 -5.06
C ALA A 3267 -38.27 -10.74 -6.57
N SER A 3268 -37.40 -9.99 -7.25
CA SER A 3268 -37.33 -10.05 -8.70
C SER A 3268 -37.10 -11.47 -9.18
N VAL A 3269 -36.19 -12.20 -8.55
CA VAL A 3269 -35.91 -13.58 -8.92
C VAL A 3269 -37.17 -14.43 -8.82
N VAL A 3270 -37.87 -14.34 -7.69
CA VAL A 3270 -39.06 -15.15 -7.49
C VAL A 3270 -40.14 -14.78 -8.49
N LEU A 3271 -40.24 -13.48 -8.80
CA LEU A 3271 -41.23 -13.02 -9.76
C LEU A 3271 -40.95 -13.60 -11.13
N GLN A 3272 -39.70 -13.51 -11.55
CA GLN A 3272 -39.29 -14.04 -12.85
C GLN A 3272 -39.52 -15.54 -12.92
N VAL A 3273 -39.21 -16.25 -11.83
CA VAL A 3273 -39.40 -17.69 -11.78
C VAL A 3273 -40.86 -18.04 -11.95
N ILE A 3274 -41.74 -17.42 -11.15
CA ILE A 3274 -43.14 -17.81 -11.18
C ILE A 3274 -43.79 -17.37 -12.49
N GLU A 3275 -43.37 -16.24 -13.04
CA GLU A 3275 -43.88 -15.83 -14.34
C GLU A 3275 -43.50 -16.82 -15.42
N ARG A 3276 -42.27 -17.34 -15.37
CA ARG A 3276 -41.89 -18.41 -16.29
C ARG A 3276 -42.68 -19.69 -16.03
N GLN A 3277 -43.02 -19.96 -14.78
CA GLN A 3277 -43.82 -21.14 -14.45
C GLN A 3277 -45.23 -21.05 -15.02
N GLY A 3278 -45.76 -19.84 -15.14
CA GLY A 3278 -47.12 -19.64 -15.55
C GLY A 3278 -48.03 -19.33 -14.38
N PRO A 3279 -49.34 -19.35 -14.60
CA PRO A 3279 -50.29 -19.01 -13.53
C PRO A 3279 -50.64 -20.18 -12.64
N ARG A 3280 -49.82 -21.23 -12.66
CA ARG A 3280 -50.13 -22.47 -11.97
C ARG A 3280 -50.60 -22.22 -10.54
N ALA A 3281 -51.57 -23.01 -10.11
CA ALA A 3281 -52.14 -22.86 -8.78
C ALA A 3281 -51.10 -23.19 -7.72
N LEU A 3282 -51.31 -22.63 -6.53
CA LEU A 3282 -50.37 -22.84 -5.44
C LEU A 3282 -50.35 -24.29 -4.99
N THR A 3283 -49.15 -24.85 -4.91
CA THR A 3283 -48.91 -26.04 -4.12
C THR A 3283 -47.46 -26.05 -3.69
N GLU A 3284 -47.20 -26.62 -2.51
CA GLU A 3284 -45.85 -26.61 -1.96
C GLU A 3284 -44.85 -27.25 -2.90
N GLU A 3285 -45.27 -28.18 -3.76
CA GLU A 3285 -44.37 -28.65 -4.80
C GLU A 3285 -43.88 -27.47 -5.62
N LEU A 3286 -44.81 -26.61 -6.04
CA LEU A 3286 -44.43 -25.41 -6.76
C LEU A 3286 -43.50 -24.55 -5.90
N HIS A 3287 -43.77 -24.50 -4.60
CA HIS A 3287 -42.93 -23.71 -3.69
C HIS A 3287 -41.48 -24.18 -3.76
N GLN A 3288 -41.28 -25.50 -3.71
CA GLN A 3288 -39.94 -26.05 -3.74
C GLN A 3288 -39.28 -25.79 -5.10
N LYS A 3289 -40.00 -26.08 -6.18
CA LYS A 3289 -39.43 -25.87 -7.50
C LYS A 3289 -39.04 -24.41 -7.69
N VAL A 3290 -39.86 -23.49 -7.17
CA VAL A 3290 -39.59 -22.06 -7.29
C VAL A 3290 -38.36 -21.69 -6.48
N SER A 3291 -38.26 -22.19 -5.25
CA SER A 3291 -37.09 -21.94 -4.43
C SER A 3291 -35.82 -22.41 -5.14
N GLU A 3292 -35.86 -23.62 -5.68
CA GLU A 3292 -34.70 -24.16 -6.38
C GLU A 3292 -34.34 -23.33 -7.60
N GLU A 3293 -35.33 -22.95 -8.42
CA GLU A 3293 -35.06 -22.04 -9.53
C GLU A 3293 -34.41 -20.75 -9.07
N ALA A 3294 -34.93 -20.17 -7.99
CA ALA A 3294 -34.38 -18.91 -7.48
C ALA A 3294 -32.92 -19.10 -7.07
N LYS A 3295 -32.65 -20.16 -6.33
CA LYS A 3295 -31.27 -20.47 -5.96
C LYS A 3295 -30.40 -20.62 -7.20
N SER A 3296 -30.83 -21.43 -8.16
CA SER A 3296 -30.11 -21.57 -9.42
C SER A 3296 -29.78 -20.22 -10.07
N ILE A 3297 -30.73 -19.30 -10.10
CA ILE A 3297 -30.47 -18.00 -10.72
C ILE A 3297 -29.43 -17.21 -9.93
N LEU A 3298 -29.63 -17.09 -8.62
CA LEU A 3298 -28.66 -16.42 -7.78
C LEU A 3298 -27.28 -17.05 -7.96
N LEU A 3299 -27.23 -18.38 -7.99
CA LEU A 3299 -25.99 -19.09 -8.23
C LEU A 3299 -25.42 -18.76 -9.60
N ASN A 3300 -26.31 -18.48 -10.56
CA ASN A 3300 -25.85 -18.03 -11.87
C ASN A 3300 -25.13 -16.70 -11.74
N CYS A 3301 -25.47 -15.94 -10.71
CA CYS A 3301 -24.84 -14.65 -10.46
C CYS A 3301 -23.72 -14.72 -9.44
N ALA A 3302 -23.42 -15.91 -8.93
CA ALA A 3302 -22.41 -16.06 -7.89
C ALA A 3302 -21.01 -16.18 -8.47
N THR A 3303 -20.03 -15.92 -7.62
CA THR A 3303 -18.65 -16.20 -7.92
C THR A 3303 -18.36 -17.67 -7.66
N PRO A 3304 -17.47 -18.29 -8.45
CA PRO A 3304 -17.09 -19.68 -8.16
C PRO A 3304 -16.36 -19.79 -6.85
N ASP A 3305 -15.51 -18.81 -6.59
CA ASP A 3305 -14.82 -18.63 -5.33
C ASP A 3305 -15.80 -18.85 -4.18
N ALA A 3306 -17.00 -18.29 -4.30
CA ALA A 3306 -17.96 -18.41 -3.22
C ALA A 3306 -18.46 -19.83 -3.07
N VAL A 3307 -18.58 -20.57 -4.17
CA VAL A 3307 -19.13 -21.92 -4.09
C VAL A 3307 -18.09 -22.85 -3.50
N VAL A 3308 -16.84 -22.65 -3.90
CA VAL A 3308 -15.72 -23.38 -3.33
C VAL A 3308 -15.65 -23.12 -1.85
N ARG A 3309 -15.66 -21.84 -1.45
CA ARG A 3309 -15.75 -21.49 -0.04
C ARG A 3309 -16.88 -22.24 0.64
N LEU A 3310 -18.04 -22.32 0.00
CA LEU A 3310 -19.22 -22.87 0.66
C LEU A 3310 -19.03 -24.35 0.94
N SER A 3311 -18.41 -25.05 -0.01
CA SER A 3311 -18.05 -26.45 0.23
C SER A 3311 -17.00 -26.56 1.33
N ALA A 3312 -15.88 -25.85 1.18
CA ALA A 3312 -14.80 -25.90 2.15
C ALA A 3312 -15.36 -25.70 3.56
N TYR A 3313 -16.08 -24.61 3.78
CA TYR A 3313 -16.57 -24.26 5.10
C TYR A 3313 -17.71 -25.17 5.52
N SER A 3314 -18.24 -25.99 4.62
CA SER A 3314 -19.20 -27.01 4.99
C SER A 3314 -18.57 -28.38 5.05
N LEU A 3315 -17.26 -28.47 4.82
CA LEU A 3315 -16.51 -29.72 4.88
C LEU A 3315 -17.14 -30.77 3.94
N GLY A 3316 -17.43 -30.33 2.72
CA GLY A 3316 -18.04 -31.21 1.75
C GLY A 3316 -19.48 -31.53 2.08
N GLY A 3317 -20.29 -30.50 2.21
CA GLY A 3317 -21.68 -30.71 2.50
C GLY A 3317 -22.49 -31.05 1.26
N PHE A 3318 -23.64 -31.68 1.51
CA PHE A 3318 -24.49 -32.10 0.40
C PHE A 3318 -24.94 -30.90 -0.42
N ALA A 3319 -25.47 -29.88 0.26
CA ALA A 3319 -25.86 -28.64 -0.40
C ALA A 3319 -24.72 -28.08 -1.25
N ALA A 3320 -23.52 -28.04 -0.67
CA ALA A 3320 -22.40 -27.40 -1.34
C ALA A 3320 -22.02 -28.16 -2.60
N GLU A 3321 -22.09 -29.48 -2.57
CA GLU A 3321 -21.74 -30.25 -3.75
C GLU A 3321 -22.82 -30.14 -4.82
N TRP A 3322 -24.09 -30.08 -4.40
CA TRP A 3322 -25.16 -29.84 -5.36
C TRP A 3322 -24.97 -28.50 -6.06
N LEU A 3323 -24.70 -27.46 -5.29
CA LEU A 3323 -24.51 -26.13 -5.88
C LEU A 3323 -23.27 -26.07 -6.75
N SER A 3324 -22.17 -26.71 -6.32
CA SER A 3324 -20.98 -26.78 -7.15
C SER A 3324 -21.27 -27.47 -8.48
N GLN A 3325 -22.04 -28.56 -8.42
CA GLN A 3325 -22.44 -29.25 -9.64
C GLN A 3325 -23.22 -28.32 -10.55
N GLU A 3326 -24.23 -27.65 -9.99
CA GLU A 3326 -25.04 -26.77 -10.81
C GLU A 3326 -24.20 -25.66 -11.43
N TYR A 3327 -23.33 -25.03 -10.64
CA TYR A 3327 -22.53 -23.91 -11.12
C TYR A 3327 -21.54 -24.34 -12.20
N PHE A 3328 -20.73 -25.35 -11.91
CA PHE A 3328 -19.64 -25.71 -12.80
C PHE A 3328 -20.04 -26.68 -13.89
N HIS A 3329 -21.13 -27.44 -13.71
CA HIS A 3329 -21.51 -28.48 -14.66
C HIS A 3329 -22.83 -28.22 -15.35
N ARG A 3330 -23.84 -27.75 -14.64
CA ARG A 3330 -25.11 -27.38 -15.26
C ARG A 3330 -25.16 -25.91 -15.65
N GLN A 3331 -24.09 -25.16 -15.42
CA GLN A 3331 -23.97 -23.78 -15.86
C GLN A 3331 -22.62 -23.61 -16.54
N ARG A 3332 -22.46 -22.48 -17.22
CA ARG A 3332 -21.37 -22.29 -18.18
C ARG A 3332 -20.58 -21.03 -17.87
N HIS A 3333 -20.17 -20.89 -16.62
CA HIS A 3333 -19.34 -19.77 -16.19
C HIS A 3333 -17.88 -19.91 -16.61
N ASN A 3334 -17.52 -20.98 -17.33
CA ASN A 3334 -16.12 -21.18 -17.67
C ASN A 3334 -15.65 -20.18 -18.73
N SER A 3335 -16.58 -19.60 -19.48
CA SER A 3335 -16.27 -18.59 -20.48
C SER A 3335 -17.58 -18.08 -21.02
N PHE A 3336 -17.49 -17.10 -21.94
CA PHE A 3336 -18.67 -16.61 -22.61
C PHE A 3336 -19.07 -17.50 -23.78
N ALA A 3337 -18.11 -18.18 -24.40
CA ALA A 3337 -18.43 -19.13 -25.46
C ALA A 3337 -19.29 -20.29 -24.96
N ASP A 3338 -18.95 -20.87 -23.82
CA ASP A 3338 -19.75 -21.97 -23.28
C ASP A 3338 -21.16 -21.51 -22.93
N PHE A 3339 -21.27 -20.33 -22.31
CA PHE A 3339 -22.59 -19.76 -22.03
C PHE A 3339 -23.37 -19.56 -23.32
N LEU A 3340 -22.74 -18.95 -24.31
CA LEU A 3340 -23.38 -18.71 -25.58
C LEU A 3340 -23.90 -20.00 -26.20
N GLN A 3341 -23.05 -21.02 -26.25
CA GLN A 3341 -23.46 -22.29 -26.86
C GLN A 3341 -24.64 -22.89 -26.12
N ALA A 3342 -24.60 -22.90 -24.79
CA ALA A 3342 -25.70 -23.45 -24.02
C ALA A 3342 -26.97 -22.65 -24.26
N HIS A 3343 -26.83 -21.34 -24.42
CA HIS A 3343 -28.00 -20.48 -24.58
C HIS A 3343 -28.61 -20.66 -25.96
N LEU A 3344 -27.76 -20.82 -26.97
CA LEU A 3344 -28.23 -21.04 -28.33
C LEU A 3344 -28.95 -22.38 -28.45
N HIS A 3345 -28.43 -23.41 -27.78
CA HIS A 3345 -29.07 -24.72 -27.88
C HIS A 3345 -30.32 -24.80 -27.03
N THR A 3346 -30.31 -24.25 -25.83
CA THR A 3346 -31.36 -24.51 -24.86
C THR A 3346 -32.43 -23.43 -24.80
N ALA A 3347 -32.15 -22.24 -25.33
CA ALA A 3347 -33.10 -21.15 -25.26
C ALA A 3347 -34.41 -21.52 -25.96
N ASP A 3348 -35.48 -20.81 -25.58
CA ASP A 3348 -36.79 -21.07 -26.14
C ASP A 3348 -36.87 -20.61 -27.59
N LEU A 3349 -37.86 -21.16 -28.30
CA LEU A 3349 -38.12 -20.78 -29.68
C LEU A 3349 -39.21 -19.74 -29.83
N GLU A 3350 -40.07 -19.58 -28.82
CA GLU A 3350 -41.07 -18.53 -28.85
C GLU A 3350 -40.44 -17.16 -28.67
N ARG A 3351 -39.54 -17.04 -27.70
CA ARG A 3351 -38.85 -15.78 -27.46
C ARG A 3351 -37.87 -15.51 -28.58
N HIS A 3352 -38.27 -14.69 -29.56
CA HIS A 3352 -37.36 -14.38 -30.65
C HIS A 3352 -36.29 -13.40 -30.19
N ALA A 3353 -36.61 -12.53 -29.24
CA ALA A 3353 -35.65 -11.65 -28.59
C ALA A 3353 -35.35 -12.19 -27.21
N ILE A 3354 -34.10 -12.57 -26.98
CA ILE A 3354 -33.66 -13.12 -25.71
C ILE A 3354 -32.59 -12.20 -25.14
N PHE A 3355 -32.81 -11.73 -23.93
CA PHE A 3355 -31.99 -10.68 -23.32
C PHE A 3355 -31.21 -11.25 -22.15
N THR A 3356 -29.92 -10.94 -22.10
CA THR A 3356 -29.06 -11.46 -21.05
C THR A 3356 -28.15 -10.35 -20.59
N GLU A 3357 -27.94 -10.28 -19.27
CA GLU A 3357 -27.04 -9.31 -18.67
C GLU A 3357 -25.92 -10.05 -17.98
N ILE A 3358 -24.69 -9.65 -18.27
CA ILE A 3358 -23.51 -10.35 -17.79
C ILE A 3358 -22.63 -9.37 -17.05
N THR A 3359 -22.18 -9.78 -15.88
CA THR A 3359 -21.20 -9.06 -15.09
C THR A 3359 -19.95 -9.92 -14.97
N THR A 3360 -18.80 -9.28 -15.11
CA THR A 3360 -17.53 -9.99 -15.02
C THR A 3360 -16.49 -9.08 -14.38
N PHE A 3361 -15.45 -9.72 -13.85
CA PHE A 3361 -14.29 -9.02 -13.33
C PHE A 3361 -13.13 -8.98 -14.33
N SER A 3362 -13.22 -9.76 -15.40
CA SER A 3362 -12.13 -9.85 -16.36
C SER A 3362 -12.20 -8.68 -17.34
N ARG A 3363 -11.27 -8.68 -18.28
CA ARG A 3363 -11.21 -7.63 -19.28
C ARG A 3363 -12.17 -7.95 -20.42
N LEU A 3364 -12.88 -6.93 -20.88
CA LEU A 3364 -13.93 -7.12 -21.87
C LEU A 3364 -13.37 -7.79 -23.12
N LEU A 3365 -14.28 -8.35 -23.91
CA LEU A 3365 -13.90 -9.07 -25.12
C LEU A 3365 -13.44 -8.10 -26.20
N THR A 3366 -12.49 -8.55 -27.00
CA THR A 3366 -12.03 -7.82 -28.16
C THR A 3366 -12.62 -8.43 -29.42
N SER A 3367 -12.27 -7.86 -30.56
CA SER A 3367 -12.76 -8.37 -31.82
C SER A 3367 -12.25 -9.79 -32.09
N HIS A 3368 -11.04 -10.11 -31.64
CA HIS A 3368 -10.50 -11.44 -31.85
C HIS A 3368 -11.32 -12.50 -31.10
N ASP A 3369 -11.77 -12.18 -29.89
CA ASP A 3369 -12.62 -13.10 -29.16
C ASP A 3369 -13.94 -13.30 -29.89
N CYS A 3370 -14.45 -12.25 -30.53
CA CYS A 3370 -15.64 -12.41 -31.35
C CYS A 3370 -15.36 -13.23 -32.60
N GLU A 3371 -14.13 -13.19 -33.11
CA GLU A 3371 -13.77 -14.07 -34.22
C GLU A 3371 -13.82 -15.53 -33.77
N ILE A 3372 -13.30 -15.81 -32.59
CA ILE A 3372 -13.38 -17.16 -32.05
C ILE A 3372 -14.84 -17.58 -31.87
N LEU A 3373 -15.64 -16.67 -31.29
CA LEU A 3373 -17.06 -16.95 -31.13
C LEU A 3373 -17.73 -17.20 -32.47
N GLU A 3374 -17.29 -16.49 -33.51
CA GLU A 3374 -17.84 -16.73 -34.85
C GLU A 3374 -17.48 -18.11 -35.36
N SER A 3375 -16.22 -18.52 -35.17
CA SER A 3375 -15.80 -19.84 -35.62
C SER A 3375 -16.57 -20.93 -34.89
N GLU A 3376 -16.85 -20.72 -33.60
CA GLU A 3376 -17.66 -21.68 -32.86
C GLU A 3376 -19.12 -21.64 -33.30
N VAL A 3377 -19.66 -20.43 -33.46
CA VAL A 3377 -21.08 -20.23 -33.78
C VAL A 3377 -21.39 -20.40 -35.26
N THR A 3378 -20.47 -20.09 -36.16
CA THR A 3378 -20.76 -20.19 -37.58
C THR A 3378 -21.37 -21.54 -37.89
N GLY A 3379 -22.46 -21.52 -38.66
CA GLY A 3379 -23.31 -22.67 -38.87
C GLY A 3379 -24.64 -22.58 -38.16
N ARG A 3380 -24.77 -21.67 -37.19
CA ARG A 3380 -26.03 -21.37 -36.54
C ARG A 3380 -26.32 -19.88 -36.44
N ALA A 3381 -25.32 -19.02 -36.65
CA ALA A 3381 -25.52 -17.57 -36.65
C ALA A 3381 -24.30 -16.92 -37.28
N PRO A 3382 -24.40 -15.64 -37.66
CA PRO A 3382 -23.24 -14.95 -38.23
C PRO A 3382 -22.31 -14.45 -37.13
N LYS A 3383 -21.29 -13.68 -37.52
CA LYS A 3383 -20.38 -13.13 -36.54
C LYS A 3383 -21.14 -12.32 -35.50
N PRO A 3384 -21.00 -12.62 -34.22
CA PRO A 3384 -21.62 -11.76 -33.20
C PRO A 3384 -21.06 -10.35 -33.27
N THR A 3385 -21.95 -9.38 -33.12
CA THR A 3385 -21.56 -7.98 -33.20
C THR A 3385 -21.28 -7.45 -31.80
N LEU A 3386 -20.06 -6.98 -31.59
CA LEU A 3386 -19.60 -6.50 -30.29
C LEU A 3386 -19.54 -4.98 -30.36
N LEU A 3387 -20.23 -4.33 -29.42
CA LEU A 3387 -20.33 -2.88 -29.39
C LEU A 3387 -20.03 -2.37 -27.99
N TRP A 3388 -19.36 -1.22 -27.92
CA TRP A 3388 -18.93 -0.64 -26.66
C TRP A 3388 -19.75 0.61 -26.39
N LEU A 3389 -20.54 0.57 -25.31
CA LEU A 3389 -21.46 1.67 -25.05
C LEU A 3389 -20.72 2.96 -24.77
N GLN A 3390 -19.53 2.87 -24.17
CA GLN A 3390 -18.80 4.08 -23.81
C GLN A 3390 -18.33 4.80 -25.06
N GLN A 3391 -18.13 4.06 -26.14
CA GLN A 3391 -17.63 4.60 -27.40
C GLN A 3391 -18.65 5.51 -28.09
N PHE A 3392 -19.87 5.58 -27.57
CA PHE A 3392 -20.97 6.27 -28.23
C PHE A 3392 -21.30 7.54 -27.48
N ASP A 3393 -21.27 8.66 -28.20
CA ASP A 3393 -21.58 9.96 -27.63
C ASP A 3393 -23.06 10.28 -27.70
N THR A 3394 -23.76 9.75 -28.69
CA THR A 3394 -25.16 10.09 -28.92
C THR A 3394 -25.99 8.82 -29.05
N GLU A 3395 -27.23 8.90 -28.59
CA GLU A 3395 -28.18 7.80 -28.74
C GLU A 3395 -28.40 7.44 -30.21
N TYR A 3396 -28.37 8.43 -31.10
CA TYR A 3396 -28.54 8.14 -32.53
C TYR A 3396 -27.38 7.33 -33.08
N SER A 3397 -26.15 7.67 -32.71
CA SER A 3397 -24.99 6.91 -33.16
C SER A 3397 -25.09 5.45 -32.71
N PHE A 3398 -25.61 5.22 -31.51
CA PHE A 3398 -25.81 3.87 -31.01
C PHE A 3398 -26.90 3.16 -31.83
N LEU A 3399 -28.02 3.85 -32.05
CA LEU A 3399 -29.14 3.25 -32.76
C LEU A 3399 -28.75 2.89 -34.18
N LYS A 3400 -27.89 3.69 -34.81
CA LYS A 3400 -27.45 3.38 -36.16
C LYS A 3400 -26.82 2.00 -36.23
N GLU A 3401 -25.96 1.67 -35.27
CA GLU A 3401 -25.30 0.38 -35.31
C GLU A 3401 -26.22 -0.74 -34.88
N VAL A 3402 -27.13 -0.46 -33.94
CA VAL A 3402 -28.11 -1.48 -33.57
C VAL A 3402 -28.93 -1.85 -34.80
N ARG A 3403 -29.28 -0.87 -35.62
CA ARG A 3403 -30.07 -1.13 -36.82
C ARG A 3403 -29.22 -1.81 -37.89
N ASN A 3404 -27.96 -1.37 -38.03
CA ASN A 3404 -27.08 -2.03 -38.98
C ASN A 3404 -26.99 -3.51 -38.70
N CYS A 3405 -26.91 -3.88 -37.42
CA CYS A 3405 -26.89 -5.30 -37.09
C CYS A 3405 -28.25 -5.93 -37.34
N LEU A 3406 -29.31 -5.32 -36.81
CA LEU A 3406 -30.63 -5.94 -36.88
C LEU A 3406 -31.16 -6.06 -38.30
N THR A 3407 -30.59 -5.32 -39.24
CA THR A 3407 -31.06 -5.35 -40.62
C THR A 3407 -30.50 -6.50 -41.42
N ASN A 3408 -29.44 -7.14 -40.93
CA ASN A 3408 -28.98 -8.36 -41.57
C ASN A 3408 -30.10 -9.39 -41.61
N THR A 3409 -30.07 -10.24 -42.62
CA THR A 3409 -31.13 -11.22 -42.83
C THR A 3409 -30.92 -12.51 -42.05
N ALA A 3410 -29.80 -12.64 -41.33
CA ALA A 3410 -29.54 -13.86 -40.58
C ALA A 3410 -30.72 -14.22 -39.70
N LYS A 3411 -31.03 -15.52 -39.63
CA LYS A 3411 -32.13 -15.97 -38.80
C LYS A 3411 -31.78 -15.95 -37.32
N CYS A 3412 -30.50 -15.97 -36.98
CA CYS A 3412 -30.05 -15.75 -35.61
C CYS A 3412 -29.01 -14.65 -35.62
N LYS A 3413 -29.11 -13.75 -34.65
CA LYS A 3413 -28.16 -12.65 -34.49
C LYS A 3413 -27.76 -12.56 -33.03
N ILE A 3414 -26.48 -12.38 -32.77
CA ILE A 3414 -25.95 -12.20 -31.42
C ILE A 3414 -25.34 -10.82 -31.35
N LEU A 3415 -25.94 -9.94 -30.54
CA LEU A 3415 -25.42 -8.61 -30.32
C LEU A 3415 -24.85 -8.53 -28.91
N ILE A 3416 -23.63 -8.04 -28.79
CA ILE A 3416 -22.92 -7.94 -27.53
C ILE A 3416 -22.58 -6.48 -27.30
N PHE A 3417 -22.99 -5.97 -26.15
CA PHE A 3417 -22.75 -4.59 -25.76
C PHE A 3417 -21.84 -4.60 -24.55
N GLN A 3418 -20.79 -3.79 -24.59
CA GLN A 3418 -19.73 -3.83 -23.59
C GLN A 3418 -19.68 -2.50 -22.83
N THR A 3419 -19.42 -2.59 -21.53
CA THR A 3419 -19.34 -1.39 -20.73
C THR A 3419 -18.48 -1.68 -19.51
N ASP A 3420 -17.67 -0.70 -19.11
CA ASP A 3420 -16.80 -0.80 -17.95
C ASP A 3420 -17.34 0.13 -16.87
N PHE A 3421 -17.81 -0.45 -15.78
CA PHE A 3421 -18.42 0.29 -14.69
C PHE A 3421 -17.36 1.11 -13.97
N GLU A 3422 -17.36 2.42 -14.21
CA GLU A 3422 -16.42 3.31 -13.55
C GLU A 3422 -17.07 3.93 -12.31
N ARG A 3426 -24.05 7.66 -13.83
CA ARG A 3426 -22.72 7.56 -14.43
C ARG A 3426 -22.78 6.55 -15.57
N SER A 3427 -22.60 5.28 -15.24
CA SER A 3427 -22.64 4.21 -16.22
C SER A 3427 -23.99 3.51 -16.26
N ALA A 3428 -24.57 3.24 -15.08
CA ALA A 3428 -25.89 2.63 -15.03
C ALA A 3428 -26.88 3.33 -15.94
N GLN A 3429 -26.74 4.65 -16.11
CA GLN A 3429 -27.64 5.37 -16.99
C GLN A 3429 -27.39 5.02 -18.45
N LEU A 3430 -26.11 4.88 -18.80
CA LEU A 3430 -25.75 4.48 -20.15
C LEU A 3430 -26.27 3.09 -20.45
N ILE A 3431 -26.02 2.15 -19.55
CA ILE A 3431 -26.48 0.77 -19.74
C ILE A 3431 -27.99 0.74 -19.89
N ALA A 3432 -28.70 1.38 -18.96
CA ALA A 3432 -30.16 1.42 -19.00
C ALA A 3432 -30.68 2.00 -20.31
N SER A 3433 -30.18 3.16 -20.72
CA SER A 3433 -30.64 3.78 -21.96
C SER A 3433 -30.36 2.89 -23.17
N ALA A 3434 -29.16 2.29 -23.22
CA ALA A 3434 -28.85 1.38 -24.32
C ALA A 3434 -29.79 0.19 -24.32
N LYS A 3435 -30.13 -0.30 -23.14
CA LYS A 3435 -31.00 -1.47 -23.02
C LYS A 3435 -32.37 -1.15 -23.57
N TYR A 3436 -32.95 -0.06 -23.09
CA TYR A 3436 -34.24 0.41 -23.58
C TYR A 3436 -34.22 0.59 -25.09
N SER A 3437 -33.18 1.23 -25.61
CA SER A 3437 -33.08 1.45 -27.05
C SER A 3437 -33.06 0.14 -27.83
N VAL A 3438 -32.25 -0.84 -27.38
CA VAL A 3438 -32.20 -2.12 -28.07
C VAL A 3438 -33.54 -2.83 -28.00
N ILE A 3439 -34.23 -2.72 -26.86
CA ILE A 3439 -35.54 -3.36 -26.74
C ILE A 3439 -36.51 -2.74 -27.72
N ASN A 3440 -36.51 -1.41 -27.78
CA ASN A 3440 -37.41 -0.68 -28.67
C ASN A 3440 -37.14 -1.05 -30.12
N GLU A 3441 -35.86 -1.08 -30.50
CA GLU A 3441 -35.52 -1.33 -31.90
C GLU A 3441 -35.81 -2.77 -32.30
N ILE A 3442 -35.64 -3.71 -31.39
CA ILE A 3442 -36.06 -5.08 -31.66
C ILE A 3442 -37.57 -5.16 -31.82
N ASN A 3443 -38.31 -4.51 -30.92
CA ASN A 3443 -39.75 -4.46 -31.05
C ASN A 3443 -40.17 -3.85 -32.38
N LYS A 3444 -39.39 -2.91 -32.90
CA LYS A 3444 -39.73 -2.27 -34.17
C LYS A 3444 -39.35 -3.17 -35.34
N ILE A 3445 -38.14 -3.74 -35.28
CA ILE A 3445 -37.73 -4.76 -36.26
C ILE A 3445 -38.20 -6.10 -35.69
N ARG A 3446 -39.47 -6.40 -35.93
CA ARG A 3446 -40.06 -7.64 -35.43
C ARG A 3446 -40.92 -8.36 -36.45
N GLU A 3447 -41.26 -7.74 -37.59
CA GLU A 3447 -41.99 -8.45 -38.63
C GLU A 3447 -41.37 -9.81 -38.92
N ASN A 3448 -40.06 -9.93 -38.78
CA ASN A 3448 -39.38 -11.19 -39.00
C ASN A 3448 -39.48 -12.07 -37.75
N GLU A 3449 -39.43 -13.38 -37.95
CA GLU A 3449 -39.34 -14.33 -36.85
C GLU A 3449 -37.90 -14.71 -36.53
N ASP A 3450 -36.93 -13.89 -36.96
CA ASP A 3450 -35.55 -14.13 -36.63
C ASP A 3450 -35.36 -14.08 -35.11
N ARG A 3451 -34.26 -14.66 -34.65
CA ARG A 3451 -34.00 -14.86 -33.24
C ARG A 3451 -32.79 -14.02 -32.84
N ILE A 3452 -33.00 -13.08 -31.93
CA ILE A 3452 -31.97 -12.14 -31.51
C ILE A 3452 -31.58 -12.45 -30.07
N PHE A 3453 -30.29 -12.70 -29.86
CA PHE A 3453 -29.70 -12.90 -28.55
C PHE A 3453 -28.91 -11.65 -28.19
N VAL A 3454 -29.33 -10.99 -27.12
CA VAL A 3454 -28.71 -9.74 -26.67
C VAL A 3454 -27.93 -10.06 -25.41
N TYR A 3455 -26.67 -9.63 -25.38
CA TYR A 3455 -25.81 -9.77 -24.22
C TYR A 3455 -25.29 -8.41 -23.84
N PHE A 3456 -25.47 -8.04 -22.58
CA PHE A 3456 -24.88 -6.84 -22.01
C PHE A 3456 -23.81 -7.26 -21.02
N ILE A 3457 -22.57 -6.87 -21.28
CA ILE A 3457 -21.42 -7.31 -20.52
C ILE A 3457 -20.82 -6.12 -19.81
N THR A 3458 -20.78 -6.21 -18.49
CA THR A 3458 -20.33 -5.14 -17.61
C THR A 3458 -19.10 -5.62 -16.87
N LYS A 3459 -18.02 -4.86 -16.96
CA LYS A 3459 -16.78 -5.21 -16.29
C LYS A 3459 -16.75 -4.49 -14.95
N LEU A 3460 -16.74 -5.27 -13.87
CA LEU A 3460 -16.73 -4.77 -12.52
C LEU A 3460 -15.35 -4.96 -11.91
N SER A 3461 -15.26 -4.59 -10.63
CA SER A 3461 -14.06 -4.77 -9.84
C SER A 3461 -14.44 -5.51 -8.58
N ARG A 3462 -13.60 -6.47 -8.19
CA ARG A 3462 -13.93 -7.27 -7.01
C ARG A 3462 -14.04 -6.41 -5.76
N VAL A 3463 -13.18 -5.39 -5.64
CA VAL A 3463 -13.26 -4.46 -4.53
C VAL A 3463 -14.31 -3.40 -4.82
N GLY A 3464 -14.05 -2.58 -5.82
CA GLY A 3464 -15.00 -1.58 -6.28
C GLY A 3464 -14.49 -0.16 -6.07
N ARG A 3465 -15.34 0.79 -6.45
CA ARG A 3465 -15.04 2.21 -6.35
C ARG A 3465 -16.23 2.96 -5.79
N GLY A 3466 -16.89 2.39 -4.79
CA GLY A 3466 -18.03 3.05 -4.17
C GLY A 3466 -19.29 2.89 -5.00
N THR A 3467 -19.18 3.04 -6.32
CA THR A 3467 -20.31 2.83 -7.21
C THR A 3467 -20.69 1.36 -7.15
N ALA A 3468 -21.78 1.07 -6.45
CA ALA A 3468 -22.23 -0.30 -6.26
C ALA A 3468 -23.05 -0.73 -7.47
N TYR A 3469 -22.50 -1.59 -8.30
CA TYR A 3469 -23.28 -2.15 -9.39
C TYR A 3469 -24.51 -2.84 -8.83
N VAL A 3470 -25.65 -2.55 -9.43
CA VAL A 3470 -26.93 -3.09 -9.01
C VAL A 3470 -27.50 -3.85 -10.19
N GLY A 3471 -27.59 -5.16 -10.05
CA GLY A 3471 -28.12 -6.00 -11.09
C GLY A 3471 -29.42 -6.66 -10.68
N PHE A 3472 -29.62 -7.90 -11.10
CA PHE A 3472 -30.88 -8.59 -10.89
C PHE A 3472 -32.04 -7.70 -11.35
N HIS A 3473 -31.84 -7.05 -12.50
CA HIS A 3473 -32.86 -6.17 -13.04
C HIS A 3473 -34.14 -6.89 -13.40
N GLY A 3474 -34.14 -8.21 -13.34
CA GLY A 3474 -35.32 -9.00 -13.61
C GLY A 3474 -35.92 -8.69 -14.96
N GLY A 3475 -37.16 -9.15 -15.12
CA GLY A 3475 -37.90 -8.92 -16.34
C GLY A 3475 -37.52 -9.87 -17.44
N LEU A 3476 -37.05 -9.31 -18.55
CA LEU A 3476 -36.65 -10.07 -19.71
C LEU A 3476 -35.21 -10.56 -19.61
N TRP A 3477 -34.48 -10.12 -18.59
CA TRP A 3477 -33.05 -10.31 -18.52
C TRP A 3477 -32.68 -11.54 -17.72
N GLN A 3478 -31.57 -12.15 -18.10
CA GLN A 3478 -30.95 -13.22 -17.35
C GLN A 3478 -29.62 -12.69 -16.85
N SER A 3479 -29.43 -12.73 -15.54
CA SER A 3479 -28.22 -12.22 -14.93
C SER A 3479 -27.28 -13.38 -14.72
N VAL A 3480 -26.11 -13.32 -15.36
CA VAL A 3480 -25.10 -14.36 -15.29
C VAL A 3480 -23.77 -13.70 -14.97
N HIS A 3481 -23.08 -14.20 -13.96
CA HIS A 3481 -21.71 -13.82 -13.71
C HIS A 3481 -20.74 -14.79 -14.37
N ILE A 3482 -19.78 -14.25 -15.10
CA ILE A 3482 -18.64 -15.00 -15.62
C ILE A 3482 -17.39 -14.38 -15.02
N ASP A 3483 -16.61 -15.17 -14.29
CA ASP A 3483 -15.35 -14.65 -13.77
C ASP A 3483 -14.46 -14.16 -14.89
N ASP A 3484 -14.36 -14.92 -15.97
CA ASP A 3484 -13.49 -14.61 -17.09
C ASP A 3484 -14.16 -15.06 -18.37
N LEU A 3485 -14.26 -14.15 -19.33
CA LEU A 3485 -14.98 -14.42 -20.57
C LEU A 3485 -14.17 -15.23 -21.57
N ARG A 3486 -12.85 -15.26 -21.41
CA ARG A 3486 -11.99 -15.92 -22.38
C ARG A 3486 -11.98 -17.42 -22.16
N ARG A 3487 -11.45 -18.14 -23.14
CA ARG A 3487 -11.46 -19.60 -23.15
C ARG A 3487 -10.24 -20.21 -22.46
N SER A 3488 -9.43 -19.40 -21.79
CA SER A 3488 -8.39 -19.89 -20.88
C SER A 3488 -7.39 -20.79 -21.63
N THR A 3489 -6.63 -20.15 -22.51
CA THR A 3489 -5.59 -20.89 -23.22
C THR A 3489 -4.48 -21.34 -22.29
N LEU A 3490 -4.13 -20.54 -21.28
CA LEU A 3490 -3.05 -20.91 -20.39
C LEU A 3490 -3.44 -22.03 -19.44
N MET A 3491 -4.75 -22.28 -19.28
CA MET A 3491 -5.24 -23.42 -18.52
C MET A 3491 -6.43 -23.99 -19.25
N VAL A 3492 -6.29 -25.21 -19.76
CA VAL A 3492 -7.31 -25.82 -20.61
C VAL A 3492 -8.38 -26.47 -19.75
N SER A 3493 -8.31 -26.26 -18.44
CA SER A 3493 -9.20 -26.93 -17.51
C SER A 3493 -10.36 -26.04 -17.10
N ASP A 3494 -11.54 -26.65 -17.00
CA ASP A 3494 -12.63 -26.04 -16.26
C ASP A 3494 -12.42 -26.31 -14.78
N VAL A 3495 -12.51 -25.26 -13.98
CA VAL A 3495 -12.28 -25.41 -12.54
C VAL A 3495 -13.26 -26.45 -11.99
N THR A 3496 -12.94 -26.97 -10.82
CA THR A 3496 -13.55 -28.13 -10.18
C THR A 3496 -12.91 -29.42 -10.66
N ARG A 3497 -11.97 -29.36 -11.60
CA ARG A 3497 -11.08 -30.48 -11.84
C ARG A 3497 -9.87 -30.41 -10.90
N LEU A 3498 -9.27 -29.22 -10.82
CA LEU A 3498 -8.20 -28.97 -9.86
C LEU A 3498 -8.66 -29.11 -8.41
N GLN A 3499 -9.98 -29.09 -8.17
CA GLN A 3499 -10.48 -29.15 -6.81
C GLN A 3499 -10.19 -30.48 -6.15
N HIS A 3500 -9.72 -31.46 -6.91
CA HIS A 3500 -9.30 -32.75 -6.38
C HIS A 3500 -7.99 -33.19 -7.04
N VAL A 3501 -7.06 -32.24 -7.17
CA VAL A 3501 -5.72 -32.50 -7.69
C VAL A 3501 -4.75 -31.58 -6.99
N THR A 3502 -3.54 -32.08 -6.76
CA THR A 3502 -2.50 -31.29 -6.08
C THR A 3502 -1.68 -30.49 -7.10
N ILE A 3503 -0.90 -29.55 -6.58
CA ILE A 3503 -0.10 -28.69 -7.45
C ILE A 3503 1.10 -29.46 -7.99
N SER A 3504 1.56 -30.47 -7.26
CA SER A 3504 2.65 -31.30 -7.76
C SER A 3504 2.23 -32.06 -9.01
N GLN A 3505 0.98 -32.54 -9.02
CA GLN A 3505 0.50 -33.31 -10.16
C GLN A 3505 0.40 -32.46 -11.42
N LEU A 3506 0.19 -31.15 -11.26
CA LEU A 3506 0.13 -30.26 -12.42
C LEU A 3506 1.41 -30.31 -13.23
N PHE A 3507 2.54 -30.59 -12.59
CA PHE A 3507 3.83 -30.60 -13.29
C PHE A 3507 4.29 -32.01 -13.63
N ALA A 3508 3.59 -33.03 -13.17
CA ALA A 3508 3.91 -34.41 -13.54
C ALA A 3508 3.28 -34.75 -14.89
N SER A 3568 -3.50 -30.62 -21.75
CA SER A 3568 -3.32 -30.86 -20.33
C SER A 3568 -4.08 -29.84 -19.49
N ILE A 3569 -3.96 -29.96 -18.17
CA ILE A 3569 -4.72 -29.10 -17.27
C ILE A 3569 -4.16 -27.68 -17.27
N LEU A 3570 -2.84 -27.56 -17.19
CA LEU A 3570 -2.22 -26.25 -17.01
C LEU A 3570 -0.99 -26.14 -17.91
N ASP A 3571 -0.72 -24.92 -18.37
CA ASP A 3571 0.42 -24.63 -19.23
C ASP A 3571 1.61 -24.32 -18.34
N THR A 3572 2.19 -25.38 -17.77
CA THR A 3572 3.28 -25.22 -16.83
C THR A 3572 4.48 -24.53 -17.46
N THR A 3573 4.69 -24.72 -18.77
CA THR A 3573 5.75 -24.01 -19.47
C THR A 3573 5.55 -22.50 -19.32
N ARG A 3574 4.31 -22.05 -19.46
CA ARG A 3574 4.04 -20.62 -19.38
C ARG A 3574 4.17 -20.15 -17.95
N LEU A 3575 3.76 -20.96 -16.99
CA LEU A 3575 3.86 -20.56 -15.60
C LEU A 3575 5.32 -20.38 -15.19
N LEU A 3576 6.16 -21.33 -15.60
CA LEU A 3576 7.59 -21.20 -15.33
C LEU A 3576 8.14 -19.94 -15.98
N ARG A 3577 7.77 -19.70 -17.24
CA ARG A 3577 8.30 -18.53 -17.92
C ARG A 3577 7.83 -17.24 -17.25
N SER A 3578 6.61 -17.24 -16.70
CA SER A 3578 6.11 -16.09 -15.98
C SER A 3578 6.82 -15.92 -14.65
N CYS A 3579 7.29 -17.01 -14.04
CA CYS A 3579 7.93 -16.92 -12.74
C CYS A 3579 9.42 -16.70 -12.83
N VAL A 3580 9.99 -16.73 -14.03
CA VAL A 3580 11.44 -16.63 -14.16
C VAL A 3580 11.95 -15.32 -13.56
N GLN A 3581 11.27 -14.21 -13.86
CA GLN A 3581 11.73 -12.92 -13.40
C GLN A 3581 11.58 -12.79 -11.89
N SER A 3582 10.42 -13.18 -11.36
CA SER A 3582 10.20 -13.11 -9.93
C SER A 3582 11.23 -13.95 -9.19
N ALA A 3583 11.57 -15.12 -9.73
CA ALA A 3583 12.54 -15.99 -9.08
C ALA A 3583 13.92 -15.36 -9.12
N VAL A 3584 14.38 -14.95 -10.31
CA VAL A 3584 15.71 -14.37 -10.43
C VAL A 3584 15.84 -13.16 -9.52
N GLY A 3585 14.77 -12.39 -9.37
CA GLY A 3585 14.80 -11.27 -8.45
C GLY A 3585 15.10 -11.66 -7.03
N MET A 3586 14.88 -12.92 -6.68
CA MET A 3586 15.24 -13.45 -5.37
C MET A 3586 16.72 -13.74 -5.23
N LEU A 3587 17.47 -13.72 -6.33
CA LEU A 3587 18.85 -14.19 -6.35
C LEU A 3587 19.81 -13.03 -6.14
N ARG A 3588 20.73 -13.20 -5.19
CA ARG A 3588 21.80 -12.25 -4.94
C ARG A 3588 23.12 -13.01 -5.05
N ASP A 3589 24.13 -12.34 -5.59
CA ASP A 3589 25.42 -12.97 -5.81
C ASP A 3589 26.46 -12.42 -4.85
N GLN A 3590 27.41 -13.28 -4.47
CA GLN A 3590 28.48 -12.87 -3.56
C GLN A 3590 29.48 -11.96 -4.28
N ASN A 3591 29.89 -12.34 -5.48
CA ASN A 3591 30.86 -11.55 -6.24
C ASN A 3591 30.29 -10.23 -6.75
N GLU A 3592 28.99 -9.97 -6.54
CA GLU A 3592 28.37 -8.72 -7.00
C GLU A 3592 28.46 -8.58 -8.52
N SER A 3593 27.98 -9.61 -9.22
CA SER A 3593 27.94 -9.61 -10.68
C SER A 3593 26.61 -9.00 -11.12
N CYS A 3594 26.60 -7.68 -11.25
CA CYS A 3594 25.38 -6.97 -11.62
C CYS A 3594 24.77 -7.53 -12.91
N THR A 3595 25.61 -7.88 -13.88
CA THR A 3595 25.14 -8.31 -15.19
C THR A 3595 24.63 -9.74 -15.23
N ARG A 3596 24.39 -10.37 -14.08
CA ARG A 3596 24.01 -11.77 -14.05
C ARG A 3596 22.50 -12.00 -14.20
N ASN A 3597 21.69 -11.37 -13.34
CA ASN A 3597 20.26 -11.67 -13.33
C ASN A 3597 19.62 -11.44 -14.70
N MET A 3598 20.02 -10.38 -15.40
CA MET A 3598 19.49 -10.12 -16.73
C MET A 3598 19.80 -11.28 -17.67
N ARG A 3599 21.05 -11.75 -17.65
CA ARG A 3599 21.43 -12.83 -18.53
C ARG A 3599 20.73 -14.12 -18.13
N ARG A 3600 20.54 -14.33 -16.83
CA ARG A 3600 19.76 -15.47 -16.37
C ARG A 3600 18.37 -15.44 -16.96
N VAL A 3601 17.74 -14.26 -16.97
CA VAL A 3601 16.38 -14.15 -17.49
C VAL A 3601 16.38 -14.50 -18.98
N VAL A 3602 17.31 -13.92 -19.72
CA VAL A 3602 17.38 -14.22 -21.15
C VAL A 3602 17.58 -15.70 -21.38
N LEU A 3603 18.50 -16.31 -20.61
CA LEU A 3603 18.85 -17.70 -20.81
C LEU A 3603 17.68 -18.61 -20.49
N LEU A 3604 17.01 -18.36 -19.38
CA LEU A 3604 15.92 -19.24 -18.97
C LEU A 3604 14.73 -19.11 -19.91
N LEU A 3605 14.44 -17.89 -20.38
CA LEU A 3605 13.36 -17.75 -21.33
C LEU A 3605 13.70 -18.40 -22.67
N GLY A 3606 14.97 -18.39 -23.06
CA GLY A 3606 15.36 -19.13 -24.26
C GLY A 3606 15.29 -20.63 -24.07
N LEU A 3607 15.77 -21.12 -22.93
CA LEU A 3607 15.86 -22.55 -22.67
C LEU A 3607 14.50 -23.17 -22.35
N LEU A 3608 13.61 -22.41 -21.70
CA LEU A 3608 12.30 -22.95 -21.34
C LEU A 3608 11.43 -23.07 -22.58
N ASN A 3609 11.82 -23.95 -23.49
CA ASN A 3609 11.10 -24.17 -24.74
C ASN A 3609 11.17 -25.64 -25.09
N GLU A 3610 10.38 -26.02 -26.10
CA GLU A 3610 10.42 -27.37 -26.66
C GLU A 3610 10.95 -27.35 -28.08
N ASP A 3611 11.81 -26.39 -28.39
CA ASP A 3611 12.37 -26.29 -29.74
C ASP A 3611 13.37 -27.42 -29.99
N ASP A 3612 14.43 -27.47 -29.20
CA ASP A 3612 15.44 -28.51 -29.29
C ASP A 3612 15.18 -29.59 -28.25
N ALA A 3613 15.88 -30.70 -28.39
CA ALA A 3613 15.76 -31.77 -27.41
C ALA A 3613 16.40 -31.38 -26.08
N CYS A 3614 17.43 -30.54 -26.11
CA CYS A 3614 18.04 -30.07 -24.88
C CYS A 3614 17.08 -29.18 -24.10
N HIS A 3615 16.44 -28.23 -24.79
CA HIS A 3615 15.44 -27.38 -24.14
C HIS A 3615 14.29 -28.22 -23.60
N ALA A 3616 13.80 -29.16 -24.39
CA ALA A 3616 12.72 -30.02 -23.91
C ALA A 3616 13.14 -30.77 -22.65
N SER A 3617 14.36 -31.30 -22.63
CA SER A 3617 14.82 -32.05 -21.47
C SER A 3617 14.99 -31.15 -20.26
N PHE A 3618 15.54 -29.96 -20.48
CA PHE A 3618 15.70 -29.01 -19.38
C PHE A 3618 14.35 -28.66 -18.77
N LEU A 3619 13.38 -28.35 -19.62
CA LEU A 3619 12.03 -28.02 -19.15
C LEU A 3619 11.41 -29.20 -18.40
N ARG A 3620 11.54 -30.40 -18.96
CA ARG A 3620 10.98 -31.58 -18.32
C ARG A 3620 11.58 -31.79 -16.94
N VAL A 3621 12.91 -31.67 -16.83
CA VAL A 3621 13.57 -31.90 -15.55
C VAL A 3621 13.20 -30.80 -14.57
N SER A 3622 13.06 -29.57 -15.05
CA SER A 3622 12.60 -28.50 -14.19
C SER A 3622 11.25 -28.85 -13.60
N LYS A 3623 10.32 -29.27 -14.45
CA LYS A 3623 8.99 -29.66 -13.97
C LYS A 3623 9.06 -30.80 -12.97
N MET A 3624 9.87 -31.81 -13.27
CA MET A 3624 9.98 -32.96 -12.37
C MET A 3624 10.49 -32.54 -11.00
N ARG A 3625 11.56 -31.75 -10.98
CA ARG A 3625 12.13 -31.31 -9.70
C ARG A 3625 11.17 -30.39 -8.96
N LEU A 3626 10.43 -29.55 -9.68
CA LEU A 3626 9.38 -28.77 -9.05
C LEU A 3626 8.33 -29.67 -8.43
N SER A 3627 7.94 -30.74 -9.12
CA SER A 3627 7.00 -31.68 -8.56
C SER A 3627 7.56 -32.30 -7.30
N VAL A 3628 8.86 -32.57 -7.28
CA VAL A 3628 9.47 -33.20 -6.12
C VAL A 3628 9.42 -32.25 -4.94
N PHE A 3629 9.80 -30.99 -5.16
CA PHE A 3629 9.78 -30.01 -4.10
C PHE A 3629 8.36 -29.81 -3.58
N LEU A 3630 7.40 -29.66 -4.50
CA LEU A 3630 6.02 -29.40 -4.11
C LEU A 3630 5.43 -30.58 -3.37
N LYS A 3631 5.80 -31.80 -3.74
CA LYS A 3631 5.32 -32.97 -3.02
C LYS A 3631 5.94 -33.04 -1.63
N LYS A 3632 7.22 -32.70 -1.53
CA LYS A 3632 7.86 -32.68 -0.22
C LYS A 3632 7.20 -31.66 0.69
N GLN A 3633 6.88 -30.48 0.15
CA GLN A 3633 6.16 -29.48 0.94
C GLN A 3633 4.77 -29.99 1.29
N GLU A 3634 4.09 -30.61 0.33
CA GLU A 3634 2.73 -31.08 0.55
C GLU A 3634 2.70 -32.14 1.65
N GLU A 3635 3.78 -32.89 1.80
CA GLU A 3635 3.84 -33.88 2.88
C GLU A 3635 3.91 -33.24 4.26
N SER A 3636 4.04 -31.91 4.34
CA SER A 3636 4.03 -31.19 5.60
C SER A 3636 2.72 -30.44 5.82
N GLN A 3637 1.78 -30.52 4.89
CA GLN A 3637 0.55 -29.76 4.93
C GLN A 3637 -0.65 -30.68 4.97
N PHE A 3638 -1.76 -30.14 5.49
CA PHE A 3638 -3.00 -30.90 5.61
C PHE A 3638 -3.84 -30.72 4.36
N HIS A 3639 -4.41 -31.83 3.88
CA HIS A 3639 -5.26 -31.83 2.70
C HIS A 3639 -4.66 -30.97 1.60
N PRO A 3640 -3.56 -31.40 0.99
CA PRO A 3640 -2.96 -30.61 -0.09
C PRO A 3640 -3.78 -30.59 -1.36
N LEU A 3641 -4.84 -31.38 -1.43
CA LEU A 3641 -5.79 -31.26 -2.53
C LEU A 3641 -6.65 -30.01 -2.40
N GLU A 3642 -6.86 -29.54 -1.17
CA GLU A 3642 -7.73 -28.40 -0.89
C GLU A 3642 -7.06 -27.06 -1.17
N TRP A 3643 -5.98 -27.03 -1.94
CA TRP A 3643 -5.28 -25.76 -2.16
C TRP A 3643 -6.18 -24.75 -2.85
N LEU A 3644 -6.92 -25.20 -3.86
CA LEU A 3644 -7.89 -24.32 -4.50
C LEU A 3644 -8.82 -23.73 -3.47
N ALA A 3645 -9.41 -24.59 -2.63
CA ALA A 3645 -10.30 -24.10 -1.60
C ALA A 3645 -9.60 -23.07 -0.72
N ARG A 3646 -8.36 -23.33 -0.33
CA ARG A 3646 -7.67 -22.38 0.53
C ARG A 3646 -7.54 -21.04 -0.18
N GLU A 3647 -7.27 -21.05 -1.48
CA GLU A 3647 -7.19 -19.81 -2.22
C GLU A 3647 -8.55 -19.13 -2.27
N ALA A 3648 -9.62 -19.92 -2.41
CA ALA A 3648 -10.95 -19.35 -2.37
C ALA A 3648 -11.28 -18.72 -1.04
N CYS A 3649 -10.52 -19.05 0.01
CA CYS A 3649 -10.72 -18.47 1.32
C CYS A 3649 -9.84 -17.26 1.59
N ASN A 3650 -8.96 -16.92 0.66
CA ASN A 3650 -8.04 -15.80 0.83
C ASN A 3650 -8.59 -14.60 0.07
N GLN A 3651 -9.60 -13.96 0.66
CA GLN A 3651 -10.17 -12.75 0.07
C GLN A 3651 -9.09 -11.77 -0.36
N ASP A 3652 -8.01 -11.68 0.41
CA ASP A 3652 -6.93 -10.77 0.04
C ASP A 3652 -6.34 -11.14 -1.32
N ALA A 3653 -6.09 -12.44 -1.55
CA ALA A 3653 -5.53 -12.84 -2.83
C ALA A 3653 -6.54 -12.67 -3.94
N LEU A 3654 -7.81 -12.96 -3.65
CA LEU A 3654 -8.87 -12.78 -4.64
C LEU A 3654 -8.89 -11.34 -5.12
N GLN A 3655 -9.09 -10.40 -4.19
CA GLN A 3655 -9.18 -9.00 -4.55
C GLN A 3655 -7.89 -8.46 -5.14
N GLU A 3656 -6.73 -9.00 -4.74
CA GLU A 3656 -5.50 -8.68 -5.45
C GLU A 3656 -5.53 -9.14 -6.90
N ALA A 3657 -6.15 -10.29 -7.17
CA ALA A 3657 -6.13 -10.86 -8.51
C ALA A 3657 -7.33 -10.48 -9.36
N GLY A 3658 -8.50 -10.31 -8.74
CA GLY A 3658 -9.70 -9.97 -9.48
C GLY A 3658 -10.50 -11.18 -9.90
N THR A 3659 -9.98 -11.95 -10.84
CA THR A 3659 -10.63 -13.18 -11.29
C THR A 3659 -10.06 -14.37 -10.54
N PHE A 3660 -10.95 -15.30 -10.21
CA PHE A 3660 -10.56 -16.55 -9.56
C PHE A 3660 -9.47 -17.26 -10.35
N ARG A 3661 -9.60 -17.33 -11.68
CA ARG A 3661 -8.61 -18.01 -12.48
C ARG A 3661 -7.22 -17.41 -12.29
N HIS A 3662 -7.16 -16.08 -12.22
CA HIS A 3662 -5.89 -15.41 -11.97
C HIS A 3662 -5.43 -15.65 -10.55
N THR A 3663 -6.36 -15.72 -9.61
CA THR A 3663 -6.01 -16.08 -8.24
C THR A 3663 -5.25 -17.40 -8.20
N LEU A 3664 -5.80 -18.42 -8.85
CA LEU A 3664 -5.14 -19.73 -8.89
C LEU A 3664 -3.80 -19.64 -9.60
N TRP A 3665 -3.75 -18.91 -10.70
CA TRP A 3665 -2.49 -18.74 -11.42
C TRP A 3665 -1.43 -18.13 -10.53
N LYS A 3666 -1.79 -17.07 -9.80
CA LYS A 3666 -0.87 -16.43 -8.87
C LYS A 3666 -0.45 -17.36 -7.76
N ARG A 3667 -1.41 -18.13 -7.22
CA ARG A 3667 -1.09 -19.14 -6.20
C ARG A 3667 0.00 -20.08 -6.69
N VAL A 3668 -0.18 -20.62 -7.89
CA VAL A 3668 0.80 -21.56 -8.42
C VAL A 3668 2.13 -20.85 -8.68
N GLN A 3669 2.07 -19.59 -9.12
CA GLN A 3669 3.30 -18.85 -9.34
C GLN A 3669 4.05 -18.63 -8.04
N GLY A 3670 3.32 -18.35 -6.96
CA GLY A 3670 3.95 -18.13 -5.67
C GLY A 3670 4.56 -19.40 -5.12
N ALA A 3671 3.88 -20.52 -5.33
CA ALA A 3671 4.45 -21.80 -4.91
C ALA A 3671 5.71 -22.12 -5.70
N VAL A 3672 5.69 -21.89 -7.01
CA VAL A 3672 6.79 -22.32 -7.86
C VAL A 3672 7.99 -21.38 -7.82
N THR A 3673 7.77 -20.08 -7.61
CA THR A 3673 8.88 -19.12 -7.73
C THR A 3673 10.00 -19.38 -6.74
N PRO A 3674 9.75 -19.55 -5.44
CA PRO A 3674 10.85 -19.89 -4.53
C PRO A 3674 11.64 -21.10 -4.98
N LEU A 3675 10.94 -22.17 -5.36
CA LEU A 3675 11.60 -23.41 -5.72
C LEU A 3675 12.41 -23.25 -6.99
N LEU A 3676 11.87 -22.49 -7.94
CA LEU A 3676 12.61 -22.24 -9.18
C LEU A 3676 13.85 -21.40 -8.92
N ALA A 3677 13.75 -20.40 -8.05
CA ALA A 3677 14.92 -19.62 -7.67
C ALA A 3677 15.98 -20.49 -7.04
N SER A 3678 15.58 -21.34 -6.10
CA SER A 3678 16.51 -22.29 -5.48
C SER A 3678 17.22 -23.12 -6.54
N MET A 3679 16.44 -23.77 -7.40
CA MET A 3679 17.03 -24.62 -8.44
C MET A 3679 17.97 -23.83 -9.32
N ILE A 3680 17.63 -22.58 -9.65
CA ILE A 3680 18.49 -21.77 -10.48
C ILE A 3680 19.79 -21.46 -9.76
N SER A 3681 19.70 -21.25 -8.44
CA SER A 3681 20.89 -20.98 -7.65
C SER A 3681 21.83 -22.17 -7.69
N PHE A 3682 21.27 -23.38 -7.60
CA PHE A 3682 22.10 -24.58 -7.67
C PHE A 3682 22.71 -24.78 -9.05
N ILE A 3683 21.91 -24.64 -10.11
CA ILE A 3683 22.41 -24.99 -11.43
C ILE A 3683 23.35 -23.92 -11.97
N ASP A 3684 23.00 -22.64 -11.82
CA ASP A 3684 23.75 -21.55 -12.44
C ASP A 3684 24.76 -20.93 -11.49
N ARG A 3685 25.40 -21.73 -10.64
CA ARG A 3685 26.21 -21.17 -9.57
C ARG A 3685 27.28 -20.22 -10.10
N ASP A 3686 28.27 -20.75 -10.84
CA ASP A 3686 29.37 -19.90 -11.32
C ASP A 3686 29.03 -19.20 -12.63
N GLY A 3687 28.91 -19.98 -13.70
CA GLY A 3687 28.48 -19.45 -14.99
C GLY A 3687 27.73 -20.50 -15.78
N ASN A 3688 27.22 -21.50 -15.05
CA ASN A 3688 26.78 -22.76 -15.65
C ASN A 3688 25.95 -22.58 -16.92
N LEU A 3689 24.85 -21.83 -16.85
CA LEU A 3689 23.88 -21.82 -17.93
C LEU A 3689 24.46 -21.34 -19.26
N GLU A 3690 25.58 -20.61 -19.25
CA GLU A 3690 26.23 -20.26 -20.51
C GLU A 3690 26.59 -21.48 -21.32
N LEU A 3691 26.71 -22.63 -20.67
CA LEU A 3691 27.14 -23.84 -21.32
C LEU A 3691 26.01 -24.45 -22.13
N LEU A 3692 24.78 -24.32 -21.64
CA LEU A 3692 23.65 -24.84 -22.40
C LEU A 3692 23.43 -24.05 -23.68
N THR A 3693 23.55 -22.73 -23.61
CA THR A 3693 23.19 -21.85 -24.71
C THR A 3693 24.32 -21.61 -25.68
N ARG A 3694 25.55 -21.48 -25.19
CA ARG A 3694 26.68 -21.20 -26.06
C ARG A 3694 26.78 -22.29 -27.12
N PRO A 3695 26.75 -21.96 -28.42
CA PRO A 3695 26.75 -23.01 -29.43
C PRO A 3695 28.05 -23.78 -29.48
N ASP A 3696 29.17 -23.18 -29.08
CA ASP A 3696 30.44 -23.89 -29.08
C ASP A 3696 30.53 -24.94 -27.99
N THR A 3697 29.56 -25.01 -27.10
CA THR A 3697 29.55 -26.04 -26.07
C THR A 3697 29.48 -27.41 -26.73
N PRO A 3698 30.42 -28.31 -26.49
CA PRO A 3698 30.39 -29.60 -27.15
C PRO A 3698 29.18 -30.41 -26.73
N PRO A 3699 28.81 -31.44 -27.49
CA PRO A 3699 27.67 -32.26 -27.08
C PRO A 3699 27.86 -32.91 -25.73
N TRP A 3700 29.04 -33.46 -25.46
CA TRP A 3700 29.30 -34.10 -24.18
C TRP A 3700 29.03 -33.16 -23.02
N ALA A 3701 29.30 -31.86 -23.19
CA ALA A 3701 29.08 -30.92 -22.10
C ALA A 3701 27.60 -30.76 -21.80
N ARG A 3702 26.77 -30.67 -22.84
CA ARG A 3702 25.34 -30.54 -22.63
C ARG A 3702 24.76 -31.83 -22.07
N ASP A 3703 25.26 -32.97 -22.56
CA ASP A 3703 24.79 -34.26 -22.05
C ASP A 3703 25.10 -34.42 -20.58
N LEU A 3704 26.32 -34.05 -20.17
CA LEU A 3704 26.67 -34.12 -18.75
C LEU A 3704 25.86 -33.12 -17.93
N TRP A 3705 25.65 -31.92 -18.46
CA TRP A 3705 24.81 -30.94 -17.79
C TRP A 3705 23.44 -31.52 -17.47
N MET A 3706 22.81 -32.12 -18.48
CA MET A 3706 21.47 -32.64 -18.29
C MET A 3706 21.47 -33.91 -17.46
N PHE A 3707 22.51 -34.73 -17.57
CA PHE A 3707 22.63 -35.91 -16.72
C PHE A 3707 22.65 -35.50 -15.25
N ILE A 3708 23.49 -34.53 -14.91
CA ILE A 3708 23.58 -34.08 -13.52
C ILE A 3708 22.26 -33.47 -13.09
N PHE A 3709 21.70 -32.57 -13.92
CA PHE A 3709 20.48 -31.89 -13.54
C PHE A 3709 19.34 -32.88 -13.34
N SER A 3710 19.30 -33.93 -14.14
CA SER A 3710 18.26 -34.95 -14.02
C SER A 3710 18.40 -35.75 -12.74
N ASP A 3711 19.63 -35.95 -12.26
CA ASP A 3711 19.86 -36.78 -11.10
C ASP A 3711 19.48 -36.04 -9.82
N THR A 3712 18.67 -36.68 -8.98
CA THR A 3712 18.16 -36.05 -7.77
C THR A 3712 18.95 -36.40 -6.52
N MET A 3713 19.76 -37.48 -6.56
CA MET A 3713 20.60 -37.83 -5.44
C MET A 3713 22.03 -37.34 -5.61
N LEU A 3714 22.47 -37.12 -6.85
CA LEU A 3714 23.76 -36.50 -7.10
C LEU A 3714 23.65 -34.98 -6.96
N LEU A 3715 22.67 -34.38 -7.62
CA LEU A 3715 22.42 -32.94 -7.50
C LEU A 3715 21.30 -32.69 -6.50
N ASN A 3716 21.59 -33.01 -5.24
CA ASN A 3716 20.60 -32.86 -4.18
C ASN A 3716 20.32 -31.38 -3.94
N ILE A 3717 19.06 -30.99 -4.04
CA ILE A 3717 18.64 -29.61 -3.82
C ILE A 3717 17.66 -29.59 -2.66
N PRO A 3718 18.10 -29.18 -1.48
CA PRO A 3718 17.18 -29.12 -0.33
C PRO A 3718 16.20 -27.98 -0.46
N LEU A 3719 15.08 -28.12 0.24
CA LEU A 3719 14.04 -27.11 0.25
C LEU A 3719 14.52 -25.84 0.95
N VAL A 3720 13.70 -24.80 0.86
CA VAL A 3720 13.94 -23.53 1.53
C VAL A 3720 12.62 -23.00 2.04
N MET A 3721 12.57 -22.62 3.31
CA MET A 3721 11.37 -22.07 3.92
C MET A 3721 11.71 -20.98 4.91
N TYR A 3732 16.33 -12.40 -1.38
CA TYR A 3732 17.71 -12.75 -1.07
C TYR A 3732 17.92 -14.26 -1.00
N ILE A 3733 18.18 -14.87 -2.15
CA ILE A 3733 18.77 -16.19 -2.25
C ILE A 3733 20.18 -16.02 -2.77
N VAL A 3734 21.15 -16.66 -2.12
CA VAL A 3734 22.55 -16.43 -2.39
C VAL A 3734 23.09 -17.55 -3.27
N VAL A 3735 23.64 -17.17 -4.41
CA VAL A 3735 24.17 -18.10 -5.39
C VAL A 3735 25.66 -18.26 -5.06
N GLN A 3736 26.00 -19.38 -4.44
CA GLN A 3736 27.33 -19.58 -3.85
C GLN A 3736 28.35 -19.80 -4.96
N ASN A 3737 28.75 -18.68 -5.58
CA ASN A 3737 29.82 -18.71 -6.57
C ASN A 3737 31.14 -19.04 -5.87
N HIS A 3738 31.74 -20.16 -6.26
CA HIS A 3738 32.97 -20.64 -5.62
C HIS A 3738 34.21 -20.10 -6.29
N MET A 3739 34.21 -19.96 -7.60
CA MET A 3739 35.33 -19.33 -8.29
C MET A 3739 35.20 -17.81 -8.24
N ASN A 3740 36.31 -17.15 -8.56
CA ASN A 3740 36.31 -15.71 -8.81
C ASN A 3740 36.16 -15.39 -10.28
N LEU A 3741 35.44 -16.24 -11.01
CA LEU A 3741 35.39 -16.15 -12.47
C LEU A 3741 34.90 -14.80 -12.92
N SER A 3742 35.37 -14.39 -14.10
CA SER A 3742 34.88 -13.19 -14.75
C SER A 3742 33.53 -13.47 -15.39
N GLU A 3743 32.71 -12.43 -15.48
CA GLU A 3743 31.44 -12.56 -16.17
C GLU A 3743 31.69 -12.56 -17.69
N ASN A 3744 30.78 -13.20 -18.42
CA ASN A 3744 30.95 -13.63 -19.80
C ASN A 3744 31.75 -14.93 -19.84
N ALA A 3745 32.13 -15.48 -18.68
CA ALA A 3745 32.84 -16.74 -18.60
C ALA A 3745 32.11 -17.65 -17.63
N SER A 3746 32.36 -18.95 -17.78
CA SER A 3746 31.65 -19.95 -16.99
C SER A 3746 32.57 -21.13 -16.71
N ASN A 3747 32.14 -21.98 -15.79
CA ASN A 3747 32.86 -23.20 -15.48
C ASN A 3747 32.99 -24.07 -16.73
N ASN A 3748 34.20 -24.50 -17.02
CA ASN A 3748 34.45 -25.30 -18.21
C ASN A 3748 33.80 -26.67 -18.13
N VAL A 3749 33.36 -27.10 -16.95
CA VAL A 3749 32.70 -28.40 -16.78
C VAL A 3749 31.43 -28.18 -15.97
N PRO A 3750 30.29 -28.69 -16.43
CA PRO A 3750 29.05 -28.45 -15.69
C PRO A 3750 29.12 -29.01 -14.27
N PHE A 3751 28.70 -28.19 -13.32
CA PHE A 3751 28.66 -28.59 -11.91
C PHE A 3751 30.01 -29.11 -11.44
N SER A 3752 31.08 -28.50 -11.93
CA SER A 3752 32.42 -28.90 -11.49
C SER A 3752 32.50 -28.94 -9.98
N TRP A 3753 31.75 -28.08 -9.30
CA TRP A 3753 31.81 -28.01 -7.85
C TRP A 3753 31.15 -29.23 -7.22
N LYS A 3754 29.99 -29.63 -7.76
CA LYS A 3754 29.32 -30.79 -7.21
C LYS A 3754 30.11 -32.05 -7.52
N ILE A 3755 30.70 -32.14 -8.71
CA ILE A 3755 31.51 -33.31 -9.05
C ILE A 3755 32.71 -33.40 -8.12
N LYS A 3756 33.34 -32.26 -7.84
CA LYS A 3756 34.47 -32.25 -6.93
C LYS A 3756 34.06 -32.72 -5.54
N ASP A 3757 32.95 -32.19 -5.03
CA ASP A 3757 32.44 -32.63 -3.73
C ASP A 3757 32.15 -34.13 -3.74
N TYR A 3758 31.62 -34.63 -4.84
CA TYR A 3758 31.24 -36.03 -4.92
C TYR A 3758 32.48 -36.91 -4.88
N LEU A 3759 33.48 -36.57 -5.67
CA LEU A 3759 34.70 -37.35 -5.72
C LEU A 3759 35.44 -37.25 -4.39
N GLU A 3760 35.28 -36.16 -3.66
CA GLU A 3760 35.94 -36.04 -2.37
C GLU A 3760 35.24 -36.89 -1.31
N GLU A 3761 33.91 -36.95 -1.39
CA GLU A 3761 33.18 -37.86 -0.51
C GLU A 3761 33.58 -39.30 -0.78
N LEU A 3762 33.71 -39.65 -2.05
CA LEU A 3762 34.10 -41.01 -2.41
C LEU A 3762 35.55 -41.30 -1.97
N TRP A 3763 36.42 -40.29 -2.04
CA TRP A 3763 37.77 -40.46 -1.55
C TRP A 3763 37.77 -40.73 -0.05
N VAL A 3764 36.99 -39.97 0.71
CA VAL A 3764 36.94 -40.16 2.15
C VAL A 3764 36.41 -41.55 2.47
N GLN A 3765 35.31 -41.95 1.82
CA GLN A 3765 34.73 -43.26 2.10
C GLN A 3765 35.71 -44.37 1.80
N ALA A 3766 36.41 -44.29 0.65
CA ALA A 3766 37.34 -45.34 0.29
C ALA A 3766 38.55 -45.34 1.21
N GLN A 3767 39.02 -44.15 1.61
CA GLN A 3767 40.18 -44.05 2.46
C GLN A 3767 39.92 -44.69 3.81
N TYR A 3768 38.77 -44.38 4.41
CA TYR A 3768 38.49 -44.95 5.72
C TYR A 3768 38.12 -46.42 5.62
N ILE A 3769 37.52 -46.83 4.51
CA ILE A 3769 37.23 -48.25 4.33
C ILE A 3769 38.49 -49.05 4.02
N THR A 3770 39.40 -48.48 3.23
CA THR A 3770 40.53 -49.22 2.67
C THR A 3770 41.85 -48.58 3.03
N ASP A 3771 42.89 -49.42 3.06
CA ASP A 3771 44.24 -48.99 3.40
C ASP A 3771 44.75 -47.94 2.40
N ALA A 3772 45.82 -47.26 2.80
CA ALA A 3772 46.45 -46.28 1.92
C ALA A 3772 46.89 -46.91 0.61
N GLU A 3773 47.17 -48.20 0.61
CA GLU A 3773 47.44 -48.95 -0.61
C GLU A 3773 46.21 -49.78 -0.96
N GLY A 3774 45.69 -49.59 -2.15
CA GLY A 3774 44.39 -50.10 -2.53
C GLY A 3774 43.30 -49.05 -2.51
N LEU A 3775 43.57 -47.87 -1.98
CA LEU A 3775 42.61 -46.78 -1.96
C LEU A 3775 42.42 -46.21 -3.36
N PRO A 3776 43.47 -45.98 -4.14
CA PRO A 3776 43.26 -45.50 -5.51
C PRO A 3776 42.35 -46.40 -6.32
N LYS A 3777 42.64 -47.70 -6.32
CA LYS A 3777 41.84 -48.64 -7.10
C LYS A 3777 40.41 -48.71 -6.58
N LYS A 3778 40.24 -48.67 -5.26
CA LYS A 3778 38.90 -48.75 -4.67
C LYS A 3778 38.10 -47.50 -4.99
N PHE A 3779 38.77 -46.35 -4.99
CA PHE A 3779 38.13 -45.08 -5.30
C PHE A 3779 37.70 -45.03 -6.76
N VAL A 3780 38.59 -45.47 -7.66
CA VAL A 3780 38.26 -45.52 -9.08
C VAL A 3780 37.11 -46.49 -9.33
N ASP A 3781 37.12 -47.65 -8.66
CA ASP A 3781 36.05 -48.62 -8.86
C ASP A 3781 34.72 -48.09 -8.34
N ILE A 3782 34.70 -47.57 -7.12
CA ILE A 3782 33.49 -46.98 -6.58
C ILE A 3782 32.94 -45.93 -7.53
N PHE A 3783 33.81 -45.08 -8.07
CA PHE A 3783 33.34 -44.08 -9.02
C PHE A 3783 32.74 -44.74 -10.26
N GLN A 3784 33.45 -45.71 -10.84
CA GLN A 3784 32.98 -46.33 -12.06
C GLN A 3784 31.63 -47.00 -11.85
N GLN A 3785 31.36 -47.47 -10.63
CA GLN A 3785 30.07 -48.07 -10.33
C GLN A 3785 28.96 -47.04 -10.16
N THR A 3786 29.30 -45.77 -10.02
CA THR A 3786 28.29 -44.75 -9.84
C THR A 3786 27.67 -44.37 -11.18
N PRO A 3787 26.51 -43.71 -11.15
CA PRO A 3787 25.93 -43.22 -12.40
C PRO A 3787 26.87 -42.37 -13.23
N LEU A 3788 27.55 -41.40 -12.61
CA LEU A 3788 28.43 -40.53 -13.36
C LEU A 3788 29.63 -41.28 -13.94
N GLY A 3789 30.13 -42.29 -13.23
CA GLY A 3789 31.23 -43.06 -13.77
C GLY A 3789 30.82 -43.82 -15.02
N ARG A 3790 29.63 -44.39 -15.00
CA ARG A 3790 29.14 -45.13 -16.16
C ARG A 3790 28.83 -44.18 -17.31
N PHE A 3791 28.26 -43.02 -16.99
CA PHE A 3791 28.03 -42.01 -18.01
C PHE A 3791 29.34 -41.63 -18.70
N LEU A 3792 30.35 -41.24 -17.91
CA LEU A 3792 31.61 -40.85 -18.54
C LEU A 3792 32.26 -42.05 -19.24
N ALA A 3793 31.95 -43.26 -18.79
CA ALA A 3793 32.45 -44.44 -19.50
C ALA A 3793 31.81 -44.54 -20.87
N GLN A 3794 30.60 -44.00 -21.02
CA GLN A 3794 29.99 -43.93 -22.35
C GLN A 3794 30.80 -43.01 -23.24
N LEU A 3795 31.26 -41.89 -22.70
CA LEU A 3795 32.12 -40.99 -23.45
C LEU A 3795 33.46 -41.66 -23.71
N HIS A 3796 33.82 -41.77 -24.98
CA HIS A 3796 35.07 -42.39 -25.38
C HIS A 3796 35.84 -41.45 -26.29
N GLY A 3797 37.15 -41.54 -26.21
CA GLY A 3797 38.01 -40.80 -27.11
C GLY A 3797 38.18 -39.33 -26.72
N GLU A 3798 38.30 -38.50 -27.75
CA GLU A 3798 38.62 -37.10 -27.52
C GLU A 3798 37.67 -36.38 -26.58
N PRO A 3799 36.35 -36.60 -26.64
CA PRO A 3799 35.48 -35.92 -25.68
C PRO A 3799 35.90 -36.12 -24.24
N GLN A 3800 36.34 -37.33 -23.90
CA GLN A 3800 36.71 -37.57 -22.52
C GLN A 3800 37.99 -36.83 -22.20
N GLN A 3801 38.90 -36.79 -23.16
CA GLN A 3801 40.14 -36.06 -22.92
C GLN A 3801 39.82 -34.60 -22.72
N GLU A 3802 38.89 -34.08 -23.52
CA GLU A 3802 38.57 -32.67 -23.36
C GLU A 3802 37.88 -32.44 -22.04
N LEU A 3803 37.02 -33.38 -21.64
CA LEU A 3803 36.39 -33.24 -20.35
C LEU A 3803 37.43 -33.19 -19.27
N LEU A 3804 38.44 -34.06 -19.35
CA LEU A 3804 39.44 -34.07 -18.30
C LEU A 3804 40.18 -32.76 -18.26
N GLN A 3805 40.52 -32.22 -19.42
CA GLN A 3805 41.20 -30.93 -19.42
C GLN A 3805 40.32 -29.90 -18.75
N CYS A 3806 39.06 -29.83 -19.16
CA CYS A 3806 38.17 -28.84 -18.57
C CYS A 3806 38.06 -29.07 -17.07
N TYR A 3807 38.01 -30.32 -16.65
CA TYR A 3807 37.84 -30.54 -15.22
C TYR A 3807 39.09 -30.15 -14.47
N LEU A 3808 40.26 -30.40 -15.06
CA LEU A 3808 41.48 -29.94 -14.42
C LEU A 3808 41.40 -28.45 -14.20
N LYS A 3809 40.99 -27.72 -15.24
CA LYS A 3809 40.95 -26.28 -15.11
C LYS A 3809 39.99 -25.86 -14.01
N ASP A 3810 38.81 -26.47 -13.99
CA ASP A 3810 37.86 -26.06 -12.95
C ASP A 3810 38.35 -26.52 -11.59
N PHE A 3811 39.00 -27.68 -11.54
CA PHE A 3811 39.53 -28.14 -10.26
C PHE A 3811 40.52 -27.13 -9.73
N ILE A 3812 41.40 -26.62 -10.59
CA ILE A 3812 42.37 -25.64 -10.12
C ILE A 3812 41.64 -24.39 -9.63
N LEU A 3813 40.70 -23.91 -10.43
CA LEU A 3813 39.97 -22.71 -10.04
C LEU A 3813 39.25 -22.92 -8.72
N LEU A 3814 38.80 -24.15 -8.46
CA LEU A 3814 38.11 -24.38 -7.20
C LEU A 3814 39.08 -24.51 -6.04
N THR A 3815 40.27 -25.05 -6.29
CA THR A 3815 41.23 -25.23 -5.21
C THR A 3815 42.03 -23.95 -4.95
N MET A 3816 42.74 -23.49 -5.97
CA MET A 3816 43.65 -22.37 -5.84
C MET A 3816 43.09 -21.18 -6.60
N ARG A 3817 43.11 -20.01 -5.96
CA ARG A 3817 42.73 -18.78 -6.64
C ARG A 3817 43.86 -18.35 -7.56
N VAL A 3818 43.53 -18.12 -8.83
CA VAL A 3818 44.51 -17.81 -9.86
C VAL A 3818 44.11 -16.51 -10.52
N SER A 3819 45.01 -15.52 -10.49
CA SER A 3819 44.72 -14.19 -11.01
C SER A 3819 45.02 -14.06 -12.49
N THR A 3820 45.60 -15.08 -13.12
CA THR A 3820 45.95 -15.03 -14.54
C THR A 3820 45.49 -16.31 -15.21
N GLU A 3821 45.54 -16.29 -16.54
CA GLU A 3821 45.23 -17.49 -17.31
C GLU A 3821 46.46 -18.33 -17.62
N GLU A 3822 47.64 -17.70 -17.72
CA GLU A 3822 48.86 -18.46 -17.90
C GLU A 3822 49.11 -19.38 -16.72
N GLU A 3823 48.88 -18.87 -15.51
CA GLU A 3823 49.11 -19.67 -14.32
C GLU A 3823 48.11 -20.83 -14.27
N LEU A 3824 46.87 -20.59 -14.70
CA LEU A 3824 45.89 -21.66 -14.72
C LEU A 3824 46.27 -22.71 -15.75
N LYS A 3825 46.81 -22.29 -16.89
CA LYS A 3825 47.25 -23.26 -17.89
C LYS A 3825 48.41 -24.09 -17.35
N PHE A 3826 49.31 -23.46 -16.60
CA PHE A 3826 50.48 -24.18 -16.11
C PHE A 3826 50.11 -25.12 -14.98
N LEU A 3827 49.18 -24.71 -14.13
CA LEU A 3827 48.66 -25.62 -13.12
C LEU A 3827 47.90 -26.78 -13.75
N GLN A 3828 47.17 -26.53 -14.84
CA GLN A 3828 46.57 -27.62 -15.59
C GLN A 3828 47.64 -28.58 -16.10
N MET A 3829 48.71 -28.03 -16.67
CA MET A 3829 49.74 -28.89 -17.24
C MET A 3829 50.38 -29.74 -16.14
N ALA A 3830 50.57 -29.14 -14.97
CA ALA A 3830 51.19 -29.86 -13.87
C ALA A 3830 50.28 -30.98 -13.37
N LEU A 3831 49.03 -30.65 -13.05
CA LEU A 3831 48.13 -31.66 -12.54
C LEU A 3831 47.84 -32.73 -13.60
N TRP A 3832 47.88 -32.36 -14.87
CA TRP A 3832 47.74 -33.32 -15.96
C TRP A 3832 48.90 -34.29 -15.98
N SER A 3833 50.14 -33.79 -15.84
CA SER A 3833 51.29 -34.68 -15.86
C SER A 3833 51.29 -35.56 -14.62
N CYS A 3834 50.88 -35.00 -13.49
CA CYS A 3834 50.76 -35.79 -12.27
C CYS A 3834 49.75 -36.91 -12.46
N THR A 3835 48.61 -36.59 -13.06
CA THR A 3835 47.57 -37.60 -13.27
C THR A 3835 48.06 -38.69 -14.21
N ARG A 3836 48.70 -38.30 -15.32
CA ARG A 3836 49.24 -39.30 -16.23
C ARG A 3836 50.23 -40.22 -15.53
N LYS A 3837 51.16 -39.64 -14.77
CA LYS A 3837 52.14 -40.45 -14.05
C LYS A 3837 51.45 -41.39 -13.08
N LEU A 3838 50.50 -40.87 -12.30
CA LEU A 3838 49.85 -41.67 -11.28
C LEU A 3838 49.04 -42.80 -11.90
N LYS A 3839 48.36 -42.54 -13.01
CA LYS A 3839 47.56 -43.56 -13.66
C LYS A 3839 48.45 -44.60 -14.34
N ALA A 3840 49.64 -44.20 -14.79
CA ALA A 3840 50.53 -45.16 -15.41
C ALA A 3840 50.87 -46.32 -14.47
N ALA A 3841 50.70 -46.12 -13.17
CA ALA A 3841 50.92 -47.16 -12.16
C ALA A 3841 49.61 -47.77 -11.68
N SER A 3842 48.64 -47.94 -12.58
CA SER A 3842 47.31 -48.42 -12.21
C SER A 3842 47.24 -49.93 -12.03
N GLU A 3843 48.38 -50.59 -11.86
CA GLU A 3843 48.43 -52.05 -11.72
C GLU A 3843 48.09 -52.73 -13.04
N ALA A 3844 47.77 -51.94 -14.07
CA ALA A 3844 47.32 -52.46 -15.34
C ALA A 3844 47.36 -51.33 -16.37
N PRO A 3845 47.16 -51.63 -17.65
CA PRO A 3845 47.16 -50.56 -18.66
C PRO A 3845 46.23 -49.43 -18.26
N GLU A 3846 46.53 -48.24 -18.78
CA GLU A 3846 45.86 -47.00 -18.40
C GLU A 3846 44.95 -46.50 -19.52
N GLU A 3847 44.21 -47.41 -20.14
CA GLU A 3847 43.42 -47.12 -21.33
C GLU A 3847 42.75 -45.74 -21.28
N GLU A 3848 42.10 -45.41 -20.15
CA GLU A 3848 41.41 -44.15 -20.01
C GLU A 3848 41.80 -43.49 -18.70
N VAL A 3849 41.90 -42.17 -18.72
CA VAL A 3849 42.23 -41.36 -17.56
C VAL A 3849 40.94 -40.71 -17.10
N SER A 3850 40.32 -41.26 -16.06
CA SER A 3850 39.07 -40.74 -15.54
C SER A 3850 39.33 -39.62 -14.53
N LEU A 3851 38.24 -38.99 -14.08
CA LEU A 3851 38.31 -37.85 -13.19
C LEU A 3851 38.89 -38.20 -11.83
N PRO A 3852 38.57 -39.35 -11.25
CA PRO A 3852 39.09 -39.68 -9.93
C PRO A 3852 40.59 -39.48 -9.78
N TRP A 3853 41.36 -39.83 -10.81
CA TRP A 3853 42.81 -39.77 -10.69
C TRP A 3853 43.28 -38.34 -10.50
N VAL A 3854 42.48 -37.37 -10.97
CA VAL A 3854 42.85 -35.97 -10.81
C VAL A 3854 42.86 -35.61 -9.34
N HIS A 3855 41.92 -36.16 -8.58
CA HIS A 3855 41.93 -35.89 -7.15
C HIS A 3855 43.11 -36.59 -6.51
N LEU A 3856 43.38 -37.83 -6.92
CA LEU A 3856 44.51 -38.56 -6.35
C LEU A 3856 45.81 -37.84 -6.63
N ALA A 3857 46.00 -37.38 -7.86
CA ALA A 3857 47.21 -36.65 -8.17
C ALA A 3857 47.29 -35.42 -7.31
N TYR A 3858 46.17 -34.71 -7.15
CA TYR A 3858 46.20 -33.53 -6.30
C TYR A 3858 46.57 -33.92 -4.89
N GLN A 3859 46.04 -35.03 -4.40
CA GLN A 3859 46.33 -35.41 -3.03
C GLN A 3859 47.79 -35.82 -2.90
N ARG A 3860 48.34 -36.45 -3.94
CA ARG A 3860 49.72 -36.91 -3.89
C ARG A 3860 50.72 -35.80 -4.14
N PHE A 3861 50.38 -34.85 -5.02
CA PHE A 3861 51.27 -33.77 -5.44
C PHE A 3861 50.74 -32.41 -4.99
N ARG A 3862 49.99 -32.38 -3.89
CA ARG A 3862 49.42 -31.14 -3.39
C ARG A 3862 50.51 -30.12 -3.09
N SER A 3863 51.50 -30.51 -2.29
CA SER A 3863 52.50 -29.55 -1.83
C SER A 3863 53.30 -28.97 -2.99
N ARG A 3864 53.65 -29.81 -3.95
CA ARG A 3864 54.42 -29.35 -5.10
C ARG A 3864 53.66 -28.25 -5.85
N LEU A 3865 52.35 -28.45 -6.05
CA LEU A 3865 51.57 -27.48 -6.80
C LEU A 3865 51.36 -26.20 -6.01
N GLN A 3866 51.06 -26.32 -4.71
CA GLN A 3866 50.92 -25.13 -3.88
C GLN A 3866 52.22 -24.34 -3.85
N ASN A 3867 53.36 -25.03 -3.75
CA ASN A 3867 54.65 -24.36 -3.78
C ASN A 3867 54.86 -23.63 -5.11
N PHE A 3868 54.46 -24.26 -6.22
CA PHE A 3868 54.58 -23.59 -7.51
C PHE A 3868 53.73 -22.33 -7.56
N SER A 3869 52.52 -22.41 -7.01
CA SER A 3869 51.65 -21.23 -6.97
C SER A 3869 52.27 -20.13 -6.13
N ARG A 3870 52.79 -20.49 -4.96
CA ARG A 3870 53.49 -19.52 -4.12
C ARG A 3870 54.64 -18.87 -4.88
N ILE A 3871 55.42 -19.68 -5.59
CA ILE A 3871 56.56 -19.15 -6.34
C ILE A 3871 56.08 -18.10 -7.33
N LEU A 3872 55.03 -18.42 -8.08
CA LEU A 3872 54.57 -17.48 -9.09
C LEU A 3872 53.98 -16.23 -8.46
N THR A 3873 53.34 -16.36 -7.30
CA THR A 3873 52.86 -15.20 -6.57
C THR A 3873 54.02 -14.29 -6.16
N ILE A 3874 55.10 -14.88 -5.66
CA ILE A 3874 56.26 -14.10 -5.26
C ILE A 3874 56.91 -13.45 -6.46
N TYR A 3875 57.08 -14.19 -7.55
CA TYR A 3875 57.82 -13.70 -8.72
C TYR A 3875 57.03 -14.08 -9.98
N PRO A 3876 55.92 -13.38 -10.23
CA PRO A 3876 55.10 -13.68 -11.42
C PRO A 3876 55.89 -13.69 -12.71
N GLN A 3877 56.94 -12.85 -12.81
CA GLN A 3877 57.73 -12.81 -14.03
C GLN A 3877 58.17 -14.19 -14.48
N VAL A 3878 58.24 -15.16 -13.57
CA VAL A 3878 58.70 -16.50 -13.92
C VAL A 3878 57.87 -17.07 -15.05
N LEU A 3879 56.60 -16.66 -15.16
CA LEU A 3879 55.76 -17.18 -16.22
C LEU A 3879 56.41 -16.96 -17.57
N HIS A 3880 56.89 -15.74 -17.81
CA HIS A 3880 57.51 -15.43 -19.10
C HIS A 3880 58.75 -16.27 -19.30
N SER A 3881 59.43 -16.65 -18.22
CA SER A 3881 60.64 -17.45 -18.35
C SER A 3881 60.30 -18.89 -18.68
N LEU A 3882 59.13 -19.37 -18.24
CA LEU A 3882 58.70 -20.71 -18.60
C LEU A 3882 58.35 -20.78 -20.08
N MET A 3883 57.76 -19.71 -20.62
CA MET A 3883 57.35 -19.68 -22.01
C MET A 3883 58.46 -19.14 -22.89
N CYS A 3894 53.68 -36.73 -18.56
CA CYS A 3894 54.34 -37.99 -18.22
C CYS A 3894 55.08 -37.89 -16.90
N GLU A 3895 55.33 -36.65 -16.45
CA GLU A 3895 56.06 -36.43 -15.21
C GLU A 3895 55.88 -34.99 -14.79
N MET A 3896 55.82 -34.77 -13.48
CA MET A 3896 55.61 -33.45 -12.90
C MET A 3896 56.96 -32.74 -12.78
N THR A 3897 57.14 -31.65 -13.52
CA THR A 3897 58.42 -30.94 -13.55
C THR A 3897 58.29 -29.43 -13.49
N LEU A 3898 57.08 -28.88 -13.45
CA LEU A 3898 56.95 -27.43 -13.53
C LEU A 3898 57.51 -26.72 -12.30
N ASP A 3899 57.42 -27.34 -11.12
CA ASP A 3899 58.00 -26.72 -9.93
C ASP A 3899 59.51 -26.55 -10.07
N ALA A 3900 60.20 -27.57 -10.56
CA ALA A 3900 61.65 -27.48 -10.71
C ALA A 3900 62.03 -26.44 -11.76
N PHE A 3901 61.24 -26.35 -12.84
CA PHE A 3901 61.54 -25.37 -13.87
C PHE A 3901 61.28 -23.96 -13.36
N ALA A 3902 60.24 -23.80 -12.54
CA ALA A 3902 60.00 -22.52 -11.89
C ALA A 3902 61.17 -22.14 -10.99
N ALA A 3903 61.67 -23.11 -10.22
CA ALA A 3903 62.82 -22.84 -9.36
C ALA A 3903 64.04 -22.42 -10.16
N MET A 3904 64.29 -23.11 -11.28
CA MET A 3904 65.45 -22.77 -12.10
C MET A 3904 65.28 -21.37 -12.69
N ALA A 3905 64.07 -21.05 -13.13
CA ALA A 3905 63.79 -19.73 -13.66
C ALA A 3905 64.06 -18.67 -12.61
N CYS A 3906 63.59 -18.91 -11.38
CA CYS A 3906 63.80 -17.95 -10.31
C CYS A 3906 65.29 -17.74 -10.04
N THR A 3907 66.04 -18.83 -9.88
CA THR A 3907 67.46 -18.69 -9.61
C THR A 3907 68.18 -17.96 -10.74
N GLU A 3908 67.64 -18.04 -11.96
CA GLU A 3908 68.26 -17.30 -13.05
C GLU A 3908 67.84 -15.83 -13.05
N MET A 3909 66.56 -15.57 -12.80
CA MET A 3909 66.02 -14.22 -12.62
C MET A 3909 66.31 -13.66 -11.25
N LEU A 3910 67.31 -14.21 -10.61
CA LEU A 3910 67.93 -13.66 -9.42
C LEU A 3910 69.43 -13.53 -9.62
N THR A 3911 70.05 -14.46 -10.35
CA THR A 3911 71.46 -14.32 -10.66
C THR A 3911 71.68 -13.23 -11.68
N ARG A 3912 70.69 -12.96 -12.52
CA ARG A 3912 70.77 -11.86 -13.48
C ARG A 3912 70.31 -10.55 -12.85
N ASN A 3913 69.32 -10.61 -11.97
CA ASN A 3913 68.77 -9.45 -11.31
C ASN A 3913 69.42 -9.19 -9.97
N THR A 3914 70.71 -9.47 -9.86
CA THR A 3914 71.43 -9.34 -8.61
C THR A 3914 71.46 -7.88 -8.16
N LEU A 3915 70.86 -7.61 -7.01
CA LEU A 3915 70.81 -6.28 -6.40
C LEU A 3915 69.92 -5.31 -7.16
N LYS A 3916 68.99 -5.80 -7.96
CA LYS A 3916 68.01 -4.97 -8.60
C LYS A 3916 66.61 -5.34 -8.11
N PRO A 3917 65.73 -4.36 -7.87
CA PRO A 3917 65.91 -2.91 -8.07
C PRO A 3917 66.86 -2.28 -7.07
N SER A 3918 66.82 -2.74 -5.83
CA SER A 3918 67.70 -2.25 -4.78
C SER A 3918 68.15 -3.43 -3.93
N PRO A 3919 69.35 -3.35 -3.35
CA PRO A 3919 69.85 -4.47 -2.54
C PRO A 3919 68.85 -5.04 -1.58
N GLN A 3920 68.00 -4.20 -0.98
CA GLN A 3920 67.07 -4.72 0.01
C GLN A 3920 65.95 -5.48 -0.68
N ALA A 3921 65.57 -5.09 -1.89
CA ALA A 3921 64.46 -5.76 -2.55
C ALA A 3921 64.90 -7.08 -3.13
N TRP A 3922 66.14 -7.15 -3.60
CA TRP A 3922 66.69 -8.40 -4.06
C TRP A 3922 66.92 -9.34 -2.89
N LEU A 3923 67.58 -8.86 -1.84
CA LEU A 3923 67.76 -9.68 -0.65
C LEU A 3923 66.42 -10.21 -0.14
N GLN A 3924 65.39 -9.37 -0.15
CA GLN A 3924 64.11 -9.78 0.41
C GLN A 3924 63.42 -10.77 -0.51
N LEU A 3925 63.68 -10.67 -1.82
CA LEU A 3925 63.10 -11.63 -2.75
C LEU A 3925 63.78 -12.98 -2.60
N VAL A 3926 65.11 -12.97 -2.61
CA VAL A 3926 65.89 -14.15 -2.29
C VAL A 3926 65.34 -14.81 -1.04
N LYS A 3927 65.20 -14.03 0.04
CA LYS A 3927 64.74 -14.58 1.31
C LYS A 3927 63.37 -15.21 1.18
N ASN A 3928 62.42 -14.52 0.55
CA ASN A 3928 61.07 -15.06 0.41
C ASN A 3928 61.10 -16.37 -0.38
N LEU A 3929 61.86 -16.40 -1.46
CA LEU A 3929 61.95 -17.61 -2.28
C LEU A 3929 62.68 -18.74 -1.59
N SER A 3930 63.54 -18.43 -0.61
CA SER A 3930 64.34 -19.47 0.03
C SER A 3930 63.49 -20.66 0.45
N MET A 3931 62.39 -20.39 1.13
CA MET A 3931 61.56 -21.48 1.65
C MET A 3931 61.06 -22.38 0.53
N PRO A 3932 60.35 -21.88 -0.49
CA PRO A 3932 59.94 -22.76 -1.58
C PRO A 3932 61.08 -23.37 -2.38
N LEU A 3933 62.16 -22.62 -2.63
CA LEU A 3933 63.29 -23.18 -3.35
C LEU A 3933 63.97 -24.28 -2.55
N GLU A 3934 64.09 -24.09 -1.23
CA GLU A 3934 64.73 -25.13 -0.42
C GLU A 3934 63.81 -26.34 -0.29
N LEU A 3935 62.50 -26.12 -0.29
CA LEU A 3935 61.56 -27.23 -0.37
C LEU A 3935 61.79 -28.03 -1.65
N ILE A 3936 61.91 -27.33 -2.78
CA ILE A 3936 62.10 -28.01 -4.05
C ILE A 3936 63.44 -28.73 -4.08
N CYS A 3937 64.43 -28.19 -3.38
CA CYS A 3937 65.74 -28.82 -3.28
C CYS A 3937 65.80 -29.86 -2.17
N SER A 3938 64.66 -30.23 -1.61
CA SER A 3938 64.58 -31.23 -0.56
C SER A 3938 64.29 -32.59 -1.19
N ASP A 3939 65.05 -33.60 -0.78
CA ASP A 3939 64.87 -34.93 -1.36
C ASP A 3939 63.53 -35.53 -0.95
N GLU A 3940 63.10 -35.29 0.29
CA GLU A 3940 61.82 -35.82 0.74
C GLU A 3940 60.66 -35.13 0.01
N HIS A 3941 60.77 -33.83 -0.22
CA HIS A 3941 59.72 -33.10 -0.93
C HIS A 3941 59.53 -33.65 -2.35
N MET A 3942 60.59 -34.15 -2.96
CA MET A 3942 60.57 -34.61 -4.34
C MET A 3942 60.71 -36.13 -4.43
N GLN A 3943 60.09 -36.84 -3.48
CA GLN A 3943 60.10 -38.29 -3.52
C GLN A 3943 59.35 -38.79 -4.74
N GLY A 3944 59.97 -39.69 -5.48
CA GLY A 3944 59.41 -40.19 -6.72
C GLY A 3944 59.68 -39.32 -7.92
N SER A 3945 60.39 -38.20 -7.75
CA SER A 3945 60.73 -37.36 -8.88
C SER A 3945 61.48 -38.16 -9.93
N GLY A 3946 61.18 -37.89 -11.20
CA GLY A 3946 61.84 -38.58 -12.29
C GLY A 3946 63.26 -38.08 -12.48
N SER A 3947 63.84 -38.52 -13.60
CA SER A 3947 65.23 -38.17 -13.88
C SER A 3947 65.36 -36.72 -14.33
N LEU A 3948 64.36 -36.18 -15.01
CA LEU A 3948 64.41 -34.78 -15.41
C LEU A 3948 64.30 -33.86 -14.21
N ALA A 3949 63.36 -34.13 -13.30
CA ALA A 3949 63.24 -33.30 -12.10
C ALA A 3949 64.50 -33.39 -11.25
N GLN A 3950 65.06 -34.59 -11.08
CA GLN A 3950 66.30 -34.72 -10.34
C GLN A 3950 67.43 -33.97 -11.00
N ALA A 3951 67.51 -34.03 -12.33
CA ALA A 3951 68.59 -33.36 -13.04
C ALA A 3951 68.45 -31.85 -12.89
N VAL A 3952 67.22 -31.35 -12.91
CA VAL A 3952 66.99 -29.93 -12.71
C VAL A 3952 67.42 -29.51 -11.31
N ILE A 3953 66.97 -30.26 -10.31
CA ILE A 3953 67.22 -29.90 -8.92
C ILE A 3953 68.72 -29.96 -8.62
N ARG A 3954 69.44 -30.88 -9.26
CA ARG A 3954 70.88 -30.96 -9.07
C ARG A 3954 71.53 -29.61 -9.32
N GLU A 3955 71.10 -28.90 -10.37
CA GLU A 3955 71.69 -27.62 -10.69
C GLU A 3955 71.04 -26.50 -9.90
N VAL A 3956 69.73 -26.61 -9.65
CA VAL A 3956 69.05 -25.64 -8.82
C VAL A 3956 69.70 -25.54 -7.45
N ARG A 3957 70.28 -26.64 -6.97
CA ARG A 3957 70.91 -26.59 -5.64
C ARG A 3957 72.20 -25.81 -5.68
N ALA A 3958 73.01 -25.99 -6.72
CA ALA A 3958 74.22 -25.19 -6.86
C ALA A 3958 73.86 -23.71 -6.97
N GLN A 3959 72.86 -23.41 -7.80
CA GLN A 3959 72.46 -22.03 -7.99
C GLN A 3959 71.94 -21.44 -6.69
N TRP A 3960 71.13 -22.19 -5.95
CA TRP A 3960 70.54 -21.66 -4.73
C TRP A 3960 71.61 -21.45 -3.66
N SER A 3961 72.51 -22.41 -3.50
CA SER A 3961 73.59 -22.24 -2.53
C SER A 3961 74.40 -20.99 -2.85
N ARG A 3962 74.65 -20.75 -4.14
CA ARG A 3962 75.40 -19.57 -4.52
C ARG A 3962 74.62 -18.30 -4.22
N ILE A 3963 73.33 -18.30 -4.57
CA ILE A 3963 72.50 -17.14 -4.35
C ILE A 3963 72.39 -16.84 -2.87
N PHE A 3964 72.33 -17.87 -2.03
CA PHE A 3964 72.20 -17.67 -0.60
C PHE A 3964 73.50 -17.15 0.00
N SER A 3965 74.64 -17.70 -0.43
CA SER A 3965 75.92 -17.15 0.00
C SER A 3965 75.99 -15.67 -0.30
N THR A 3966 75.60 -15.29 -1.53
CA THR A 3966 75.66 -13.89 -1.93
C THR A 3966 74.65 -13.06 -1.14
N ALA A 3967 73.47 -13.61 -0.88
CA ALA A 3967 72.47 -12.89 -0.10
C ALA A 3967 72.96 -12.61 1.31
N LEU A 3968 73.59 -13.59 1.94
CA LEU A 3968 74.14 -13.37 3.27
C LEU A 3968 75.28 -12.35 3.22
N PHE A 3969 76.10 -12.39 2.18
CA PHE A 3969 77.17 -11.40 2.07
C PHE A 3969 76.57 -10.00 1.96
N VAL A 3970 75.51 -9.85 1.18
CA VAL A 3970 74.82 -8.57 1.11
C VAL A 3970 74.30 -8.18 2.48
N GLU A 3971 73.44 -9.03 3.05
CA GLU A 3971 72.75 -8.71 4.29
C GLU A 3971 73.71 -8.27 5.38
N HIS A 3972 74.88 -8.91 5.45
CA HIS A 3972 75.76 -8.63 6.57
C HIS A 3972 76.79 -7.55 6.24
N VAL A 3973 77.50 -7.68 5.12
CA VAL A 3973 78.57 -6.74 4.83
C VAL A 3973 78.07 -5.49 4.10
N LEU A 3974 77.19 -5.64 3.11
CA LEU A 3974 76.76 -4.49 2.33
C LEU A 3974 75.85 -3.58 3.14
N LEU A 3975 74.67 -4.07 3.53
CA LEU A 3975 73.72 -3.22 4.24
C LEU A 3975 74.36 -2.58 5.45
N GLY A 3976 75.03 -3.37 6.29
CA GLY A 3976 75.74 -2.79 7.42
C GLY A 3976 76.75 -1.74 7.00
N THR A 3977 77.52 -2.02 5.95
CA THR A 3977 78.44 -1.03 5.42
C THR A 3977 77.74 0.28 5.11
N GLU A 3978 76.49 0.20 4.66
CA GLU A 3978 75.80 1.41 4.23
C GLU A 3978 75.73 2.40 5.37
N SER A 3979 75.09 2.01 6.46
CA SER A 3979 74.93 2.89 7.60
C SER A 3979 76.28 3.16 8.28
N ARG A 3980 76.99 2.09 8.65
CA ARG A 3980 78.15 2.25 9.50
C ARG A 3980 79.35 2.83 8.75
N VAL A 3981 79.63 2.34 7.54
CA VAL A 3981 80.87 2.69 6.85
C VAL A 3981 80.59 2.94 5.37
N PRO A 3982 79.73 3.89 5.04
CA PRO A 3982 79.31 4.05 3.63
C PRO A 3982 80.46 4.29 2.67
N GLU A 3983 81.63 4.73 3.16
CA GLU A 3983 82.76 4.93 2.26
C GLU A 3983 83.11 3.67 1.51
N LEU A 3984 82.73 2.52 2.06
CA LEU A 3984 83.09 1.22 1.52
C LEU A 3984 81.95 0.58 0.74
N GLN A 3985 80.75 1.17 0.80
CA GLN A 3985 79.57 0.52 0.23
C GLN A 3985 79.75 0.16 -1.24
N GLY A 3986 80.48 0.96 -2.01
CA GLY A 3986 80.71 0.60 -3.39
C GLY A 3986 81.64 -0.58 -3.53
N LEU A 3987 82.70 -0.63 -2.73
CA LEU A 3987 83.65 -1.72 -2.83
C LEU A 3987 83.01 -3.04 -2.45
N VAL A 3988 82.21 -3.04 -1.39
CA VAL A 3988 81.53 -4.26 -1.01
C VAL A 3988 80.56 -4.67 -2.09
N THR A 3989 79.96 -3.69 -2.78
CA THR A 3989 79.07 -4.02 -3.86
C THR A 3989 79.82 -4.82 -4.92
N GLU A 3990 81.01 -4.37 -5.29
CA GLU A 3990 81.78 -5.10 -6.27
C GLU A 3990 82.08 -6.51 -5.79
N HIS A 3991 82.46 -6.64 -4.52
CA HIS A 3991 82.84 -7.98 -4.07
C HIS A 3991 81.65 -8.89 -3.95
N VAL A 3992 80.44 -8.33 -3.85
CA VAL A 3992 79.26 -9.17 -3.93
C VAL A 3992 79.29 -10.00 -5.19
N PHE A 3993 79.51 -9.36 -6.33
CA PHE A 3993 79.46 -10.13 -7.56
C PHE A 3993 80.65 -11.07 -7.67
N LEU A 3994 81.79 -10.70 -7.06
CA LEU A 3994 82.91 -11.61 -7.14
C LEU A 3994 82.63 -12.86 -6.34
N LEU A 3995 81.84 -12.74 -5.30
CA LEU A 3995 81.46 -13.94 -4.55
C LEU A 3995 80.60 -14.82 -5.43
N ASP A 3996 79.61 -14.23 -6.09
CA ASP A 3996 78.76 -15.02 -6.96
C ASP A 3996 79.60 -15.78 -7.97
N LYS A 3997 80.68 -15.17 -8.44
CA LYS A 3997 81.46 -15.83 -9.47
C LYS A 3997 82.36 -16.92 -8.92
N CYS A 3998 82.84 -16.80 -7.68
CA CYS A 3998 83.69 -17.85 -7.15
C CYS A 3998 82.88 -19.09 -6.79
N LEU A 3999 81.59 -18.93 -6.55
CA LEU A 3999 80.70 -20.04 -6.31
C LEU A 3999 80.06 -20.58 -7.57
N ARG A 4000 80.16 -19.85 -8.69
CA ARG A 4000 79.40 -20.17 -9.89
C ARG A 4000 79.57 -21.62 -10.29
N GLU A 4001 80.81 -22.00 -10.62
CA GLU A 4001 81.04 -23.35 -11.14
C GLU A 4001 80.60 -24.41 -10.13
N ASN A 4002 81.24 -24.44 -8.96
CA ASN A 4002 80.93 -25.39 -7.91
C ASN A 4002 80.58 -24.58 -6.66
N SER A 4003 79.29 -24.51 -6.34
CA SER A 4003 78.80 -23.72 -5.22
C SER A 4003 78.52 -24.57 -3.99
N ASP A 4004 79.05 -25.78 -3.93
CA ASP A 4004 78.90 -26.63 -2.75
C ASP A 4004 80.05 -26.30 -1.81
N VAL A 4005 79.83 -25.33 -0.93
CA VAL A 4005 80.89 -24.89 -0.04
C VAL A 4005 81.20 -25.92 1.03
N LYS A 4006 80.38 -26.96 1.15
CA LYS A 4006 80.74 -28.11 1.97
C LYS A 4006 82.00 -28.78 1.48
N THR A 4007 82.47 -28.46 0.29
CA THR A 4007 83.73 -28.94 -0.24
C THR A 4007 84.84 -27.94 0.07
N HIS A 4008 86.04 -28.25 -0.38
CA HIS A 4008 87.22 -27.48 -0.01
C HIS A 4008 87.40 -26.24 -0.87
N GLY A 4009 87.28 -26.39 -2.19
CA GLY A 4009 87.55 -25.33 -3.12
C GLY A 4009 86.71 -24.09 -2.92
N PRO A 4010 85.38 -24.25 -2.92
CA PRO A 4010 84.51 -23.09 -2.66
C PRO A 4010 84.73 -22.44 -1.31
N PHE A 4011 84.98 -23.23 -0.27
CA PHE A 4011 85.17 -22.66 1.06
C PHE A 4011 86.45 -21.83 1.11
N GLU A 4012 87.53 -22.37 0.56
CA GLU A 4012 88.78 -21.63 0.50
C GLU A 4012 88.62 -20.39 -0.38
N ALA A 4013 87.84 -20.49 -1.45
CA ALA A 4013 87.64 -19.35 -2.33
C ALA A 4013 86.87 -18.24 -1.63
N VAL A 4014 85.81 -18.58 -0.92
CA VAL A 4014 85.08 -17.59 -0.14
C VAL A 4014 86.00 -16.93 0.87
N MET A 4015 86.86 -17.72 1.50
CA MET A 4015 87.75 -17.15 2.50
C MET A 4015 88.74 -16.19 1.85
N ARG A 4016 89.33 -16.59 0.72
CA ARG A 4016 90.22 -15.71 -0.02
C ARG A 4016 89.52 -14.41 -0.38
N THR A 4017 88.24 -14.50 -0.79
CA THR A 4017 87.50 -13.33 -1.19
C THR A 4017 87.26 -12.41 -0.01
N LEU A 4018 86.95 -12.98 1.15
CA LEU A 4018 86.65 -12.17 2.31
C LEU A 4018 87.90 -11.52 2.85
N CYS A 4019 89.05 -12.20 2.74
CA CYS A 4019 90.30 -11.60 3.16
C CYS A 4019 90.71 -10.47 2.22
N GLU A 4020 90.51 -10.66 0.91
CA GLU A 4020 90.84 -9.59 -0.01
C GLU A 4020 89.92 -8.39 0.20
N CYS A 4021 88.66 -8.64 0.53
CA CYS A 4021 87.75 -7.54 0.79
C CYS A 4021 88.16 -6.78 2.04
N LYS A 4022 88.55 -7.51 3.09
CA LYS A 4022 88.96 -6.84 4.32
C LYS A 4022 90.24 -6.03 4.11
N GLU A 4023 91.23 -6.62 3.42
CA GLU A 4023 92.46 -5.89 3.16
C GLU A 4023 92.18 -4.62 2.36
N THR A 4024 91.36 -4.72 1.31
CA THR A 4024 91.07 -3.54 0.51
C THR A 4024 90.31 -2.49 1.32
N ALA A 4025 89.37 -2.92 2.17
CA ALA A 4025 88.67 -1.97 3.02
C ALA A 4025 89.63 -1.29 3.99
N SER A 4026 90.60 -2.03 4.51
CA SER A 4026 91.59 -1.45 5.39
C SER A 4026 92.41 -0.40 4.67
N LYS A 4027 92.77 -0.67 3.42
CA LYS A 4027 93.52 0.31 2.64
C LYS A 4027 92.66 1.53 2.30
N THR A 4028 91.36 1.33 2.17
CA THR A 4028 90.47 2.45 1.88
C THR A 4028 90.31 3.36 3.09
N LEU A 4029 90.04 2.78 4.25
CA LEU A 4029 89.77 3.59 5.44
C LEU A 4029 90.97 4.42 5.85
N SER A 4030 92.17 4.02 5.42
CA SER A 4030 93.38 4.79 5.71
C SER A 4030 94.43 4.37 4.70
N ARG A 4031 94.87 5.32 3.86
CA ARG A 4031 95.84 4.96 2.83
C ARG A 4031 97.20 4.62 3.40
N PHE A 4032 97.45 4.90 4.68
CA PHE A 4032 98.51 4.23 5.41
C PHE A 4032 98.02 2.92 6.02
N GLY A 4033 96.85 2.46 5.61
CA GLY A 4033 96.35 1.20 6.08
C GLY A 4033 95.97 1.27 7.54
N ILE A 4034 95.73 0.08 8.09
CA ILE A 4034 95.45 -0.09 9.51
C ILE A 4034 96.27 -1.27 10.00
N GLN A 4035 97.15 -1.02 10.96
CA GLN A 4035 97.94 -2.07 11.57
C GLN A 4035 97.78 -2.02 13.07
N PRO A 4036 97.91 -3.16 13.74
CA PRO A 4036 97.67 -3.19 15.18
C PRO A 4036 98.83 -2.59 15.96
N CYS A 4037 98.51 -2.23 17.20
CA CYS A 4037 99.52 -1.67 18.09
C CYS A 4037 100.70 -2.62 18.23
N SER A 4038 101.87 -2.18 17.80
CA SER A 4038 103.07 -2.99 17.86
C SER A 4038 103.48 -3.30 19.30
N ILE A 4039 102.74 -2.78 20.28
CA ILE A 4039 103.00 -3.09 21.67
C ILE A 4039 102.06 -4.22 22.10
N CYS A 4040 100.76 -3.99 22.02
CA CYS A 4040 99.77 -4.97 22.43
C CYS A 4040 99.33 -5.89 21.30
N LEU A 4041 99.75 -5.61 20.08
CA LEU A 4041 99.43 -6.39 18.88
C LEU A 4041 97.94 -6.48 18.60
N GLY A 4042 97.10 -5.72 19.33
CA GLY A 4042 95.75 -5.45 18.93
C GLY A 4042 95.68 -4.11 18.20
N ASP A 4043 94.48 -3.79 17.73
CA ASP A 4043 94.29 -2.48 17.12
C ASP A 4043 94.32 -1.40 18.18
N ALA A 4044 94.92 -0.27 17.84
CA ALA A 4044 95.38 0.72 18.82
C ALA A 4044 94.21 1.47 19.43
N LYS A 4045 93.60 0.88 20.46
CA LYS A 4045 92.66 1.60 21.29
C LYS A 4045 93.27 2.94 21.73
N ASP A 4046 92.48 4.00 21.62
CA ASP A 4046 93.00 5.34 21.83
C ASP A 4046 94.25 5.54 20.98
N PRO A 4047 94.10 5.65 19.66
CA PRO A 4047 95.27 5.65 18.78
C PRO A 4047 96.15 6.87 18.98
N VAL A 4048 97.45 6.63 18.95
CA VAL A 4048 98.46 7.67 19.04
C VAL A 4048 99.37 7.53 17.83
N CYS A 4049 99.22 8.41 16.86
CA CYS A 4049 100.12 8.42 15.72
C CYS A 4049 101.34 9.29 16.00
N LEU A 4050 102.29 9.25 15.09
CA LEU A 4050 103.59 9.85 15.30
C LEU A 4050 104.15 10.40 14.00
N PRO A 4051 105.31 11.08 14.02
CA PRO A 4051 105.92 11.55 12.78
C PRO A 4051 106.34 10.42 11.85
N CYS A 4052 106.23 9.16 12.27
CA CYS A 4052 106.48 8.02 11.41
C CYS A 4052 105.19 7.28 11.06
N ASP A 4053 104.05 7.74 11.59
CA ASP A 4053 102.70 7.29 11.26
C ASP A 4053 102.36 5.92 11.81
N HIS A 4054 103.29 5.22 12.46
CA HIS A 4054 102.93 4.00 13.15
C HIS A 4054 102.02 4.31 14.32
N VAL A 4055 101.05 3.44 14.55
CA VAL A 4055 99.95 3.67 15.47
C VAL A 4055 100.18 2.88 16.75
N HIS A 4056 99.87 3.49 17.88
CA HIS A 4056 99.92 2.83 19.17
C HIS A 4056 98.82 3.40 20.06
N CYS A 4057 98.63 2.75 21.19
CA CYS A 4057 97.65 3.19 22.17
C CYS A 4057 98.27 4.20 23.13
N LEU A 4058 97.43 5.07 23.69
CA LEU A 4058 97.90 5.99 24.71
C LEU A 4058 98.34 5.23 25.96
N ARG A 4059 97.48 4.35 26.48
CA ARG A 4059 97.85 3.60 27.69
C ARG A 4059 99.12 2.79 27.45
N CYS A 4060 99.30 2.27 26.24
CA CYS A 4060 100.51 1.52 25.94
C CYS A 4060 101.71 2.45 25.91
N LEU A 4061 101.53 3.68 25.43
CA LEU A 4061 102.62 4.65 25.42
C LEU A 4061 102.94 5.16 26.82
N ARG A 4062 101.93 5.22 27.69
CA ARG A 4062 102.18 5.54 29.10
C ARG A 4062 103.06 4.49 29.72
N ALA A 4063 102.67 3.21 29.58
CA ALA A 4063 103.51 2.14 30.12
C ALA A 4063 104.88 2.13 29.45
N TRP A 4064 104.93 2.50 28.16
CA TRP A 4064 106.18 2.51 27.40
C TRP A 4064 107.13 3.62 27.83
N PHE A 4065 106.59 4.73 28.29
CA PHE A 4065 107.34 5.96 28.49
C PHE A 4065 108.31 5.89 29.66
N ALA A 4066 108.62 4.69 30.14
CA ALA A 4066 109.39 4.50 31.36
C ALA A 4066 110.61 5.40 31.43
N SER A 4067 111.59 5.16 30.57
CA SER A 4067 112.77 6.01 30.52
C SER A 4067 113.67 5.56 29.38
N GLU A 4068 114.23 6.53 28.66
CA GLU A 4068 115.22 6.24 27.62
C GLU A 4068 114.62 5.37 26.51
N GLN A 4069 113.34 5.06 26.60
CA GLN A 4069 112.70 4.14 25.67
C GLN A 4069 111.32 4.64 25.30
N MET A 4070 111.19 5.94 25.10
CA MET A 4070 109.99 6.48 24.49
C MET A 4070 110.01 6.34 22.97
N ILE A 4071 111.17 6.03 22.39
CA ILE A 4071 111.28 5.93 20.94
C ILE A 4071 110.65 4.63 20.47
N CYS A 4072 109.81 4.74 19.45
CA CYS A 4072 108.94 3.63 19.09
C CYS A 4072 109.76 2.35 18.88
N PRO A 4073 109.23 1.19 19.26
CA PRO A 4073 109.96 -0.05 19.02
C PRO A 4073 109.89 -0.48 17.57
N TYR A 4074 108.69 -0.36 17.01
CA TYR A 4074 108.43 -0.83 15.66
C TYR A 4074 109.30 -0.12 14.64
N CYS A 4075 109.94 0.98 15.01
CA CYS A 4075 110.69 1.80 14.06
C CYS A 4075 112.05 2.29 14.53
N LEU A 4076 112.30 2.37 15.85
CA LEU A 4076 113.50 3.00 16.38
C LEU A 4076 113.75 4.36 15.72
N THR A 4077 112.75 5.23 15.88
CA THR A 4077 112.86 6.61 15.40
C THR A 4077 113.68 7.45 16.36
N ALA A 4078 114.39 8.42 15.80
CA ALA A 4078 115.08 9.42 16.60
C ALA A 4078 114.05 10.36 17.21
N LEU A 4079 113.91 10.31 18.54
CA LEU A 4079 112.88 11.06 19.23
C LEU A 4079 113.41 12.41 19.66
N PRO A 4080 112.77 13.53 19.30
CA PRO A 4080 112.99 14.75 20.06
C PRO A 4080 112.38 14.62 21.45
N ASP A 4081 113.22 14.51 22.46
CA ASP A 4081 112.75 14.07 23.78
C ASP A 4081 111.57 14.89 24.28
N GLU A 4082 111.43 16.14 23.80
CA GLU A 4082 110.32 16.97 24.24
C GLU A 4082 108.97 16.47 23.75
N PHE A 4083 108.94 15.50 22.84
CA PHE A 4083 107.67 15.06 22.29
C PHE A 4083 106.76 14.52 23.40
N SER A 4084 105.47 14.86 23.30
CA SER A 4084 104.48 14.34 24.20
C SER A 4084 103.24 14.03 23.37
N PRO A 4085 102.72 12.81 23.43
CA PRO A 4085 101.71 12.38 22.44
C PRO A 4085 100.30 12.82 22.76
N ALA A 4086 99.36 12.35 21.94
CA ALA A 4086 97.94 12.65 22.09
C ALA A 4086 97.16 11.74 21.14
N VAL A 4087 95.85 11.91 21.11
CA VAL A 4087 94.98 11.08 20.29
C VAL A 4087 94.74 11.76 18.94
N SER A 4088 95.00 11.03 17.86
CA SER A 4088 94.73 11.49 16.50
C SER A 4088 93.39 10.91 16.05
N GLN A 4089 92.39 11.79 15.91
CA GLN A 4089 91.02 11.33 15.68
C GLN A 4089 90.91 10.48 14.43
N ALA A 4090 91.58 10.90 13.35
CA ALA A 4090 91.42 10.24 12.07
C ALA A 4090 91.62 8.73 12.19
N HIS A 4091 92.58 8.32 13.02
CA HIS A 4091 92.86 6.91 13.10
C HIS A 4091 91.87 6.20 14.00
N ARG A 4092 91.34 6.87 15.02
CA ARG A 4092 90.36 6.20 15.86
C ARG A 4092 89.09 5.94 15.05
N GLU A 4093 88.69 6.90 14.22
CA GLU A 4093 87.53 6.66 13.36
C GLU A 4093 87.83 5.57 12.35
N ALA A 4094 89.03 5.58 11.75
CA ALA A 4094 89.37 4.54 10.80
C ALA A 4094 89.30 3.16 11.45
N ILE A 4095 89.91 3.01 12.62
CA ILE A 4095 89.91 1.74 13.33
C ILE A 4095 88.50 1.33 13.68
N GLU A 4096 87.65 2.28 14.06
CA GLU A 4096 86.27 1.94 14.38
C GLU A 4096 85.58 1.40 13.14
N LYS A 4097 85.90 1.96 11.98
CA LYS A 4097 85.28 1.53 10.75
C LYS A 4097 85.73 0.12 10.39
N HIS A 4098 87.03 -0.12 10.52
CA HIS A 4098 87.57 -1.45 10.21
C HIS A 4098 87.11 -2.51 11.19
N ALA A 4099 86.87 -2.13 12.45
CA ALA A 4099 86.34 -3.09 13.41
C ALA A 4099 84.89 -3.43 13.10
N ARG A 4100 84.10 -2.45 12.65
CA ARG A 4100 82.74 -2.76 12.23
C ARG A 4100 82.76 -3.64 11.00
N PHE A 4101 83.69 -3.38 10.08
CA PHE A 4101 83.82 -4.20 8.88
C PHE A 4101 84.19 -5.63 9.25
N ARG A 4102 85.22 -5.81 10.07
CA ARG A 4102 85.63 -7.14 10.49
C ARG A 4102 84.49 -7.86 11.19
N GLN A 4103 83.68 -7.13 11.96
CA GLN A 4103 82.59 -7.78 12.67
C GLN A 4103 81.55 -8.28 11.68
N MET A 4104 81.34 -7.51 10.61
CA MET A 4104 80.32 -7.91 9.64
C MET A 4104 80.82 -9.10 8.81
N CYS A 4105 82.07 -9.04 8.37
CA CYS A 4105 82.64 -10.17 7.62
C CYS A 4105 82.64 -11.44 8.47
N ASN A 4106 83.03 -11.34 9.75
CA ASN A 4106 82.96 -12.49 10.62
C ASN A 4106 81.54 -13.01 10.76
N SER A 4107 80.55 -12.12 10.87
CA SER A 4107 79.18 -12.59 11.01
C SER A 4107 78.74 -13.29 9.73
N PHE A 4108 79.29 -12.85 8.60
CA PHE A 4108 78.94 -13.46 7.33
C PHE A 4108 79.54 -14.85 7.24
N PHE A 4109 80.80 -14.99 7.62
CA PHE A 4109 81.45 -16.29 7.58
C PHE A 4109 80.76 -17.27 8.52
N VAL A 4110 80.38 -16.80 9.72
CA VAL A 4110 79.67 -17.65 10.66
C VAL A 4110 78.33 -18.09 10.08
N ASP A 4111 77.62 -17.18 9.43
CA ASP A 4111 76.30 -17.52 8.93
C ASP A 4111 76.39 -18.43 7.72
N LEU A 4112 77.43 -18.26 6.91
CA LEU A 4112 77.66 -19.15 5.78
C LEU A 4112 77.96 -20.56 6.28
N VAL A 4113 78.89 -20.68 7.23
CA VAL A 4113 79.21 -21.99 7.79
C VAL A 4113 77.94 -22.64 8.34
N SER A 4114 77.20 -21.92 9.16
CA SER A 4114 76.05 -22.51 9.84
C SER A 4114 74.95 -22.90 8.86
N THR A 4115 74.59 -21.99 7.96
CA THR A 4115 73.43 -22.21 7.10
C THR A 4115 73.76 -23.05 5.87
N ILE A 4116 74.91 -22.81 5.25
CA ILE A 4116 75.24 -23.47 3.99
C ILE A 4116 76.12 -24.68 4.26
N CYS A 4117 77.29 -24.45 4.84
CA CYS A 4117 78.26 -25.53 4.97
C CYS A 4117 77.73 -26.65 5.84
N PHE A 4118 77.24 -26.30 7.03
CA PHE A 4118 76.70 -27.30 7.94
C PHE A 4118 75.17 -27.33 7.84
N LYS A 4119 74.70 -27.80 6.69
CA LYS A 4119 73.28 -27.90 6.39
C LYS A 4119 72.84 -29.33 6.12
N ASP A 4120 73.58 -30.05 5.27
CA ASP A 4120 73.11 -31.30 4.71
C ASP A 4120 72.84 -32.32 5.81
N ASN A 4121 72.21 -33.42 5.41
CA ASN A 4121 72.10 -34.61 6.23
C ASN A 4121 73.32 -35.51 6.09
N ALA A 4122 74.41 -34.96 5.53
CA ALA A 4122 75.69 -35.62 5.40
C ALA A 4122 76.73 -34.63 5.87
N PRO A 4123 77.71 -35.06 6.66
CA PRO A 4123 78.65 -34.12 7.22
C PRO A 4123 79.62 -33.61 6.17
N PRO A 4124 80.05 -32.36 6.26
CA PRO A 4124 81.06 -31.86 5.33
C PRO A 4124 82.31 -32.70 5.27
N GLU A 4125 83.13 -32.45 4.25
CA GLU A 4125 84.34 -33.22 4.06
C GLU A 4125 85.30 -33.03 5.22
N LYS A 4126 86.40 -33.79 5.19
CA LYS A 4126 87.41 -33.70 6.23
C LYS A 4126 88.17 -32.38 6.15
N GLU A 4127 88.46 -31.91 4.95
CA GLU A 4127 89.33 -30.76 4.79
C GLU A 4127 88.68 -29.47 5.27
N VAL A 4128 87.36 -29.36 5.11
CA VAL A 4128 86.66 -28.16 5.56
C VAL A 4128 86.70 -28.06 7.08
N ILE A 4129 86.39 -29.17 7.76
CA ILE A 4129 86.37 -29.15 9.21
C ILE A 4129 87.77 -28.96 9.76
N GLU A 4130 88.74 -29.65 9.17
CA GLU A 4130 90.13 -29.45 9.57
C GLU A 4130 90.52 -27.99 9.44
N SER A 4131 90.09 -27.33 8.36
CA SER A 4131 90.44 -25.93 8.16
C SER A 4131 89.79 -25.05 9.21
N LEU A 4132 88.51 -25.31 9.50
CA LEU A 4132 87.83 -24.54 10.55
C LEU A 4132 88.58 -24.66 11.87
N LEU A 4133 88.91 -25.89 12.28
CA LEU A 4133 89.62 -26.07 13.53
C LEU A 4133 91.00 -25.42 13.49
N SER A 4134 91.66 -25.43 12.34
CA SER A 4134 92.95 -24.74 12.24
C SER A 4134 92.78 -23.25 12.40
N LEU A 4135 91.64 -22.71 11.96
CA LEU A 4135 91.41 -21.28 12.08
C LEU A 4135 91.12 -20.89 13.51
N LEU A 4136 90.35 -21.69 14.24
CA LEU A 4136 89.97 -21.29 15.59
C LEU A 4136 91.19 -21.07 16.47
N PHE A 4137 92.34 -21.63 16.10
CA PHE A 4137 93.57 -21.53 16.88
C PHE A 4137 94.63 -20.80 16.07
N VAL A 4138 95.25 -19.80 16.67
CA VAL A 4138 96.33 -19.05 16.06
C VAL A 4138 97.65 -19.64 16.55
N GLN A 4139 98.53 -19.97 15.61
CA GLN A 4139 99.78 -20.63 15.94
C GLN A 4139 100.94 -19.65 15.92
N GLU A 4152 99.66 -21.58 21.48
CA GLU A 4152 98.54 -21.16 20.63
C GLU A 4152 97.64 -20.19 21.36
N HIS A 4153 96.81 -19.47 20.61
CA HIS A 4153 95.82 -18.57 21.16
C HIS A 4153 94.47 -18.85 20.49
N THR A 4154 93.40 -18.76 21.27
CA THR A 4154 92.06 -18.99 20.75
C THR A 4154 91.41 -17.67 20.33
N LYS A 4155 90.45 -17.78 19.42
CA LYS A 4155 89.70 -16.64 18.95
C LYS A 4155 88.31 -17.10 18.55
N SER A 4156 87.43 -16.13 18.28
CA SER A 4156 86.11 -16.45 17.79
C SER A 4156 86.21 -17.04 16.40
N LEU A 4157 85.17 -17.77 16.00
CA LEU A 4157 85.14 -18.38 14.68
C LEU A 4157 85.32 -17.29 13.63
N SER A 4158 86.46 -17.31 12.95
CA SER A 4158 86.82 -16.22 12.06
C SER A 4158 87.97 -16.63 11.14
N PRO A 4159 88.00 -16.14 9.89
CA PRO A 4159 89.15 -16.41 9.01
C PRO A 4159 90.30 -15.44 9.18
N PHE A 4160 90.17 -14.45 10.05
CA PHE A 4160 91.13 -13.37 10.16
C PHE A 4160 92.06 -13.60 11.34
N ASN A 4161 93.35 -13.54 11.08
CA ASN A 4161 94.37 -13.62 12.14
C ASN A 4161 94.67 -12.24 12.70
N ASP A 4162 93.62 -11.52 13.10
CA ASP A 4162 93.76 -10.19 13.67
C ASP A 4162 92.85 -9.94 14.86
N VAL A 4163 92.07 -10.93 15.28
CA VAL A 4163 91.28 -10.86 16.51
C VAL A 4163 91.61 -12.09 17.33
N VAL A 4164 91.77 -11.90 18.65
CA VAL A 4164 92.20 -12.98 19.52
C VAL A 4164 91.59 -12.76 20.90
N ASP A 4165 91.21 -13.85 21.54
CA ASP A 4165 90.75 -13.81 22.92
C ASP A 4165 91.98 -13.71 23.82
N LYS A 4166 92.15 -12.57 24.49
CA LYS A 4166 93.31 -12.37 25.34
C LYS A 4166 93.48 -13.55 26.30
N THR A 4167 92.44 -13.88 27.00
CA THR A 4167 92.39 -15.11 27.77
C THR A 4167 91.93 -16.26 26.88
N PRO A 4168 92.37 -17.49 27.15
CA PRO A 4168 91.99 -18.60 26.27
C PRO A 4168 90.52 -18.99 26.42
N VAL A 4169 89.65 -18.26 25.72
CA VAL A 4169 88.22 -18.52 25.76
C VAL A 4169 87.89 -19.69 24.86
N ILE A 4170 86.96 -20.53 25.31
CA ILE A 4170 86.45 -21.66 24.55
C ILE A 4170 84.96 -21.44 24.31
N ARG A 4171 84.52 -21.62 23.08
CA ARG A 4171 83.12 -21.46 22.73
C ARG A 4171 82.65 -22.68 21.94
N SER A 4172 81.33 -22.86 21.93
CA SER A 4172 80.70 -24.11 21.57
C SER A 4172 80.27 -24.21 20.11
N VAL A 4173 80.54 -23.20 19.29
CA VAL A 4173 79.93 -23.10 17.97
C VAL A 4173 80.15 -24.36 17.15
N ILE A 4174 81.40 -24.61 16.79
CA ILE A 4174 81.69 -25.72 15.88
C ILE A 4174 81.27 -27.05 16.47
N LEU A 4175 81.37 -27.20 17.79
CA LEU A 4175 80.86 -28.41 18.43
C LEU A 4175 79.36 -28.56 18.21
N LYS A 4176 78.63 -27.45 18.27
CA LYS A 4176 77.19 -27.52 18.12
C LYS A 4176 76.84 -27.83 16.68
N LEU A 4177 77.67 -27.39 15.75
CA LEU A 4177 77.41 -27.63 14.34
C LEU A 4177 77.70 -29.08 14.02
N LEU A 4178 78.89 -29.56 14.37
CA LEU A 4178 79.28 -30.92 14.04
C LEU A 4178 78.33 -31.93 14.67
N LEU A 4179 77.90 -31.69 15.91
CA LEU A 4179 77.01 -32.62 16.57
C LEU A 4179 75.64 -32.69 15.92
N LYS A 4180 75.31 -31.77 15.02
CA LYS A 4180 74.05 -31.88 14.29
C LYS A 4180 73.90 -33.25 13.65
N TYR A 4181 75.01 -33.82 13.20
CA TYR A 4181 75.02 -35.06 12.45
C TYR A 4181 75.16 -36.24 13.41
N SER A 4182 75.37 -37.43 12.85
CA SER A 4182 75.53 -38.62 13.68
C SER A 4182 76.90 -38.60 14.33
N PHE A 4183 76.91 -38.79 15.66
CA PHE A 4183 78.16 -38.77 16.40
C PHE A 4183 79.20 -39.71 15.80
N HIS A 4184 78.74 -40.80 15.18
CA HIS A 4184 79.67 -41.82 14.70
C HIS A 4184 80.56 -41.28 13.59
N ASP A 4185 80.06 -40.32 12.81
CA ASP A 4185 80.85 -39.73 11.75
C ASP A 4185 81.79 -38.64 12.25
N VAL A 4186 81.36 -37.86 13.24
CA VAL A 4186 82.07 -36.66 13.66
C VAL A 4186 82.94 -36.87 14.89
N LYS A 4187 82.92 -38.07 15.47
CA LYS A 4187 83.59 -38.25 16.76
C LYS A 4187 85.07 -37.95 16.64
N ASP A 4188 85.69 -38.33 15.52
CA ASP A 4188 87.14 -38.14 15.42
C ASP A 4188 87.46 -36.66 15.23
N TYR A 4189 86.55 -35.91 14.61
CA TYR A 4189 86.74 -34.47 14.50
C TYR A 4189 86.63 -33.84 15.87
N ILE A 4190 85.68 -34.29 16.67
CA ILE A 4190 85.47 -33.69 17.99
C ILE A 4190 86.61 -34.04 18.93
N GLN A 4191 87.11 -35.28 18.85
CA GLN A 4191 88.25 -35.63 19.68
C GLN A 4191 89.51 -34.91 19.23
N GLU A 4192 89.67 -34.65 17.93
CA GLU A 4192 90.79 -33.85 17.50
C GLU A 4192 90.69 -32.42 18.01
N TYR A 4193 89.46 -31.89 18.05
CA TYR A 4193 89.26 -30.55 18.58
C TYR A 4193 89.58 -30.50 20.06
N LEU A 4194 89.07 -31.47 20.82
CA LEU A 4194 89.32 -31.53 22.24
C LEU A 4194 90.81 -31.65 22.55
N THR A 4195 91.48 -32.58 21.88
CA THR A 4195 92.91 -32.77 22.10
C THR A 4195 93.70 -31.55 21.67
N LEU A 4196 93.23 -30.83 20.67
CA LEU A 4196 93.97 -29.69 20.17
C LEU A 4196 93.82 -28.50 21.09
N LEU A 4197 92.66 -28.37 21.73
CA LEU A 4197 92.52 -27.41 22.82
C LEU A 4197 93.41 -27.79 23.99
N LYS A 4198 93.26 -29.04 24.44
CA LYS A 4198 93.93 -29.59 25.61
C LYS A 4198 95.40 -29.88 25.40
N LYS A 4199 95.96 -29.60 24.22
CA LYS A 4199 97.37 -29.89 24.00
C LYS A 4199 98.22 -28.79 24.60
N LYS A 4200 97.95 -28.46 25.87
CA LYS A 4200 98.59 -27.33 26.55
C LYS A 4200 98.45 -26.05 25.74
N ALA A 4201 97.53 -26.05 24.76
CA ALA A 4201 97.37 -24.90 23.88
C ALA A 4201 96.58 -23.79 24.57
N PHE A 4202 95.47 -24.15 25.22
CA PHE A 4202 94.59 -23.17 25.84
C PHE A 4202 94.13 -23.55 27.25
N ILE A 4203 94.27 -24.80 27.66
CA ILE A 4203 93.86 -25.23 28.99
C ILE A 4203 95.00 -26.05 29.58
N THR A 4204 95.13 -25.98 30.91
CA THR A 4204 96.28 -26.55 31.60
C THR A 4204 95.89 -27.72 32.49
N GLU A 4205 94.96 -27.52 33.42
CA GLU A 4205 94.50 -28.60 34.29
C GLU A 4205 93.18 -28.16 34.92
N ASP A 4206 92.57 -29.08 35.68
CA ASP A 4206 91.24 -28.86 36.22
C ASP A 4206 90.26 -28.55 35.08
N LYS A 4207 90.24 -29.44 34.11
CA LYS A 4207 89.49 -29.25 32.87
C LYS A 4207 88.05 -29.70 32.99
N THR A 4208 87.58 -29.97 34.20
CA THR A 4208 86.22 -30.41 34.41
C THR A 4208 85.19 -29.48 33.79
N GLU A 4209 85.52 -28.21 33.60
CA GLU A 4209 84.56 -27.31 32.98
C GLU A 4209 84.56 -27.45 31.47
N LEU A 4210 85.74 -27.67 30.88
CA LEU A 4210 85.81 -27.94 29.46
C LEU A 4210 85.00 -29.18 29.10
N TYR A 4211 85.15 -30.24 29.88
CA TYR A 4211 84.42 -31.45 29.56
C TYR A 4211 82.93 -31.21 29.71
N MET A 4212 82.53 -30.31 30.60
CA MET A 4212 81.11 -30.07 30.76
C MET A 4212 80.56 -29.38 29.54
N LEU A 4213 81.42 -28.64 28.86
CA LEU A 4213 81.01 -27.98 27.64
C LEU A 4213 80.67 -29.04 26.63
N PHE A 4214 81.61 -29.97 26.44
CA PHE A 4214 81.34 -31.07 25.54
C PHE A 4214 80.10 -31.83 25.99
N ILE A 4215 80.02 -32.12 27.28
CA ILE A 4215 78.92 -32.94 27.75
C ILE A 4215 77.61 -32.24 27.45
N ASN A 4216 77.59 -30.92 27.48
CA ASN A 4216 76.33 -30.24 27.24
C ASN A 4216 76.05 -30.18 25.75
N CYS A 4217 77.08 -29.94 24.96
CA CYS A 4217 76.91 -29.93 23.51
C CYS A 4217 76.41 -31.27 23.02
N LEU A 4218 77.01 -32.35 23.50
CA LEU A 4218 76.54 -33.67 23.11
C LEU A 4218 75.10 -33.87 23.55
N GLU A 4219 74.79 -33.44 24.76
CA GLU A 4219 73.41 -33.59 25.24
C GLU A 4219 72.47 -32.80 24.36
N ASP A 4220 72.89 -31.63 23.90
CA ASP A 4220 72.03 -30.84 23.04
C ASP A 4220 71.74 -31.60 21.76
N SER A 4221 72.78 -32.19 21.17
CA SER A 4221 72.55 -32.92 19.93
C SER A 4221 71.45 -33.94 20.13
N ILE A 4222 71.51 -34.68 21.23
CA ILE A 4222 70.53 -35.72 21.43
C ILE A 4222 69.16 -35.09 21.64
N LEU A 4223 69.10 -34.07 22.49
CA LEU A 4223 67.83 -33.41 22.71
C LEU A 4223 67.32 -32.86 21.39
N GLU A 4224 68.24 -32.34 20.57
CA GLU A 4224 67.82 -31.74 19.33
C GLU A 4224 67.19 -32.80 18.45
N LYS A 4225 67.88 -33.92 18.29
CA LYS A 4225 67.33 -35.03 17.54
C LYS A 4225 66.07 -35.57 18.20
N THR A 4226 66.09 -35.73 19.52
CA THR A 4226 65.00 -36.45 20.17
C THR A 4226 63.70 -35.68 20.10
N SER A 4227 63.75 -34.35 20.17
CA SER A 4227 62.52 -33.58 20.07
C SER A 4227 61.86 -33.71 18.71
N ALA A 4228 62.60 -34.16 17.69
CA ALA A 4228 62.01 -34.42 16.38
C ALA A 4228 61.24 -35.74 16.32
N TYR A 4229 61.44 -36.64 17.27
CA TYR A 4229 60.91 -37.99 17.15
C TYR A 4229 59.40 -38.01 17.36
N SER A 4230 58.75 -38.96 16.69
CA SER A 4230 57.33 -39.21 16.90
C SER A 4230 57.15 -40.02 18.18
N ARG A 4231 55.89 -40.28 18.54
CA ARG A 4231 55.62 -40.98 19.79
C ARG A 4231 56.04 -42.44 19.69
N ASN A 4232 55.80 -43.08 18.54
CA ASN A 4232 56.27 -44.44 18.35
C ASN A 4232 57.79 -44.47 18.26
N ASP A 4233 58.36 -43.47 17.58
CA ASP A 4233 59.81 -43.34 17.56
C ASP A 4233 60.34 -43.02 18.96
N GLU A 4234 59.55 -42.31 19.76
CA GLU A 4234 59.94 -42.05 21.14
C GLU A 4234 60.00 -43.33 21.95
N LEU A 4235 59.02 -44.22 21.77
CA LEU A 4235 59.05 -45.50 22.47
C LEU A 4235 60.23 -46.36 22.00
N ASN A 4236 60.47 -46.39 20.69
CA ASN A 4236 61.61 -47.13 20.17
C ASN A 4236 62.92 -46.58 20.73
N HIS A 4237 63.03 -45.25 20.81
CA HIS A 4237 64.22 -44.63 21.38
C HIS A 4237 64.40 -45.05 22.83
N LEU A 4238 63.30 -45.05 23.60
CA LEU A 4238 63.42 -45.44 25.00
C LEU A 4238 63.86 -46.89 25.12
N GLU A 4239 63.41 -47.74 24.19
CA GLU A 4239 63.88 -49.12 24.18
C GLU A 4239 65.37 -49.18 23.88
N GLU A 4240 65.83 -48.37 22.93
CA GLU A 4240 67.25 -48.38 22.58
C GLU A 4240 68.08 -47.90 23.75
N GLU A 4241 67.58 -46.92 24.49
CA GLU A 4241 68.29 -46.44 25.67
C GLU A 4241 68.35 -47.51 26.74
N GLY A 4242 67.26 -48.26 26.90
CA GLY A 4242 67.30 -49.39 27.81
C GLY A 4242 68.36 -50.40 27.41
N ARG A 4243 68.48 -50.67 26.11
CA ARG A 4243 69.47 -51.64 25.65
C ARG A 4243 70.88 -51.09 25.81
N PHE A 4244 71.04 -49.77 25.71
CA PHE A 4244 72.35 -49.18 25.95
C PHE A 4244 72.73 -49.27 27.41
N LEU A 4245 71.76 -49.04 28.30
CA LEU A 4245 72.02 -49.18 29.72
C LEU A 4245 72.34 -50.61 30.09
N LYS A 4246 71.71 -51.58 29.43
CA LYS A 4246 72.08 -52.98 29.63
C LYS A 4246 73.48 -53.27 29.11
N ALA A 4247 73.85 -52.66 27.98
CA ALA A 4247 75.14 -52.96 27.36
C ALA A 4247 76.29 -52.21 28.00
N TYR A 4248 76.04 -51.07 28.61
CA TYR A 4248 77.13 -50.23 29.10
C TYR A 4248 77.89 -50.92 30.22
N SER A 4249 79.21 -50.94 30.10
CA SER A 4249 80.09 -51.41 31.15
C SER A 4249 81.46 -50.79 30.90
N PRO A 4250 82.15 -50.27 31.92
CA PRO A 4250 83.45 -49.64 31.68
C PRO A 4250 84.43 -50.53 30.93
N PRO A 4257 90.75 -44.22 29.37
CA PRO A 4257 91.32 -44.69 30.63
C PRO A 4257 91.00 -43.74 31.78
N ALA A 4258 91.73 -43.85 32.87
CA ALA A 4258 91.61 -42.88 33.95
C ALA A 4258 92.36 -41.61 33.58
N ASN A 4259 92.40 -40.66 34.51
CA ASN A 4259 93.18 -39.42 34.41
C ASN A 4259 92.85 -38.61 33.16
N GLU A 4260 91.80 -38.96 32.42
CA GLU A 4260 91.48 -38.25 31.19
C GLU A 4260 90.19 -38.85 30.64
N ALA A 4261 89.55 -38.09 29.74
CA ALA A 4261 88.33 -38.50 29.09
C ALA A 4261 88.50 -38.48 27.58
N SER A 4262 87.54 -39.10 26.90
CA SER A 4262 87.49 -39.15 25.45
C SER A 4262 86.07 -38.85 25.00
N VAL A 4263 85.94 -38.43 23.75
CA VAL A 4263 84.66 -37.94 23.29
C VAL A 4263 83.62 -39.06 23.25
N GLU A 4264 84.05 -40.31 23.12
CA GLU A 4264 83.09 -41.41 23.24
C GLU A 4264 82.69 -41.59 24.69
N TYR A 4265 83.64 -41.41 25.61
CA TYR A 4265 83.33 -41.52 27.03
C TYR A 4265 82.44 -40.36 27.46
N LEU A 4266 82.79 -39.15 27.05
CA LEU A 4266 81.94 -38.01 27.35
C LEU A 4266 80.57 -38.15 26.70
N GLN A 4267 80.49 -38.88 25.59
CA GLN A 4267 79.19 -39.08 24.96
C GLN A 4267 78.39 -40.12 25.72
N GLU A 4268 79.07 -41.11 26.28
CA GLU A 4268 78.41 -42.06 27.15
C GLU A 4268 77.90 -41.34 28.40
N VAL A 4269 78.70 -40.44 28.95
CA VAL A 4269 78.29 -39.67 30.12
C VAL A 4269 77.08 -38.80 29.79
N ALA A 4270 77.12 -38.11 28.66
CA ALA A 4270 75.98 -37.31 28.23
C ALA A 4270 74.74 -38.17 28.08
N ARG A 4271 74.88 -39.32 27.41
CA ARG A 4271 73.72 -40.17 27.16
C ARG A 4271 73.17 -40.69 28.47
N ILE A 4272 74.05 -41.15 29.37
CA ILE A 4272 73.63 -41.65 30.66
C ILE A 4272 72.93 -40.56 31.45
N ARG A 4273 73.45 -39.33 31.38
CA ARG A 4273 72.82 -38.23 32.08
C ARG A 4273 71.42 -37.98 31.54
N LEU A 4274 71.25 -38.07 30.21
CA LEU A 4274 69.92 -37.89 29.64
C LEU A 4274 68.99 -39.03 30.01
N CYS A 4275 69.51 -40.25 30.09
CA CYS A 4275 68.68 -41.37 30.55
C CYS A 4275 68.26 -41.18 32.00
N LEU A 4276 69.19 -40.77 32.85
CA LEU A 4276 68.87 -40.50 34.24
C LEU A 4276 67.88 -39.35 34.35
N ASP A 4277 68.06 -38.32 33.53
CA ASP A 4277 67.11 -37.21 33.48
C ASP A 4277 65.71 -37.70 33.15
N ARG A 4278 65.61 -38.57 32.14
CA ARG A 4278 64.32 -39.12 31.75
C ARG A 4278 63.71 -39.92 32.89
N ALA A 4279 64.54 -40.70 33.60
CA ALA A 4279 64.05 -41.44 34.75
C ALA A 4279 63.59 -40.50 35.86
N ALA A 4280 64.33 -39.43 36.08
CA ALA A 4280 63.97 -38.46 37.11
C ALA A 4280 62.64 -37.81 36.78
N ASP A 4281 62.41 -37.53 35.50
CA ASP A 4281 61.11 -37.00 35.09
C ASP A 4281 60.00 -38.02 35.34
N PHE A 4282 60.22 -39.26 34.88
CA PHE A 4282 59.21 -40.30 35.06
C PHE A 4282 58.86 -40.50 36.52
N LEU A 4283 59.86 -40.42 37.39
CA LEU A 4283 59.62 -40.53 38.84
C LEU A 4283 58.94 -39.29 39.40
N SER A 4284 59.33 -38.11 38.89
CA SER A 4284 58.75 -36.86 39.38
C SER A 4284 57.24 -36.84 39.23
N GLU A 4285 56.71 -37.56 38.26
CA GLU A 4285 55.27 -37.51 38.01
C GLU A 4285 54.51 -38.01 39.23
N PRO A 4286 53.42 -37.34 39.62
CA PRO A 4286 52.62 -37.77 40.78
C PRO A 4286 51.87 -39.08 40.51
N MET A 4292 53.03 -44.47 35.43
CA MET A 4292 51.96 -45.45 35.41
C MET A 4292 51.78 -46.01 34.00
N ALA A 4293 52.89 -46.43 33.40
CA ALA A 4293 52.88 -47.01 32.06
C ALA A 4293 53.93 -48.12 32.00
N LYS A 4294 53.60 -49.16 31.23
CA LYS A 4294 54.51 -50.29 31.12
C LYS A 4294 55.87 -49.87 30.58
N GLU A 4295 55.88 -48.98 29.58
CA GLU A 4295 57.15 -48.61 28.97
C GLU A 4295 58.01 -47.80 29.93
N LYS A 4296 57.41 -46.85 30.64
CA LYS A 4296 58.14 -46.10 31.63
C LYS A 4296 58.67 -47.02 32.72
N GLN A 4297 57.83 -47.94 33.21
CA GLN A 4297 58.26 -48.83 34.28
C GLN A 4297 59.39 -49.73 33.82
N CYS A 4298 59.35 -50.19 32.57
CA CYS A 4298 60.41 -51.06 32.07
C CYS A 4298 61.71 -50.28 31.91
N TYR A 4299 61.61 -49.04 31.44
CA TYR A 4299 62.79 -48.19 31.36
C TYR A 4299 63.38 -47.93 32.73
N LEU A 4300 62.53 -47.66 33.72
CA LEU A 4300 63.00 -47.42 35.07
C LEU A 4300 63.66 -48.67 35.65
N GLN A 4301 63.10 -49.85 35.37
CA GLN A 4301 63.72 -51.09 35.84
C GLN A 4301 65.08 -51.29 35.20
N GLN A 4302 65.19 -50.96 33.91
CA GLN A 4302 66.48 -51.09 33.24
C GLN A 4302 67.49 -50.12 33.85
N VAL A 4303 67.04 -48.92 34.20
CA VAL A 4303 67.95 -47.96 34.83
C VAL A 4303 68.38 -48.47 36.20
N LYS A 4304 67.44 -49.01 36.97
CA LYS A 4304 67.76 -49.62 38.25
C LYS A 4304 68.84 -50.68 38.10
N GLN A 4305 68.67 -51.57 37.12
CA GLN A 4305 69.62 -52.65 36.94
C GLN A 4305 70.98 -52.10 36.49
N PHE A 4306 70.96 -51.08 35.62
CA PHE A 4306 72.20 -50.46 35.18
C PHE A 4306 72.95 -49.85 36.35
N CYS A 4307 72.22 -49.15 37.23
CA CYS A 4307 72.85 -48.50 38.38
C CYS A 4307 73.45 -49.54 39.31
N ILE A 4308 72.70 -50.62 39.57
CA ILE A 4308 73.22 -51.67 40.45
C ILE A 4308 74.44 -52.33 39.84
N ARG A 4309 74.42 -52.55 38.52
CA ARG A 4309 75.48 -53.32 37.87
C ARG A 4309 76.77 -52.51 37.77
N VAL A 4310 76.68 -51.23 37.40
CA VAL A 4310 77.87 -50.49 37.04
C VAL A 4310 78.65 -49.97 38.24
N GLU A 4311 77.99 -49.78 39.39
CA GLU A 4311 78.61 -49.40 40.65
C GLU A 4311 79.14 -47.97 40.67
N ASN A 4312 79.08 -47.24 39.56
CA ASN A 4312 79.52 -45.85 39.55
C ASN A 4312 78.40 -45.02 40.17
N ASP A 4313 78.48 -44.86 41.49
CA ASP A 4313 77.39 -44.23 42.23
C ASP A 4313 77.18 -42.78 41.83
N TRP A 4314 78.16 -42.16 41.17
CA TRP A 4314 77.94 -40.81 40.66
C TRP A 4314 76.67 -40.71 39.82
N HIS A 4315 76.33 -41.78 39.11
CA HIS A 4315 75.12 -41.77 38.29
C HIS A 4315 73.89 -41.54 39.15
N ARG A 4316 73.91 -42.07 40.37
CA ARG A 4316 72.76 -41.89 41.23
C ARG A 4316 72.80 -40.53 41.89
N VAL A 4317 74.00 -40.01 42.14
CA VAL A 4317 74.13 -38.65 42.66
C VAL A 4317 73.44 -37.67 41.72
N TYR A 4318 73.75 -37.76 40.43
CA TYR A 4318 73.10 -36.90 39.45
C TYR A 4318 71.59 -37.09 39.54
N LEU A 4319 71.15 -38.35 39.62
CA LEU A 4319 69.72 -38.59 39.64
C LEU A 4319 69.09 -37.94 40.86
N VAL A 4320 69.72 -38.10 42.02
CA VAL A 4320 69.17 -37.49 43.22
C VAL A 4320 69.15 -35.99 43.05
N ARG A 4321 70.23 -35.46 42.49
CA ARG A 4321 70.32 -34.02 42.31
C ARG A 4321 69.18 -33.55 41.42
N LYS A 4322 68.99 -34.23 40.30
CA LYS A 4322 67.94 -33.83 39.39
C LYS A 4322 66.58 -33.92 40.07
N LEU A 4323 66.34 -35.03 40.79
CA LEU A 4323 65.08 -35.14 41.51
C LEU A 4323 64.89 -33.95 42.45
N SER A 4324 65.94 -33.60 43.19
CA SER A 4324 65.80 -32.46 44.10
C SER A 4324 65.46 -31.20 43.32
N SER A 4325 66.15 -31.00 42.19
CA SER A 4325 65.85 -29.83 41.37
C SER A 4325 64.37 -29.81 41.01
N GLN A 4326 63.84 -30.95 40.55
CA GLN A 4326 62.47 -30.97 40.06
C GLN A 4326 61.44 -30.95 41.19
N ARG A 4327 61.54 -31.89 42.12
CA ARG A 4327 60.54 -32.03 43.18
C ARG A 4327 60.92 -31.29 44.44
N GLY A 4328 62.21 -31.19 44.74
CA GLY A 4328 62.68 -30.62 45.98
C GLY A 4328 63.36 -31.66 46.85
N MET A 4329 64.14 -31.17 47.82
CA MET A 4329 64.88 -32.07 48.68
C MET A 4329 63.92 -32.94 49.49
N GLU A 4330 62.79 -32.39 49.91
CA GLU A 4330 61.87 -33.14 50.76
C GLU A 4330 61.31 -34.35 50.03
N PHE A 4331 61.20 -34.29 48.71
CA PHE A 4331 60.73 -35.45 47.95
C PHE A 4331 61.75 -36.58 48.00
N VAL A 4332 63.03 -36.24 47.81
CA VAL A 4332 64.08 -37.23 47.92
C VAL A 4332 64.14 -37.80 49.33
N GLN A 4333 64.02 -36.94 50.34
CA GLN A 4333 63.95 -37.40 51.72
C GLN A 4333 62.81 -38.39 51.91
N GLY A 4334 61.66 -38.11 51.29
CA GLY A 4334 60.51 -38.98 51.46
C GLY A 4334 60.72 -40.30 50.76
N LEU A 4335 61.49 -40.30 49.67
CA LEU A 4335 61.80 -41.55 48.99
C LEU A 4335 62.83 -42.36 49.77
N SER A 4336 63.70 -41.70 50.52
CA SER A 4336 64.71 -42.42 51.27
C SER A 4336 64.11 -43.19 52.46
N LYS A 4337 62.98 -42.72 52.97
CA LYS A 4337 62.43 -43.29 54.19
C LYS A 4337 61.99 -44.74 53.94
N PRO A 4338 62.06 -45.59 54.97
CA PRO A 4338 61.63 -46.98 54.80
C PRO A 4338 60.20 -47.06 54.28
N GLY A 4339 59.89 -48.18 53.62
CA GLY A 4339 58.60 -48.35 52.99
C GLY A 4339 58.48 -47.61 51.69
N ARG A 4340 59.59 -47.39 50.98
CA ARG A 4340 59.61 -46.65 49.74
C ARG A 4340 60.07 -47.54 48.59
N PRO A 4341 59.50 -47.38 47.39
CA PRO A 4341 59.86 -48.26 46.28
C PRO A 4341 61.08 -47.83 45.48
N HIS A 4342 61.54 -46.59 45.63
CA HIS A 4342 62.61 -46.05 44.81
C HIS A 4342 63.92 -45.89 45.57
N GLN A 4343 64.11 -46.68 46.63
CA GLN A 4343 65.33 -46.57 47.42
C GLN A 4343 66.59 -46.76 46.56
N TRP A 4344 66.45 -47.37 45.39
CA TRP A 4344 67.61 -47.59 44.52
C TRP A 4344 68.15 -46.30 43.95
N VAL A 4345 67.37 -45.22 44.00
CA VAL A 4345 67.83 -43.93 43.50
C VAL A 4345 69.08 -43.47 44.24
N PHE A 4346 69.25 -43.90 45.47
CA PHE A 4346 70.30 -43.39 46.33
C PHE A 4346 71.56 -44.23 46.26
N PRO A 4347 72.71 -43.64 46.57
CA PRO A 4347 73.95 -44.43 46.70
C PRO A 4347 73.92 -45.39 47.88
N LYS A 4348 75.06 -46.05 48.10
CA LYS A 4348 75.11 -47.16 49.05
C LYS A 4348 74.70 -46.74 50.45
N ASP A 4349 75.49 -45.86 51.07
CA ASP A 4349 75.37 -45.59 52.49
C ASP A 4349 74.23 -44.63 52.83
N VAL A 4350 73.73 -43.87 51.85
CA VAL A 4350 72.73 -42.86 52.14
C VAL A 4350 71.51 -43.49 52.80
N VAL A 4351 71.03 -44.60 52.24
CA VAL A 4351 69.80 -45.21 52.74
C VAL A 4351 70.01 -45.87 54.10
N LYS A 4352 71.23 -46.34 54.37
CA LYS A 4352 71.49 -46.90 55.69
C LYS A 4352 71.62 -45.82 56.76
N GLN A 4353 72.25 -44.69 56.41
CA GLN A 4353 72.51 -43.66 57.40
C GLN A 4353 71.23 -43.11 58.01
N GLN A 4354 70.13 -43.17 57.26
CA GLN A 4354 68.88 -42.59 57.70
C GLN A 4354 67.94 -43.64 58.29
N PRO A 4361 65.59 -36.47 60.91
CA PRO A 4361 64.56 -36.04 59.97
C PRO A 4361 64.47 -34.51 59.86
N GLY A 4362 65.61 -33.85 59.90
CA GLY A 4362 65.64 -32.41 59.86
C GLY A 4362 65.39 -31.87 58.46
N GLN A 4363 64.68 -30.74 58.40
CA GLN A 4363 64.32 -30.09 57.15
C GLN A 4363 65.08 -28.76 57.02
N MET A 4364 64.91 -28.12 55.88
CA MET A 4364 65.60 -26.87 55.61
C MET A 4364 64.85 -25.69 56.22
N ASP A 4365 65.49 -24.53 56.18
CA ASP A 4365 64.90 -23.27 56.66
C ASP A 4365 65.27 -22.20 55.65
N ARG A 4366 64.35 -21.93 54.72
CA ARG A 4366 64.61 -20.96 53.66
C ARG A 4366 64.66 -19.52 54.18
N TYR A 4367 64.01 -19.26 55.32
CA TYR A 4367 64.13 -17.95 55.95
C TYR A 4367 65.58 -17.54 56.17
N LEU A 4368 66.51 -18.49 56.19
CA LEU A 4368 67.93 -18.17 56.33
C LEU A 4368 68.38 -17.17 55.27
N VAL A 4369 67.54 -16.93 54.26
CA VAL A 4369 67.87 -15.95 53.23
C VAL A 4369 68.11 -14.59 53.87
N TYR A 4370 67.58 -14.34 55.06
CA TYR A 4370 67.80 -13.06 55.73
C TYR A 4370 69.25 -12.91 56.14
N GLY A 4371 69.84 -13.95 56.74
CA GLY A 4371 71.26 -13.97 57.02
C GLY A 4371 71.54 -14.33 58.47
N ASP A 4372 72.72 -13.91 58.91
CA ASP A 4372 73.25 -14.34 60.21
C ASP A 4372 72.34 -13.93 61.37
N GLU A 4373 71.69 -12.77 61.26
CA GLU A 4373 70.93 -12.27 62.39
C GLU A 4373 69.67 -13.09 62.61
N TYR A 4374 69.02 -13.53 61.54
CA TYR A 4374 67.89 -14.43 61.72
C TYR A 4374 68.34 -15.75 62.32
N LYS A 4375 69.48 -16.26 61.86
CA LYS A 4375 69.99 -17.52 62.39
C LYS A 4375 70.24 -17.40 63.90
N ALA A 4376 70.89 -16.33 64.32
CA ALA A 4376 71.15 -16.11 65.73
C ALA A 4376 69.85 -16.04 66.53
N LEU A 4377 68.88 -15.25 66.03
CA LEU A 4377 67.65 -15.07 66.78
C LEU A 4377 66.86 -16.38 66.85
N ARG A 4378 66.88 -17.13 65.75
CA ARG A 4378 66.20 -18.42 65.69
C ARG A 4378 66.79 -19.39 66.68
N ASP A 4379 68.12 -19.52 66.71
CA ASP A 4379 68.75 -20.46 67.63
C ASP A 4379 68.49 -20.03 69.07
N ALA A 4380 68.54 -18.73 69.34
CA ALA A 4380 68.24 -18.24 70.67
C ALA A 4380 66.81 -18.58 71.07
N VAL A 4381 65.86 -18.42 70.16
CA VAL A 4381 64.47 -18.69 70.49
C VAL A 4381 64.27 -20.16 70.75
N ALA A 4382 64.88 -21.01 69.91
CA ALA A 4382 64.77 -22.45 70.12
C ALA A 4382 65.31 -22.85 71.49
N LYS A 4383 66.52 -22.40 71.82
CA LYS A 4383 67.10 -22.74 73.11
C LYS A 4383 66.24 -22.24 74.26
N ALA A 4384 65.73 -21.00 74.14
CA ALA A 4384 64.97 -20.41 75.24
C ALA A 4384 63.63 -21.12 75.41
N VAL A 4385 62.99 -21.52 74.31
CA VAL A 4385 61.73 -22.24 74.44
C VAL A 4385 61.95 -23.61 75.05
N LEU A 4386 62.98 -24.34 74.60
CA LEU A 4386 63.20 -25.67 75.18
C LEU A 4386 63.50 -25.54 76.67
N GLU A 4387 64.37 -24.59 77.04
CA GLU A 4387 64.60 -24.34 78.46
C GLU A 4387 63.42 -23.64 79.12
N CYS A 4388 62.58 -22.97 78.34
CA CYS A 4388 61.39 -22.31 78.87
C CYS A 4388 61.76 -21.19 79.84
N LYS A 4389 62.83 -20.47 79.51
CA LYS A 4389 63.28 -19.32 80.29
C LYS A 4389 63.50 -18.18 79.31
N PRO A 4390 62.45 -17.47 78.93
CA PRO A 4390 62.56 -16.49 77.85
C PRO A 4390 63.30 -15.23 78.25
N LEU A 4391 64.62 -15.34 78.35
CA LEU A 4391 65.49 -14.17 78.53
C LEU A 4391 66.53 -14.07 77.44
N GLY A 4392 67.05 -15.20 76.95
CA GLY A 4392 67.90 -15.16 75.79
C GLY A 4392 67.22 -14.51 74.60
N ILE A 4393 65.90 -14.57 74.56
CA ILE A 4393 65.15 -13.88 73.50
C ILE A 4393 65.41 -12.38 73.59
N LYS A 4394 65.34 -11.84 74.81
CA LYS A 4394 65.65 -10.42 75.01
C LYS A 4394 67.08 -10.11 74.58
N THR A 4395 68.03 -10.97 74.94
CA THR A 4395 69.42 -10.72 74.59
C THR A 4395 69.60 -10.70 73.08
N ALA A 4396 68.94 -11.63 72.38
CA ALA A 4396 69.08 -11.68 70.94
C ALA A 4396 68.41 -10.48 70.28
N LEU A 4397 67.26 -10.07 70.80
CA LEU A 4397 66.57 -8.93 70.23
C LEU A 4397 67.33 -7.63 70.45
N LYS A 4398 68.05 -7.51 71.57
CA LYS A 4398 68.89 -6.34 71.79
C LYS A 4398 70.20 -6.41 70.98
N ALA A 4399 70.76 -7.59 70.81
CA ALA A 4399 72.01 -7.73 70.06
C ALA A 4399 71.81 -7.50 68.57
N CYS A 4400 70.62 -7.75 68.06
CA CYS A 4400 70.41 -7.68 66.62
C CYS A 4400 70.73 -6.27 66.09
N LYS A 4401 70.85 -6.18 64.77
CA LYS A 4401 71.28 -4.96 64.10
C LYS A 4401 70.18 -4.27 63.32
N THR A 4402 69.08 -4.95 63.02
CA THR A 4402 68.11 -4.47 62.07
C THR A 4402 67.00 -3.68 62.76
N PRO A 4403 66.24 -2.90 61.99
CA PRO A 4403 65.18 -2.07 62.57
C PRO A 4403 64.14 -2.90 63.33
N GLN A 4404 63.24 -2.17 63.99
CA GLN A 4404 62.24 -2.82 64.83
C GLN A 4404 61.32 -3.73 64.01
N SER A 4405 60.92 -3.28 62.82
CA SER A 4405 59.95 -4.06 62.05
C SER A 4405 60.58 -5.33 61.51
N GLN A 4406 61.86 -5.27 61.11
CA GLN A 4406 62.55 -6.49 60.73
C GLN A 4406 62.80 -7.38 61.94
N GLN A 4407 63.00 -6.78 63.12
CA GLN A 4407 63.12 -7.57 64.33
C GLN A 4407 61.85 -8.37 64.58
N SER A 4408 60.70 -7.71 64.47
CA SER A 4408 59.43 -8.39 64.69
C SER A 4408 59.21 -9.47 63.63
N ALA A 4409 59.59 -9.18 62.39
CA ALA A 4409 59.42 -10.16 61.32
C ALA A 4409 60.26 -11.40 61.61
N TYR A 4410 61.54 -11.20 61.93
CA TYR A 4410 62.40 -12.33 62.26
C TYR A 4410 61.85 -13.12 63.44
N PHE A 4411 61.34 -12.41 64.46
CA PHE A 4411 60.75 -13.10 65.59
C PHE A 4411 59.57 -13.97 65.15
N LEU A 4412 58.72 -13.44 64.27
CA LEU A 4412 57.55 -14.19 63.81
C LEU A 4412 57.97 -15.40 63.00
N LEU A 4413 58.98 -15.23 62.15
CA LEU A 4413 59.47 -16.35 61.35
C LEU A 4413 60.09 -17.43 62.21
N THR A 4414 60.82 -17.06 63.26
CA THR A 4414 61.36 -18.06 64.15
C THR A 4414 60.25 -18.78 64.90
N LEU A 4415 59.26 -18.03 65.37
CA LEU A 4415 58.13 -18.67 66.05
C LEU A 4415 57.49 -19.69 65.13
N PHE A 4416 57.37 -19.35 63.84
CA PHE A 4416 56.72 -20.29 62.94
C PHE A 4416 57.60 -21.50 62.71
N ARG A 4417 58.85 -21.28 62.31
CA ARG A 4417 59.73 -22.37 61.95
C ARG A 4417 59.84 -23.38 63.08
N GLU A 4418 60.06 -22.89 64.30
CA GLU A 4418 60.21 -23.82 65.42
C GLU A 4418 58.86 -24.38 65.89
N VAL A 4419 57.98 -23.50 66.36
CA VAL A 4419 56.79 -23.96 67.08
C VAL A 4419 55.74 -24.48 66.10
N ALA A 4420 55.42 -23.73 65.04
CA ALA A 4420 54.28 -24.14 64.24
C ALA A 4420 54.62 -25.41 63.46
N ILE A 4421 55.86 -25.51 62.99
CA ILE A 4421 56.26 -26.74 62.31
C ILE A 4421 56.27 -27.88 63.31
N LEU A 4422 56.68 -27.64 64.55
CA LEU A 4422 56.59 -28.73 65.50
C LEU A 4422 55.15 -29.15 65.67
N TYR A 4423 54.22 -28.19 65.56
CA TYR A 4423 52.80 -28.51 65.65
C TYR A 4423 52.34 -29.35 64.48
N ARG A 4424 53.01 -29.25 63.34
CA ARG A 4424 52.54 -29.97 62.16
C ARG A 4424 52.88 -31.46 62.19
N SER A 4425 53.71 -31.91 63.11
CA SER A 4425 54.06 -33.33 63.17
C SER A 4425 52.92 -34.14 63.78
N HIS A 4426 52.70 -35.34 63.24
CA HIS A 4426 51.66 -36.21 63.77
C HIS A 4426 52.04 -36.75 65.15
N ASN A 4427 53.34 -36.89 65.41
CA ASN A 4427 53.82 -37.38 66.69
C ASN A 4427 53.69 -36.27 67.72
N ALA A 4428 52.70 -36.40 68.61
CA ALA A 4428 52.34 -35.32 69.52
C ALA A 4428 53.47 -34.97 70.47
N SER A 4429 54.35 -35.93 70.79
CA SER A 4429 55.38 -35.65 71.78
C SER A 4429 56.29 -34.52 71.33
N LEU A 4430 56.53 -34.40 70.02
CA LEU A 4430 57.29 -33.27 69.50
C LEU A 4430 56.53 -31.96 69.60
N HIS A 4431 55.20 -32.00 69.66
CA HIS A 4431 54.40 -30.77 69.71
C HIS A 4431 54.89 -29.90 70.86
N PRO A 4432 54.84 -28.58 70.71
CA PRO A 4432 55.26 -27.71 71.82
C PRO A 4432 54.45 -27.99 73.07
N THR A 4433 55.13 -27.95 74.20
CA THR A 4433 54.50 -28.21 75.48
C THR A 4433 53.73 -26.97 75.96
N PRO A 4434 52.66 -27.16 76.72
CA PRO A 4434 51.96 -26.01 77.31
C PRO A 4434 52.88 -25.04 78.01
N GLU A 4435 53.94 -25.54 78.64
CA GLU A 4435 54.85 -24.66 79.38
C GLU A 4435 55.62 -23.77 78.42
N GLN A 4436 56.00 -24.30 77.26
CA GLN A 4436 56.69 -23.50 76.26
C GLN A 4436 55.76 -22.42 75.71
N CYS A 4437 54.49 -22.79 75.49
CA CYS A 4437 53.50 -21.82 75.08
C CYS A 4437 53.39 -20.73 76.13
N GLU A 4438 53.40 -21.10 77.40
CA GLU A 4438 53.26 -20.13 78.48
C GLU A 4438 54.41 -19.15 78.46
N ALA A 4439 55.63 -19.68 78.34
CA ALA A 4439 56.81 -18.82 78.38
C ALA A 4439 56.81 -17.85 77.21
N VAL A 4440 56.59 -18.35 75.99
CA VAL A 4440 56.69 -17.47 74.84
C VAL A 4440 55.49 -16.52 74.73
N SER A 4441 54.31 -16.96 75.19
CA SER A 4441 53.16 -16.05 75.21
C SER A 4441 53.39 -14.90 76.18
N LYS A 4442 53.85 -15.22 77.40
CA LYS A 4442 54.17 -14.16 78.35
C LYS A 4442 55.23 -13.23 77.78
N PHE A 4443 56.27 -13.78 77.14
CA PHE A 4443 57.33 -12.93 76.64
C PHE A 4443 56.82 -12.01 75.54
N ILE A 4444 55.97 -12.54 74.66
CA ILE A 4444 55.39 -11.71 73.61
C ILE A 4444 54.55 -10.61 74.24
N GLY A 4445 53.80 -10.93 75.29
CA GLY A 4445 52.97 -9.91 75.92
C GLY A 4445 53.79 -8.78 76.52
N GLU A 4446 54.92 -9.12 77.14
CA GLU A 4446 55.77 -8.08 77.73
C GLU A 4446 56.66 -7.39 76.70
N CYS A 4447 56.87 -7.97 75.53
CA CYS A 4447 57.71 -7.33 74.53
C CYS A 4447 56.95 -6.18 73.86
N LYS A 4448 57.70 -5.18 73.42
CA LYS A 4448 57.13 -3.94 72.89
C LYS A 4448 57.05 -3.93 71.37
N ILE A 4449 58.09 -4.37 70.68
CA ILE A 4449 58.04 -4.38 69.22
C ILE A 4449 56.97 -5.34 68.72
N LEU A 4450 56.52 -6.26 69.56
CA LEU A 4450 55.38 -7.13 69.25
C LEU A 4450 54.08 -6.60 69.80
N SER A 4451 54.10 -5.48 70.53
CA SER A 4451 52.86 -4.95 71.10
C SER A 4451 51.79 -4.61 70.08
N PRO A 4452 52.10 -4.20 68.85
CA PRO A 4452 51.05 -3.96 67.86
C PRO A 4452 50.04 -5.10 67.86
N PRO A 4453 48.76 -4.82 68.17
CA PRO A 4453 47.78 -5.89 68.33
C PRO A 4453 47.86 -6.97 67.27
N ASP A 4454 48.12 -6.59 66.02
CA ASP A 4454 48.13 -7.58 64.96
C ASP A 4454 49.35 -8.48 65.06
N ILE A 4455 50.53 -7.90 65.32
CA ILE A 4455 51.73 -8.71 65.48
C ILE A 4455 51.62 -9.59 66.71
N SER A 4456 51.13 -9.05 67.82
CA SER A 4456 51.02 -9.84 69.03
C SER A 4456 50.04 -10.99 68.83
N ARG A 4457 48.93 -10.71 68.15
CA ARG A 4457 47.93 -11.74 67.91
C ARG A 4457 48.48 -12.83 67.00
N PHE A 4458 49.22 -12.44 65.96
CA PHE A 4458 49.74 -13.42 65.01
C PHE A 4458 50.79 -14.29 65.68
N ALA A 4459 51.72 -13.67 66.42
CA ALA A 4459 52.72 -14.42 67.17
C ALA A 4459 52.07 -15.39 68.15
N THR A 4460 51.17 -14.88 69.01
CA THR A 4460 50.51 -15.74 69.98
C THR A 4460 49.76 -16.87 69.28
N SER A 4461 49.19 -16.60 68.12
CA SER A 4461 48.47 -17.65 67.40
C SER A 4461 49.43 -18.70 66.87
N LEU A 4462 50.65 -18.29 66.50
CA LEU A 4462 51.65 -19.28 66.10
C LEU A 4462 52.04 -20.15 67.29
N VAL A 4463 52.21 -19.52 68.46
CA VAL A 4463 52.66 -20.27 69.63
C VAL A 4463 51.55 -21.16 70.17
N ASP A 4464 50.29 -20.79 69.92
CA ASP A 4464 49.13 -21.55 70.38
C ASP A 4464 48.45 -22.31 69.25
N ASN A 4465 49.02 -22.29 68.05
CA ASN A 4465 48.50 -23.02 66.90
C ASN A 4465 47.12 -22.55 66.46
N SER A 4466 46.65 -21.41 66.97
CA SER A 4466 45.36 -20.86 66.57
C SER A 4466 45.45 -20.06 65.28
N VAL A 4467 46.51 -20.23 64.51
CA VAL A 4467 46.67 -19.52 63.24
C VAL A 4467 45.78 -20.19 62.20
N PRO A 4468 44.85 -19.49 61.57
CA PRO A 4468 44.27 -20.00 60.34
C PRO A 4468 45.37 -20.17 59.31
N LEU A 4469 45.11 -21.02 58.31
CA LEU A 4469 46.08 -21.39 57.29
C LEU A 4469 47.14 -22.34 57.83
N LEU A 4470 47.09 -22.69 59.12
CA LEU A 4470 48.17 -23.41 59.78
C LEU A 4470 47.60 -24.56 60.60
N ARG A 4471 46.65 -25.29 60.02
CA ARG A 4471 46.07 -26.45 60.66
C ARG A 4471 46.99 -27.66 60.53
N ASP A 4480 49.87 -27.72 52.53
CA ASP A 4480 51.17 -27.80 51.86
C ASP A 4480 52.23 -27.05 52.66
N GLY A 4481 53.49 -27.39 52.42
CA GLY A 4481 54.57 -26.81 53.18
C GLY A 4481 55.16 -25.55 52.59
N THR A 4482 55.53 -25.59 51.31
CA THR A 4482 56.15 -24.43 50.68
C THR A 4482 55.17 -23.27 50.60
N VAL A 4483 53.91 -23.57 50.27
CA VAL A 4483 52.87 -22.54 50.25
C VAL A 4483 52.69 -21.96 51.64
N THR A 4484 52.63 -22.83 52.66
CA THR A 4484 52.48 -22.34 54.03
C THR A 4484 53.65 -21.43 54.41
N GLU A 4485 54.85 -21.77 53.98
CA GLU A 4485 56.02 -21.00 54.37
C GLU A 4485 56.01 -19.63 53.70
N MET A 4486 55.70 -19.59 52.40
CA MET A 4486 55.60 -18.30 51.72
C MET A 4486 54.45 -17.48 52.28
N ALA A 4487 53.33 -18.13 52.60
CA ALA A 4487 52.21 -17.44 53.21
C ALA A 4487 52.62 -16.75 54.51
N ILE A 4488 53.29 -17.49 55.40
CA ILE A 4488 53.66 -16.92 56.69
C ILE A 4488 54.71 -15.83 56.52
N HIS A 4489 55.58 -15.97 55.53
CA HIS A 4489 56.55 -14.91 55.26
C HIS A 4489 55.85 -13.64 54.80
N ALA A 4490 54.91 -13.78 53.87
CA ALA A 4490 54.15 -12.63 53.42
C ALA A 4490 53.35 -12.01 54.56
N ALA A 4491 52.75 -12.84 55.39
CA ALA A 4491 52.01 -12.35 56.55
C ALA A 4491 52.91 -11.48 57.41
N ALA A 4492 54.11 -11.99 57.74
CA ALA A 4492 55.00 -11.23 58.61
C ALA A 4492 55.40 -9.92 57.95
N VAL A 4493 55.73 -9.97 56.65
CA VAL A 4493 56.19 -8.76 55.96
C VAL A 4493 55.09 -7.72 55.90
N LEU A 4494 53.86 -8.15 55.61
CA LEU A 4494 52.74 -7.22 55.54
C LEU A 4494 52.42 -6.62 56.90
N LEU A 4495 52.40 -7.47 57.94
CA LEU A 4495 52.12 -6.98 59.28
C LEU A 4495 53.17 -5.96 59.73
N CYS A 4496 54.44 -6.34 59.67
CA CYS A 4496 55.50 -5.48 60.19
C CYS A 4496 55.90 -4.39 59.22
N GLY A 4497 55.72 -4.58 57.93
CA GLY A 4497 56.10 -3.57 56.95
C GLY A 4497 55.24 -2.33 57.11
N GLN A 4498 55.86 -1.21 57.47
CA GLN A 4498 55.16 0.06 57.59
C GLN A 4498 55.29 0.83 56.27
N ASN A 4499 54.63 0.29 55.26
CA ASN A 4499 54.74 0.78 53.89
C ASN A 4499 53.36 0.88 53.27
N GLU A 4500 53.20 1.87 52.39
CA GLU A 4500 51.93 2.08 51.72
C GLU A 4500 51.71 1.06 50.61
N LEU A 4501 52.80 0.65 49.94
CA LEU A 4501 52.68 -0.29 48.83
C LEU A 4501 52.04 -1.61 49.26
N LEU A 4502 52.25 -2.00 50.52
CA LEU A 4502 51.74 -3.28 51.00
C LEU A 4502 50.26 -3.23 51.38
N GLU A 4503 49.71 -2.04 51.62
CA GLU A 4503 48.36 -1.93 52.16
C GLU A 4503 47.31 -2.68 51.36
N PRO A 4504 47.28 -2.60 50.02
CA PRO A 4504 46.33 -3.45 49.28
C PRO A 4504 46.43 -4.93 49.64
N LEU A 4505 47.64 -5.50 49.61
CA LEU A 4505 47.82 -6.89 49.99
C LEU A 4505 47.48 -7.13 51.45
N LYS A 4506 47.81 -6.19 52.33
CA LYS A 4506 47.47 -6.35 53.73
C LYS A 4506 45.95 -6.38 53.92
N ASN A 4507 45.22 -5.57 53.15
CA ASN A 4507 43.77 -5.62 53.20
C ASN A 4507 43.26 -6.96 52.68
N LEU A 4508 43.78 -7.40 51.53
CA LEU A 4508 43.35 -8.69 51.00
C LEU A 4508 43.50 -9.78 52.05
N ALA A 4509 44.68 -9.86 52.65
CA ALA A 4509 44.94 -10.92 53.62
C ALA A 4509 44.09 -10.75 54.88
N PHE A 4510 44.21 -9.61 55.54
CA PHE A 4510 43.61 -9.41 56.85
C PHE A 4510 42.21 -8.79 56.81
N SER A 4511 41.84 -8.07 55.75
CA SER A 4511 40.55 -7.40 55.67
C SER A 4511 39.98 -7.57 54.26
N PRO A 4512 39.72 -8.82 53.85
CA PRO A 4512 39.31 -9.07 52.47
C PRO A 4512 37.96 -8.47 52.11
N ALA A 4513 37.05 -8.34 53.08
CA ALA A 4513 35.73 -7.78 52.81
C ALA A 4513 35.81 -6.46 52.07
N THR A 4514 36.78 -5.62 52.41
CA THR A 4514 36.91 -4.33 51.73
C THR A 4514 37.25 -4.51 50.25
N MET A 4515 38.12 -5.46 49.95
CA MET A 4515 38.58 -5.69 48.58
C MET A 4515 37.56 -6.43 47.72
N ALA A 4516 36.31 -6.54 48.18
CA ALA A 4516 35.30 -7.27 47.43
C ALA A 4516 35.27 -6.83 45.96
N HIS A 4517 35.06 -5.54 45.74
CA HIS A 4517 35.00 -4.97 44.39
C HIS A 4517 36.33 -4.41 43.94
N ALA A 4518 37.43 -4.91 44.49
CA ALA A 4518 38.75 -4.39 44.17
C ALA A 4518 39.31 -5.04 42.91
N PHE A 4519 40.06 -4.25 42.16
CA PHE A 4519 40.80 -4.77 41.01
C PHE A 4519 42.11 -5.36 41.50
N LEU A 4520 42.32 -6.65 41.25
CA LEU A 4520 43.51 -7.33 41.69
C LEU A 4520 44.47 -7.56 40.53
N PRO A 4521 45.77 -7.62 40.78
CA PRO A 4521 46.68 -8.06 39.71
C PRO A 4521 46.30 -9.40 39.12
N THR A 4522 45.43 -10.16 39.79
CA THR A 4522 44.89 -11.41 39.26
C THR A 4522 43.80 -11.08 38.23
N MET A 4523 44.20 -10.35 37.19
CA MET A 4523 43.23 -9.86 36.28
C MET A 4523 43.84 -9.71 34.89
N PRO A 4524 43.22 -10.27 33.87
CA PRO A 4524 43.41 -9.76 32.51
C PRO A 4524 42.35 -8.72 32.22
N GLU A 4525 42.71 -7.77 31.36
CA GLU A 4525 41.86 -6.63 31.08
C GLU A 4525 41.49 -6.62 29.60
N ASP A 4526 40.39 -5.92 29.32
CA ASP A 4526 39.95 -5.72 27.95
C ASP A 4526 40.89 -4.73 27.27
N LEU A 4527 41.65 -5.21 26.30
CA LEU A 4527 42.52 -4.32 25.54
C LEU A 4527 41.72 -3.34 24.70
N LEU A 4528 40.45 -3.65 24.44
CA LEU A 4528 39.60 -2.70 23.73
C LEU A 4528 39.55 -1.37 24.47
N ALA A 4529 39.46 -1.41 25.79
CA ALA A 4529 39.41 -0.18 26.58
C ALA A 4529 40.69 0.63 26.45
N GLN A 4530 41.80 -0.02 26.09
CA GLN A 4530 43.05 0.68 25.84
C GLN A 4530 43.15 1.14 24.40
N ALA A 4531 42.57 0.37 23.46
CA ALA A 4531 42.69 0.72 22.05
C ALA A 4531 41.92 1.99 21.71
N ARG A 4532 40.94 2.37 22.52
CA ARG A 4532 40.17 3.58 22.29
C ARG A 4532 41.06 4.82 22.36
N HIS A 4541 40.64 -4.13 11.08
CA HIS A 4541 39.95 -3.97 12.35
C HIS A 4541 38.47 -4.30 12.20
N TRP A 4542 37.78 -4.47 13.33
CA TRP A 4542 36.37 -4.83 13.36
C TRP A 4542 35.58 -3.70 14.01
N TYR A 4543 34.66 -3.11 13.25
CA TYR A 4543 33.76 -2.11 13.77
C TYR A 4543 32.49 -2.81 14.28
N THR A 4544 31.47 -2.02 14.63
CA THR A 4544 30.22 -2.57 15.10
C THR A 4544 29.08 -1.67 14.66
N CYS A 4545 27.94 -2.27 14.37
CA CYS A 4545 26.74 -1.54 14.00
C CYS A 4545 26.07 -0.99 15.24
N PRO A 4546 25.01 -0.19 15.08
CA PRO A 4546 24.30 0.30 16.26
C PRO A 4546 23.57 -0.79 17.03
N ASN A 4547 23.16 -1.87 16.36
CA ASN A 4547 22.45 -2.95 17.04
C ASN A 4547 23.40 -3.91 17.75
N GLY A 4548 24.67 -3.91 17.37
CA GLY A 4548 25.69 -4.68 18.07
C GLY A 4548 26.36 -5.76 17.25
N HIS A 4549 25.89 -6.06 16.04
CA HIS A 4549 26.56 -7.17 15.36
C HIS A 4549 27.79 -6.68 14.61
N PRO A 4550 28.90 -7.41 14.67
CA PRO A 4550 30.16 -6.88 14.13
C PRO A 4550 30.08 -6.62 12.63
N CYS A 4551 31.05 -5.85 12.15
CA CYS A 4551 31.18 -5.53 10.74
C CYS A 4551 32.61 -5.10 10.48
N SER A 4552 33.21 -5.65 9.44
CA SER A 4552 34.59 -5.32 9.09
C SER A 4552 34.64 -4.02 8.28
N CYS A 4565 27.66 -0.76 4.51
CA CYS A 4565 26.79 -1.76 5.11
C CYS A 4565 27.06 -3.14 4.52
N ILE A 4566 27.35 -4.11 5.39
CA ILE A 4566 27.64 -5.47 4.98
C ILE A 4566 27.14 -6.42 6.06
N ASP A 4567 26.44 -7.47 5.64
CA ASP A 4567 25.96 -8.55 6.51
C ASP A 4567 25.06 -8.06 7.63
N CYS A 4568 24.59 -6.81 7.56
CA CYS A 4568 23.76 -6.25 8.63
C CYS A 4568 22.52 -5.51 8.14
N HIS A 4569 22.49 -5.04 6.90
CA HIS A 4569 21.41 -4.22 6.35
C HIS A 4569 21.28 -2.88 7.06
N ALA A 4570 22.21 -2.54 7.96
CA ALA A 4570 22.20 -1.27 8.67
C ALA A 4570 23.65 -0.88 8.94
N PRO A 4571 24.10 0.31 8.53
CA PRO A 4571 25.49 0.70 8.76
C PRO A 4571 25.73 1.21 10.18
N ASP A 4591 32.69 -2.11 28.90
CA ASP A 4591 34.02 -2.56 29.31
C ASP A 4591 33.98 -4.00 29.79
N ARG A 4592 34.82 -4.85 29.21
CA ARG A 4592 34.90 -6.25 29.59
C ARG A 4592 35.85 -6.49 30.75
N THR A 4593 36.40 -5.43 31.34
CA THR A 4593 37.35 -5.60 32.44
C THR A 4593 36.60 -5.99 33.70
N GLN A 4594 37.02 -7.09 34.33
CA GLN A 4594 36.29 -7.67 35.43
C GLN A 4594 37.11 -7.59 36.71
N THR A 4595 36.40 -7.52 37.83
CA THR A 4595 37.01 -7.39 39.14
C THR A 4595 37.13 -8.74 39.81
N GLY A 4596 37.75 -8.75 40.98
CA GLY A 4596 37.95 -9.97 41.71
C GLY A 4596 38.97 -10.87 41.05
N HIS A 4597 39.05 -12.10 41.56
CA HIS A 4597 39.93 -13.11 41.01
C HIS A 4597 39.15 -13.89 39.96
N VAL A 4598 39.52 -13.73 38.69
CA VAL A 4598 38.76 -14.26 37.57
C VAL A 4598 39.40 -15.49 36.96
N LEU A 4599 40.62 -15.84 37.37
CA LEU A 4599 41.28 -17.02 36.82
C LEU A 4599 40.58 -18.28 37.28
N GLY A 4600 40.34 -19.19 36.36
CA GLY A 4600 39.67 -20.43 36.66
C GLY A 4600 40.62 -21.54 37.07
N ASN A 4601 40.35 -22.75 36.60
CA ASN A 4601 41.17 -23.89 36.96
C ASN A 4601 42.64 -23.62 36.60
N PRO A 4602 43.57 -23.78 37.54
CA PRO A 4602 44.98 -23.52 37.22
C PRO A 4602 45.56 -24.49 36.22
N GLN A 4603 44.93 -25.64 36.00
CA GLN A 4603 45.51 -26.65 35.12
C GLN A 4603 45.82 -26.08 33.74
N ARG A 4604 45.06 -25.09 33.28
CA ARG A 4604 45.24 -24.56 31.94
C ARG A 4604 46.52 -23.73 31.81
N ARG A 4605 47.09 -23.29 32.92
CA ARG A 4605 48.15 -22.28 32.92
C ARG A 4605 49.48 -22.93 32.57
N ASP A 4606 49.74 -23.07 31.27
CA ASP A 4606 51.05 -23.52 30.82
C ASP A 4606 52.02 -22.36 30.65
N VAL A 4607 51.53 -21.20 30.24
CA VAL A 4607 52.36 -20.02 30.01
C VAL A 4607 51.64 -18.80 30.58
N VAL A 4608 52.43 -17.79 30.92
CA VAL A 4608 51.94 -16.55 31.53
C VAL A 4608 52.06 -15.42 30.53
N THR A 4609 51.03 -14.57 30.48
CA THR A 4609 51.05 -13.39 29.64
C THR A 4609 50.44 -12.23 30.42
N CYS A 4610 51.06 -11.06 30.34
CA CYS A 4610 50.59 -9.86 30.99
C CYS A 4610 50.51 -8.76 29.95
N ASP A 4611 49.37 -8.06 29.91
CA ASP A 4611 49.12 -7.07 28.87
C ASP A 4611 49.89 -5.77 29.07
N ARG A 4612 50.34 -5.50 30.30
CA ARG A 4612 50.92 -4.21 30.65
C ARG A 4612 52.42 -4.16 30.38
N GLY A 4613 52.93 -5.00 29.48
CA GLY A 4613 54.31 -4.92 29.05
C GLY A 4613 55.34 -5.23 30.12
N LEU A 4614 54.94 -5.51 31.35
CA LEU A 4614 55.90 -5.80 32.38
C LEU A 4614 56.56 -7.15 32.15
N PRO A 4615 57.75 -7.36 32.71
CA PRO A 4615 58.40 -8.66 32.59
C PRO A 4615 57.50 -9.76 33.12
N PRO A 4616 57.31 -10.84 32.35
CA PRO A 4616 56.43 -11.92 32.84
C PRO A 4616 56.83 -12.42 34.21
N VAL A 4617 58.14 -12.47 34.50
CA VAL A 4617 58.60 -12.92 35.80
C VAL A 4617 58.06 -12.02 36.90
N VAL A 4618 58.18 -10.70 36.70
CA VAL A 4618 57.73 -9.75 37.72
C VAL A 4618 56.22 -9.84 37.91
N PHE A 4619 55.46 -9.98 36.82
CA PHE A 4619 54.02 -10.13 36.97
C PHE A 4619 53.69 -11.44 37.68
N LEU A 4620 54.44 -12.50 37.37
CA LEU A 4620 54.25 -13.77 38.06
C LEU A 4620 54.48 -13.63 39.55
N LEU A 4621 55.55 -12.95 39.94
CA LEU A 4621 55.80 -12.70 41.36
C LEU A 4621 54.68 -11.89 41.99
N ILE A 4622 54.21 -10.85 41.30
CA ILE A 4622 53.08 -10.08 41.79
C ILE A 4622 51.88 -10.99 42.00
N ARG A 4623 51.61 -11.87 41.03
CA ARG A 4623 50.50 -12.80 41.13
C ARG A 4623 50.67 -13.73 42.31
N LEU A 4624 51.90 -14.18 42.53
CA LEU A 4624 52.20 -15.09 43.64
C LEU A 4624 51.95 -14.42 44.98
N LEU A 4625 52.52 -13.22 45.17
CA LEU A 4625 52.25 -12.46 46.38
C LEU A 4625 50.76 -12.23 46.57
N THR A 4626 50.06 -11.91 45.48
CA THR A 4626 48.62 -11.68 45.57
C THR A 4626 47.89 -12.94 46.01
N HIS A 4627 48.26 -14.08 45.42
CA HIS A 4627 47.63 -15.35 45.77
C HIS A 4627 47.91 -15.71 47.22
N LEU A 4628 49.12 -15.39 47.72
CA LEU A 4628 49.42 -15.63 49.11
C LEU A 4628 48.54 -14.77 50.03
N ALA A 4629 48.40 -13.49 49.69
CA ALA A 4629 47.49 -12.63 50.45
C ALA A 4629 46.07 -13.16 50.40
N LEU A 4630 45.62 -13.60 49.22
CA LEU A 4630 44.28 -14.15 49.07
C LEU A 4630 44.11 -15.42 49.89
N LEU A 4631 45.14 -16.26 49.94
CA LEU A 4631 45.10 -17.46 50.76
C LEU A 4631 44.96 -17.10 52.23
N LEU A 4632 45.71 -16.09 52.67
CA LEU A 4632 45.56 -15.63 54.04
C LEU A 4632 44.14 -15.13 54.30
N GLY A 4633 43.58 -14.36 53.36
CA GLY A 4633 42.23 -13.88 53.54
C GLY A 4633 41.22 -15.01 53.59
N ALA A 4634 41.34 -15.96 52.67
CA ALA A 4634 40.48 -17.14 52.70
C ALA A 4634 40.55 -17.82 54.04
N SER A 4635 41.75 -17.85 54.64
CA SER A 4635 41.87 -18.37 55.99
C SER A 4635 41.09 -17.49 56.98
N GLN A 4636 41.18 -16.17 56.81
CA GLN A 4636 40.45 -15.26 57.71
C GLN A 4636 38.95 -15.41 57.51
N SER A 4637 38.48 -15.27 56.27
CA SER A 4637 37.08 -15.46 55.94
C SER A 4637 36.98 -15.98 54.51
N SER A 4638 36.45 -17.19 54.36
CA SER A 4638 36.37 -17.83 53.05
C SER A 4638 35.33 -17.16 52.16
N GLN A 4639 34.14 -16.90 52.72
CA GLN A 4639 33.04 -16.37 51.93
C GLN A 4639 33.46 -15.12 51.16
N ALA A 4640 34.27 -14.25 51.78
CA ALA A 4640 34.74 -13.06 51.10
C ALA A 4640 35.46 -13.42 49.81
N LEU A 4641 36.34 -14.41 49.88
CA LEU A 4641 37.07 -14.85 48.68
C LEU A 4641 36.14 -15.50 47.69
N ILE A 4642 35.14 -16.24 48.16
CA ILE A 4642 34.15 -16.81 47.25
C ILE A 4642 33.49 -15.69 46.46
N ASN A 4643 33.23 -14.56 47.13
CA ASN A 4643 32.73 -13.39 46.44
C ASN A 4643 33.77 -12.87 45.45
N ILE A 4644 35.04 -12.86 45.86
CA ILE A 4644 36.10 -12.29 45.03
C ILE A 4644 36.51 -13.21 43.90
N ILE A 4645 36.27 -14.51 44.02
CA ILE A 4645 36.71 -15.49 43.03
C ILE A 4645 35.55 -15.77 42.09
N LYS A 4646 35.81 -15.69 40.79
CA LYS A 4646 34.80 -15.84 39.77
C LYS A 4646 35.37 -16.67 38.64
N PRO A 4647 34.75 -17.80 38.28
CA PRO A 4647 33.54 -18.40 38.85
C PRO A 4647 33.70 -18.84 40.30
N PRO A 4648 32.58 -19.09 40.99
CA PRO A 4648 32.66 -19.45 42.41
C PRO A 4648 33.38 -20.77 42.61
N VAL A 4649 33.70 -21.03 43.88
CA VAL A 4649 34.41 -22.24 44.28
C VAL A 4649 33.95 -22.65 45.66
N ARG A 4650 34.18 -23.92 45.99
CA ARG A 4650 33.87 -24.44 47.32
C ARG A 4650 35.08 -24.45 48.25
N ASP A 4651 36.28 -24.59 47.69
CA ASP A 4651 37.52 -24.72 48.46
C ASP A 4651 38.47 -23.62 47.98
N PRO A 4652 38.30 -22.39 48.48
CA PRO A 4652 39.15 -21.30 47.99
C PRO A 4652 40.61 -21.50 48.32
N LYS A 4653 40.92 -21.95 49.54
CA LYS A 4653 42.31 -22.06 49.95
C LYS A 4653 43.06 -23.07 49.10
N GLY A 4654 42.49 -24.26 48.91
CA GLY A 4654 43.12 -25.24 48.04
C GLY A 4654 43.29 -24.73 46.62
N PHE A 4655 42.26 -24.06 46.10
CA PHE A 4655 42.35 -23.47 44.76
C PHE A 4655 43.54 -22.52 44.66
N LEU A 4656 43.70 -21.66 45.67
CA LEU A 4656 44.81 -20.72 45.67
C LEU A 4656 46.14 -21.45 45.84
N GLN A 4657 46.16 -22.50 46.65
CA GLN A 4657 47.34 -23.35 46.76
C GLN A 4657 47.75 -23.86 45.38
N GLN A 4658 46.77 -24.35 44.62
CA GLN A 4658 47.08 -24.91 43.30
C GLN A 4658 47.61 -23.83 42.38
N HIS A 4659 47.02 -22.64 42.44
CA HIS A 4659 47.52 -21.54 41.63
C HIS A 4659 48.95 -21.17 42.03
N ILE A 4660 49.23 -21.14 43.33
CA ILE A 4660 50.57 -20.82 43.81
C ILE A 4660 51.57 -21.85 43.32
N LEU A 4661 51.21 -23.13 43.40
CA LEU A 4661 52.09 -24.18 42.91
C LEU A 4661 52.35 -24.04 41.42
N LYS A 4662 51.31 -23.71 40.65
CA LYS A 4662 51.51 -23.47 39.23
C LYS A 4662 52.42 -22.28 39.00
N ASP A 4663 52.27 -21.24 39.82
CA ASP A 4663 53.16 -20.10 39.75
C ASP A 4663 54.60 -20.51 39.99
N LEU A 4664 54.83 -21.34 41.00
CA LEU A 4664 56.18 -21.83 41.28
C LEU A 4664 56.73 -22.62 40.10
N GLU A 4665 55.90 -23.48 39.51
CA GLU A 4665 56.32 -24.24 38.33
C GLU A 4665 56.76 -23.29 37.22
N GLN A 4666 55.94 -22.28 36.94
CA GLN A 4666 56.25 -21.34 35.87
C GLN A 4666 57.51 -20.54 36.19
N LEU A 4667 57.69 -20.17 37.46
CA LEU A 4667 58.93 -19.50 37.88
C LEU A 4667 60.13 -20.38 37.59
N ALA A 4668 60.05 -21.66 37.97
CA ALA A 4668 61.15 -22.57 37.71
C ALA A 4668 61.45 -22.61 36.21
N LYS A 4669 60.41 -22.70 35.39
CA LYS A 4669 60.60 -22.71 33.95
C LYS A 4669 61.31 -21.46 33.48
N MET A 4670 60.86 -20.30 33.94
CA MET A 4670 61.39 -19.02 33.46
C MET A 4670 62.84 -18.83 33.90
N LEU A 4671 63.09 -18.89 35.20
CA LEU A 4671 64.42 -18.58 35.72
C LEU A 4671 65.41 -19.71 35.51
N GLY A 4672 64.96 -20.96 35.57
CA GLY A 4672 65.85 -22.09 35.39
C GLY A 4672 66.50 -22.58 36.66
N HIS A 4673 65.88 -22.33 37.81
CA HIS A 4673 66.42 -22.74 39.11
C HIS A 4673 65.60 -23.88 39.69
N SER A 4674 66.15 -24.49 40.73
CA SER A 4674 65.44 -25.54 41.44
C SER A 4674 64.13 -25.00 42.02
N ALA A 4675 63.26 -25.93 42.39
CA ALA A 4675 62.01 -25.54 43.06
C ALA A 4675 62.30 -24.79 44.35
N ASP A 4676 63.28 -25.28 45.12
CA ASP A 4676 63.62 -24.65 46.38
C ASP A 4676 64.29 -23.31 46.15
N GLU A 4677 65.17 -23.23 45.15
CA GLU A 4677 65.74 -21.94 44.78
C GLU A 4677 64.67 -20.96 44.35
N THR A 4678 63.64 -21.44 43.65
CA THR A 4678 62.53 -20.57 43.26
C THR A 4678 61.80 -20.02 44.49
N ILE A 4679 61.42 -20.92 45.40
CA ILE A 4679 60.80 -20.44 46.63
C ILE A 4679 61.73 -19.48 47.35
N GLY A 4680 63.05 -19.69 47.21
CA GLY A 4680 64.01 -18.75 47.77
C GLY A 4680 63.93 -17.40 47.11
N VAL A 4681 63.71 -17.37 45.79
CA VAL A 4681 63.51 -16.11 45.10
C VAL A 4681 62.29 -15.39 45.65
N VAL A 4682 61.23 -16.16 45.93
CA VAL A 4682 60.03 -15.57 46.54
C VAL A 4682 60.37 -14.97 47.89
N HIS A 4683 61.13 -15.70 48.70
CA HIS A 4683 61.51 -15.20 50.01
C HIS A 4683 62.40 -13.97 49.89
N LEU A 4684 63.29 -13.97 48.90
CA LEU A 4684 64.12 -12.79 48.63
C LEU A 4684 63.27 -11.57 48.32
N VAL A 4685 62.22 -11.76 47.52
CA VAL A 4685 61.38 -10.63 47.13
C VAL A 4685 60.62 -10.11 48.34
N LEU A 4686 60.04 -11.02 49.13
CA LEU A 4686 59.35 -10.61 50.35
C LEU A 4686 60.31 -9.87 51.30
N ARG A 4687 61.56 -10.36 51.38
CA ARG A 4687 62.56 -9.68 52.19
C ARG A 4687 62.81 -8.27 51.66
N ARG A 4688 62.92 -8.13 50.34
CA ARG A 4688 63.14 -6.81 49.75
C ARG A 4688 62.00 -5.88 50.12
N LEU A 4689 60.77 -6.37 50.07
CA LEU A 4689 59.62 -5.56 50.45
C LEU A 4689 59.67 -5.19 51.92
N LEU A 4690 60.15 -6.09 52.77
CA LEU A 4690 60.22 -5.79 54.20
C LEU A 4690 61.32 -4.77 54.49
N GLN A 4691 62.43 -4.84 53.76
CA GLN A 4691 63.50 -3.88 53.94
C GLN A 4691 63.13 -2.56 53.28
N GLU A 4692 62.51 -2.63 52.10
CA GLU A 4692 61.91 -1.47 51.46
C GLU A 4692 60.51 -1.23 52.04
N GLN A 4693 60.47 -1.01 53.35
CA GLN A 4693 59.23 -0.72 54.05
C GLN A 4693 59.23 0.68 54.64
N HIS A 4694 60.27 1.06 55.39
CA HIS A 4694 60.45 2.44 55.82
C HIS A 4694 61.49 3.16 54.98
N GLN A 4695 62.34 2.43 54.25
CA GLN A 4695 63.10 3.03 53.16
C GLN A 4695 62.18 3.68 52.14
N LEU A 4696 60.88 3.38 52.19
CA LEU A 4696 59.86 4.06 51.40
C LEU A 4696 59.21 5.18 52.18
N SER A 4697 59.90 5.70 53.21
CA SER A 4697 59.36 6.76 54.05
C SER A 4697 58.79 7.90 53.22
N SER A 4698 59.63 8.54 52.41
CA SER A 4698 59.21 9.66 51.58
C SER A 4698 59.59 9.36 50.14
N ARG A 4699 59.46 10.37 49.26
CA ARG A 4699 59.54 10.15 47.81
C ARG A 4699 58.38 9.28 47.35
N ARG A 4700 57.27 9.34 48.09
CA ARG A 4700 56.14 8.44 47.94
C ARG A 4700 54.96 9.21 47.36
N LEU A 4701 54.91 9.31 46.04
CA LEU A 4701 53.73 9.80 45.32
C LEU A 4701 53.45 8.80 44.21
N LEU A 4702 52.72 7.74 44.55
CA LEU A 4702 52.37 6.66 43.65
C LEU A 4702 50.85 6.55 43.65
N ASN A 4703 50.23 6.84 42.51
CA ASN A 4703 48.77 6.96 42.46
C ASN A 4703 48.09 5.61 42.55
N PHE A 4704 47.71 5.20 43.75
CA PHE A 4704 46.93 3.99 43.94
C PHE A 4704 46.22 4.07 45.28
N ASP A 4705 45.03 3.48 45.33
CA ASP A 4705 44.23 3.41 46.54
C ASP A 4705 44.47 2.09 47.26
N THR A 4706 44.33 2.12 48.59
CA THR A 4706 44.55 0.91 49.38
C THR A 4706 43.50 -0.15 49.11
N GLU A 4707 42.37 0.22 48.49
CA GLU A 4707 41.31 -0.72 48.19
C GLU A 4707 41.29 -1.16 46.74
N LEU A 4708 42.25 -0.70 45.93
CA LEU A 4708 42.33 -1.04 44.51
C LEU A 4708 40.95 -0.92 43.86
N SER A 4709 40.39 0.28 43.96
CA SER A 4709 39.02 0.53 43.55
C SER A 4709 38.83 0.48 42.04
N THR A 4710 39.89 0.70 41.26
CA THR A 4710 39.74 0.86 39.83
C THR A 4710 40.86 0.11 39.12
N LYS A 4711 40.95 0.33 37.80
CA LYS A 4711 41.90 -0.35 36.94
C LYS A 4711 43.26 0.32 36.94
N GLU A 4712 43.29 1.65 37.06
CA GLU A 4712 44.53 2.38 37.07
C GLU A 4712 45.24 2.26 38.41
N MET A 4713 44.49 2.26 39.51
CA MET A 4713 45.10 2.06 40.81
C MET A 4713 45.86 0.74 40.82
N ARG A 4714 45.21 -0.32 40.33
CA ARG A 4714 45.82 -1.65 40.25
C ARG A 4714 47.05 -1.64 39.35
N ASN A 4715 46.93 -1.05 38.16
CA ASN A 4715 48.09 -0.99 37.27
C ASN A 4715 49.26 -0.27 37.94
N ASN A 4716 48.96 0.82 38.65
CA ASN A 4716 50.03 1.59 39.28
C ASN A 4716 50.68 0.80 40.40
N TRP A 4717 49.88 0.13 41.23
CA TRP A 4717 50.42 -0.75 42.25
C TRP A 4717 51.34 -1.79 41.61
N GLU A 4718 50.90 -2.36 40.49
CA GLU A 4718 51.71 -3.37 39.80
C GLU A 4718 53.06 -2.79 39.42
N LYS A 4719 53.05 -1.59 38.83
CA LYS A 4719 54.29 -1.05 38.30
C LYS A 4719 55.25 -0.66 39.42
N GLU A 4720 54.71 -0.11 40.50
CA GLU A 4720 55.55 0.19 41.67
C GLU A 4720 56.17 -1.08 42.22
N ILE A 4721 55.35 -2.09 42.49
CA ILE A 4721 55.86 -3.38 42.94
C ILE A 4721 56.97 -3.86 42.01
N ALA A 4722 56.75 -3.78 40.70
CA ALA A 4722 57.75 -4.24 39.75
C ALA A 4722 59.05 -3.47 39.91
N ALA A 4723 58.95 -2.17 40.18
CA ALA A 4723 60.15 -1.36 40.30
C ALA A 4723 60.90 -1.71 41.57
N VAL A 4724 60.19 -2.20 42.57
CA VAL A 4724 60.83 -2.65 43.80
C VAL A 4724 61.48 -4.02 43.60
N ILE A 4725 60.75 -4.95 42.97
CA ILE A 4725 61.20 -6.32 42.85
C ILE A 4725 62.38 -6.45 41.90
N SER A 4726 62.36 -5.77 40.76
CA SER A 4726 63.38 -6.01 39.75
C SER A 4726 64.80 -5.92 40.28
N PRO A 4727 65.15 -4.93 41.10
CA PRO A 4727 66.50 -4.90 41.67
C PRO A 4727 66.88 -6.21 42.33
N GLU A 4728 65.93 -6.90 42.95
CA GLU A 4728 66.26 -8.12 43.68
C GLU A 4728 66.55 -9.25 42.69
N LEU A 4729 65.67 -9.44 41.72
CA LEU A 4729 65.87 -10.51 40.76
C LEU A 4729 67.16 -10.32 39.98
N GLU A 4730 67.58 -9.07 39.78
CA GLU A 4730 68.78 -8.84 38.98
C GLU A 4730 70.01 -9.52 39.58
N HIS A 4731 70.04 -9.71 40.90
CA HIS A 4731 71.23 -10.11 41.62
C HIS A 4731 71.19 -11.56 42.09
N LEU A 4732 70.27 -12.37 41.53
CA LEU A 4732 70.10 -13.73 42.04
C LEU A 4732 71.37 -14.55 41.90
N ASP A 4733 72.14 -14.34 40.84
CA ASP A 4733 73.38 -15.10 40.66
C ASP A 4733 74.26 -15.03 41.90
N LYS A 4734 74.28 -13.87 42.57
CA LYS A 4734 75.03 -13.73 43.81
C LYS A 4734 74.21 -14.17 45.02
N THR A 4735 72.97 -13.67 45.13
CA THR A 4735 72.21 -13.85 46.36
C THR A 4735 71.82 -15.30 46.62
N LEU A 4736 71.62 -16.11 45.57
CA LEU A 4736 71.18 -17.48 45.80
C LEU A 4736 72.28 -18.36 46.36
N PRO A 4737 73.50 -18.36 45.84
CA PRO A 4737 74.58 -19.11 46.50
C PRO A 4737 74.73 -18.82 47.99
N THR A 4738 74.54 -17.56 48.40
CA THR A 4738 74.62 -17.25 49.83
C THR A 4738 73.59 -18.04 50.62
N MET A 4739 72.33 -18.00 50.19
CA MET A 4739 71.29 -18.68 50.94
C MET A 4739 71.50 -20.19 50.87
N ASN A 4740 71.92 -20.69 49.71
CA ASN A 4740 72.20 -22.12 49.59
C ASN A 4740 73.27 -22.55 50.59
N ASN A 4741 74.33 -21.76 50.71
CA ASN A 4741 75.38 -22.08 51.68
C ASN A 4741 74.84 -22.04 53.09
N LEU A 4742 74.13 -20.97 53.44
CA LEU A 4742 73.64 -20.85 54.82
C LEU A 4742 72.69 -21.98 55.18
N ILE A 4743 71.92 -22.48 54.21
CA ILE A 4743 71.04 -23.61 54.49
C ILE A 4743 71.85 -24.90 54.59
N SER A 4744 72.72 -25.13 53.61
CA SER A 4744 73.48 -26.38 53.58
C SER A 4744 74.38 -26.51 54.80
N GLN A 4745 74.92 -25.41 55.29
CA GLN A 4745 75.85 -25.43 56.40
C GLN A 4745 75.15 -25.45 57.76
N ASP A 4746 73.83 -25.41 57.78
CA ASP A 4746 73.09 -25.42 59.04
C ASP A 4746 73.15 -26.82 59.66
N LYS A 4747 73.24 -26.85 60.99
CA LYS A 4747 73.30 -28.13 61.69
C LYS A 4747 72.07 -28.98 61.41
N ARG A 4748 70.95 -28.35 61.04
CA ARG A 4748 69.75 -29.10 60.71
C ARG A 4748 69.92 -29.93 59.45
N ILE A 4749 70.89 -29.58 58.60
CA ILE A 4749 71.00 -30.16 57.27
C ILE A 4749 72.36 -30.77 57.05
N SER A 4750 73.42 -30.05 57.46
CA SER A 4750 74.78 -30.46 57.15
C SER A 4750 75.12 -31.86 57.65
N SER A 4751 74.29 -32.44 58.53
CA SER A 4751 74.46 -33.80 58.98
C SER A 4751 73.62 -34.79 58.16
N ASN A 4752 72.97 -34.31 57.10
CA ASN A 4752 72.16 -35.11 56.21
C ASN A 4752 72.92 -35.40 54.92
N PRO A 4753 72.94 -36.65 54.45
CA PRO A 4753 73.70 -36.95 53.23
C PRO A 4753 73.05 -36.42 51.96
N VAL A 4754 71.72 -36.38 51.89
CA VAL A 4754 71.06 -35.89 50.68
C VAL A 4754 71.46 -34.44 50.42
N ALA A 4755 71.53 -33.62 51.45
CA ALA A 4755 72.00 -32.26 51.30
C ALA A 4755 73.44 -32.22 50.81
N LYS A 4756 74.31 -33.05 51.40
CA LYS A 4756 75.69 -33.10 50.95
C LYS A 4756 75.77 -33.49 49.49
N ILE A 4757 74.80 -34.25 49.01
CA ILE A 4757 74.76 -34.63 47.60
C ILE A 4757 74.29 -33.49 46.74
N ILE A 4758 73.33 -32.71 47.25
CA ILE A 4758 72.73 -31.65 46.45
C ILE A 4758 73.65 -30.44 46.37
N TYR A 4759 74.20 -30.03 47.51
CA TYR A 4759 74.92 -28.76 47.62
C TYR A 4759 76.43 -28.92 47.58
N GLY A 4760 76.98 -29.88 48.29
CA GLY A 4760 78.41 -30.08 48.37
C GLY A 4760 78.91 -31.17 47.45
N ASP A 4761 80.11 -31.65 47.73
CA ASP A 4761 80.70 -32.76 47.00
C ASP A 4761 80.63 -34.01 47.88
N PRO A 4762 79.85 -35.03 47.51
CA PRO A 4762 79.71 -36.19 48.39
C PRO A 4762 81.00 -36.96 48.60
N VAL A 4763 81.98 -36.79 47.72
CA VAL A 4763 83.27 -37.48 47.88
C VAL A 4763 83.79 -37.37 49.30
N THR A 4764 83.50 -36.24 49.97
CA THR A 4764 83.93 -36.08 51.35
C THR A 4764 83.36 -37.16 52.25
N PHE A 4765 82.15 -37.66 51.95
CA PHE A 4765 81.45 -38.55 52.84
C PHE A 4765 80.99 -39.84 52.18
N LEU A 4766 81.23 -40.00 50.88
CA LEU A 4766 80.99 -41.27 50.21
C LEU A 4766 82.31 -41.86 49.77
N PRO A 4767 82.75 -42.98 50.34
CA PRO A 4767 84.06 -43.54 49.96
C PRO A 4767 84.02 -44.33 48.67
N HIS A 4768 82.86 -44.90 48.35
CA HIS A 4768 82.73 -45.70 47.14
C HIS A 4768 82.94 -44.87 45.87
N LEU A 4769 82.83 -43.56 45.96
CA LEU A 4769 82.89 -42.72 44.77
C LEU A 4769 84.27 -42.77 44.14
N PRO A 4770 84.40 -43.17 42.88
CA PRO A 4770 85.70 -43.10 42.22
C PRO A 4770 86.22 -41.67 42.17
N ARG A 4771 87.55 -41.55 42.10
CA ARG A 4771 88.20 -40.25 42.07
C ARG A 4771 89.30 -40.20 41.02
N LYS A 4772 89.36 -41.16 40.10
CA LYS A 4772 90.47 -41.24 39.17
C LYS A 4772 90.25 -40.34 37.96
N SER A 4773 89.15 -40.55 37.24
CA SER A 4773 88.92 -39.90 35.96
C SER A 4773 88.22 -38.57 36.18
N VAL A 4774 88.66 -37.56 35.43
CA VAL A 4774 88.02 -36.25 35.47
C VAL A 4774 86.52 -36.38 35.34
N VAL A 4775 86.05 -37.40 34.64
CA VAL A 4775 84.63 -37.62 34.51
C VAL A 4775 84.01 -38.08 35.81
N HIS A 4776 84.81 -38.58 36.75
CA HIS A 4776 84.33 -38.97 38.07
C HIS A 4776 84.34 -37.82 39.07
N CYS A 4777 84.22 -36.59 38.59
CA CYS A 4777 84.18 -35.42 39.46
C CYS A 4777 82.78 -35.26 40.03
N SER A 4778 82.53 -34.10 40.63
CA SER A 4778 81.22 -33.77 41.16
C SER A 4778 80.42 -32.84 40.25
N LYS A 4779 81.10 -32.04 39.43
CA LYS A 4779 80.38 -31.11 38.57
C LYS A 4779 79.85 -31.80 37.32
N ILE A 4780 80.65 -32.65 36.69
CA ILE A 4780 80.18 -33.38 35.52
C ILE A 4780 78.91 -34.16 35.84
N TRP A 4781 78.65 -34.43 37.12
CA TRP A 4781 77.44 -35.10 37.56
C TRP A 4781 76.55 -34.15 38.35
N SER A 4782 76.60 -32.87 37.98
CA SER A 4782 75.78 -31.83 38.59
C SER A 4782 74.57 -31.54 37.71
N CYS A 4783 73.67 -30.74 38.24
CA CYS A 4783 72.48 -30.37 37.50
C CYS A 4783 72.86 -29.47 36.33
N ARG A 4784 71.86 -29.04 35.58
CA ARG A 4784 72.09 -28.26 34.37
C ARG A 4784 70.84 -27.48 34.04
N LYS A 4785 71.03 -26.32 33.44
CA LYS A 4785 69.92 -25.45 33.10
C LYS A 4785 69.10 -26.06 31.97
N ARG A 4786 67.84 -26.36 32.24
CA ARG A 4786 66.94 -26.88 31.22
C ARG A 4786 66.48 -25.73 30.33
N ILE A 4787 66.75 -25.84 29.03
CA ILE A 4787 66.40 -24.77 28.10
C ILE A 4787 64.94 -24.90 27.71
N THR A 4788 64.23 -23.78 27.77
CA THR A 4788 62.80 -23.76 27.47
C THR A 4788 62.46 -22.45 26.77
N VAL A 4789 61.20 -22.32 26.37
CA VAL A 4789 60.73 -21.07 25.80
C VAL A 4789 60.70 -19.98 26.87
N GLU A 4790 60.22 -20.31 28.06
CA GLU A 4790 60.07 -19.30 29.11
C GLU A 4790 61.42 -18.76 29.54
N TYR A 4791 62.43 -19.63 29.64
CA TYR A 4791 63.77 -19.16 30.00
C TYR A 4791 64.33 -18.22 28.93
N LEU A 4792 64.10 -18.54 27.66
CA LEU A 4792 64.49 -17.64 26.58
C LEU A 4792 63.77 -16.31 26.69
N GLN A 4793 62.46 -16.36 26.98
CA GLN A 4793 61.67 -15.14 27.14
C GLN A 4793 62.26 -14.26 28.23
N HIS A 4794 62.51 -14.86 29.41
CA HIS A 4794 63.16 -14.13 30.49
C HIS A 4794 64.47 -13.51 30.04
N ILE A 4795 65.30 -14.28 29.34
CA ILE A 4795 66.62 -13.78 28.94
C ILE A 4795 66.46 -12.59 28.01
N VAL A 4796 65.53 -12.69 27.06
CA VAL A 4796 65.26 -11.56 26.16
C VAL A 4796 64.84 -10.34 26.96
N GLU A 4797 63.86 -10.51 27.85
CA GLU A 4797 63.44 -9.41 28.71
C GLU A 4797 64.63 -8.77 29.41
N GLN A 4798 65.60 -9.58 29.84
CA GLN A 4798 66.75 -9.03 30.56
C GLN A 4798 67.75 -8.36 29.62
N LYS A 4799 67.89 -8.88 28.40
CA LYS A 4799 68.92 -8.41 27.47
C LYS A 4799 68.42 -7.32 26.54
N ASN A 4800 67.46 -6.52 26.97
CA ASN A 4800 66.97 -5.39 26.17
C ASN A 4800 66.40 -5.88 24.84
N GLY A 4801 65.49 -6.86 24.93
CA GLY A 4801 65.04 -7.53 23.74
C GLY A 4801 64.00 -6.78 22.93
N LYS A 4802 63.14 -6.01 23.59
CA LYS A 4802 62.08 -5.32 22.87
C LYS A 4802 62.67 -4.38 21.82
N GLU A 4803 63.78 -3.73 22.15
CA GLU A 4803 64.52 -2.95 21.15
C GLU A 4803 65.38 -3.85 20.28
N ARG A 4804 66.22 -4.65 20.93
CA ARG A 4804 67.23 -5.43 20.23
C ARG A 4804 66.63 -6.57 19.41
N VAL A 4805 65.58 -7.20 19.91
CA VAL A 4805 64.96 -8.34 19.23
C VAL A 4805 63.45 -8.25 19.37
N PRO A 4806 62.79 -7.30 18.70
CA PRO A 4806 61.34 -7.15 18.89
C PRO A 4806 60.54 -8.31 18.32
N ILE A 4807 60.99 -8.88 17.20
CA ILE A 4807 60.25 -9.98 16.60
C ILE A 4807 60.26 -11.18 17.54
N LEU A 4808 61.44 -11.54 18.03
CA LEU A 4808 61.55 -12.65 18.96
C LEU A 4808 60.79 -12.35 20.25
N TRP A 4809 60.86 -11.11 20.73
CA TRP A 4809 60.12 -10.72 21.92
C TRP A 4809 58.63 -11.00 21.75
N HIS A 4810 58.03 -10.46 20.70
CA HIS A 4810 56.59 -10.61 20.52
C HIS A 4810 56.22 -12.06 20.25
N PHE A 4811 57.03 -12.75 19.44
CA PHE A 4811 56.79 -14.15 19.16
C PHE A 4811 56.77 -14.96 20.45
N LEU A 4812 57.76 -14.74 21.32
CA LEU A 4812 57.83 -15.50 22.57
C LEU A 4812 56.64 -15.18 23.45
N GLN A 4813 56.23 -13.91 23.50
CA GLN A 4813 55.06 -13.56 24.27
C GLN A 4813 53.85 -14.35 23.79
N LYS A 4814 53.55 -14.27 22.50
CA LYS A 4814 52.34 -14.87 21.96
C LYS A 4814 52.47 -16.34 21.60
N GLU A 4815 53.61 -16.99 21.85
CA GLU A 4815 53.82 -18.36 21.38
C GLU A 4815 52.70 -19.31 21.81
N ALA A 4816 52.31 -19.24 23.07
CA ALA A 4816 51.26 -20.08 23.62
C ALA A 4816 50.07 -20.15 22.67
N GLU A 4817 49.69 -19.00 22.12
CA GLU A 4817 48.52 -18.91 21.27
C GLU A 4817 48.87 -19.05 19.80
N LEU A 4818 50.06 -18.59 19.41
CA LEU A 4818 50.47 -18.64 18.01
C LEU A 4818 50.60 -20.06 17.52
N ARG A 4819 50.98 -21.00 18.39
CA ARG A 4819 51.03 -22.39 17.98
C ARG A 4819 49.69 -22.83 17.40
N LEU A 4820 48.59 -22.29 17.93
CA LEU A 4820 47.24 -22.63 17.48
C LEU A 4820 46.90 -22.02 16.12
N VAL A 4821 47.77 -21.21 15.55
CA VAL A 4821 47.52 -20.62 14.23
C VAL A 4821 47.54 -21.68 13.14
N LYS A 4822 48.31 -22.74 13.34
CA LYS A 4822 48.35 -23.84 12.39
C LYS A 4822 46.98 -24.48 12.17
N PHE A 4823 46.14 -24.53 13.20
CA PHE A 4823 44.83 -25.17 13.06
C PHE A 4823 43.90 -24.42 12.10
N LEU A 4824 43.94 -23.09 12.09
CA LEU A 4824 42.81 -22.37 11.50
C LEU A 4824 42.56 -22.58 10.02
N PRO A 4825 43.51 -23.06 9.22
CA PRO A 4825 43.12 -23.48 7.86
C PRO A 4825 42.06 -24.58 7.91
N GLU A 4826 42.20 -25.49 8.86
CA GLU A 4826 41.25 -26.59 8.97
C GLU A 4826 39.90 -26.07 9.44
N ILE A 4827 39.92 -25.18 10.44
CA ILE A 4827 38.67 -24.59 10.94
C ILE A 4827 37.98 -23.80 9.84
N LEU A 4828 38.77 -23.10 9.02
CA LEU A 4828 38.21 -22.38 7.89
C LEU A 4828 37.55 -23.33 6.90
N ALA A 4829 38.24 -24.42 6.54
CA ALA A 4829 37.63 -25.41 5.67
C ALA A 4829 36.32 -25.91 6.26
N LEU A 4830 36.31 -26.17 7.57
CA LEU A 4830 35.11 -26.68 8.21
C LEU A 4830 33.99 -25.68 8.06
N GLN A 4831 34.27 -24.42 8.36
CA GLN A 4831 33.25 -23.38 8.34
C GLN A 4831 32.76 -23.14 6.92
N ARG A 4832 33.66 -23.26 5.95
CA ARG A 4832 33.28 -23.15 4.55
C ARG A 4832 32.29 -24.22 4.15
N ASP A 4833 32.55 -25.48 4.54
CA ASP A 4833 31.60 -26.53 4.22
C ASP A 4833 30.30 -26.38 4.99
N LEU A 4834 30.38 -25.92 6.24
CA LEU A 4834 29.16 -25.69 7.01
C LEU A 4834 28.31 -24.62 6.37
N VAL A 4835 28.93 -23.53 5.92
CA VAL A 4835 28.23 -22.50 5.18
C VAL A 4835 27.58 -23.08 3.94
N LYS A 4836 28.37 -23.81 3.15
CA LYS A 4836 27.85 -24.40 1.92
C LYS A 4836 26.61 -25.23 2.21
N GLN A 4837 26.65 -26.04 3.26
CA GLN A 4837 25.51 -26.89 3.59
C GLN A 4837 24.32 -26.04 4.01
N PHE A 4838 24.52 -25.16 4.99
CA PHE A 4838 23.44 -24.39 5.59
C PHE A 4838 23.15 -23.06 4.90
N GLN A 4839 23.98 -22.64 3.93
CA GLN A 4839 23.73 -21.36 3.28
C GLN A 4839 22.40 -21.41 2.54
N ASN A 4840 21.71 -20.27 2.54
CA ASN A 4840 20.36 -20.08 2.01
C ASN A 4840 19.31 -20.76 2.87
N VAL A 4841 19.70 -21.45 3.94
CA VAL A 4841 18.76 -22.00 4.91
C VAL A 4841 18.54 -20.96 6.00
N GLN A 4842 17.33 -20.95 6.55
CA GLN A 4842 16.95 -20.01 7.59
C GLN A 4842 16.70 -20.66 8.93
N GLN A 4843 16.00 -21.80 8.95
CA GLN A 4843 15.74 -22.53 10.17
C GLN A 4843 16.84 -23.56 10.41
N VAL A 4844 17.16 -23.78 11.68
CA VAL A 4844 18.14 -24.78 12.10
C VAL A 4844 17.51 -25.57 13.23
N GLU A 4845 17.13 -26.82 12.95
CA GLU A 4845 16.48 -27.69 13.92
C GLU A 4845 17.43 -28.72 14.52
N TYR A 4846 18.73 -28.51 14.38
CA TYR A 4846 19.71 -29.51 14.81
C TYR A 4846 19.85 -29.48 16.32
N SER A 4847 19.90 -30.68 16.91
CA SER A 4847 20.00 -30.81 18.36
C SER A 4847 21.29 -30.17 18.86
N SER A 4848 22.42 -30.69 18.42
CA SER A 4848 23.74 -30.27 18.88
C SER A 4848 24.77 -30.84 17.93
N ILE A 4849 26.05 -30.73 18.30
CA ILE A 4849 27.10 -31.28 17.45
C ILE A 4849 27.02 -32.79 17.41
N ARG A 4850 26.75 -33.43 18.55
CA ARG A 4850 26.55 -34.88 18.55
C ARG A 4850 25.40 -35.28 17.65
N GLY A 4851 24.25 -34.61 17.80
CA GLY A 4851 23.14 -34.87 16.91
C GLY A 4851 23.50 -34.63 15.46
N PHE A 4852 24.13 -33.50 15.18
CA PHE A 4852 24.51 -33.17 13.81
C PHE A 4852 25.37 -34.27 13.21
N LEU A 4853 26.38 -34.71 13.95
CA LEU A 4853 27.25 -35.79 13.48
C LEU A 4853 26.43 -37.06 13.23
N SER A 4854 25.54 -37.41 14.16
CA SER A 4854 24.73 -38.60 13.98
C SER A 4854 23.87 -38.53 12.73
N LYS A 4855 23.42 -37.31 12.38
CA LYS A 4855 22.64 -37.14 11.16
C LYS A 4855 23.51 -37.38 9.93
N HIS A 4856 24.67 -36.75 9.87
CA HIS A 4856 25.65 -37.02 8.82
C HIS A 4856 26.59 -38.14 9.26
N SER A 4857 25.96 -39.28 9.56
CA SER A 4857 26.68 -40.44 10.08
C SER A 4857 27.36 -41.27 8.99
N SER A 4858 27.37 -40.81 7.74
CA SER A 4858 28.22 -41.46 6.75
C SER A 4858 29.62 -41.59 7.33
N ASP A 4859 30.06 -42.85 7.50
CA ASP A 4859 31.17 -43.12 8.41
C ASP A 4859 32.40 -42.28 8.08
N GLY A 4860 32.77 -42.23 6.81
CA GLY A 4860 33.89 -41.37 6.42
C GLY A 4860 33.64 -39.92 6.76
N LEU A 4861 32.47 -39.42 6.37
CA LEU A 4861 32.18 -38.01 6.58
C LEU A 4861 31.97 -37.75 8.06
N ARG A 4862 31.35 -38.70 8.78
CA ARG A 4862 31.16 -38.52 10.20
C ARG A 4862 32.50 -38.36 10.90
N GLN A 4863 33.48 -39.16 10.51
CA GLN A 4863 34.76 -39.16 11.22
C GLN A 4863 35.60 -37.95 10.82
N LEU A 4864 35.49 -37.49 9.58
CA LEU A 4864 36.19 -36.26 9.20
C LEU A 4864 35.61 -35.07 9.95
N LEU A 4865 34.28 -34.94 9.93
CA LEU A 4865 33.63 -33.89 10.72
C LEU A 4865 34.03 -33.95 12.18
N HIS A 4866 33.98 -35.15 12.78
CA HIS A 4866 34.35 -35.29 14.18
C HIS A 4866 35.77 -34.78 14.43
N ASN A 4867 36.72 -35.17 13.58
CA ASN A 4867 38.09 -34.69 13.73
C ASN A 4867 38.15 -33.18 13.71
N ARG A 4868 37.55 -32.56 12.69
CA ARG A 4868 37.60 -31.11 12.57
C ARG A 4868 36.94 -30.44 13.78
N ILE A 4869 35.78 -30.95 14.19
CA ILE A 4869 35.08 -30.41 15.35
C ILE A 4869 35.94 -30.52 16.60
N THR A 4870 36.69 -31.61 16.74
CA THR A 4870 37.56 -31.74 17.91
C THR A 4870 38.68 -30.73 17.87
N VAL A 4871 39.25 -30.49 16.69
CA VAL A 4871 40.25 -29.44 16.55
C VAL A 4871 39.68 -28.11 17.01
N PHE A 4872 38.52 -27.75 16.46
CA PHE A 4872 37.86 -26.51 16.84
C PHE A 4872 37.65 -26.43 18.34
N LEU A 4873 37.11 -27.49 18.95
CA LEU A 4873 36.79 -27.44 20.37
C LEU A 4873 38.04 -27.29 21.21
N SER A 4874 39.12 -28.00 20.86
CA SER A 4874 40.38 -27.84 21.58
C SER A 4874 40.85 -26.39 21.50
N THR A 4875 40.94 -25.86 20.28
CA THR A 4875 41.44 -24.50 20.10
C THR A 4875 40.59 -23.50 20.88
N TRP A 4876 39.26 -23.60 20.72
CA TRP A 4876 38.36 -22.73 21.46
C TRP A 4876 38.58 -22.86 22.96
N ASN A 4877 38.66 -24.08 23.46
CA ASN A 4877 38.80 -24.25 24.90
C ASN A 4877 40.03 -23.53 25.41
N LYS A 4878 41.14 -23.65 24.67
CA LYS A 4878 42.35 -22.95 25.09
C LYS A 4878 42.15 -21.43 25.03
N LEU A 4879 41.72 -20.91 23.88
CA LEU A 4879 41.71 -19.47 23.66
C LEU A 4879 40.60 -18.74 24.41
N ARG A 4880 39.50 -19.42 24.73
CA ARG A 4880 38.28 -18.75 25.18
C ARG A 4880 38.53 -17.74 26.29
N ARG A 4881 39.45 -18.04 27.21
CA ARG A 4881 39.67 -17.10 28.31
C ARG A 4881 40.47 -15.88 27.87
N SER A 4882 41.22 -15.99 26.78
CA SER A 4882 41.84 -14.80 26.20
C SER A 4882 40.83 -14.02 25.37
N LEU A 4883 39.96 -14.73 24.65
CA LEU A 4883 38.95 -14.06 23.84
C LEU A 4883 38.01 -13.22 24.69
N GLU A 4884 37.78 -13.61 25.93
CA GLU A 4884 36.90 -12.83 26.80
C GLU A 4884 37.42 -11.44 27.05
N THR A 4885 38.73 -11.23 26.93
CA THR A 4885 39.36 -9.92 27.13
C THR A 4885 39.88 -9.33 25.83
N ASN A 4886 40.45 -10.14 24.95
CA ASN A 4886 40.96 -9.71 23.66
C ASN A 4886 40.12 -10.29 22.54
N GLY A 4887 40.20 -9.69 21.37
CA GLY A 4887 39.63 -10.28 20.19
C GLY A 4887 38.96 -9.30 19.25
N GLU A 4888 38.63 -8.11 19.74
CA GLU A 4888 37.91 -7.07 19.02
C GLU A 4888 36.47 -7.44 18.76
N ILE A 4889 36.05 -8.65 19.14
CA ILE A 4889 34.67 -9.10 19.00
C ILE A 4889 34.15 -9.41 20.38
N ASN A 4890 33.14 -8.67 20.83
CA ASN A 4890 32.63 -8.85 22.17
C ASN A 4890 31.95 -10.20 22.30
N LEU A 4891 31.99 -10.75 23.51
CA LEU A 4891 31.51 -12.11 23.74
C LEU A 4891 30.92 -12.20 25.15
N PRO A 4892 29.63 -12.52 25.28
CA PRO A 4892 29.05 -12.72 26.60
C PRO A 4892 29.93 -13.63 27.45
N LYS A 4893 30.03 -13.30 28.74
CA LYS A 4893 30.92 -14.04 29.63
C LYS A 4893 30.54 -15.51 29.71
N ASP A 4894 29.24 -15.81 29.63
CA ASP A 4894 28.79 -17.20 29.69
C ASP A 4894 29.42 -18.03 28.57
N TYR A 4895 29.61 -17.43 27.40
CA TYR A 4895 30.07 -18.20 26.25
C TYR A 4895 31.51 -18.65 26.44
N CYS A 4896 32.38 -17.72 26.81
CA CYS A 4896 33.78 -18.03 27.09
C CYS A 4896 33.98 -18.73 28.42
N SER A 4897 32.96 -18.78 29.28
CA SER A 4897 33.16 -19.24 30.66
C SER A 4897 33.66 -20.68 30.69
N THR A 4898 32.94 -21.59 30.05
CA THR A 4898 33.17 -23.02 30.20
C THR A 4898 33.63 -23.65 28.90
N ASP A 4899 34.36 -24.75 29.02
CA ASP A 4899 34.83 -25.48 27.86
C ASP A 4899 33.67 -26.20 27.18
N LEU A 4900 33.84 -26.46 25.89
CA LEU A 4900 32.80 -27.01 25.05
C LEU A 4900 33.08 -28.47 24.73
N ASP A 4901 32.00 -29.20 24.44
CA ASP A 4901 32.08 -30.62 24.10
C ASP A 4901 31.07 -30.89 23.00
N LEU A 4902 31.02 -32.14 22.55
CA LEU A 4902 30.13 -32.51 21.47
C LEU A 4902 28.67 -32.23 21.80
N ASP A 4903 28.31 -32.21 23.09
CA ASP A 4903 26.96 -31.89 23.50
C ASP A 4903 26.65 -30.40 23.40
N THR A 4904 27.66 -29.58 23.12
CA THR A 4904 27.44 -28.15 22.97
C THR A 4904 26.52 -27.87 21.79
N GLU A 4905 25.80 -26.76 21.85
CA GLU A 4905 24.90 -26.41 20.77
C GLU A 4905 25.64 -26.32 19.45
N PHE A 4906 24.98 -26.74 18.39
CA PHE A 4906 25.61 -26.75 17.07
C PHE A 4906 25.91 -25.35 16.58
N GLU A 4907 25.09 -24.38 16.97
CA GLU A 4907 25.26 -23.01 16.46
C GLU A 4907 26.66 -22.48 16.72
N ILE A 4908 27.35 -23.01 17.72
CA ILE A 4908 28.67 -22.50 18.09
C ILE A 4908 29.63 -22.59 16.91
N LEU A 4909 29.41 -23.56 16.02
CA LEU A 4909 30.32 -23.80 14.91
C LEU A 4909 30.04 -22.91 13.72
N LEU A 4910 28.80 -22.47 13.54
CA LEU A 4910 28.45 -21.55 12.47
C LEU A 4910 28.79 -20.13 12.92
N PRO A 4911 29.81 -19.49 12.33
CA PRO A 4911 30.26 -18.17 12.81
C PRO A 4911 29.37 -17.02 12.39
N ARG A 4912 28.08 -17.15 12.66
CA ARG A 4912 27.15 -16.05 12.47
C ARG A 4912 27.60 -14.84 13.28
N ARG A 4913 27.21 -13.65 12.81
CA ARG A 4913 27.55 -12.41 13.49
C ARG A 4913 26.70 -12.17 14.73
N ARG A 4914 25.87 -13.13 15.14
CA ARG A 4914 25.09 -13.04 16.36
C ARG A 4914 25.12 -14.39 17.07
N GLY A 4915 24.55 -14.41 18.27
CA GLY A 4915 24.43 -15.62 19.03
C GLY A 4915 25.73 -16.38 19.20
N LEU A 4916 25.62 -17.68 19.45
CA LEU A 4916 26.81 -18.46 19.79
C LEU A 4916 27.78 -18.51 18.63
N GLY A 4917 27.33 -18.18 17.42
CA GLY A 4917 28.24 -18.18 16.30
C GLY A 4917 29.30 -17.13 16.39
N LEU A 4918 29.13 -16.15 17.28
CA LEU A 4918 30.20 -15.18 17.44
C LEU A 4918 31.47 -15.88 17.88
N CYS A 4919 31.32 -16.98 18.61
CA CYS A 4919 32.50 -17.67 19.09
C CYS A 4919 33.30 -18.21 17.93
N ALA A 4920 32.61 -18.82 16.97
CA ALA A 4920 33.32 -19.30 15.79
C ALA A 4920 33.92 -18.14 15.03
N THR A 4921 33.23 -17.00 15.02
CA THR A 4921 33.81 -15.84 14.37
C THR A 4921 35.01 -15.33 15.16
N ALA A 4922 34.86 -15.27 16.48
CA ALA A 4922 35.91 -14.71 17.31
C ALA A 4922 37.18 -15.52 17.16
N LEU A 4923 37.08 -16.84 17.30
CA LEU A 4923 38.27 -17.67 17.19
C LEU A 4923 38.95 -17.44 15.85
N VAL A 4924 38.15 -17.36 14.78
CA VAL A 4924 38.75 -17.14 13.46
C VAL A 4924 39.40 -15.77 13.42
N SER A 4925 38.80 -14.80 14.10
CA SER A 4925 39.37 -13.47 14.13
C SER A 4925 40.65 -13.46 14.97
N TYR A 4926 40.68 -14.24 16.07
CA TYR A 4926 41.82 -14.12 16.96
C TYR A 4926 43.09 -14.71 16.37
N LEU A 4927 42.99 -15.70 15.47
CA LEU A 4927 44.18 -16.03 14.69
C LEU A 4927 44.62 -14.80 13.93
N ILE A 4928 43.67 -14.18 13.23
CA ILE A 4928 43.99 -13.19 12.22
C ILE A 4928 44.77 -12.06 12.85
N ARG A 4929 44.37 -11.63 14.04
CA ARG A 4929 45.13 -10.63 14.78
C ARG A 4929 46.55 -11.10 15.06
N LEU A 4930 46.68 -12.31 15.61
CA LEU A 4930 47.97 -12.79 16.06
C LEU A 4930 48.93 -12.87 14.88
N HIS A 4931 48.51 -13.58 13.84
CA HIS A 4931 49.35 -13.69 12.66
C HIS A 4931 49.66 -12.30 12.14
N ASN A 4932 48.62 -11.49 11.96
CA ASN A 4932 48.83 -10.17 11.39
C ASN A 4932 49.78 -9.39 12.27
N GLU A 4933 49.60 -9.46 13.59
CA GLU A 4933 50.39 -8.61 14.45
C GLU A 4933 51.86 -8.99 14.36
N ILE A 4934 52.15 -10.29 14.30
CA ILE A 4934 53.56 -10.63 14.21
C ILE A 4934 54.06 -10.34 12.81
N VAL A 4935 53.17 -10.43 11.83
CA VAL A 4935 53.57 -10.04 10.49
C VAL A 4935 53.87 -8.55 10.48
N TYR A 4936 53.06 -7.75 11.17
CA TYR A 4936 53.39 -6.34 11.30
C TYR A 4936 54.75 -6.19 11.94
N ALA A 4937 55.01 -6.96 12.99
CA ALA A 4937 56.31 -6.87 13.63
C ALA A 4937 57.41 -7.13 12.62
N VAL A 4938 57.24 -8.13 11.77
CA VAL A 4938 58.26 -8.43 10.77
C VAL A 4938 58.30 -7.32 9.74
N GLU A 4939 57.13 -6.82 9.33
CA GLU A 4939 57.10 -5.80 8.30
C GLU A 4939 57.85 -4.56 8.75
N LYS A 4940 57.62 -4.14 9.99
CA LYS A 4940 58.29 -2.97 10.51
C LYS A 4940 59.81 -3.10 10.46
N LEU A 4941 60.31 -4.32 10.33
CA LEU A 4941 61.73 -4.58 10.31
C LEU A 4941 62.18 -5.19 8.99
N SER A 4942 61.24 -5.48 8.09
CA SER A 4942 61.60 -5.84 6.72
C SER A 4942 62.01 -4.62 5.91
N LYS A 4943 61.57 -3.43 6.32
CA LYS A 4943 61.82 -2.17 5.62
C LYS A 4943 61.09 -2.10 4.28
N GLU A 4944 60.05 -2.90 4.11
CA GLU A 4944 59.26 -2.92 2.89
C GLU A 4944 57.79 -2.74 3.24
N ASN A 4945 57.01 -2.34 2.22
CA ASN A 4945 55.62 -1.98 2.42
C ASN A 4945 54.73 -2.62 1.36
N ASN A 4946 55.06 -3.83 0.92
CA ASN A 4946 54.30 -4.48 -0.13
C ASN A 4946 54.01 -5.95 0.16
N SER A 4947 54.19 -6.41 1.39
CA SER A 4947 53.87 -7.78 1.74
C SER A 4947 52.49 -8.15 1.23
N TYR A 4948 52.43 -9.17 0.38
CA TYR A 4948 51.18 -9.51 -0.30
C TYR A 4948 50.17 -10.03 0.71
N SER A 4949 48.95 -9.49 0.63
CA SER A 4949 47.87 -9.94 1.49
C SER A 4949 47.09 -11.08 0.84
N VAL A 4950 46.27 -11.74 1.66
CA VAL A 4950 45.44 -12.85 1.23
C VAL A 4950 44.18 -12.84 2.07
N ASP A 4951 43.13 -13.48 1.56
CA ASP A 4951 41.83 -13.50 2.22
C ASP A 4951 41.57 -14.87 2.83
N ALA A 4952 40.57 -14.93 3.70
CA ALA A 4952 40.24 -16.13 4.46
C ALA A 4952 39.72 -17.27 3.59
N ALA A 4953 39.56 -17.06 2.28
CA ALA A 4953 39.13 -18.13 1.40
C ALA A 4953 40.31 -18.93 0.87
N GLU A 4954 41.37 -18.24 0.43
CA GLU A 4954 42.57 -18.89 -0.07
C GLU A 4954 43.45 -19.46 1.04
N VAL A 4955 43.03 -19.34 2.30
CA VAL A 4955 43.88 -19.71 3.42
C VAL A 4955 44.31 -21.16 3.28
N THR A 4956 45.62 -21.39 3.36
CA THR A 4956 46.19 -22.72 3.36
C THR A 4956 47.29 -22.76 4.40
N GLU A 4957 47.81 -23.96 4.66
CA GLU A 4957 48.85 -24.13 5.66
C GLU A 4957 50.13 -23.40 5.27
N LEU A 4958 50.27 -22.99 4.01
CA LEU A 4958 51.46 -22.27 3.59
C LEU A 4958 51.49 -20.85 4.14
N HIS A 4959 50.32 -20.25 4.36
CA HIS A 4959 50.25 -18.87 4.82
C HIS A 4959 50.37 -18.77 6.34
N VAL A 4960 49.62 -19.60 7.06
CA VAL A 4960 49.58 -19.50 8.50
C VAL A 4960 50.97 -19.74 9.10
N ILE A 4961 51.15 -19.27 10.33
CA ILE A 4961 52.41 -19.42 11.06
C ILE A 4961 52.34 -20.77 11.75
N SER A 4962 52.80 -21.81 11.06
CA SER A 4962 52.75 -23.18 11.56
C SER A 4962 54.12 -23.55 12.13
N TYR A 4963 54.17 -23.72 13.45
CA TYR A 4963 55.37 -24.19 14.12
C TYR A 4963 54.98 -25.16 15.22
N GLU A 4964 55.83 -26.15 15.43
CA GLU A 4964 55.71 -27.09 16.53
C GLU A 4964 56.83 -26.82 17.53
N VAL A 4965 56.46 -26.61 18.80
CA VAL A 4965 57.44 -26.21 19.80
C VAL A 4965 58.59 -27.22 19.85
N GLU A 4966 58.25 -28.50 20.06
CA GLU A 4966 59.29 -29.51 20.25
C GLU A 4966 59.97 -29.85 18.94
N ARG A 4967 59.19 -30.07 17.88
CA ARG A 4967 59.77 -30.47 16.61
C ARG A 4967 60.60 -29.36 15.99
N ASP A 4968 60.07 -28.14 15.98
CA ASP A 4968 60.66 -27.02 15.24
C ASP A 4968 61.45 -26.07 16.12
N LEU A 4969 60.87 -25.63 17.24
CA LEU A 4969 61.43 -24.51 17.99
C LEU A 4969 62.57 -24.96 18.91
N THR A 4970 62.30 -25.96 19.75
CA THR A 4970 63.31 -26.38 20.72
C THR A 4970 64.64 -26.74 20.06
N PRO A 4971 64.69 -27.57 19.02
CA PRO A 4971 65.95 -27.77 18.30
C PRO A 4971 66.63 -26.47 17.90
N LEU A 4972 65.83 -25.47 17.51
CA LEU A 4972 66.38 -24.17 17.13
C LEU A 4972 67.11 -23.53 18.31
N ILE A 4973 66.39 -23.37 19.42
CA ILE A 4973 67.00 -22.81 20.63
C ILE A 4973 68.26 -23.58 20.99
N LEU A 4974 68.15 -24.90 21.14
CA LEU A 4974 69.30 -25.71 21.54
C LEU A 4974 70.48 -25.54 20.60
N SER A 4975 70.21 -25.31 19.31
CA SER A 4975 71.29 -25.14 18.37
C SER A 4975 71.91 -23.75 18.50
N ASN A 4976 71.11 -22.76 18.89
CA ASN A 4976 71.61 -21.43 19.11
C ASN A 4976 72.26 -21.29 20.48
N CYS A 4977 71.71 -21.97 21.48
CA CYS A 4977 72.32 -22.00 22.80
C CYS A 4977 73.77 -22.42 22.70
N GLN A 4978 74.66 -21.50 23.07
CA GLN A 4978 76.09 -21.74 23.07
C GLN A 4978 76.63 -21.53 24.47
N TYR A 4979 77.88 -21.96 24.66
CA TYR A 4979 78.50 -22.00 25.97
C TYR A 4979 79.89 -21.40 25.88
N GLN A 4980 80.34 -20.82 26.99
CA GLN A 4980 81.67 -20.25 27.07
C GLN A 4980 82.34 -20.72 28.36
N VAL A 4981 83.67 -20.90 28.27
CA VAL A 4981 84.49 -21.28 29.39
C VAL A 4981 85.82 -20.56 29.34
N GLU A 4982 86.38 -20.28 30.52
CA GLU A 4982 87.71 -19.73 30.65
C GLU A 4982 88.42 -20.45 31.78
N GLU A 4983 89.75 -20.43 31.73
CA GLU A 4983 90.56 -21.09 32.75
C GLU A 4983 90.12 -20.66 34.14
N GLY A 4984 89.74 -21.64 34.95
CA GLY A 4984 89.33 -21.38 36.32
C GLY A 4984 87.96 -20.77 36.48
N ARG A 4985 87.13 -20.77 35.44
CA ARG A 4985 85.81 -20.18 35.49
C ARG A 4985 84.79 -21.17 34.96
N GLU A 4986 83.56 -21.03 35.45
CA GLU A 4986 82.50 -21.97 35.12
C GLU A 4986 81.99 -21.74 33.70
N THR A 4987 81.38 -22.78 33.15
CA THR A 4987 80.72 -22.66 31.85
C THR A 4987 79.47 -21.82 32.00
N VAL A 4988 79.27 -20.90 31.06
CA VAL A 4988 78.10 -20.03 31.09
C VAL A 4988 77.49 -19.96 29.71
N GLN A 4989 76.17 -20.00 29.66
CA GLN A 4989 75.47 -19.93 28.40
C GLN A 4989 75.51 -18.52 27.82
N GLU A 4990 75.24 -18.45 26.52
CA GLU A 4990 75.14 -17.17 25.83
C GLU A 4990 74.31 -17.43 24.58
N PHE A 4991 73.03 -17.11 24.65
CA PHE A 4991 72.10 -17.43 23.58
C PHE A 4991 72.27 -16.42 22.44
N ASP A 4992 72.40 -16.95 21.22
CA ASP A 4992 72.54 -16.11 20.02
C ASP A 4992 71.14 -15.64 19.63
N LEU A 4993 70.66 -14.63 20.36
CA LEU A 4993 69.26 -14.21 20.24
C LEU A 4993 68.98 -13.69 18.82
N GLU A 4994 69.90 -12.92 18.26
CA GLU A 4994 69.72 -12.43 16.90
C GLU A 4994 69.52 -13.59 15.94
N LYS A 4995 70.30 -14.66 16.10
CA LYS A 4995 70.20 -15.76 15.16
C LYS A 4995 68.92 -16.56 15.37
N ILE A 4996 68.45 -16.67 16.60
CA ILE A 4996 67.14 -17.27 16.84
C ILE A 4996 66.07 -16.50 16.11
N GLN A 4997 66.07 -15.17 16.25
CA GLN A 4997 65.08 -14.37 15.54
C GLN A 4997 65.19 -14.58 14.04
N ARG A 4998 66.42 -14.55 13.49
CA ARG A 4998 66.56 -14.65 12.05
C ARG A 4998 66.08 -15.99 11.53
N GLN A 4999 66.34 -17.05 12.28
CA GLN A 4999 65.89 -18.37 11.86
C GLN A 4999 64.39 -18.49 11.96
N ILE A 5000 63.80 -17.97 13.02
CA ILE A 5000 62.34 -18.02 13.16
C ILE A 5000 61.70 -17.27 12.01
N VAL A 5001 62.22 -16.09 11.69
CA VAL A 5001 61.69 -15.31 10.58
C VAL A 5001 61.81 -16.10 9.28
N SER A 5002 63.02 -16.55 8.95
CA SER A 5002 63.24 -17.34 7.74
C SER A 5002 62.26 -18.50 7.63
N ARG A 5003 61.98 -19.20 8.72
CA ARG A 5003 61.10 -20.37 8.63
C ARG A 5003 59.62 -19.98 8.57
N PHE A 5004 59.09 -19.39 9.63
CA PHE A 5004 57.65 -19.44 9.86
C PHE A 5004 56.85 -18.25 9.31
N LEU A 5005 57.45 -17.07 9.18
CA LEU A 5005 56.68 -15.82 9.14
C LEU A 5005 56.46 -15.33 7.70
N GLN A 5006 55.25 -15.54 7.18
CA GLN A 5006 54.77 -14.89 5.96
C GLN A 5006 53.27 -15.14 5.85
N GLY A 5007 52.59 -14.27 5.09
CA GLY A 5007 51.19 -14.43 4.74
C GLY A 5007 50.31 -13.36 5.34
N LYS A 5008 49.01 -13.43 4.98
CA LYS A 5008 48.00 -12.55 5.56
C LYS A 5008 46.58 -13.00 5.25
N PRO A 5009 45.70 -13.17 6.26
CA PRO A 5009 44.28 -13.47 6.00
C PRO A 5009 43.37 -12.24 6.05
N ARG A 5010 42.13 -12.33 5.55
CA ARG A 5010 41.18 -11.22 5.65
C ARG A 5010 39.87 -11.55 6.37
N LEU A 5011 38.98 -12.37 5.78
CA LEU A 5011 37.63 -12.56 6.32
C LEU A 5011 36.81 -13.47 5.41
N SER A 5012 35.76 -14.07 5.98
CA SER A 5012 34.67 -14.66 5.19
C SER A 5012 33.53 -15.19 6.07
N LEU A 5013 32.26 -14.85 5.80
CA LEU A 5013 31.15 -15.66 6.33
C LEU A 5013 29.79 -15.14 5.83
N LYS A 5014 28.73 -15.72 6.41
CA LYS A 5014 27.37 -15.75 5.87
C LYS A 5014 26.52 -14.47 5.97
N GLY A 5015 26.14 -14.12 7.20
CA GLY A 5015 24.99 -13.25 7.40
C GLY A 5015 23.74 -14.03 7.78
N ILE A 5016 23.09 -13.64 8.89
CA ILE A 5016 21.88 -14.28 9.40
C ILE A 5016 20.63 -13.93 8.60
N PRO A 5017 20.50 -12.74 8.00
CA PRO A 5017 19.20 -12.31 7.46
C PRO A 5017 18.83 -12.97 6.15
N THR A 5018 19.34 -14.19 5.93
CA THR A 5018 19.42 -14.82 4.62
C THR A 5018 18.32 -14.39 3.67
N LEU A 5019 17.07 -14.42 4.13
CA LEU A 5019 16.00 -13.79 3.38
C LEU A 5019 14.92 -13.37 4.35
N VAL A 5020 14.29 -12.24 4.06
CA VAL A 5020 13.30 -11.64 4.94
C VAL A 5020 11.95 -11.69 4.24
N TYR A 5021 11.70 -12.76 3.49
CA TYR A 5021 10.71 -12.77 2.42
C TYR A 5021 9.33 -12.38 2.91
N ARG A 5022 8.34 -12.46 2.00
CA ARG A 5022 7.16 -11.62 2.00
C ARG A 5022 6.76 -11.11 3.38
N HIS A 5023 6.56 -12.01 4.35
CA HIS A 5023 5.97 -11.58 5.61
C HIS A 5023 6.77 -10.46 6.25
N ASP A 5024 8.09 -10.64 6.39
CA ASP A 5024 8.95 -9.64 7.02
C ASP A 5024 9.78 -8.81 6.04
N TRP A 5025 9.49 -8.86 4.74
CA TRP A 5025 10.39 -8.28 3.73
C TRP A 5025 10.84 -6.88 4.10
N ASN A 5026 12.16 -6.68 4.06
CA ASN A 5026 12.80 -5.41 4.39
C ASN A 5026 13.07 -4.65 3.09
N TYR A 5027 12.02 -4.00 2.59
CA TYR A 5027 12.17 -3.19 1.39
C TYR A 5027 13.14 -2.04 1.60
N GLU A 5028 13.25 -1.54 2.83
CA GLU A 5028 14.15 -0.44 3.12
C GLU A 5028 15.56 -0.71 2.62
N HIS A 5029 16.06 -1.94 2.84
CA HIS A 5029 17.37 -2.29 2.35
C HIS A 5029 17.45 -2.20 0.82
N LEU A 5030 16.43 -2.68 0.13
CA LEU A 5030 16.40 -2.57 -1.32
C LEU A 5030 16.41 -1.11 -1.76
N PHE A 5031 15.61 -0.27 -1.09
CA PHE A 5031 15.54 1.13 -1.45
C PHE A 5031 16.90 1.79 -1.28
N MET A 5032 17.58 1.50 -0.18
CA MET A 5032 18.87 2.14 0.08
C MET A 5032 19.92 1.65 -0.92
N ASP A 5033 19.90 0.34 -1.23
CA ASP A 5033 20.81 -0.17 -2.24
C ASP A 5033 20.60 0.51 -3.58
N ILE A 5034 19.33 0.63 -4.02
CA ILE A 5034 19.05 1.29 -5.28
C ILE A 5034 19.56 2.72 -5.24
N LYS A 5035 19.16 3.48 -4.23
CA LYS A 5035 19.55 4.88 -4.14
C LYS A 5035 21.06 5.02 -4.22
N ASN A 5036 21.78 4.11 -3.57
CA ASN A 5036 23.23 4.09 -3.69
C ASN A 5036 23.65 3.85 -5.13
N LYS A 5037 22.96 2.92 -5.81
CA LYS A 5037 23.33 2.54 -7.17
C LYS A 5037 22.94 3.62 -8.18
N MET A 5038 21.77 4.23 -8.02
CA MET A 5038 21.25 5.13 -9.03
C MET A 5038 20.37 6.18 -8.36
N ALA A 5039 19.96 7.16 -9.17
CA ALA A 5039 19.13 8.25 -8.70
C ALA A 5039 17.69 7.81 -8.53
N GLN A 5040 16.94 8.60 -7.76
CA GLN A 5040 15.54 8.34 -7.51
C GLN A 5040 14.81 9.67 -7.36
N ASP A 5041 13.50 9.64 -7.63
CA ASP A 5041 12.71 10.86 -7.66
C ASP A 5041 11.28 10.54 -7.24
N SER A 5042 10.57 11.58 -6.83
CA SER A 5042 9.18 11.45 -6.41
C SER A 5042 8.25 11.50 -7.62
N LEU A 5043 7.03 11.02 -7.41
CA LEU A 5043 6.04 11.05 -8.47
C LEU A 5043 5.53 12.48 -8.66
N PRO A 5044 5.57 13.02 -9.87
CA PRO A 5044 4.89 14.30 -10.12
C PRO A 5044 3.39 14.17 -9.88
N SER A 5045 2.78 15.23 -9.36
CA SER A 5045 1.36 15.18 -9.05
C SER A 5045 0.53 14.87 -10.29
N SER A 5046 0.99 15.28 -11.47
CA SER A 5046 0.33 14.92 -12.71
C SER A 5046 0.30 13.41 -12.90
N VAL A 5047 1.47 12.76 -12.79
CA VAL A 5047 1.54 11.32 -12.96
C VAL A 5047 0.73 10.61 -11.89
N ILE A 5048 0.77 11.15 -10.66
CA ILE A 5048 -0.02 10.58 -9.57
C ILE A 5048 -1.50 10.59 -9.93
N SER A 5049 -1.98 11.73 -10.42
CA SER A 5049 -3.40 11.84 -10.75
C SER A 5049 -3.75 10.95 -11.93
N ALA A 5050 -2.81 10.79 -12.87
CA ALA A 5050 -3.08 9.95 -14.03
C ALA A 5050 -3.24 8.51 -13.62
N ILE A 5051 -2.30 7.99 -12.83
CA ILE A 5051 -2.40 6.62 -12.34
C ILE A 5051 -3.64 6.45 -11.48
N SER A 5052 -3.93 7.44 -10.62
CA SER A 5052 -5.14 7.40 -9.80
C SER A 5052 -6.39 7.27 -10.65
N GLY A 5053 -6.40 7.90 -11.82
CA GLY A 5053 -7.57 7.87 -12.69
C GLY A 5053 -7.64 6.56 -13.44
N GLN A 5054 -6.48 6.05 -13.83
CA GLN A 5054 -6.42 4.78 -14.55
C GLN A 5054 -6.74 3.62 -13.62
N LEU A 5055 -6.12 3.60 -12.44
CA LEU A 5055 -6.22 2.46 -11.53
C LEU A 5055 -7.39 2.66 -10.57
N GLN A 5056 -8.59 2.59 -11.13
CA GLN A 5056 -9.82 2.61 -10.34
C GLN A 5056 -10.26 1.20 -9.98
N SER A 5057 -9.32 0.41 -9.49
CA SER A 5057 -9.60 -0.95 -9.04
C SER A 5057 -8.38 -1.53 -8.33
N TYR A 5058 -8.62 -2.21 -7.22
CA TYR A 5058 -7.54 -2.72 -6.38
C TYR A 5058 -6.67 -3.72 -7.14
N SER A 5059 -7.30 -4.58 -7.94
CA SER A 5059 -6.59 -5.56 -8.76
C SER A 5059 -5.54 -4.94 -9.66
N ASP A 5060 -5.93 -3.95 -10.46
CA ASP A 5060 -4.97 -3.32 -11.38
C ASP A 5060 -3.80 -2.71 -10.61
N ALA A 5061 -4.10 -2.07 -9.47
CA ALA A 5061 -3.05 -1.59 -8.60
C ALA A 5061 -2.09 -2.71 -8.24
N CYS A 5062 -2.60 -3.82 -7.72
CA CYS A 5062 -1.75 -4.94 -7.35
C CYS A 5062 -0.90 -5.42 -8.51
N GLU A 5063 -1.47 -5.48 -9.71
CA GLU A 5063 -0.71 -5.97 -10.86
C GLU A 5063 0.47 -5.04 -11.16
N VAL A 5064 0.17 -3.73 -11.26
CA VAL A 5064 1.23 -2.77 -11.50
C VAL A 5064 2.28 -2.89 -10.41
N LEU A 5065 1.83 -3.04 -9.16
CA LEU A 5065 2.75 -3.09 -8.03
C LEU A 5065 3.63 -4.34 -8.09
N SER A 5066 3.09 -5.46 -8.57
CA SER A 5066 3.91 -6.66 -8.73
C SER A 5066 4.99 -6.42 -9.76
N VAL A 5067 4.66 -5.71 -10.83
CA VAL A 5067 5.69 -5.38 -11.82
C VAL A 5067 6.73 -4.46 -11.21
N VAL A 5068 6.28 -3.55 -10.33
CA VAL A 5068 7.19 -2.63 -9.68
C VAL A 5068 8.12 -3.38 -8.74
N GLU A 5069 7.58 -4.38 -8.03
CA GLU A 5069 8.40 -5.15 -7.10
C GLU A 5069 9.47 -5.94 -7.84
N VAL A 5070 9.10 -6.55 -8.96
CA VAL A 5070 10.10 -7.24 -9.78
C VAL A 5070 11.18 -6.26 -10.21
N THR A 5071 10.75 -5.08 -10.67
CA THR A 5071 11.72 -4.09 -11.14
C THR A 5071 12.63 -3.66 -10.01
N LEU A 5072 12.07 -3.50 -8.81
CA LEU A 5072 12.87 -3.10 -7.66
C LEU A 5072 13.95 -4.12 -7.37
N GLY A 5073 13.57 -5.40 -7.28
CA GLY A 5073 14.58 -6.42 -7.06
C GLY A 5073 15.70 -6.37 -8.09
N PHE A 5074 15.32 -6.34 -9.37
CA PHE A 5074 16.34 -6.32 -10.42
C PHE A 5074 17.23 -5.08 -10.30
N LEU A 5075 16.62 -3.90 -10.18
CA LEU A 5075 17.39 -2.67 -10.11
C LEU A 5075 18.33 -2.69 -8.91
N SER A 5076 17.83 -3.16 -7.76
CA SER A 5076 18.66 -3.25 -6.57
C SER A 5076 19.89 -4.09 -6.85
N THR A 5077 19.74 -5.22 -7.53
CA THR A 5077 20.91 -6.01 -7.90
C THR A 5077 21.69 -5.34 -9.02
N ALA A 5078 21.04 -5.14 -10.17
CA ALA A 5078 21.75 -4.67 -11.36
C ALA A 5078 21.82 -3.15 -11.42
N GLY A 5079 20.67 -2.49 -11.38
CA GLY A 5079 20.60 -1.06 -11.65
C GLY A 5079 20.05 -0.76 -13.03
N GLY A 5080 20.32 0.45 -13.48
CA GLY A 5080 19.89 0.86 -14.80
C GLY A 5080 19.86 2.36 -14.94
N ASP A 5081 19.53 2.79 -16.16
CA ASP A 5081 19.46 4.21 -16.48
C ASP A 5081 18.24 4.84 -15.80
N PRO A 5082 18.43 5.78 -14.87
CA PRO A 5082 17.26 6.34 -14.15
C PRO A 5082 16.21 6.94 -15.06
N ASN A 5083 16.56 7.33 -16.27
CA ASN A 5083 15.61 7.96 -17.18
C ASN A 5083 14.85 6.96 -18.05
N MET A 5084 15.27 5.70 -18.05
CA MET A 5084 14.61 4.68 -18.86
C MET A 5084 13.15 4.55 -18.46
N GLN A 5085 12.27 4.55 -19.46
CA GLN A 5085 10.86 4.33 -19.20
C GLN A 5085 10.65 2.92 -18.65
N LEU A 5086 9.82 2.82 -17.61
CA LEU A 5086 9.70 1.56 -16.88
C LEU A 5086 9.07 0.47 -17.75
N ASN A 5087 8.12 0.84 -18.60
CA ASN A 5087 7.47 -0.17 -19.43
C ASN A 5087 8.44 -0.73 -20.46
N VAL A 5088 9.27 0.14 -21.04
CA VAL A 5088 10.29 -0.33 -21.97
C VAL A 5088 11.24 -1.27 -21.26
N TYR A 5089 11.57 -0.95 -20.01
CA TYR A 5089 12.49 -1.79 -19.24
C TYR A 5089 11.88 -3.16 -19.02
N THR A 5090 10.65 -3.22 -18.52
CA THR A 5090 10.03 -4.50 -18.23
C THR A 5090 9.81 -5.33 -19.50
N GLN A 5091 9.44 -4.67 -20.60
CA GLN A 5091 9.11 -5.41 -21.81
C GLN A 5091 10.35 -5.88 -22.56
N ASP A 5092 11.31 -4.98 -22.77
CA ASP A 5092 12.50 -5.34 -23.55
C ASP A 5092 13.48 -6.17 -22.73
N ILE A 5093 13.95 -5.63 -21.61
CA ILE A 5093 15.04 -6.25 -20.88
C ILE A 5093 14.55 -7.46 -20.09
N LEU A 5094 13.63 -7.24 -19.16
CA LEU A 5094 13.10 -8.34 -18.37
C LEU A 5094 12.14 -9.23 -19.15
N GLN A 5095 11.73 -8.82 -20.34
CA GLN A 5095 10.84 -9.61 -21.17
C GLN A 5095 9.56 -9.95 -20.40
N MET A 5096 9.04 -8.96 -19.67
CA MET A 5096 7.82 -9.14 -18.89
C MET A 5096 6.58 -8.89 -19.74
N GLY A 5097 6.52 -9.54 -20.90
CA GLY A 5097 5.34 -9.51 -21.73
C GLY A 5097 4.39 -10.64 -21.38
N ASP A 5098 3.27 -10.66 -22.09
CA ASP A 5098 2.28 -11.73 -21.93
C ASP A 5098 1.49 -11.56 -20.64
N GLN A 5099 1.89 -10.59 -19.80
CA GLN A 5099 1.18 -10.33 -18.55
C GLN A 5099 1.08 -8.84 -18.27
N THR A 5100 1.22 -8.00 -19.30
CA THR A 5100 1.22 -6.54 -19.15
C THR A 5100 0.15 -5.99 -20.09
N ILE A 5101 -1.04 -5.69 -19.55
CA ILE A 5101 -2.16 -5.22 -20.35
C ILE A 5101 -2.40 -3.73 -20.13
N HIS A 5102 -2.79 -3.34 -18.91
CA HIS A 5102 -2.96 -1.93 -18.58
C HIS A 5102 -1.74 -1.34 -17.88
N VAL A 5103 -0.86 -2.20 -17.35
CA VAL A 5103 0.39 -1.73 -16.77
C VAL A 5103 1.10 -0.80 -17.73
N LEU A 5104 1.18 -1.21 -19.00
CA LEU A 5104 1.93 -0.42 -19.98
C LEU A 5104 1.33 0.96 -20.20
N LYS A 5105 0.01 1.08 -20.03
CA LYS A 5105 -0.62 2.38 -20.20
C LYS A 5105 -0.46 3.26 -18.97
N ALA A 5106 -0.45 2.66 -17.78
CA ALA A 5106 -0.23 3.44 -16.56
C ALA A 5106 1.22 3.88 -16.46
N LEU A 5107 2.15 2.96 -16.71
CA LEU A 5107 3.58 3.23 -16.62
C LEU A 5107 4.14 3.90 -17.87
N ASN A 5108 3.28 4.38 -18.77
CA ASN A 5108 3.76 4.96 -20.02
C ASN A 5108 4.64 6.18 -19.78
N ARG A 5109 4.46 6.87 -18.66
CA ARG A 5109 5.23 8.06 -18.35
C ARG A 5109 6.30 7.83 -17.30
N CYS A 5110 6.16 6.80 -16.48
CA CYS A 5110 7.05 6.61 -15.35
C CYS A 5110 8.41 6.09 -15.80
N GLN A 5111 9.43 6.46 -15.04
CA GLN A 5111 10.80 6.07 -15.29
C GLN A 5111 11.37 5.38 -14.07
N LEU A 5112 12.51 4.72 -14.25
CA LEU A 5112 13.06 3.88 -13.20
C LEU A 5112 13.27 4.66 -11.90
N LYS A 5113 13.63 5.94 -12.00
CA LYS A 5113 13.88 6.72 -10.79
C LYS A 5113 12.61 6.86 -9.95
N HIS A 5114 11.45 6.87 -10.58
CA HIS A 5114 10.19 6.93 -9.86
C HIS A 5114 9.86 5.64 -9.12
N THR A 5115 10.54 4.55 -9.46
CA THR A 5115 10.12 3.22 -9.02
C THR A 5115 9.78 3.16 -7.54
N ILE A 5116 10.69 3.60 -6.67
CA ILE A 5116 10.43 3.54 -5.24
C ILE A 5116 9.23 4.40 -4.89
N ALA A 5117 9.21 5.63 -5.37
CA ALA A 5117 8.06 6.49 -5.08
C ALA A 5117 6.80 5.88 -5.64
N LEU A 5118 6.91 5.20 -6.78
CA LEU A 5118 5.72 4.61 -7.36
C LEU A 5118 5.24 3.46 -6.49
N TRP A 5119 6.19 2.67 -5.98
CA TRP A 5119 5.81 1.62 -5.06
C TRP A 5119 5.06 2.22 -3.88
N GLN A 5120 5.58 3.31 -3.35
CA GLN A 5120 4.95 3.89 -2.18
C GLN A 5120 3.56 4.39 -2.54
N PHE A 5121 3.45 5.10 -3.66
CA PHE A 5121 2.13 5.55 -4.05
C PHE A 5121 1.20 4.38 -4.19
N LEU A 5122 1.64 3.34 -4.90
CA LEU A 5122 0.72 2.25 -5.15
C LEU A 5122 0.30 1.62 -3.84
N SER A 5123 1.26 1.40 -2.94
CA SER A 5123 0.89 0.75 -1.71
C SER A 5123 -0.13 1.59 -0.96
N ALA A 5124 0.10 2.90 -0.88
CA ALA A 5124 -0.83 3.71 -0.12
C ALA A 5124 -2.16 3.76 -0.83
N HIS A 5125 -2.13 3.88 -2.15
CA HIS A 5125 -3.38 3.91 -2.89
C HIS A 5125 -4.11 2.60 -2.70
N LYS A 5126 -3.36 1.49 -2.75
CA LYS A 5126 -3.97 0.20 -2.48
C LYS A 5126 -4.71 0.22 -1.15
N SER A 5127 -4.01 0.63 -0.10
CA SER A 5127 -4.65 0.64 1.22
C SER A 5127 -5.76 1.68 1.25
N GLU A 5128 -5.53 2.82 0.62
CA GLU A 5128 -6.56 3.84 0.58
C GLU A 5128 -7.84 3.29 -0.02
N GLN A 5129 -7.73 2.53 -1.12
CA GLN A 5129 -8.93 1.95 -1.70
C GLN A 5129 -9.67 1.13 -0.66
N LEU A 5130 -8.94 0.26 0.03
CA LEU A 5130 -9.57 -0.56 1.07
C LEU A 5130 -10.29 0.32 2.08
N LEU A 5131 -9.64 1.39 2.53
CA LEU A 5131 -10.27 2.25 3.51
C LEU A 5131 -11.55 2.85 2.96
N ARG A 5132 -11.51 3.33 1.71
CA ARG A 5132 -12.72 3.88 1.10
C ARG A 5132 -13.89 2.92 1.21
N LEU A 5133 -13.62 1.62 1.11
CA LEU A 5133 -14.66 0.60 1.21
C LEU A 5133 -14.84 0.08 2.62
N HIS A 5134 -14.26 0.75 3.63
CA HIS A 5134 -14.39 0.41 5.03
C HIS A 5134 -13.73 -0.91 5.39
N LYS A 5135 -13.01 -1.53 4.45
CA LYS A 5135 -12.27 -2.73 4.74
C LYS A 5135 -10.98 -2.41 5.47
N GLU A 5136 -10.54 -3.33 6.31
CA GLU A 5136 -9.31 -3.12 7.08
C GLU A 5136 -8.10 -3.38 6.19
N PRO A 5137 -7.26 -2.37 5.93
CA PRO A 5137 -6.06 -2.59 5.11
C PRO A 5137 -4.83 -3.04 5.86
N PHE A 5138 -4.84 -2.99 7.20
CA PHE A 5138 -3.66 -3.21 8.01
C PHE A 5138 -3.78 -4.48 8.86
N GLY A 5139 -4.28 -5.56 8.26
CA GLY A 5139 -4.34 -6.83 8.97
C GLY A 5139 -2.97 -7.33 9.38
N GLU A 5140 -1.95 -7.02 8.59
CA GLU A 5140 -0.58 -7.42 8.90
C GLU A 5140 0.05 -6.59 10.01
N ILE A 5141 -0.64 -5.59 10.52
CA ILE A 5141 -0.12 -4.71 11.57
C ILE A 5141 -0.67 -5.17 12.92
N SER A 5142 0.15 -5.06 13.96
CA SER A 5142 -0.27 -5.43 15.29
C SER A 5142 -1.35 -4.47 15.79
N SER A 5143 -2.35 -5.03 16.48
CA SER A 5143 -3.42 -4.20 17.02
C SER A 5143 -2.88 -3.16 17.99
N ARG A 5144 -1.81 -3.49 18.72
CA ARG A 5144 -1.20 -2.53 19.64
C ARG A 5144 -0.85 -1.23 18.93
N TYR A 5145 -0.39 -1.32 17.68
CA TYR A 5145 -0.14 -0.14 16.86
C TYR A 5145 -1.42 0.47 16.31
N LYS A 5146 -2.59 -0.05 16.67
CA LYS A 5146 -3.87 0.43 16.18
C LYS A 5146 -4.68 1.09 17.30
N ALA A 5147 -3.99 1.79 18.19
CA ALA A 5147 -4.68 2.43 19.30
C ALA A 5147 -5.48 3.62 18.80
N ASP A 5148 -6.45 4.05 19.62
CA ASP A 5148 -7.31 5.14 19.26
C ASP A 5148 -6.61 6.47 19.48
N LEU A 5149 -7.31 7.57 19.21
CA LEU A 5149 -6.84 8.91 19.47
C LEU A 5149 -7.82 9.59 20.41
N SER A 5150 -7.32 10.06 21.55
CA SER A 5150 -8.17 10.69 22.53
C SER A 5150 -8.73 12.00 21.98
N PRO A 5151 -9.78 12.53 22.60
CA PRO A 5151 -10.36 13.79 22.11
C PRO A 5151 -9.35 14.92 21.97
N GLU A 5152 -8.48 15.11 22.96
CA GLU A 5152 -7.48 16.17 22.87
C GLU A 5152 -6.53 15.91 21.71
N ASN A 5153 -6.02 14.68 21.62
CA ASN A 5153 -5.13 14.34 20.53
C ASN A 5153 -5.88 14.29 19.20
N ALA A 5154 -7.19 14.04 19.24
CA ALA A 5154 -7.96 14.07 18.00
C ALA A 5154 -8.07 15.50 17.47
N LYS A 5155 -8.34 16.46 18.35
CA LYS A 5155 -8.38 17.86 17.93
C LYS A 5155 -7.01 18.30 17.44
N LEU A 5156 -5.95 17.88 18.14
CA LEU A 5156 -4.61 18.30 17.73
C LEU A 5156 -4.28 17.74 16.35
N LEU A 5157 -4.61 16.47 16.13
CA LEU A 5157 -4.31 15.86 14.84
C LEU A 5157 -5.15 16.48 13.74
N SER A 5158 -6.43 16.76 14.03
CA SER A 5158 -7.28 17.37 13.02
C SER A 5158 -6.73 18.72 12.61
N THR A 5159 -6.21 19.48 13.59
CA THR A 5159 -5.66 20.79 13.27
C THR A 5159 -4.40 20.64 12.43
N PHE A 5160 -3.48 19.78 12.85
CA PHE A 5160 -2.29 19.53 12.05
C PHE A 5160 -2.65 19.13 10.62
N LEU A 5161 -3.61 18.21 10.49
CA LEU A 5161 -3.93 17.65 9.18
C LEU A 5161 -4.59 18.68 8.28
N ASN A 5162 -5.43 19.54 8.85
CA ASN A 5162 -6.02 20.62 8.06
C ASN A 5162 -4.95 21.52 7.48
N GLN A 5163 -3.85 21.68 8.20
CA GLN A 5163 -2.75 22.56 7.81
C GLN A 5163 -1.48 21.76 7.55
N THR A 5164 -1.61 20.66 6.82
CA THR A 5164 -0.53 19.72 6.59
C THR A 5164 -0.49 19.35 5.10
N GLY A 5165 0.68 18.86 4.68
CA GLY A 5165 0.84 18.30 3.35
C GLY A 5165 0.30 16.88 3.30
N LEU A 5166 -1.02 16.77 3.23
CA LEU A 5166 -1.70 15.50 3.48
C LEU A 5166 -1.18 14.37 2.60
N ASP A 5167 -0.80 14.67 1.36
CA ASP A 5167 -0.35 13.60 0.46
C ASP A 5167 0.97 13.01 0.92
N ALA A 5168 1.98 13.85 1.09
CA ALA A 5168 3.28 13.38 1.57
C ALA A 5168 3.17 12.74 2.94
N PHE A 5169 2.42 13.37 3.84
CA PHE A 5169 2.20 12.79 5.16
C PHE A 5169 1.63 11.39 5.06
N LEU A 5170 0.59 11.22 4.25
CA LEU A 5170 -0.03 9.91 4.13
C LEU A 5170 0.95 8.88 3.58
N LEU A 5171 1.68 9.26 2.52
CA LEU A 5171 2.62 8.32 1.92
C LEU A 5171 3.70 7.91 2.91
N GLU A 5172 4.27 8.89 3.61
CA GLU A 5172 5.38 8.58 4.52
C GLU A 5172 4.91 7.77 5.71
N LEU A 5173 3.80 8.16 6.32
CA LEU A 5173 3.27 7.38 7.44
C LEU A 5173 2.93 5.96 7.01
N HIS A 5174 2.39 5.79 5.80
CA HIS A 5174 2.08 4.46 5.31
C HIS A 5174 3.35 3.65 5.13
N GLU A 5175 4.37 4.24 4.51
CA GLU A 5175 5.61 3.50 4.30
C GLU A 5175 6.22 3.10 5.64
N MET A 5176 6.10 3.98 6.64
CA MET A 5176 6.67 3.70 7.94
C MET A 5176 5.93 2.52 8.57
N ILE A 5177 4.59 2.59 8.56
CA ILE A 5177 3.80 1.52 9.14
C ILE A 5177 4.13 0.19 8.47
N ILE A 5178 4.13 0.19 7.14
CA ILE A 5178 4.24 -1.06 6.39
C ILE A 5178 5.63 -1.68 6.58
N LEU A 5179 6.68 -0.89 6.44
CA LEU A 5179 8.02 -1.43 6.65
C LEU A 5179 8.25 -1.80 8.11
N LYS A 5180 8.20 -0.81 9.00
CA LYS A 5180 8.57 -1.02 10.39
C LYS A 5180 7.53 -1.86 11.13
N LEU A 5181 6.31 -1.34 11.28
CA LEU A 5181 5.37 -1.87 12.25
C LEU A 5181 4.66 -3.14 11.81
N LYS A 5182 4.99 -3.67 10.64
CA LYS A 5182 4.24 -4.80 10.08
C LYS A 5182 4.83 -6.15 10.48
N ASN A 5183 6.13 -6.29 10.39
CA ASN A 5183 6.77 -7.60 10.45
C ASN A 5183 6.91 -8.10 11.89
N PRO A 5184 6.65 -9.39 12.16
CA PRO A 5184 7.19 -9.97 13.40
C PRO A 5184 8.67 -9.73 13.56
N GLN A 5185 9.40 -9.65 12.43
CA GLN A 5185 10.83 -9.36 12.50
C GLN A 5185 11.06 -8.00 13.13
N THR A 5186 10.22 -7.03 12.80
CA THR A 5186 10.30 -5.72 13.44
C THR A 5186 9.73 -5.72 14.85
N GLN A 5187 9.01 -6.77 15.23
CA GLN A 5187 8.67 -6.98 16.64
C GLN A 5187 9.91 -7.36 17.44
N THR A 5188 10.70 -8.31 16.94
CA THR A 5188 11.88 -8.72 17.69
C THR A 5188 12.93 -7.61 17.77
N GLU A 5189 12.87 -6.60 16.91
CA GLU A 5189 13.65 -5.37 17.10
C GLU A 5189 12.66 -4.28 17.50
N GLU A 5190 12.41 -4.18 18.81
CA GLU A 5190 11.40 -3.26 19.33
C GLU A 5190 12.06 -1.94 19.76
N ARG A 5191 12.61 -1.25 18.77
CA ARG A 5191 12.92 0.17 18.89
C ARG A 5191 11.79 1.04 18.36
N PHE A 5192 10.63 0.45 18.13
CA PHE A 5192 9.43 1.10 17.62
C PHE A 5192 8.26 0.82 18.55
N ARG A 5193 8.50 1.01 19.84
CA ARG A 5193 7.52 0.61 20.83
C ARG A 5193 6.29 1.51 20.75
N PRO A 5194 5.10 0.96 20.93
CA PRO A 5194 3.89 1.80 20.92
C PRO A 5194 4.01 3.05 21.78
N GLN A 5195 4.81 2.98 22.84
CA GLN A 5195 4.96 4.11 23.75
C GLN A 5195 5.91 5.18 23.22
N TRP A 5196 6.69 4.87 22.20
CA TRP A 5196 7.49 5.90 21.55
C TRP A 5196 6.59 6.89 20.84
N SER A 5197 7.03 8.14 20.78
CA SER A 5197 6.26 9.16 20.10
C SER A 5197 6.27 8.92 18.60
N LEU A 5198 5.22 9.38 17.93
CA LEU A 5198 5.13 9.16 16.49
C LEU A 5198 5.98 10.17 15.74
N ARG A 5199 5.97 11.44 16.15
CA ARG A 5199 6.71 12.46 15.42
C ARG A 5199 8.19 12.11 15.32
N ASP A 5200 8.83 11.82 16.46
CA ASP A 5200 10.26 11.53 16.44
C ASP A 5200 10.55 10.27 15.65
N THR A 5201 9.67 9.26 15.76
CA THR A 5201 9.85 8.03 15.00
C THR A 5201 9.86 8.32 13.50
N LEU A 5202 8.86 9.08 13.04
CA LEU A 5202 8.74 9.36 11.62
C LEU A 5202 9.89 10.23 11.14
N VAL A 5203 10.33 11.18 11.96
CA VAL A 5203 11.47 12.01 11.59
C VAL A 5203 12.74 11.17 11.50
N SER A 5204 12.95 10.26 12.47
CA SER A 5204 14.06 9.33 12.39
C SER A 5204 14.03 8.56 11.08
N TYR A 5205 12.87 7.99 10.75
CA TYR A 5205 12.76 7.21 9.53
C TYR A 5205 13.14 8.07 8.32
N MET A 5206 12.50 9.23 8.18
CA MET A 5206 12.77 10.11 7.05
C MET A 5206 14.26 10.44 6.97
N GLN A 5207 14.90 10.67 8.11
CA GLN A 5207 16.33 10.96 8.12
C GLN A 5207 17.14 9.79 7.61
N THR A 5208 16.82 8.57 8.07
CA THR A 5208 17.57 7.41 7.63
C THR A 5208 17.59 7.26 6.12
N LYS A 5209 16.53 7.70 5.44
CA LYS A 5209 16.50 7.73 3.98
C LYS A 5209 16.88 9.10 3.43
N GLU A 5210 17.44 9.97 4.26
CA GLU A 5210 17.94 11.28 3.81
C GLU A 5210 16.86 12.03 3.03
N SER A 5211 15.62 11.90 3.47
CA SER A 5211 14.51 12.56 2.80
C SER A 5211 14.34 13.98 3.31
N GLU A 5212 13.79 14.83 2.45
CA GLU A 5212 13.61 16.23 2.79
C GLU A 5212 12.54 16.40 3.86
N ILE A 5213 12.83 17.27 4.83
CA ILE A 5213 11.96 17.46 5.99
C ILE A 5213 11.01 18.61 5.73
N LEU A 5214 9.72 18.37 5.94
CA LEU A 5214 8.71 19.40 5.81
C LEU A 5214 8.61 20.20 7.11
N PRO A 5215 8.44 21.52 7.02
CA PRO A 5215 8.36 22.33 8.26
C PRO A 5215 7.38 21.79 9.27
N GLU A 5216 6.27 21.23 8.81
CA GLU A 5216 5.24 20.73 9.73
C GLU A 5216 5.74 19.57 10.57
N MET A 5217 6.78 18.87 10.13
CA MET A 5217 7.17 17.63 10.79
C MET A 5217 7.65 17.90 12.21
N ALA A 5218 8.62 18.81 12.37
CA ALA A 5218 9.12 19.14 13.70
C ALA A 5218 8.15 20.03 14.46
N SER A 5219 7.67 21.10 13.81
CA SER A 5219 6.90 22.11 14.52
C SER A 5219 5.46 21.68 14.75
N GLN A 5220 4.71 21.46 13.68
CA GLN A 5220 3.27 21.27 13.79
C GLN A 5220 2.89 19.89 14.28
N PHE A 5221 3.74 18.90 14.10
CA PHE A 5221 3.40 17.54 14.47
C PHE A 5221 3.31 17.41 15.99
N PRO A 5222 2.19 16.97 16.56
CA PRO A 5222 2.09 16.90 18.02
C PRO A 5222 2.90 15.74 18.58
N GLU A 5223 3.71 16.04 19.60
CA GLU A 5223 4.41 14.98 20.31
C GLU A 5223 3.48 14.14 21.17
N GLU A 5224 2.29 14.65 21.47
CA GLU A 5224 1.36 13.93 22.34
C GLU A 5224 0.88 12.62 21.70
N ILE A 5225 1.04 12.46 20.39
CA ILE A 5225 0.58 11.27 19.70
C ILE A 5225 1.72 10.25 19.70
N LEU A 5226 1.42 9.05 20.17
CA LEU A 5226 2.41 7.99 20.24
C LEU A 5226 2.33 7.10 19.00
N LEU A 5227 3.18 6.07 18.98
CA LEU A 5227 3.21 5.14 17.86
C LEU A 5227 2.02 4.20 17.84
N ALA A 5228 1.24 4.14 18.92
CA ALA A 5228 0.11 3.23 18.97
C ALA A 5228 -1.08 3.76 18.16
N SER A 5229 -1.22 5.08 18.08
CA SER A 5229 -2.30 5.69 17.31
C SER A 5229 -1.95 5.85 15.84
N CYS A 5230 -0.80 5.34 15.40
CA CYS A 5230 -0.34 5.57 14.04
C CYS A 5230 -1.37 5.14 13.01
N VAL A 5231 -2.05 4.01 13.25
CA VAL A 5231 -3.02 3.56 12.26
C VAL A 5231 -4.28 4.42 12.33
N SER A 5232 -4.65 4.89 13.52
CA SER A 5232 -5.75 5.84 13.61
C SER A 5232 -5.39 7.16 12.94
N VAL A 5233 -4.12 7.55 13.01
CA VAL A 5233 -3.68 8.79 12.40
C VAL A 5233 -3.78 8.69 10.89
N TRP A 5234 -3.23 7.62 10.32
CA TRP A 5234 -3.33 7.41 8.88
C TRP A 5234 -4.79 7.33 8.43
N LYS A 5235 -5.62 6.59 9.16
CA LYS A 5235 -7.03 6.48 8.81
C LYS A 5235 -7.72 7.84 8.81
N THR A 5236 -7.51 8.64 9.87
CA THR A 5236 -8.10 9.96 9.92
C THR A 5236 -7.62 10.83 8.76
N ALA A 5237 -6.33 10.77 8.45
CA ALA A 5237 -5.81 11.59 7.35
C ALA A 5237 -6.41 11.16 6.02
N ALA A 5238 -6.53 9.87 5.80
CA ALA A 5238 -7.10 9.37 4.56
C ALA A 5238 -8.58 9.71 4.46
N VAL A 5239 -9.30 9.70 5.59
CA VAL A 5239 -10.70 10.07 5.57
C VAL A 5239 -10.84 11.54 5.22
N LEU A 5240 -9.95 12.38 5.74
CA LEU A 5240 -10.02 13.81 5.41
C LEU A 5240 -9.68 14.03 3.94
N LYS A 5241 -8.70 13.29 3.42
CA LYS A 5241 -8.39 13.37 2.00
C LYS A 5241 -9.57 12.94 1.15
N TRP A 5242 -10.22 11.84 1.53
CA TRP A 5242 -11.34 11.32 0.78
C TRP A 5242 -12.50 12.30 0.79
N ASN A 5243 -12.73 12.96 1.93
CA ASN A 5243 -13.76 13.98 2.00
C ASN A 5243 -13.42 15.17 1.12
N ARG A 5244 -12.14 15.58 1.12
CA ARG A 5244 -11.72 16.68 0.26
C ARG A 5244 -11.90 16.32 -1.21
N GLU A 5245 -11.73 15.06 -1.57
CA GLU A 5245 -11.83 14.64 -2.95
C GLU A 5245 -13.29 14.49 -3.38
N MET A 5246 -14.14 14.02 -2.47
CA MET A 5246 -15.57 13.91 -2.79
C MET A 5246 -16.20 15.29 -2.94
N ARG A 5247 -15.75 16.26 -2.14
CA ARG A 5247 -16.22 17.63 -2.26
C ARG A 5247 -15.84 18.20 -3.61
N CYS B 37 122.16 10.01 -19.78
CA CYS B 37 120.89 9.31 -19.66
C CYS B 37 119.89 10.11 -18.84
N ASN B 38 120.35 11.21 -18.24
CA ASN B 38 119.45 12.08 -17.48
C ASN B 38 118.24 12.48 -18.31
N GLU B 39 118.49 12.79 -19.60
CA GLU B 39 117.40 13.13 -20.50
C GLU B 39 116.45 11.96 -20.64
N PHE B 40 117.01 10.76 -20.78
CA PHE B 40 116.17 9.58 -20.92
C PHE B 40 115.49 9.24 -19.60
N TYR B 41 116.13 9.55 -18.46
CA TYR B 41 115.50 9.26 -17.18
C TYR B 41 114.27 10.14 -16.94
N LEU B 42 114.42 11.46 -17.02
CA LEU B 42 113.23 12.30 -16.95
C LEU B 42 112.25 12.00 -18.08
N LYS B 43 112.73 11.64 -19.27
CA LYS B 43 111.80 11.33 -20.36
C LYS B 43 110.94 10.14 -19.97
N THR B 44 111.55 9.09 -19.45
CA THR B 44 110.81 7.92 -19.03
C THR B 44 109.85 8.28 -17.89
N TRP B 45 110.23 9.23 -17.03
CA TRP B 45 109.31 9.62 -15.96
C TRP B 45 108.10 10.35 -16.53
N SER B 46 108.30 11.21 -17.53
CA SER B 46 107.14 11.81 -18.19
C SER B 46 106.33 10.75 -18.93
N GLU B 47 106.99 9.69 -19.37
CA GLU B 47 106.28 8.65 -20.12
C GLU B 47 105.39 7.84 -19.19
N TRP B 48 105.94 7.44 -18.05
CA TRP B 48 105.10 6.90 -16.97
C TRP B 48 104.04 7.91 -16.55
N GLU B 49 104.32 9.21 -16.68
CA GLU B 49 103.36 10.22 -16.27
C GLU B 49 102.12 10.14 -17.15
N LYS B 50 102.32 10.04 -18.46
CA LYS B 50 101.18 9.85 -19.36
C LYS B 50 100.31 8.67 -18.93
N ASN B 51 100.85 7.74 -18.15
CA ASN B 51 100.06 6.69 -17.53
C ASN B 51 99.34 7.18 -16.27
N GLY B 52 99.42 8.48 -15.98
CA GLY B 52 98.89 9.01 -14.75
C GLY B 52 97.42 8.72 -14.52
N THR B 53 97.13 7.86 -13.56
CA THR B 53 95.77 7.50 -13.20
C THR B 53 95.29 8.37 -12.05
N PRO B 54 94.03 8.25 -11.63
CA PRO B 54 93.52 9.14 -10.58
C PRO B 54 94.30 9.01 -9.27
N GLY B 55 94.39 10.13 -8.56
CA GLY B 55 95.03 10.17 -7.26
C GLY B 55 96.52 10.40 -7.29
N GLU B 56 97.17 10.15 -8.42
CA GLU B 56 98.63 10.18 -8.52
C GLU B 56 99.10 11.61 -8.74
N GLN B 57 99.73 12.20 -7.72
CA GLN B 57 100.31 13.53 -7.83
C GLN B 57 101.64 13.46 -8.58
N ARG B 58 101.56 12.88 -9.78
CA ARG B 58 102.72 12.72 -10.64
C ARG B 58 103.31 14.04 -11.10
N ASN B 59 102.48 15.09 -11.17
CA ASN B 59 103.02 16.42 -11.47
C ASN B 59 104.08 16.79 -10.45
N ILE B 60 103.73 16.69 -9.16
CA ILE B 60 104.66 17.10 -8.10
C ILE B 60 105.89 16.20 -8.10
N ALA B 61 105.68 14.90 -8.31
CA ALA B 61 106.80 13.97 -8.44
C ALA B 61 107.71 14.36 -9.58
N PHE B 62 107.15 14.70 -10.74
CA PHE B 62 107.97 14.99 -11.91
C PHE B 62 108.82 16.23 -11.69
N ASN B 63 108.23 17.30 -11.15
CA ASN B 63 109.06 18.47 -10.81
C ASN B 63 110.16 18.10 -9.81
N ARG B 64 109.80 17.38 -8.74
CA ARG B 64 110.81 17.07 -7.73
C ARG B 64 111.94 16.24 -8.34
N LEU B 65 111.58 15.28 -9.18
CA LEU B 65 112.57 14.41 -9.80
C LEU B 65 113.47 15.19 -10.73
N LYS B 66 112.90 16.10 -11.53
CA LYS B 66 113.72 16.81 -12.50
C LYS B 66 114.65 17.81 -11.80
N ILE B 67 114.12 18.58 -10.86
CA ILE B 67 115.00 19.47 -10.10
C ILE B 67 116.16 18.67 -9.50
N CYS B 68 115.86 17.56 -8.83
CA CYS B 68 116.93 16.73 -8.28
C CYS B 68 117.91 16.30 -9.37
N LEU B 69 117.40 15.88 -10.53
CA LEU B 69 118.26 15.35 -11.58
C LEU B 69 119.21 16.42 -12.11
N GLN B 70 118.68 17.61 -12.41
CA GLN B 70 119.50 18.65 -13.02
C GLN B 70 120.41 19.33 -12.00
N ASN B 71 119.90 19.67 -10.82
CA ASN B 71 120.76 20.13 -9.74
C ASN B 71 121.60 19.01 -9.16
N GLN B 72 121.40 17.77 -9.62
CA GLN B 72 122.12 16.60 -9.10
C GLN B 72 122.10 16.58 -7.59
N GLU B 73 120.93 16.84 -7.02
CA GLU B 73 120.76 16.80 -5.57
C GLU B 73 120.96 15.37 -5.06
N ALA B 74 121.63 15.25 -3.92
CA ALA B 74 121.87 13.95 -3.32
C ALA B 74 120.60 13.30 -2.80
N GLU B 75 119.47 14.00 -2.82
CA GLU B 75 118.22 13.47 -2.28
C GLU B 75 117.08 13.69 -3.27
N LEU B 76 116.12 12.79 -3.19
CA LEU B 76 114.89 12.84 -3.96
C LEU B 76 113.72 12.61 -3.00
N ASN B 77 112.51 12.91 -3.47
CA ASN B 77 111.30 12.64 -2.72
C ASN B 77 110.22 12.15 -3.67
N LEU B 78 109.36 11.28 -3.15
CA LEU B 78 108.16 10.86 -3.86
C LEU B 78 106.97 10.69 -2.92
N SER B 79 107.09 11.15 -1.68
CA SER B 79 106.15 10.75 -0.63
C SER B 79 104.72 11.14 -0.97
N GLU B 80 103.79 10.27 -0.55
CA GLU B 80 102.36 10.54 -0.49
C GLU B 80 101.72 10.75 -1.87
N LEU B 81 102.47 10.57 -2.95
CA LEU B 81 101.94 10.86 -4.28
C LEU B 81 101.17 9.68 -4.88
N ASP B 82 100.84 8.67 -4.07
CA ASP B 82 99.98 7.56 -4.48
C ASP B 82 100.49 6.85 -5.73
N LEU B 83 101.78 6.95 -6.02
CA LEU B 83 102.34 6.25 -7.17
C LEU B 83 102.12 4.75 -7.05
N LYS B 84 102.00 4.09 -8.21
CA LYS B 84 101.91 2.64 -8.29
C LYS B 84 103.11 2.00 -8.96
N THR B 85 103.94 2.79 -9.63
CA THR B 85 105.12 2.27 -10.31
C THR B 85 106.19 3.34 -10.31
N LEU B 86 107.45 2.90 -10.29
CA LEU B 86 108.59 3.80 -10.30
C LEU B 86 109.47 3.54 -11.50
N PRO B 87 109.73 4.52 -12.35
CA PRO B 87 110.83 4.42 -13.30
C PRO B 87 112.17 4.61 -12.57
N ASP B 88 113.24 4.53 -13.35
CA ASP B 88 114.57 4.72 -12.79
C ASP B 88 114.80 6.19 -12.48
N LEU B 89 115.12 6.48 -11.23
CA LEU B 89 115.26 7.83 -10.71
C LEU B 89 116.74 8.18 -10.56
N PRO B 90 117.07 9.46 -10.37
CA PRO B 90 118.47 9.89 -10.57
C PRO B 90 119.45 9.03 -9.79
N PRO B 91 120.61 8.74 -10.37
CA PRO B 91 121.52 7.76 -9.76
C PRO B 91 122.31 8.30 -8.58
N GLN B 92 122.72 9.55 -8.64
CA GLN B 92 123.67 10.09 -7.67
C GLN B 92 123.03 10.45 -6.34
N ILE B 93 121.79 10.02 -6.09
CA ILE B 93 121.12 10.35 -4.84
C ILE B 93 121.59 9.39 -3.75
N THR B 94 121.73 9.90 -2.53
CA THR B 94 122.13 9.11 -1.38
C THR B 94 121.05 9.05 -0.31
N THR B 95 119.85 9.53 -0.61
CA THR B 95 118.75 9.55 0.35
C THR B 95 117.46 9.65 -0.43
N LEU B 96 116.39 9.12 0.15
CA LEU B 96 115.12 9.13 -0.55
C LEU B 96 113.98 8.83 0.41
N GLU B 97 112.88 9.58 0.24
CA GLU B 97 111.60 9.27 0.85
C GLU B 97 110.64 8.90 -0.27
N ILE B 98 110.07 7.70 -0.17
CA ILE B 98 109.03 7.27 -1.11
C ILE B 98 107.87 6.77 -0.28
N ARG B 99 107.79 7.22 0.97
CA ARG B 99 106.81 6.68 1.88
C ARG B 99 105.40 7.13 1.51
N LYS B 100 104.44 6.36 2.00
CA LYS B 100 103.02 6.64 1.85
C LYS B 100 102.55 6.58 0.40
N ASN B 101 103.40 6.10 -0.52
CA ASN B 101 102.98 5.84 -1.88
C ASN B 101 102.35 4.44 -1.94
N LEU B 102 102.05 3.96 -3.16
CA LEU B 102 101.36 2.69 -3.34
C LEU B 102 102.12 1.74 -4.26
N LEU B 103 103.42 1.94 -4.43
CA LEU B 103 104.19 1.07 -5.31
C LEU B 103 104.07 -0.38 -4.87
N THR B 104 104.09 -1.29 -5.85
CA THR B 104 104.16 -2.72 -5.59
C THR B 104 105.48 -3.32 -6.02
N HIS B 105 106.38 -2.53 -6.59
CA HIS B 105 107.68 -3.02 -7.02
C HIS B 105 108.59 -1.84 -7.31
N LEU B 106 109.89 -2.07 -7.15
CA LEU B 106 110.89 -1.05 -7.36
C LEU B 106 111.78 -1.41 -8.55
N PRO B 107 112.23 -0.43 -9.32
CA PRO B 107 113.30 -0.69 -10.28
C PRO B 107 114.63 -0.82 -9.58
N ASP B 108 115.72 -0.91 -10.34
CA ASP B 108 117.03 -1.01 -9.73
C ASP B 108 117.27 0.21 -8.83
N LEU B 109 117.85 -0.03 -7.68
CA LEU B 109 118.14 1.06 -6.75
C LEU B 109 119.51 1.62 -7.05
N PRO B 110 119.66 2.95 -7.12
CA PRO B 110 120.96 3.53 -7.46
C PRO B 110 122.06 2.95 -6.59
N PRO B 111 123.30 2.93 -7.09
CA PRO B 111 124.41 2.41 -6.26
C PRO B 111 124.67 3.25 -5.03
N MET B 112 124.32 4.53 -5.06
CA MET B 112 124.60 5.45 -3.97
C MET B 112 123.42 5.64 -3.03
N LEU B 113 122.26 5.03 -3.30
CA LEU B 113 121.05 5.31 -2.52
C LEU B 113 121.22 4.67 -1.15
N LYS B 114 122.02 5.33 -0.32
CA LYS B 114 122.32 4.79 1.01
C LYS B 114 121.07 4.69 1.87
N VAL B 115 120.22 5.71 1.83
CA VAL B 115 119.21 5.93 2.85
C VAL B 115 117.85 5.94 2.18
N ILE B 116 117.05 4.90 2.42
CA ILE B 116 115.70 4.79 1.90
C ILE B 116 114.74 4.82 3.07
N HIS B 117 113.70 5.66 2.97
CA HIS B 117 112.57 5.63 3.87
C HIS B 117 111.34 5.31 3.01
N ALA B 118 111.13 4.02 2.76
CA ALA B 118 110.09 3.55 1.87
C ALA B 118 108.87 3.04 2.63
N GLN B 119 108.66 3.54 3.84
CA GLN B 119 107.56 3.03 4.66
C GLN B 119 106.22 3.22 3.97
N PHE B 120 105.43 2.16 3.99
CA PHE B 120 104.15 2.05 3.28
C PHE B 120 104.31 2.27 1.78
N ASN B 121 105.01 1.35 1.17
CA ASN B 121 104.74 0.97 -0.19
C ASN B 121 103.99 -0.36 -0.17
N GLN B 122 103.74 -0.94 -1.35
CA GLN B 122 103.13 -2.25 -1.44
C GLN B 122 104.08 -3.26 -2.06
N LEU B 123 105.39 -2.99 -1.99
CA LEU B 123 106.39 -3.87 -2.56
C LEU B 123 106.21 -5.29 -2.07
N GLU B 124 106.09 -6.23 -3.02
CA GLU B 124 105.98 -7.64 -2.67
C GLU B 124 107.33 -8.28 -2.42
N SER B 125 108.43 -7.57 -2.69
CA SER B 125 109.77 -8.05 -2.41
C SER B 125 110.74 -6.94 -2.74
N LEU B 126 111.96 -7.06 -2.21
CA LEU B 126 112.93 -5.99 -2.30
C LEU B 126 113.94 -6.30 -3.39
N PRO B 127 114.06 -5.46 -4.42
CA PRO B 127 115.14 -5.65 -5.39
C PRO B 127 116.52 -5.38 -4.83
N ALA B 128 117.52 -5.41 -5.69
CA ALA B 128 118.92 -5.34 -5.27
C ALA B 128 119.18 -4.14 -4.38
N LEU B 129 119.68 -4.40 -3.18
CA LEU B 129 120.17 -3.33 -2.33
C LEU B 129 121.58 -2.94 -2.76
N PRO B 130 121.85 -1.67 -3.02
CA PRO B 130 123.16 -1.28 -3.56
C PRO B 130 124.28 -1.52 -2.57
N GLU B 131 125.50 -1.27 -3.04
CA GLU B 131 126.69 -1.53 -2.23
C GLU B 131 126.68 -0.71 -0.95
N THR B 132 126.34 0.58 -1.05
CA THR B 132 126.53 1.53 0.03
C THR B 132 125.31 1.72 0.91
N LEU B 133 124.31 0.85 0.84
CA LEU B 133 123.11 1.04 1.64
C LEU B 133 123.48 1.13 3.11
N GLU B 134 123.15 2.27 3.73
CA GLU B 134 123.44 2.51 5.13
C GLU B 134 122.18 2.58 5.99
N GLU B 135 121.01 2.76 5.39
CA GLU B 135 119.78 2.81 6.13
C GLU B 135 118.63 2.49 5.20
N LEU B 136 117.68 1.69 5.68
CA LEU B 136 116.46 1.40 4.96
C LEU B 136 115.32 1.32 5.94
N ASN B 137 114.18 1.90 5.56
CA ASN B 137 112.92 1.64 6.22
C ASN B 137 111.93 1.11 5.18
N ALA B 138 111.30 -0.02 5.50
CA ALA B 138 110.40 -0.69 4.57
C ALA B 138 109.10 -1.05 5.26
N GLY B 139 108.65 -0.20 6.18
CA GLY B 139 107.47 -0.50 6.94
C GLY B 139 106.25 -0.72 6.07
N ASP B 140 105.37 -1.59 6.57
CA ASP B 140 104.04 -1.85 6.00
C ASP B 140 104.09 -2.26 4.53
N ASN B 141 105.24 -2.69 4.05
CA ASN B 141 105.34 -3.22 2.70
C ASN B 141 104.74 -4.63 2.69
N LYS B 142 104.85 -5.31 1.54
CA LYS B 142 104.35 -6.67 1.37
C LYS B 142 105.47 -7.64 1.04
N ILE B 143 106.70 -7.32 1.42
CA ILE B 143 107.84 -8.17 1.12
C ILE B 143 107.73 -9.47 1.90
N LYS B 144 108.23 -10.55 1.29
CA LYS B 144 108.23 -11.87 1.91
C LYS B 144 109.61 -12.50 1.96
N GLU B 145 110.60 -11.96 1.25
CA GLU B 145 111.97 -12.45 1.31
C GLU B 145 112.90 -11.30 0.93
N LEU B 146 113.95 -11.09 1.73
CA LEU B 146 114.82 -9.97 1.48
C LEU B 146 116.02 -10.37 0.63
N PRO B 147 116.57 -9.45 -0.15
CA PRO B 147 117.89 -9.67 -0.74
C PRO B 147 118.98 -9.60 0.32
N PHE B 148 120.23 -9.74 -0.10
CA PHE B 148 121.33 -9.74 0.85
C PHE B 148 121.53 -8.35 1.44
N LEU B 149 121.88 -8.31 2.72
CA LEU B 149 122.13 -7.06 3.41
C LEU B 149 123.59 -6.65 3.19
N PRO B 150 123.86 -5.51 2.58
CA PRO B 150 125.26 -5.13 2.31
C PRO B 150 126.08 -5.04 3.57
N GLU B 151 127.39 -4.85 3.38
CA GLU B 151 128.33 -4.82 4.49
C GLU B 151 128.13 -3.58 5.37
N ASN B 152 127.71 -2.46 4.78
CA ASN B 152 127.65 -1.18 5.47
C ASN B 152 126.29 -0.91 6.10
N LEU B 153 125.43 -1.92 6.21
CA LEU B 153 124.07 -1.70 6.70
C LEU B 153 124.10 -1.47 8.20
N THR B 154 124.46 -0.24 8.58
CA THR B 154 124.46 0.13 9.99
C THR B 154 123.06 0.12 10.56
N HIS B 155 122.04 0.33 9.73
CA HIS B 155 120.66 0.38 10.17
C HIS B 155 119.79 -0.36 9.17
N LEU B 156 118.83 -1.10 9.68
CA LEU B 156 117.79 -1.69 8.85
C LEU B 156 116.46 -1.55 9.58
N ARG B 157 115.41 -1.25 8.84
CA ARG B 157 114.06 -1.30 9.35
C ARG B 157 113.17 -1.93 8.29
N VAL B 158 112.65 -3.13 8.58
CA VAL B 158 111.83 -3.87 7.64
C VAL B 158 110.53 -4.28 8.30
N HIS B 159 110.08 -3.49 9.27
CA HIS B 159 108.91 -3.86 10.05
C HIS B 159 107.70 -4.11 9.17
N ASN B 160 106.78 -4.92 9.68
CA ASN B 160 105.48 -5.19 9.09
C ASN B 160 105.55 -5.78 7.69
N ASN B 161 106.66 -6.42 7.33
CA ASN B 161 106.70 -7.21 6.11
C ASN B 161 106.06 -8.57 6.41
N ARG B 162 106.18 -9.51 5.48
CA ARG B 162 105.66 -10.86 5.65
C ARG B 162 106.79 -11.88 5.55
N LEU B 163 107.98 -11.50 6.01
CA LEU B 163 109.13 -12.37 5.94
C LEU B 163 108.93 -13.61 6.79
N HIS B 164 109.61 -14.69 6.39
CA HIS B 164 109.68 -15.91 7.18
C HIS B 164 111.10 -16.26 7.60
N ILE B 165 112.11 -15.65 6.97
CA ILE B 165 113.50 -15.91 7.30
C ILE B 165 114.31 -14.69 6.86
N LEU B 166 115.40 -14.42 7.59
CA LEU B 166 116.20 -13.24 7.31
C LEU B 166 117.53 -13.60 6.69
N PRO B 167 117.96 -12.87 5.66
CA PRO B 167 119.33 -13.04 5.16
C PRO B 167 120.37 -12.73 6.23
N LEU B 168 121.62 -12.99 5.87
CA LEU B 168 122.73 -12.78 6.79
C LEU B 168 122.88 -11.31 7.15
N LEU B 169 123.34 -11.06 8.36
CA LEU B 169 123.56 -9.72 8.87
C LEU B 169 125.04 -9.34 8.79
N PRO B 170 125.36 -8.08 8.53
CA PRO B 170 126.75 -7.66 8.47
C PRO B 170 127.31 -7.43 9.86
N PRO B 171 128.64 -7.36 10.01
CA PRO B 171 129.23 -7.18 11.34
C PRO B 171 128.89 -5.84 11.97
N GLU B 172 128.56 -4.83 11.17
CA GLU B 172 128.33 -3.47 11.66
C GLU B 172 126.85 -3.14 11.79
N LEU B 173 125.98 -4.14 11.96
CA LEU B 173 124.55 -3.88 11.99
C LEU B 173 124.15 -3.21 13.31
N LYS B 174 124.49 -1.93 13.45
CA LYS B 174 124.12 -1.17 14.63
C LYS B 174 122.64 -1.26 14.95
N LEU B 175 121.81 -1.64 13.98
CA LEU B 175 120.38 -1.70 14.19
C LEU B 175 119.76 -2.77 13.30
N LEU B 176 118.82 -3.52 13.87
CA LEU B 176 117.92 -4.37 13.10
C LEU B 176 116.52 -4.18 13.66
N VAL B 177 115.59 -3.81 12.80
CA VAL B 177 114.17 -3.81 13.13
C VAL B 177 113.49 -4.79 12.19
N VAL B 178 112.95 -5.87 12.74
CA VAL B 178 112.35 -6.93 11.95
C VAL B 178 110.95 -7.24 12.48
N SER B 179 110.45 -6.37 13.35
CA SER B 179 109.14 -6.58 13.93
C SER B 179 108.07 -6.69 12.85
N GLY B 180 106.90 -7.19 13.25
CA GLY B 180 105.78 -7.32 12.34
C GLY B 180 105.86 -8.49 11.38
N ASN B 181 107.01 -9.16 11.29
CA ASN B 181 107.17 -10.25 10.35
C ASN B 181 106.67 -11.56 10.97
N ARG B 182 106.87 -12.66 10.24
CA ARG B 182 106.47 -14.00 10.66
C ARG B 182 107.67 -14.93 10.75
N LEU B 183 108.78 -14.41 11.26
CA LEU B 183 110.01 -15.20 11.31
C LEU B 183 109.91 -16.28 12.38
N ASP B 184 110.20 -17.52 11.99
CA ASP B 184 110.23 -18.63 12.93
C ASP B 184 111.62 -18.88 13.49
N SER B 185 112.66 -18.42 12.81
CA SER B 185 114.03 -18.56 13.28
C SER B 185 114.77 -17.27 12.98
N ILE B 186 115.88 -17.06 13.70
CA ILE B 186 116.64 -15.82 13.59
C ILE B 186 118.13 -16.13 13.40
N PRO B 187 118.79 -15.54 12.40
CA PRO B 187 120.22 -15.79 12.22
C PRO B 187 121.05 -15.08 13.28
N PRO B 188 122.37 -15.28 13.28
CA PRO B 188 123.22 -14.68 14.31
C PRO B 188 123.17 -13.18 14.31
N PHE B 189 123.53 -12.60 15.46
CA PHE B 189 123.66 -11.16 15.64
C PHE B 189 125.11 -10.73 15.54
N PRO B 190 125.38 -9.57 14.95
CA PRO B 190 126.77 -9.17 14.69
C PRO B 190 127.44 -8.48 15.86
N ASP B 191 128.64 -7.96 15.60
CA ASP B 191 129.46 -7.36 16.65
C ASP B 191 128.70 -6.26 17.40
N LYS B 192 128.02 -5.38 16.68
CA LYS B 192 127.56 -4.13 17.26
C LYS B 192 126.04 -4.00 17.27
N LEU B 193 125.32 -5.04 17.69
CA LEU B 193 123.87 -4.97 17.71
C LEU B 193 123.39 -4.05 18.82
N GLU B 194 123.55 -2.75 18.62
CA GLU B 194 123.03 -1.77 19.57
C GLU B 194 121.53 -1.84 19.68
N GLY B 195 120.83 -1.51 18.60
CA GLY B 195 119.38 -1.49 18.57
C GLY B 195 118.82 -2.76 17.98
N LEU B 196 117.79 -3.30 18.62
CA LEU B 196 117.08 -4.45 18.10
C LEU B 196 115.59 -4.32 18.41
N ALA B 197 114.77 -4.79 17.48
CA ALA B 197 113.34 -4.96 17.69
C ALA B 197 112.90 -6.25 17.03
N LEU B 198 112.04 -7.02 17.72
CA LEU B 198 111.65 -8.33 17.23
C LEU B 198 110.17 -8.63 17.45
N ALA B 199 109.37 -7.65 17.85
CA ALA B 199 107.98 -7.91 18.20
C ALA B 199 107.22 -8.48 17.01
N ASN B 200 106.10 -9.15 17.33
CA ASN B 200 105.16 -9.71 16.36
C ASN B 200 105.78 -10.83 15.53
N ASN B 201 107.00 -11.24 15.82
CA ASN B 201 107.64 -12.32 15.09
C ASN B 201 107.33 -13.66 15.77
N PHE B 202 107.91 -14.73 15.23
CA PHE B 202 107.75 -16.07 15.78
C PHE B 202 109.07 -16.67 16.22
N ILE B 203 110.05 -15.83 16.54
CA ILE B 203 111.32 -16.33 17.04
C ILE B 203 111.10 -17.02 18.38
N GLU B 204 111.76 -18.16 18.57
CA GLU B 204 111.63 -18.95 19.79
C GLU B 204 112.87 -18.91 20.67
N GLN B 205 114.05 -18.75 20.09
CA GLN B 205 115.29 -18.69 20.85
C GLN B 205 116.21 -17.66 20.21
N LEU B 206 116.94 -16.94 21.06
CA LEU B 206 117.72 -15.79 20.62
C LEU B 206 119.21 -16.05 20.74
N PRO B 207 120.00 -15.75 19.72
CA PRO B 207 121.45 -15.78 19.87
C PRO B 207 121.90 -14.86 21.00
N GLU B 208 123.18 -14.98 21.34
CA GLU B 208 123.73 -14.24 22.48
C GLU B 208 123.81 -12.75 22.14
N LEU B 209 123.19 -11.92 22.97
CA LEU B 209 123.26 -10.47 22.83
C LEU B 209 124.53 -9.96 23.49
N PRO B 210 125.56 -9.56 22.73
CA PRO B 210 126.80 -9.10 23.35
C PRO B 210 126.66 -7.74 24.03
N PHE B 211 127.74 -7.25 24.63
CA PHE B 211 127.70 -5.96 25.30
C PHE B 211 127.34 -4.82 24.37
N SER B 212 127.36 -5.03 23.05
CA SER B 212 126.98 -3.98 22.12
C SER B 212 125.56 -3.50 22.34
N MET B 213 124.71 -4.31 22.97
CA MET B 213 123.31 -3.98 23.10
C MET B 213 123.10 -2.78 24.01
N ASN B 214 122.17 -1.91 23.61
CA ASN B 214 121.70 -0.85 24.49
C ASN B 214 120.20 -0.65 24.45
N ARG B 215 119.48 -1.26 23.49
CA ARG B 215 118.04 -1.04 23.37
C ARG B 215 117.41 -2.26 22.71
N ALA B 216 116.94 -3.19 23.52
CA ALA B 216 116.35 -4.43 23.04
C ALA B 216 114.84 -4.44 23.26
N VAL B 217 114.12 -4.95 22.27
CA VAL B 217 112.67 -5.14 22.35
C VAL B 217 112.37 -6.49 21.70
N LEU B 218 111.79 -7.41 22.47
CA LEU B 218 111.69 -8.81 22.06
C LEU B 218 110.34 -9.41 22.44
N MET B 219 109.28 -8.61 22.39
CA MET B 219 107.99 -9.02 22.92
C MET B 219 107.23 -9.91 21.94
N ASN B 220 106.25 -10.63 22.49
CA ASN B 220 105.26 -11.38 21.71
C ASN B 220 105.90 -12.29 20.66
N ASN B 221 107.03 -12.90 21.02
CA ASN B 221 107.66 -13.90 20.17
C ASN B 221 107.30 -15.29 20.70
N ASN B 222 107.91 -16.33 20.11
CA ASN B 222 107.73 -17.70 20.55
C ASN B 222 108.72 -18.09 21.64
N LEU B 223 109.22 -17.12 22.39
CA LEU B 223 110.40 -17.31 23.22
C LEU B 223 110.23 -18.43 24.22
N THR B 224 111.04 -19.49 24.09
CA THR B 224 111.04 -20.58 25.05
C THR B 224 111.82 -20.18 26.30
N THR B 225 113.09 -19.88 26.14
CA THR B 225 113.93 -19.33 27.20
C THR B 225 114.97 -18.43 26.56
N LEU B 226 115.34 -17.37 27.25
CA LEU B 226 116.39 -16.51 26.71
C LEU B 226 117.55 -16.42 27.69
N PRO B 227 118.77 -16.27 27.19
CA PRO B 227 119.95 -16.43 28.03
C PRO B 227 120.04 -15.39 29.14
N GLU B 228 120.83 -15.73 30.16
CA GLU B 228 121.15 -14.80 31.22
C GLU B 228 122.07 -13.68 30.75
N SER B 229 122.82 -13.89 29.66
CA SER B 229 123.74 -12.87 29.16
C SER B 229 123.10 -11.49 29.04
N VAL B 230 121.80 -11.43 28.77
CA VAL B 230 121.07 -10.14 28.74
C VAL B 230 121.31 -9.32 30.01
N LEU B 231 121.66 -9.98 31.11
CA LEU B 231 122.02 -9.28 32.34
C LEU B 231 123.38 -8.61 32.24
N ARG B 232 124.37 -9.30 31.67
CA ARG B 232 125.73 -8.78 31.62
C ARG B 232 125.83 -7.42 30.96
N LEU B 233 124.80 -7.00 30.21
CA LEU B 233 124.81 -5.73 29.53
C LEU B 233 124.95 -4.57 30.52
N ALA B 234 125.15 -3.37 29.96
CA ALA B 234 125.30 -2.17 30.75
C ALA B 234 124.04 -1.89 31.57
N GLN B 235 124.13 -0.89 32.44
CA GLN B 235 123.08 -0.49 33.36
C GLN B 235 121.97 0.32 32.69
N ASN B 236 121.95 0.41 31.35
CA ASN B 236 121.02 1.32 30.68
C ASN B 236 120.22 0.66 29.55
N ALA B 237 120.34 -0.64 29.35
CA ALA B 237 119.66 -1.29 28.24
C ALA B 237 118.21 -1.58 28.59
N PHE B 238 117.29 -1.10 27.76
CA PHE B 238 115.88 -1.43 27.89
C PHE B 238 115.65 -2.80 27.26
N VAL B 239 115.08 -3.72 28.03
CA VAL B 239 114.93 -5.11 27.60
C VAL B 239 113.54 -5.57 27.98
N ASN B 240 112.67 -5.70 26.99
CA ASN B 240 111.29 -6.09 27.19
C ASN B 240 111.03 -7.44 26.52
N VAL B 241 110.28 -8.30 27.20
CA VAL B 241 110.01 -9.65 26.72
C VAL B 241 108.53 -9.95 26.84
N ALA B 242 107.72 -8.92 27.01
CA ALA B 242 106.30 -9.10 27.27
C ALA B 242 105.62 -9.92 26.16
N GLY B 243 104.43 -10.41 26.49
CA GLY B 243 103.63 -11.16 25.54
C GLY B 243 104.14 -12.54 25.20
N ASN B 244 105.30 -12.94 25.70
CA ASN B 244 105.84 -14.23 25.34
C ASN B 244 105.40 -15.31 26.32
N PRO B 245 105.24 -16.56 25.88
CA PRO B 245 105.01 -17.68 26.79
C PRO B 245 106.30 -18.25 27.34
N LEU B 246 107.18 -17.35 27.81
CA LEU B 246 108.49 -17.77 28.28
C LEU B 246 108.36 -18.73 29.46
N SER B 247 109.48 -19.40 29.75
CA SER B 247 109.52 -20.30 30.89
C SER B 247 109.25 -19.54 32.17
N GLY B 248 108.17 -19.90 32.86
CA GLY B 248 107.90 -19.29 34.15
C GLY B 248 109.09 -19.42 35.09
N HIS B 249 109.78 -20.55 35.01
CA HIS B 249 110.98 -20.71 35.82
C HIS B 249 112.10 -19.81 35.34
N THR B 250 112.20 -19.56 34.04
CA THR B 250 113.22 -18.61 33.56
C THR B 250 112.95 -17.20 34.07
N MET B 251 111.68 -16.75 34.08
CA MET B 251 111.41 -15.43 34.66
C MET B 251 111.78 -15.43 36.13
N ARG B 252 111.37 -16.48 36.86
CA ARG B 252 111.72 -16.52 38.28
C ARG B 252 113.23 -16.57 38.46
N THR B 253 113.95 -17.18 37.52
CA THR B 253 115.41 -17.20 37.56
C THR B 253 115.96 -15.80 37.41
N LEU B 254 115.47 -15.05 36.42
CA LEU B 254 115.98 -13.70 36.20
C LEU B 254 115.63 -12.76 37.35
N GLN B 255 114.46 -12.91 37.98
CA GLN B 255 114.21 -12.15 39.19
C GLN B 255 115.21 -12.54 40.28
N GLN B 256 115.41 -13.84 40.50
CA GLN B 256 116.37 -14.25 41.52
C GLN B 256 117.74 -13.63 41.27
N ILE B 257 118.18 -13.60 40.01
CA ILE B 257 119.50 -13.09 39.69
C ILE B 257 119.58 -11.57 39.87
N THR B 258 118.58 -10.84 39.36
CA THR B 258 118.63 -9.38 39.44
C THR B 258 118.38 -8.89 40.86
N THR B 259 117.44 -9.48 41.58
CA THR B 259 117.21 -9.16 42.98
C THR B 259 118.40 -9.52 43.85
N GLY B 260 119.36 -10.27 43.30
CA GLY B 260 120.69 -10.37 43.86
C GLY B 260 121.56 -9.23 43.33
N PRO B 261 121.41 -8.02 43.91
CA PRO B 261 121.93 -6.82 43.25
C PRO B 261 123.39 -6.87 42.85
N ASP B 262 124.10 -7.94 43.21
CA ASP B 262 125.48 -8.11 42.75
C ASP B 262 125.64 -7.78 41.28
N TYR B 263 124.58 -7.95 40.50
CA TYR B 263 124.63 -7.64 39.07
C TYR B 263 124.52 -6.13 38.84
N SER B 264 125.35 -5.62 37.93
CA SER B 264 125.24 -4.26 37.44
C SER B 264 124.58 -4.22 36.07
N GLY B 265 123.64 -5.13 35.83
CA GLY B 265 123.04 -5.30 34.53
C GLY B 265 122.01 -4.24 34.21
N PRO B 266 121.34 -4.43 33.07
CA PRO B 266 120.43 -3.42 32.55
C PRO B 266 119.07 -3.46 33.24
N GLN B 267 118.17 -2.60 32.74
CA GLN B 267 116.80 -2.53 33.22
C GLN B 267 115.94 -3.47 32.38
N ILE B 268 115.44 -4.53 33.02
CA ILE B 268 114.73 -5.59 32.33
C ILE B 268 113.25 -5.53 32.71
N PHE B 269 112.40 -5.69 31.72
CA PHE B 269 110.95 -5.62 31.89
C PHE B 269 110.32 -6.85 31.28
N PHE B 270 109.15 -7.23 31.78
CA PHE B 270 108.47 -8.44 31.36
C PHE B 270 107.02 -8.27 30.98
N SER B 271 106.34 -7.21 31.46
CA SER B 271 104.97 -6.96 31.06
C SER B 271 104.46 -5.68 31.71
N MET B 272 103.46 -5.04 31.09
CA MET B 272 102.91 -3.79 31.60
C MET B 272 101.40 -3.82 31.46
N GLY B 273 100.73 -3.00 32.25
CA GLY B 273 99.28 -2.91 32.23
C GLY B 273 98.74 -1.90 33.21
PG ATP C . -34.63 64.04 -2.09
O1G ATP C . -33.38 63.37 -2.58
O2G ATP C . -35.52 64.58 -3.18
O3G ATP C . -35.34 63.28 -1.00
PB ATP C . -32.90 66.22 -1.96
O1B ATP C . -31.96 66.62 -0.86
O2B ATP C . -32.40 65.56 -3.22
O3B ATP C . -34.11 65.38 -1.34
PA ATP C . -32.90 68.72 -3.19
O1A ATP C . -32.54 68.26 -4.58
O2A ATP C . -31.88 69.30 -2.26
O3A ATP C . -33.67 67.54 -2.42
O5' ATP C . -34.15 69.70 -3.28
C5' ATP C . -34.29 70.66 -2.25
C4' ATP C . -35.27 71.72 -2.71
O4' ATP C . -35.45 72.65 -1.66
C3' ATP C . -34.72 72.46 -3.92
O3' ATP C . -35.58 72.30 -5.05
C2' ATP C . -34.64 73.90 -3.49
O2' ATP C . -35.21 74.76 -4.48
C1' ATP C . -35.36 73.97 -2.16
N9 ATP C . -34.59 74.82 -1.24
C8 ATP C . -34.62 76.16 -1.11
N7 ATP C . -33.75 76.58 -0.16
C5 ATP C . -33.14 75.48 0.32
C6 ATP C . -32.12 75.18 1.33
N6 ATP C . -31.55 76.15 2.04
N1 ATP C . -31.77 73.90 1.53
C2 ATP C . -32.33 72.91 0.82
N3 ATP C . -33.26 73.10 -0.10
C4 ATP C . -33.69 74.34 -0.39
H5'1 ATP C . -33.32 71.11 -2.03
H5'2 ATP C . -34.66 70.18 -1.35
H4' ATP C . -36.21 71.25 -2.96
H3' ATP C . -33.70 72.10 -4.15
HO3' ATP C . -35.16 72.68 -5.84
H2' ATP C . -33.59 74.17 -3.34
HO2' ATP C . -34.66 74.77 -5.28
H1' ATP C . -36.38 74.36 -2.27
H8 ATP C . -35.27 76.82 -1.69
HN61 ATP C . -31.83 77.11 1.89
HN62 ATP C . -30.85 75.92 2.73
H2 ATP C . -32.02 71.91 1.03
MG MG D . -31.98 65.18 -4.94
ZN ZN E . 26.90 -7.23 12.55
ZN ZN F . 98.03 -1.47 22.04
ZN ZN G . 108.53 4.87 13.19
#